data_3KQ4
#
_entry.id   3KQ4
#
_cell.length_a   117.684
_cell.length_b   204.179
_cell.length_c   410.023
_cell.angle_alpha   90.00
_cell.angle_beta   90.00
_cell.angle_gamma   90.00
#
_symmetry.space_group_name_H-M   'C 2 2 21'
#
loop_
_entity.id
_entity.type
_entity.pdbx_description
1 polymer 'Gastric intrinsic factor'
2 polymer Cubilin
3 branched alpha-D-mannopyranose-(1-3)-[alpha-D-mannopyranose-(1-6)]beta-D-mannopyranose-(1-4)-2-acetamido-2-deoxy-beta-D-glucopyranose-(1-4)-2-acetamido-2-deoxy-beta-D-glucopyranose
4 branched 2-acetamido-2-deoxy-beta-D-glucopyranose-(1-4)-2-acetamido-2-deoxy-beta-D-glucopyranose
5 non-polymer 2-acetamido-2-deoxy-beta-D-glucopyranose
6 non-polymer COBALAMIN
7 non-polymer 'CALCIUM ION'
#
loop_
_entity_poly.entity_id
_entity_poly.type
_entity_poly.pdbx_seq_one_letter_code
_entity_poly.pdbx_strand_id
1 'polypeptide(L)'
;SCSVPSAQEPLVNGIQVLMENSVTSSAYPNPSILIAMNLAGAYNLKAQKLLTYQLMSSDNNDLTIGHLGLTIMALTSSCR
DPGDKVSILQRQMENWAPSSPNAEASAFYGPSLAILALCQKNSEATLPIAVRFAKTLLANSSPFNVDTGAMATLALTCMY
NKIPVGSEEGYRSLFGQVLKDIVEKISMKIKDNGIIGDIYSTGLAMQALSVTPEPSKKEWNCKKTTDMILNEIKQGKFHN
PMSIAQILPSLKGKTYLDVPQVTCSPDHEVQPTLPSNPGPGPTSASNITVIYTINNQLRGVELLFNETINVSVKSGSVLL
VVLEEAQRKNPMFKFETTMTSWGLVVSSINNIAENVNHKTYWQFLSGVTPLNEGVADYIPFNHEHITANFTQY
;
A,C,E
2 'polypeptide(L)'
;CGEILTESTGTIQSPGHPNVYPHGINCTWHILVQPNHLIHLMFETFHLEFHYNCTNDYLEVYDTDSETSLGRYCGKSIPP
SLTSSGNSLMLVFVTDSDLAYEGFLINYEAISAATACLQDYTDDLGTFTSPNFPNNYPNNWECIYRITVRTGQLIAVHFT
NFSLEEAIGNYYTDFLEIRDGGYEKSPLLGIFYGSNLPPTIISHSNKLWLKFKSDQIDTRSGFSAYWDGSSTGCGGNLTT
SSGTFISPNYPMPYYHSSECYWWLKSSHGSAFELEFKDFHLEHHPNCTLDYLAVYDGPSSNSHLLTQLCGDEKPPLIRSS
GDSMFIKLRTDEGQQGRGFKAEYRQTCENVVIVNQTYGILESIGYPNPYSENQHCNWTIRATTGNTVNYTFLAFDLEHHI
NCSTDYLELYDGPRQMGRYCGVDLPPPGSTTSSKLQVLLLTDGVGRREKGFQMQWFV
;
B,D,F
#
loop_
_chem_comp.id
_chem_comp.type
_chem_comp.name
_chem_comp.formula
B12 non-polymer COBALAMIN 'C62 H89 Co N13 O14 P 2'
BMA D-saccharide, beta linking beta-D-mannopyranose 'C6 H12 O6'
CA non-polymer 'CALCIUM ION' 'Ca 2'
MAN D-saccharide, alpha linking alpha-D-mannopyranose 'C6 H12 O6'
NAG D-saccharide, beta linking 2-acetamido-2-deoxy-beta-D-glucopyranose 'C8 H15 N O6'
#
# COMPACT_ATOMS: atom_id res chain seq x y z
N SER A 1 -48.68 -9.28 -15.09
CA SER A 1 -48.72 -9.74 -13.70
C SER A 1 -48.03 -8.70 -12.85
N CYS A 2 -46.72 -8.68 -13.01
CA CYS A 2 -45.87 -7.70 -12.41
C CYS A 2 -44.69 -7.65 -13.35
N SER A 3 -44.99 -7.95 -14.62
CA SER A 3 -44.04 -7.73 -15.70
C SER A 3 -43.60 -6.29 -15.61
N VAL A 4 -42.33 -6.04 -15.88
CA VAL A 4 -41.77 -4.70 -15.76
C VAL A 4 -42.40 -3.70 -16.74
N PRO A 5 -42.96 -2.60 -16.20
CA PRO A 5 -43.39 -1.45 -16.98
C PRO A 5 -42.41 -1.20 -18.12
N SER A 6 -42.89 -1.19 -19.36
CA SER A 6 -42.05 -0.90 -20.52
C SER A 6 -41.33 0.44 -20.37
N ALA A 7 -41.97 1.32 -19.61
CA ALA A 7 -41.39 2.62 -19.25
C ALA A 7 -40.04 2.39 -18.59
N GLN A 8 -40.00 1.40 -17.71
CA GLN A 8 -38.83 1.10 -16.89
C GLN A 8 -37.81 0.12 -17.53
N GLU A 9 -38.17 -0.49 -18.65
CA GLU A 9 -37.26 -1.44 -19.29
C GLU A 9 -35.83 -0.92 -19.54
N PRO A 10 -35.65 0.32 -19.99
CA PRO A 10 -34.28 0.81 -20.19
C PRO A 10 -33.40 0.56 -18.97
N LEU A 11 -34.02 0.79 -17.81
CA LEU A 11 -33.40 0.62 -16.49
C LEU A 11 -32.86 -0.78 -16.31
N VAL A 12 -33.55 -1.75 -16.91
CA VAL A 12 -33.18 -3.17 -16.90
C VAL A 12 -32.03 -3.49 -17.86
N ASN A 13 -32.23 -3.29 -19.16
CA ASN A 13 -31.16 -3.55 -20.13
C ASN A 13 -29.90 -2.83 -19.71
N GLY A 14 -30.07 -1.85 -18.82
CA GLY A 14 -28.94 -1.21 -18.20
C GLY A 14 -28.00 -2.26 -17.63
N ILE A 15 -28.36 -2.72 -16.44
CA ILE A 15 -27.59 -3.74 -15.71
C ILE A 15 -27.22 -4.96 -16.55
N GLN A 16 -28.08 -5.33 -17.50
CA GLN A 16 -27.82 -6.50 -18.31
C GLN A 16 -26.46 -6.35 -18.94
N VAL A 17 -26.19 -5.13 -19.40
CA VAL A 17 -24.92 -4.83 -20.06
C VAL A 17 -23.83 -4.67 -19.02
N LEU A 18 -24.12 -3.86 -18.02
CA LEU A 18 -23.21 -3.68 -16.92
C LEU A 18 -22.72 -5.03 -16.34
N MET A 19 -23.56 -6.07 -16.42
CA MET A 19 -23.16 -7.43 -16.06
C MET A 19 -22.30 -8.07 -17.15
N GLU A 20 -22.77 -8.03 -18.39
CA GLU A 20 -22.01 -8.68 -19.46
C GLU A 20 -20.64 -8.06 -19.61
N ASN A 21 -20.50 -6.82 -19.20
CA ASN A 21 -19.20 -6.20 -19.33
C ASN A 21 -18.20 -6.73 -18.35
N SER A 22 -18.67 -7.40 -17.31
CA SER A 22 -17.76 -7.89 -16.28
C SER A 22 -16.96 -9.11 -16.74
N VAL A 23 -17.39 -9.72 -17.84
CA VAL A 23 -16.74 -10.90 -18.41
C VAL A 23 -15.46 -10.65 -19.22
N THR A 24 -14.32 -10.98 -18.67
CA THR A 24 -13.08 -10.68 -19.35
C THR A 24 -12.25 -11.92 -19.21
N SER A 25 -11.03 -11.89 -19.70
CA SER A 25 -10.24 -13.11 -19.71
C SER A 25 -9.64 -13.46 -18.37
N SER A 26 -9.58 -12.48 -17.49
CA SER A 26 -9.05 -12.67 -16.16
C SER A 26 -10.16 -12.58 -15.12
N ALA A 27 -11.38 -12.28 -15.56
CA ALA A 27 -12.49 -12.34 -14.65
C ALA A 27 -12.58 -13.80 -14.20
N TYR A 28 -13.12 -14.03 -13.00
CA TYR A 28 -13.46 -15.37 -12.48
C TYR A 28 -14.75 -15.82 -13.18
N PRO A 29 -14.74 -17.00 -13.85
CA PRO A 29 -15.90 -17.37 -14.68
C PRO A 29 -17.17 -17.66 -13.83
N ASN A 30 -18.23 -16.92 -14.06
CA ASN A 30 -19.32 -16.98 -13.12
C ASN A 30 -20.56 -17.56 -13.75
N PRO A 31 -20.76 -18.88 -13.59
CA PRO A 31 -21.90 -19.58 -14.23
C PRO A 31 -23.21 -18.81 -14.09
N SER A 32 -23.47 -18.31 -12.87
CA SER A 32 -24.69 -17.63 -12.52
C SER A 32 -25.03 -16.53 -13.54
N ILE A 33 -23.96 -15.94 -14.07
CA ILE A 33 -24.03 -14.91 -15.09
C ILE A 33 -24.39 -15.46 -16.46
N LEU A 34 -23.65 -16.46 -16.93
CA LEU A 34 -23.95 -17.02 -18.23
C LEU A 34 -25.38 -17.51 -18.30
N ILE A 35 -25.87 -18.04 -17.18
CA ILE A 35 -27.26 -18.49 -17.12
C ILE A 35 -28.14 -17.28 -17.23
N ALA A 36 -27.76 -16.24 -16.48
CA ALA A 36 -28.49 -14.99 -16.44
C ALA A 36 -28.53 -14.29 -17.78
N MET A 37 -27.42 -14.25 -18.49
CA MET A 37 -27.45 -13.62 -19.79
C MET A 37 -28.01 -14.50 -20.87
N ASN A 38 -27.89 -15.82 -20.74
CA ASN A 38 -28.61 -16.71 -21.67
C ASN A 38 -30.14 -16.65 -21.48
N LEU A 39 -30.55 -16.47 -20.24
CA LEU A 39 -31.95 -16.49 -19.91
C LEU A 39 -32.54 -15.20 -20.38
N ALA A 40 -31.75 -14.15 -20.33
CA ALA A 40 -32.27 -12.84 -20.59
C ALA A 40 -32.06 -12.44 -22.04
N GLY A 41 -31.26 -13.22 -22.77
CA GLY A 41 -30.89 -12.90 -24.14
C GLY A 41 -29.67 -12.00 -24.22
N ALA A 42 -28.56 -12.55 -24.73
CA ALA A 42 -27.26 -11.90 -24.59
C ALA A 42 -26.98 -10.89 -25.66
N TYR A 43 -26.49 -9.74 -25.23
CA TYR A 43 -26.11 -8.66 -26.12
C TYR A 43 -24.73 -8.89 -26.68
N ASN A 44 -23.83 -9.22 -25.76
CA ASN A 44 -22.43 -9.28 -26.05
C ASN A 44 -21.99 -10.66 -26.43
N LEU A 45 -22.20 -11.05 -27.69
CA LEU A 45 -21.95 -12.42 -28.11
C LEU A 45 -20.50 -12.85 -27.99
N LYS A 46 -19.62 -11.86 -27.95
CA LYS A 46 -18.22 -12.14 -27.75
C LYS A 46 -18.06 -12.57 -26.30
N ALA A 47 -18.69 -11.82 -25.40
CA ALA A 47 -18.65 -12.14 -23.97
C ALA A 47 -19.19 -13.51 -23.72
N GLN A 48 -20.41 -13.76 -24.17
CA GLN A 48 -21.06 -15.04 -24.00
C GLN A 48 -20.22 -16.15 -24.52
N LYS A 49 -19.71 -16.01 -25.73
CA LYS A 49 -18.90 -17.09 -26.28
C LYS A 49 -17.62 -17.28 -25.45
N LEU A 50 -17.03 -16.18 -24.98
CA LEU A 50 -15.89 -16.29 -24.10
C LEU A 50 -16.17 -17.07 -22.80
N LEU A 51 -17.10 -16.56 -21.98
CA LEU A 51 -17.46 -17.20 -20.73
C LEU A 51 -17.99 -18.62 -20.90
N THR A 52 -18.61 -18.96 -22.03
CA THR A 52 -18.96 -20.36 -22.24
C THR A 52 -17.70 -21.19 -22.37
N TYR A 53 -16.75 -20.73 -23.18
CA TYR A 53 -15.58 -21.56 -23.39
C TYR A 53 -14.82 -21.81 -22.07
N GLN A 54 -14.88 -20.83 -21.15
CA GLN A 54 -14.18 -20.93 -19.87
C GLN A 54 -14.82 -22.00 -19.03
N LEU A 55 -16.14 -21.97 -18.97
CA LEU A 55 -16.85 -22.94 -18.14
C LEU A 55 -16.67 -24.35 -18.67
N MET A 56 -16.64 -24.49 -19.98
CA MET A 56 -16.38 -25.79 -20.63
C MET A 56 -15.04 -26.38 -20.21
N SER A 57 -14.01 -25.55 -20.23
CA SER A 57 -12.68 -26.04 -19.93
C SER A 57 -12.48 -26.28 -18.45
N SER A 58 -13.42 -25.84 -17.61
CA SER A 58 -13.22 -25.90 -16.14
C SER A 58 -12.90 -27.31 -15.65
N ASP A 59 -12.07 -27.40 -14.60
CA ASP A 59 -11.72 -28.70 -14.05
C ASP A 59 -12.75 -29.20 -13.07
N ASN A 60 -13.20 -30.43 -13.26
CA ASN A 60 -14.29 -30.99 -12.46
C ASN A 60 -14.00 -31.11 -10.96
N ASN A 61 -12.73 -31.26 -10.62
CA ASN A 61 -12.33 -31.52 -9.25
C ASN A 61 -12.22 -30.26 -8.41
N ASP A 62 -12.22 -29.10 -9.06
CA ASP A 62 -12.17 -27.85 -8.32
C ASP A 62 -13.57 -27.39 -7.98
N LEU A 63 -14.54 -28.13 -8.49
CA LEU A 63 -15.96 -27.77 -8.39
C LEU A 63 -16.63 -28.48 -7.22
N THR A 64 -17.12 -27.68 -6.30
CA THR A 64 -18.05 -28.22 -5.34
C THR A 64 -19.40 -28.55 -5.96
N ILE A 65 -20.13 -29.38 -5.25
CA ILE A 65 -21.48 -29.70 -5.63
C ILE A 65 -22.29 -28.55 -6.22
N GLY A 66 -22.29 -27.40 -5.56
CA GLY A 66 -23.00 -26.25 -6.05
C GLY A 66 -22.41 -25.74 -7.35
N HIS A 67 -21.10 -25.43 -7.35
CA HIS A 67 -20.39 -25.10 -8.57
C HIS A 67 -20.92 -25.97 -9.69
N LEU A 68 -20.82 -27.27 -9.48
CA LEU A 68 -21.05 -28.26 -10.49
C LEU A 68 -22.48 -28.19 -11.02
N GLY A 69 -23.43 -27.95 -10.13
CA GLY A 69 -24.81 -27.83 -10.55
C GLY A 69 -24.96 -26.59 -11.41
N LEU A 70 -24.46 -25.48 -10.91
CA LEU A 70 -24.49 -24.21 -11.64
C LEU A 70 -23.88 -24.38 -13.02
N THR A 71 -22.82 -25.15 -13.12
CA THR A 71 -22.07 -25.25 -14.36
C THR A 71 -22.80 -26.05 -15.43
N ILE A 72 -23.17 -27.28 -15.07
CA ILE A 72 -24.06 -28.09 -15.89
C ILE A 72 -25.19 -27.19 -16.40
N MET A 73 -25.86 -26.48 -15.49
CA MET A 73 -26.95 -25.62 -15.88
C MET A 73 -26.53 -24.52 -16.82
N ALA A 74 -25.42 -23.86 -16.52
CA ALA A 74 -24.94 -22.77 -17.35
C ALA A 74 -24.63 -23.27 -18.75
N LEU A 75 -23.89 -24.38 -18.86
CA LEU A 75 -23.58 -24.95 -20.16
C LEU A 75 -24.86 -25.25 -20.87
N THR A 76 -25.79 -25.82 -20.14
CA THR A 76 -27.04 -26.24 -20.78
C THR A 76 -27.76 -25.09 -21.50
N SER A 77 -27.55 -23.88 -21.03
CA SER A 77 -28.27 -22.76 -21.57
C SER A 77 -27.50 -22.19 -22.72
N SER A 78 -26.33 -22.75 -22.97
CA SER A 78 -25.54 -22.33 -24.14
C SER A 78 -25.56 -23.42 -25.20
N CYS A 79 -26.44 -24.39 -24.95
CA CYS A 79 -26.68 -25.52 -25.85
C CYS A 79 -25.41 -26.31 -26.06
N ARG A 80 -24.62 -26.31 -25.02
CA ARG A 80 -23.40 -27.07 -24.97
C ARG A 80 -23.63 -28.28 -24.07
N ASP A 81 -23.08 -29.42 -24.47
CA ASP A 81 -23.27 -30.68 -23.77
C ASP A 81 -22.35 -30.74 -22.55
N PRO A 82 -22.91 -30.78 -21.32
CA PRO A 82 -22.13 -30.97 -20.08
C PRO A 82 -21.69 -32.43 -19.95
N GLY A 83 -22.60 -33.35 -20.28
CA GLY A 83 -22.31 -34.78 -20.27
C GLY A 83 -21.53 -35.26 -19.07
N ASP A 84 -20.22 -35.06 -19.09
CA ASP A 84 -19.35 -35.62 -18.08
C ASP A 84 -19.52 -35.05 -16.67
N LYS A 85 -19.82 -33.76 -16.61
CA LYS A 85 -20.03 -33.11 -15.34
C LYS A 85 -21.23 -33.69 -14.66
N VAL A 86 -22.22 -34.08 -15.46
CA VAL A 86 -23.43 -34.67 -14.91
C VAL A 86 -23.20 -36.03 -14.28
N SER A 87 -22.47 -36.91 -14.97
CA SER A 87 -22.03 -38.18 -14.39
C SER A 87 -21.43 -37.94 -13.03
N ILE A 88 -20.40 -37.12 -12.99
CA ILE A 88 -19.72 -36.80 -11.76
C ILE A 88 -20.60 -36.32 -10.60
N LEU A 89 -21.46 -35.34 -10.86
CA LEU A 89 -22.31 -34.77 -9.83
C LEU A 89 -23.25 -35.86 -9.34
N GLN A 90 -23.72 -36.65 -10.29
CA GLN A 90 -24.67 -37.72 -10.00
C GLN A 90 -24.05 -38.69 -9.00
N ARG A 91 -22.83 -39.15 -9.26
CA ARG A 91 -22.15 -40.01 -8.33
C ARG A 91 -21.90 -39.32 -6.98
N GLN A 92 -21.61 -38.04 -7.00
CA GLN A 92 -21.32 -37.32 -5.77
C GLN A 92 -22.56 -37.15 -4.90
N MET A 93 -23.73 -37.18 -5.53
CA MET A 93 -25.01 -36.90 -4.87
C MET A 93 -25.71 -38.15 -4.33
N GLU A 94 -25.28 -39.34 -4.75
CA GLU A 94 -25.81 -40.54 -4.17
C GLU A 94 -25.30 -40.57 -2.75
N ASN A 95 -24.01 -40.29 -2.59
CA ASN A 95 -23.35 -40.37 -1.30
C ASN A 95 -23.58 -39.16 -0.40
N TRP A 96 -24.69 -38.48 -0.63
CA TRP A 96 -24.89 -37.20 0.02
C TRP A 96 -25.75 -37.27 1.24
N ALA A 97 -25.32 -36.54 2.28
CA ALA A 97 -25.98 -36.50 3.57
C ALA A 97 -25.63 -35.18 4.20
N PRO A 98 -26.60 -34.55 4.85
CA PRO A 98 -26.30 -33.34 5.64
C PRO A 98 -25.61 -33.64 7.01
N SER A 99 -25.59 -32.63 7.89
CA SER A 99 -25.10 -32.84 9.25
C SER A 99 -26.24 -33.18 10.22
N SER A 100 -26.75 -32.14 10.88
CA SER A 100 -27.63 -32.28 12.02
C SER A 100 -28.72 -31.21 11.98
N PRO A 101 -29.90 -31.52 12.55
CA PRO A 101 -31.06 -30.61 12.51
C PRO A 101 -30.84 -29.23 13.13
N ASN A 102 -29.77 -29.12 13.92
CA ASN A 102 -29.38 -27.88 14.57
C ASN A 102 -28.38 -27.12 13.71
N ALA A 103 -27.91 -27.79 12.65
CA ALA A 103 -26.94 -27.22 11.70
C ALA A 103 -27.58 -26.13 10.84
N GLU A 104 -26.73 -25.26 10.31
CA GLU A 104 -27.20 -24.01 9.73
C GLU A 104 -28.08 -24.20 8.52
N ALA A 105 -28.95 -23.24 8.24
CA ALA A 105 -29.89 -23.38 7.15
C ALA A 105 -29.28 -23.30 5.77
N SER A 106 -28.31 -22.42 5.56
CA SER A 106 -27.71 -22.25 4.23
C SER A 106 -26.94 -23.50 3.77
N ALA A 107 -26.65 -24.39 4.71
CA ALA A 107 -26.09 -25.70 4.43
C ALA A 107 -26.87 -26.42 3.35
N PHE A 108 -28.09 -25.98 3.10
CA PHE A 108 -28.89 -26.56 2.04
C PHE A 108 -28.89 -25.79 0.72
N TYR A 109 -28.26 -24.62 0.67
CA TYR A 109 -28.29 -23.82 -0.54
C TYR A 109 -27.47 -24.54 -1.62
N GLY A 110 -26.30 -25.04 -1.26
CA GLY A 110 -25.52 -25.77 -2.24
C GLY A 110 -26.24 -26.95 -2.87
N PRO A 111 -26.70 -27.91 -2.05
CA PRO A 111 -27.44 -29.08 -2.53
C PRO A 111 -28.69 -28.74 -3.36
N SER A 112 -29.30 -27.59 -3.09
CA SER A 112 -30.46 -27.19 -3.86
C SER A 112 -30.06 -27.04 -5.32
N LEU A 113 -28.96 -26.36 -5.60
CA LEU A 113 -28.46 -26.28 -6.97
C LEU A 113 -28.21 -27.67 -7.61
N ALA A 114 -27.54 -28.56 -6.88
CA ALA A 114 -27.22 -29.88 -7.41
C ALA A 114 -28.50 -30.58 -7.85
N ILE A 115 -29.44 -30.67 -6.94
CA ILE A 115 -30.68 -31.33 -7.23
C ILE A 115 -31.36 -30.70 -8.41
N LEU A 116 -31.38 -29.38 -8.45
CA LEU A 116 -32.13 -28.74 -9.50
C LEU A 116 -31.56 -29.11 -10.86
N ALA A 117 -30.25 -29.05 -10.97
CA ALA A 117 -29.56 -29.26 -12.23
C ALA A 117 -29.67 -30.73 -12.57
N LEU A 118 -29.74 -31.55 -11.57
CA LEU A 118 -29.76 -32.96 -11.81
C LEU A 118 -31.18 -33.36 -12.27
N CYS A 119 -32.18 -32.82 -11.59
CA CYS A 119 -33.54 -33.14 -11.91
C CYS A 119 -33.75 -32.77 -13.34
N GLN A 120 -33.10 -31.72 -13.79
CA GLN A 120 -33.26 -31.23 -15.16
C GLN A 120 -32.69 -32.15 -16.21
N LYS A 121 -31.66 -32.92 -15.88
CA LYS A 121 -31.18 -33.91 -16.82
C LYS A 121 -32.00 -35.17 -16.66
N ASN A 122 -32.10 -35.67 -15.45
CA ASN A 122 -32.89 -36.87 -15.23
C ASN A 122 -33.75 -36.88 -13.97
N SER A 123 -35.04 -36.60 -14.12
CA SER A 123 -35.93 -36.52 -12.96
C SER A 123 -36.05 -37.84 -12.18
N GLU A 124 -36.47 -38.92 -12.85
CA GLU A 124 -36.69 -40.21 -12.21
C GLU A 124 -35.45 -40.71 -11.48
N ALA A 125 -34.28 -40.44 -12.04
CA ALA A 125 -33.05 -40.94 -11.49
C ALA A 125 -32.65 -40.08 -10.32
N THR A 126 -33.29 -38.93 -10.20
CA THR A 126 -32.96 -37.96 -9.15
C THR A 126 -33.83 -38.12 -7.91
N LEU A 127 -34.90 -38.91 -8.02
CA LEU A 127 -35.94 -38.98 -7.00
C LEU A 127 -35.44 -39.28 -5.61
N PRO A 128 -34.61 -40.34 -5.49
CA PRO A 128 -34.10 -40.78 -4.18
C PRO A 128 -33.47 -39.63 -3.45
N ILE A 129 -32.48 -38.99 -4.08
CA ILE A 129 -31.84 -37.82 -3.53
C ILE A 129 -32.82 -36.71 -3.21
N ALA A 130 -33.71 -36.45 -4.13
CA ALA A 130 -34.64 -35.39 -3.85
C ALA A 130 -35.42 -35.76 -2.60
N VAL A 131 -35.77 -37.02 -2.41
CA VAL A 131 -36.53 -37.35 -1.19
C VAL A 131 -35.65 -37.13 0.03
N ARG A 132 -34.45 -37.68 -0.01
CA ARG A 132 -33.58 -37.64 1.13
C ARG A 132 -33.41 -36.22 1.61
N PHE A 133 -33.31 -35.34 0.63
CA PHE A 133 -33.06 -33.93 0.81
C PHE A 133 -34.24 -33.20 1.47
N ALA A 134 -35.43 -33.42 0.95
CA ALA A 134 -36.64 -32.83 1.50
C ALA A 134 -36.91 -33.24 2.95
N LYS A 135 -36.88 -34.55 3.21
CA LYS A 135 -37.08 -35.03 4.58
C LYS A 135 -36.18 -34.22 5.52
N THR A 136 -34.91 -34.18 5.17
CA THR A 136 -33.91 -33.52 6.00
C THR A 136 -34.12 -32.02 6.12
N LEU A 137 -34.30 -31.36 4.99
CA LEU A 137 -34.47 -29.92 4.95
C LEU A 137 -35.60 -29.51 5.87
N LEU A 138 -36.73 -30.19 5.73
CA LEU A 138 -37.89 -30.01 6.58
C LEU A 138 -37.51 -30.14 8.04
N ALA A 139 -36.91 -31.27 8.40
CA ALA A 139 -36.54 -31.53 9.80
C ALA A 139 -35.53 -30.52 10.37
N ASN A 140 -34.68 -29.97 9.53
CA ASN A 140 -33.78 -28.99 10.04
C ASN A 140 -34.54 -27.86 10.73
N SER A 141 -33.91 -27.27 11.75
CA SER A 141 -34.57 -26.35 12.70
C SER A 141 -33.73 -25.13 13.01
N SER A 142 -32.77 -24.86 12.16
CA SER A 142 -32.09 -23.59 12.28
C SER A 142 -32.88 -22.50 11.60
N PRO A 143 -32.70 -21.26 12.08
CA PRO A 143 -33.24 -20.00 11.61
C PRO A 143 -33.25 -19.87 10.10
N PHE A 144 -34.44 -19.69 9.53
CA PHE A 144 -34.65 -19.69 8.08
C PHE A 144 -33.82 -18.66 7.36
N ASN A 145 -33.08 -19.09 6.34
CA ASN A 145 -32.40 -18.17 5.44
C ASN A 145 -33.13 -18.15 4.13
N VAL A 146 -33.55 -16.96 3.69
CA VAL A 146 -34.39 -16.85 2.50
C VAL A 146 -33.72 -17.32 1.20
N ASP A 147 -32.52 -16.81 0.93
CA ASP A 147 -31.75 -17.24 -0.21
C ASP A 147 -31.88 -18.75 -0.37
N THR A 148 -31.53 -19.53 0.65
CA THR A 148 -31.75 -20.99 0.64
C THR A 148 -33.23 -21.47 0.50
N GLY A 149 -34.14 -20.86 1.24
CA GLY A 149 -35.52 -21.26 1.07
C GLY A 149 -35.84 -21.17 -0.40
N ALA A 150 -35.48 -20.05 -1.03
CA ALA A 150 -35.82 -19.82 -2.42
C ALA A 150 -35.28 -20.91 -3.35
N MET A 151 -33.98 -21.19 -3.24
CA MET A 151 -33.35 -22.20 -4.09
C MET A 151 -33.94 -23.58 -3.89
N ALA A 152 -34.17 -23.92 -2.64
CA ALA A 152 -34.81 -25.18 -2.34
C ALA A 152 -36.16 -25.28 -3.06
N THR A 153 -36.92 -24.20 -3.08
CA THR A 153 -38.22 -24.30 -3.72
C THR A 153 -38.10 -24.56 -5.23
N LEU A 154 -37.05 -24.05 -5.87
CA LEU A 154 -36.86 -24.34 -7.29
C LEU A 154 -36.53 -25.81 -7.53
N ALA A 155 -35.56 -26.31 -6.77
CA ALA A 155 -35.17 -27.72 -6.83
C ALA A 155 -36.39 -28.61 -6.60
N LEU A 156 -37.15 -28.25 -5.56
CA LEU A 156 -38.30 -29.02 -5.13
C LEU A 156 -39.52 -28.85 -6.01
N THR A 157 -39.63 -27.73 -6.70
CA THR A 157 -40.76 -27.56 -7.59
C THR A 157 -40.52 -28.41 -8.82
N CYS A 158 -39.29 -28.38 -9.31
CA CYS A 158 -38.98 -29.11 -10.50
C CYS A 158 -39.31 -30.59 -10.33
N MET A 159 -38.91 -31.17 -9.19
CA MET A 159 -39.14 -32.59 -8.90
C MET A 159 -40.59 -32.91 -8.80
N TYR A 160 -41.28 -32.10 -8.02
CA TYR A 160 -42.73 -32.14 -7.89
C TYR A 160 -43.46 -32.20 -9.23
N ASN A 161 -42.96 -31.53 -10.26
CA ASN A 161 -43.63 -31.67 -11.56
C ASN A 161 -43.23 -32.85 -12.48
N LYS A 162 -42.49 -33.80 -11.95
CA LYS A 162 -41.90 -34.81 -12.79
C LYS A 162 -41.96 -36.13 -12.06
N ILE A 163 -43.03 -36.35 -11.31
CA ILE A 163 -43.21 -37.64 -10.68
C ILE A 163 -43.56 -38.63 -11.79
N PRO A 164 -42.73 -39.65 -11.94
CA PRO A 164 -42.93 -40.67 -12.98
C PRO A 164 -44.32 -41.19 -12.92
N VAL A 165 -44.94 -41.43 -14.06
CA VAL A 165 -46.27 -42.06 -14.05
C VAL A 165 -46.26 -43.45 -13.36
N GLY A 166 -46.93 -43.57 -12.22
CA GLY A 166 -47.00 -44.84 -11.52
C GLY A 166 -46.56 -44.72 -10.08
N SER A 167 -45.67 -43.76 -9.82
CA SER A 167 -44.98 -43.64 -8.53
C SER A 167 -45.92 -43.50 -7.37
N GLU A 168 -45.60 -44.22 -6.29
CA GLU A 168 -46.48 -44.22 -5.14
C GLU A 168 -46.93 -42.82 -4.78
N GLU A 169 -48.23 -42.66 -4.51
CA GLU A 169 -48.75 -41.42 -4.00
C GLU A 169 -48.04 -41.23 -2.70
N GLY A 170 -47.12 -40.28 -2.69
CA GLY A 170 -46.25 -40.10 -1.54
C GLY A 170 -45.09 -39.16 -1.77
N TYR A 171 -44.44 -39.32 -2.90
CA TYR A 171 -43.39 -38.40 -3.25
C TYR A 171 -43.98 -37.04 -3.37
N ARG A 172 -44.90 -36.92 -4.30
CA ARG A 172 -45.47 -35.63 -4.56
C ARG A 172 -45.96 -35.02 -3.25
N SER A 173 -46.63 -35.83 -2.42
CA SER A 173 -47.19 -35.35 -1.17
C SER A 173 -46.12 -34.87 -0.17
N LEU A 174 -44.99 -35.54 -0.14
CA LEU A 174 -43.86 -35.09 0.66
C LEU A 174 -43.25 -33.82 0.11
N PHE A 175 -42.97 -33.81 -1.19
CA PHE A 175 -42.32 -32.66 -1.80
C PHE A 175 -43.16 -31.43 -1.62
N GLY A 176 -44.47 -31.61 -1.71
CA GLY A 176 -45.38 -30.48 -1.69
C GLY A 176 -45.56 -29.94 -0.31
N GLN A 177 -45.58 -30.86 0.66
CA GLN A 177 -45.60 -30.52 2.07
C GLN A 177 -44.45 -29.60 2.39
N VAL A 178 -43.24 -30.05 2.11
CA VAL A 178 -42.06 -29.21 2.29
C VAL A 178 -42.18 -27.91 1.52
N LEU A 179 -42.79 -27.96 0.33
CA LEU A 179 -42.85 -26.80 -0.55
C LEU A 179 -43.71 -25.66 0.01
N LYS A 180 -44.81 -26.06 0.66
CA LYS A 180 -45.76 -25.17 1.33
C LYS A 180 -45.12 -24.62 2.56
N ASP A 181 -44.64 -25.51 3.42
CA ASP A 181 -43.92 -25.07 4.61
C ASP A 181 -42.88 -24.01 4.27
N ILE A 182 -42.20 -24.16 3.16
CA ILE A 182 -41.17 -23.20 2.81
C ILE A 182 -41.72 -21.84 2.34
N VAL A 183 -42.87 -21.88 1.69
CA VAL A 183 -43.42 -20.69 1.08
C VAL A 183 -44.02 -19.84 2.14
N GLU A 184 -44.46 -20.50 3.19
CA GLU A 184 -44.96 -19.81 4.36
C GLU A 184 -43.83 -19.07 5.05
N LYS A 185 -42.75 -19.80 5.30
CA LYS A 185 -41.55 -19.19 5.85
C LYS A 185 -41.08 -17.97 5.03
N ILE A 186 -41.45 -17.89 3.76
CA ILE A 186 -40.92 -16.81 2.94
C ILE A 186 -41.81 -15.60 3.00
N SER A 187 -43.10 -15.78 2.78
CA SER A 187 -44.01 -14.63 2.75
C SER A 187 -43.85 -13.86 4.06
N MET A 188 -43.62 -14.63 5.12
CA MET A 188 -43.32 -14.15 6.46
C MET A 188 -42.12 -13.19 6.56
N LYS A 189 -41.42 -13.00 5.45
CA LYS A 189 -40.22 -12.19 5.44
C LYS A 189 -40.39 -11.06 4.44
N ILE A 190 -41.54 -11.02 3.77
CA ILE A 190 -41.82 -9.92 2.87
C ILE A 190 -42.09 -8.65 3.68
N LYS A 191 -41.27 -7.64 3.48
CA LYS A 191 -41.39 -6.41 4.25
C LYS A 191 -42.60 -5.59 3.86
N ASP A 192 -43.05 -4.73 4.78
CA ASP A 192 -44.16 -3.84 4.49
C ASP A 192 -43.67 -2.79 3.51
N ASN A 193 -42.93 -3.23 2.52
CA ASN A 193 -42.36 -2.29 1.57
C ASN A 193 -41.81 -2.92 0.30
N GLY A 194 -42.15 -4.19 0.10
CA GLY A 194 -41.91 -4.90 -1.14
C GLY A 194 -40.74 -5.87 -1.18
N ILE A 195 -39.88 -5.81 -0.17
CA ILE A 195 -38.67 -6.64 -0.12
C ILE A 195 -38.89 -8.00 0.55
N ILE A 196 -38.35 -9.06 -0.05
CA ILE A 196 -38.42 -10.40 0.55
C ILE A 196 -37.07 -10.79 1.13
N GLY A 197 -37.05 -10.94 2.45
CA GLY A 197 -35.82 -11.22 3.19
C GLY A 197 -35.00 -9.96 3.29
N ASP A 198 -34.11 -9.79 2.32
CA ASP A 198 -33.41 -8.52 2.14
C ASP A 198 -33.24 -8.28 0.66
N ILE A 199 -32.48 -7.26 0.30
CA ILE A 199 -32.36 -6.87 -1.10
C ILE A 199 -31.72 -7.96 -1.93
N TYR A 200 -30.50 -8.32 -1.58
CA TYR A 200 -29.71 -9.24 -2.40
C TYR A 200 -30.28 -10.64 -2.45
N SER A 201 -31.15 -10.94 -1.49
CA SER A 201 -31.87 -12.17 -1.49
C SER A 201 -33.22 -12.09 -2.23
N THR A 202 -33.61 -10.91 -2.64
CA THR A 202 -34.96 -10.75 -3.11
C THR A 202 -35.19 -11.40 -4.49
N GLY A 203 -34.21 -11.25 -5.38
CA GLY A 203 -34.34 -11.79 -6.71
C GLY A 203 -34.57 -13.29 -6.76
N LEU A 204 -33.81 -14.02 -5.95
CA LEU A 204 -33.98 -15.47 -5.84
C LEU A 204 -35.39 -15.83 -5.44
N ALA A 205 -35.84 -15.15 -4.37
CA ALA A 205 -37.17 -15.30 -3.79
C ALA A 205 -38.29 -14.98 -4.77
N MET A 206 -38.10 -14.00 -5.65
CA MET A 206 -39.15 -13.68 -6.61
C MET A 206 -39.41 -14.88 -7.49
N GLN A 207 -38.32 -15.51 -7.92
CA GLN A 207 -38.37 -16.77 -8.69
C GLN A 207 -39.19 -17.82 -7.95
N ALA A 208 -38.76 -18.07 -6.72
CA ALA A 208 -39.38 -19.05 -5.85
C ALA A 208 -40.89 -18.93 -5.82
N LEU A 209 -41.37 -17.71 -5.54
CA LEU A 209 -42.81 -17.41 -5.30
C LEU A 209 -43.68 -17.53 -6.53
N SER A 210 -43.09 -17.21 -7.67
CA SER A 210 -43.76 -17.25 -8.95
C SER A 210 -43.66 -18.62 -9.60
N VAL A 211 -43.35 -19.63 -8.81
CA VAL A 211 -43.14 -20.97 -9.33
C VAL A 211 -43.67 -22.12 -8.43
N THR A 212 -43.70 -21.92 -7.11
CA THR A 212 -44.16 -22.96 -6.19
C THR A 212 -45.60 -23.24 -6.50
N PRO A 213 -46.00 -24.49 -6.34
CA PRO A 213 -47.36 -24.96 -6.62
C PRO A 213 -48.40 -24.32 -5.70
N GLU A 214 -48.10 -24.16 -4.40
CA GLU A 214 -49.08 -23.61 -3.46
C GLU A 214 -48.65 -22.24 -2.94
N PRO A 215 -49.39 -21.18 -3.30
CA PRO A 215 -49.12 -19.85 -2.75
C PRO A 215 -49.35 -19.72 -1.23
N SER A 216 -48.79 -18.66 -0.66
CA SER A 216 -48.88 -18.38 0.77
C SER A 216 -50.25 -17.86 1.15
N LYS A 217 -50.65 -18.05 2.41
CA LYS A 217 -51.94 -17.58 2.88
C LYS A 217 -52.03 -16.12 2.51
N LYS A 218 -51.33 -15.28 3.27
CA LYS A 218 -51.24 -13.86 2.96
C LYS A 218 -50.71 -13.75 1.54
N GLU A 219 -51.56 -13.27 0.62
CA GLU A 219 -51.19 -13.20 -0.79
C GLU A 219 -50.09 -12.18 -1.10
N TRP A 220 -49.12 -12.61 -1.89
CA TRP A 220 -47.94 -11.80 -2.16
C TRP A 220 -48.20 -10.67 -3.15
N ASN A 221 -47.84 -9.45 -2.73
CA ASN A 221 -48.08 -8.25 -3.52
C ASN A 221 -47.01 -8.04 -4.58
N CYS A 222 -47.04 -8.86 -5.62
CA CYS A 222 -45.94 -8.87 -6.55
C CYS A 222 -45.57 -7.49 -7.08
N LYS A 223 -46.57 -6.78 -7.59
CA LYS A 223 -46.30 -5.51 -8.26
C LYS A 223 -45.46 -4.63 -7.37
N LYS A 224 -45.79 -4.63 -6.09
CA LYS A 224 -45.06 -3.81 -5.13
C LYS A 224 -43.56 -4.15 -5.16
N THR A 225 -43.24 -5.45 -5.00
CA THR A 225 -41.85 -5.92 -4.94
C THR A 225 -41.11 -5.55 -6.22
N THR A 226 -41.72 -5.85 -7.36
CA THR A 226 -41.08 -5.58 -8.63
C THR A 226 -40.83 -4.07 -8.87
N ASP A 227 -41.66 -3.24 -8.25
CA ASP A 227 -41.47 -1.81 -8.38
C ASP A 227 -40.39 -1.33 -7.47
N MET A 228 -40.37 -1.92 -6.28
CA MET A 228 -39.39 -1.58 -5.28
C MET A 228 -38.00 -1.89 -5.83
N ILE A 229 -37.84 -3.08 -6.39
CA ILE A 229 -36.55 -3.52 -6.94
C ILE A 229 -36.11 -2.54 -8.03
N LEU A 230 -37.06 -2.04 -8.80
CA LEU A 230 -36.75 -1.11 -9.87
C LEU A 230 -36.19 0.26 -9.41
N ASN A 231 -36.89 0.92 -8.48
CA ASN A 231 -36.35 2.17 -7.95
C ASN A 231 -34.97 1.94 -7.39
N GLU A 232 -34.80 0.76 -6.81
CA GLU A 232 -33.59 0.38 -6.12
C GLU A 232 -32.40 0.17 -7.08
N ILE A 233 -32.68 0.18 -8.37
CA ILE A 233 -31.65 0.05 -9.37
C ILE A 233 -31.19 1.44 -9.74
N LYS A 234 -32.16 2.38 -9.83
CA LYS A 234 -31.89 3.83 -9.98
C LYS A 234 -30.94 4.27 -8.87
N GLN A 235 -31.09 3.66 -7.69
CA GLN A 235 -30.30 3.97 -6.50
C GLN A 235 -28.94 3.26 -6.41
N GLY A 236 -28.53 2.58 -7.48
CA GLY A 236 -27.18 2.02 -7.55
C GLY A 236 -26.78 0.83 -6.69
N LYS A 237 -27.77 0.20 -6.05
CA LYS A 237 -27.57 -1.00 -5.22
C LYS A 237 -27.12 -2.26 -6.01
N PHE A 238 -27.38 -2.24 -7.32
CA PHE A 238 -27.07 -3.38 -8.16
C PHE A 238 -25.86 -3.12 -9.08
N HIS A 239 -24.71 -2.86 -8.48
CA HIS A 239 -23.56 -2.68 -9.33
C HIS A 239 -22.77 -3.95 -9.48
N ASN A 240 -22.75 -4.76 -8.42
CA ASN A 240 -22.02 -6.04 -8.41
C ASN A 240 -22.70 -7.04 -9.31
N PRO A 241 -21.99 -7.44 -10.37
CA PRO A 241 -22.51 -8.22 -11.48
C PRO A 241 -23.13 -9.54 -11.05
N MET A 242 -22.71 -10.10 -9.92
CA MET A 242 -23.32 -11.33 -9.43
C MET A 242 -24.75 -11.04 -9.00
N SER A 243 -24.92 -9.92 -8.30
CA SER A 243 -26.24 -9.55 -7.79
C SER A 243 -27.19 -9.20 -8.92
N ILE A 244 -26.62 -8.77 -10.02
CA ILE A 244 -27.42 -8.47 -11.18
C ILE A 244 -27.90 -9.81 -11.67
N ALA A 245 -26.95 -10.73 -11.80
CA ALA A 245 -27.25 -12.07 -12.27
C ALA A 245 -28.37 -12.75 -11.46
N GLN A 246 -28.51 -12.43 -10.17
CA GLN A 246 -29.59 -13.04 -9.42
C GLN A 246 -30.95 -12.31 -9.47
N ILE A 247 -31.04 -11.09 -10.02
CA ILE A 247 -32.39 -10.57 -10.35
C ILE A 247 -32.71 -10.47 -11.82
N LEU A 248 -31.69 -10.34 -12.66
CA LEU A 248 -31.96 -10.26 -14.08
C LEU A 248 -33.05 -11.25 -14.53
N PRO A 249 -32.97 -12.54 -14.14
CA PRO A 249 -34.02 -13.46 -14.62
C PRO A 249 -35.47 -13.06 -14.27
N SER A 250 -35.71 -12.69 -13.02
CA SER A 250 -37.05 -12.35 -12.61
C SER A 250 -37.49 -11.16 -13.44
N LEU A 251 -36.66 -10.16 -13.49
CA LEU A 251 -36.95 -9.00 -14.30
C LEU A 251 -37.25 -9.33 -15.76
N LYS A 252 -36.67 -10.40 -16.26
CA LYS A 252 -36.93 -10.77 -17.63
C LYS A 252 -38.03 -11.82 -17.67
N GLY A 253 -38.64 -12.01 -16.49
CA GLY A 253 -39.76 -12.93 -16.28
C GLY A 253 -39.42 -14.41 -16.41
N LYS A 254 -38.29 -14.82 -15.85
CA LYS A 254 -37.72 -16.17 -16.00
C LYS A 254 -37.25 -16.73 -14.65
N THR A 255 -36.93 -18.03 -14.62
CA THR A 255 -36.42 -18.72 -13.42
C THR A 255 -35.41 -19.71 -13.89
N TYR A 256 -34.57 -20.18 -12.98
CA TYR A 256 -33.56 -21.16 -13.35
C TYR A 256 -34.23 -22.36 -13.98
N LEU A 257 -35.55 -22.43 -13.81
CA LEU A 257 -36.39 -23.53 -14.29
C LEU A 257 -36.57 -23.55 -15.81
N ASP A 258 -36.29 -22.43 -16.44
CA ASP A 258 -36.47 -22.25 -17.86
C ASP A 258 -35.21 -22.47 -18.61
N VAL A 259 -34.19 -22.90 -17.90
CA VAL A 259 -32.90 -23.09 -18.53
C VAL A 259 -32.99 -24.12 -19.66
N PRO A 260 -33.67 -25.26 -19.42
CA PRO A 260 -33.79 -26.21 -20.52
C PRO A 260 -34.48 -25.68 -21.77
N GLN A 261 -35.25 -24.61 -21.67
CA GLN A 261 -35.94 -24.02 -22.83
C GLN A 261 -35.19 -22.86 -23.53
N VAL A 262 -34.01 -22.52 -23.07
CA VAL A 262 -33.21 -21.51 -23.76
C VAL A 262 -33.08 -21.86 -25.25
N THR A 263 -33.25 -20.86 -26.11
CA THR A 263 -33.04 -20.97 -27.56
C THR A 263 -31.66 -20.44 -27.96
N CYS A 264 -31.10 -20.90 -29.06
CA CYS A 264 -29.75 -20.44 -29.36
C CYS A 264 -29.53 -19.76 -30.72
N SER A 265 -28.96 -18.55 -30.61
CA SER A 265 -28.78 -17.51 -31.66
C SER A 265 -30.08 -16.81 -32.07
N PRO A 266 -30.66 -16.02 -31.14
CA PRO A 266 -31.69 -15.04 -31.48
C PRO A 266 -31.13 -13.91 -32.36
N ASP A 267 -29.88 -13.51 -32.10
CA ASP A 267 -29.21 -12.42 -32.83
C ASP A 267 -29.56 -11.06 -32.24
N HIS A 268 -29.14 -10.81 -31.00
CA HIS A 268 -29.67 -9.72 -30.18
C HIS A 268 -29.40 -8.28 -30.59
N GLU A 269 -30.20 -7.37 -30.03
CA GLU A 269 -30.18 -5.96 -30.39
C GLU A 269 -29.10 -5.17 -29.67
N VAL A 270 -28.53 -4.19 -30.38
CA VAL A 270 -27.61 -3.26 -29.77
C VAL A 270 -28.40 -2.35 -28.84
N GLN A 271 -28.07 -2.39 -27.55
CA GLN A 271 -28.65 -1.44 -26.61
C GLN A 271 -27.89 -0.12 -26.75
N PRO A 272 -28.53 0.89 -27.36
CA PRO A 272 -27.89 2.15 -27.76
C PRO A 272 -27.10 2.82 -26.64
N THR A 273 -26.06 3.58 -27.01
CA THR A 273 -25.27 4.34 -26.04
C THR A 273 -26.21 5.24 -25.24
N LEU A 274 -25.97 5.32 -23.94
CA LEU A 274 -26.81 6.11 -23.04
C LEU A 274 -25.96 6.92 -22.04
N PRO A 275 -25.05 7.78 -22.56
CA PRO A 275 -24.16 8.56 -21.70
C PRO A 275 -24.92 9.43 -20.70
N SER A 284 -13.52 19.04 -3.75
CA SER A 284 -12.91 18.63 -2.49
C SER A 284 -13.69 17.51 -1.82
N ALA A 285 -13.29 17.18 -0.59
CA ALA A 285 -13.80 16.02 0.14
C ALA A 285 -12.77 15.55 1.16
N SER A 286 -12.87 16.06 2.39
CA SER A 286 -11.94 15.68 3.46
C SER A 286 -12.01 14.21 3.92
N ASN A 287 -10.89 13.52 3.73
CA ASN A 287 -10.78 12.09 3.91
C ASN A 287 -11.12 11.72 5.39
N ILE A 288 -11.80 10.58 5.60
CA ILE A 288 -12.48 10.34 6.92
C ILE A 288 -11.79 9.36 7.83
N THR A 289 -12.28 9.24 9.07
CA THR A 289 -11.76 8.24 9.98
C THR A 289 -12.80 7.20 10.35
N VAL A 290 -12.37 5.94 10.39
CA VAL A 290 -13.21 4.77 10.64
C VAL A 290 -12.50 3.97 11.71
N ILE A 291 -13.24 3.48 12.70
CA ILE A 291 -12.65 2.69 13.79
C ILE A 291 -12.74 1.20 13.46
N TYR A 292 -11.60 0.52 13.36
CA TYR A 292 -11.62 -0.83 12.84
C TYR A 292 -11.07 -1.85 13.81
N THR A 293 -11.96 -2.58 14.48
CA THR A 293 -11.60 -3.67 15.41
C THR A 293 -11.39 -5.02 14.70
N ILE A 294 -10.48 -5.82 15.20
CA ILE A 294 -10.32 -7.12 14.61
C ILE A 294 -10.13 -8.14 15.70
N ASN A 295 -11.19 -8.91 15.93
CA ASN A 295 -11.28 -9.77 17.11
C ASN A 295 -11.33 -11.30 16.86
N ASN A 296 -10.35 -12.00 17.42
CA ASN A 296 -10.38 -13.46 17.49
C ASN A 296 -10.58 -14.00 18.92
N GLN A 297 -11.63 -14.76 19.14
CA GLN A 297 -11.81 -15.43 20.42
C GLN A 297 -12.10 -16.95 20.32
N LEU A 298 -11.56 -17.58 19.28
CA LEU A 298 -11.98 -18.91 18.88
C LEU A 298 -10.80 -19.78 18.47
N ARG A 299 -9.79 -19.21 17.82
CA ARG A 299 -8.66 -20.02 17.32
C ARG A 299 -7.43 -20.15 18.23
N GLY A 300 -7.15 -21.41 18.62
CA GLY A 300 -6.03 -21.75 19.48
C GLY A 300 -6.05 -21.05 20.83
N VAL A 301 -4.90 -20.97 21.47
CA VAL A 301 -4.73 -20.07 22.58
C VAL A 301 -3.65 -19.01 22.18
N GLU A 302 -4.05 -18.26 21.15
CA GLU A 302 -3.40 -17.05 20.71
C GLU A 302 -4.44 -16.28 19.86
N LEU A 303 -5.00 -15.25 20.49
CA LEU A 303 -6.16 -14.52 19.98
C LEU A 303 -6.02 -13.01 20.25
N LEU A 304 -7.00 -12.20 19.81
CA LEU A 304 -6.85 -10.76 19.58
C LEU A 304 -8.14 -9.94 19.93
N PHE A 305 -8.02 -8.62 20.16
CA PHE A 305 -9.19 -7.74 20.36
C PHE A 305 -8.73 -6.40 19.85
N ASN A 306 -7.50 -6.33 19.34
CA ASN A 306 -6.88 -5.10 18.79
C ASN A 306 -7.77 -4.16 17.88
N GLU A 307 -8.09 -2.95 18.37
CA GLU A 307 -8.79 -1.88 17.59
C GLU A 307 -7.83 -0.81 17.06
N THR A 308 -8.28 -0.07 16.06
CA THR A 308 -7.41 0.84 15.31
C THR A 308 -8.25 1.93 14.63
N ILE A 309 -7.62 3.00 14.15
CA ILE A 309 -8.35 4.09 13.48
C ILE A 309 -7.61 4.48 12.19
N ASN A 310 -8.33 4.79 11.10
CA ASN A 310 -7.69 5.19 9.83
C ASN A 310 -8.42 6.25 9.09
N VAL A 311 -7.73 6.76 8.08
CA VAL A 311 -8.26 7.78 7.21
C VAL A 311 -8.38 7.24 5.82
N SER A 312 -9.53 7.52 5.22
CA SER A 312 -9.83 6.99 3.91
C SER A 312 -10.43 8.07 3.00
N VAL A 313 -9.71 8.40 1.93
CA VAL A 313 -10.08 9.53 1.10
C VAL A 313 -11.58 9.60 0.89
N LYS A 314 -12.15 10.71 1.35
CA LYS A 314 -13.55 10.99 1.16
C LYS A 314 -14.31 9.76 1.63
N SER A 315 -15.62 9.83 1.53
CA SER A 315 -16.37 8.60 1.50
C SER A 315 -15.98 7.96 0.17
N GLY A 316 -16.76 6.98 -0.29
CA GLY A 316 -16.60 6.45 -1.62
C GLY A 316 -15.39 5.55 -1.58
N SER A 317 -14.67 5.63 -0.46
CA SER A 317 -13.67 4.62 -0.15
C SER A 317 -14.46 3.46 0.43
N VAL A 318 -14.18 2.26 -0.05
CA VAL A 318 -14.88 1.10 0.45
C VAL A 318 -14.09 0.45 1.55
N LEU A 319 -14.82 -0.30 2.37
CA LEU A 319 -14.24 -0.97 3.51
C LEU A 319 -12.87 -1.64 3.20
N LEU A 320 -12.70 -2.14 1.99
CA LEU A 320 -11.43 -2.75 1.64
C LEU A 320 -10.25 -1.78 1.75
N VAL A 321 -10.46 -0.51 1.43
CA VAL A 321 -9.40 0.48 1.64
C VAL A 321 -9.07 0.60 3.11
N VAL A 322 -10.08 0.62 3.98
CA VAL A 322 -9.82 0.63 5.41
C VAL A 322 -8.88 -0.55 5.75
N LEU A 323 -9.24 -1.72 5.24
CA LEU A 323 -8.49 -2.93 5.48
C LEU A 323 -7.09 -2.72 4.97
N GLU A 324 -6.93 -2.31 3.73
CA GLU A 324 -5.60 -2.20 3.17
C GLU A 324 -4.78 -1.20 3.92
N GLU A 325 -5.40 -0.10 4.32
CA GLU A 325 -4.69 0.96 5.03
C GLU A 325 -4.35 0.54 6.45
N ALA A 326 -5.28 -0.10 7.15
CA ALA A 326 -4.93 -0.71 8.44
C ALA A 326 -3.75 -1.64 8.25
N GLN A 327 -3.76 -2.47 7.21
CA GLN A 327 -2.68 -3.44 6.98
C GLN A 327 -1.34 -2.77 6.82
N ARG A 328 -1.38 -1.60 6.24
CA ARG A 328 -0.20 -0.86 5.86
C ARG A 328 0.43 -0.18 7.07
N LYS A 329 -0.43 0.45 7.87
CA LYS A 329 -0.01 1.14 9.08
C LYS A 329 0.50 0.18 10.13
N ASN A 330 -0.22 -0.90 10.36
CA ASN A 330 0.13 -1.81 11.43
C ASN A 330 0.11 -3.27 11.00
N PRO A 331 1.23 -3.98 11.19
CA PRO A 331 1.46 -5.35 10.71
C PRO A 331 0.59 -6.41 11.39
N MET A 332 -0.08 -6.01 12.46
CA MET A 332 -0.95 -6.93 13.14
C MET A 332 -2.26 -7.06 12.38
N PHE A 333 -2.60 -6.02 11.60
CA PHE A 333 -3.81 -6.06 10.79
C PHE A 333 -3.55 -6.57 9.37
N LYS A 334 -2.54 -7.41 9.22
CA LYS A 334 -2.34 -8.02 7.92
C LYS A 334 -3.55 -8.86 7.68
N PHE A 335 -3.90 -9.04 6.43
CA PHE A 335 -5.03 -9.89 6.05
C PHE A 335 -4.75 -10.44 4.67
N GLU A 336 -5.42 -11.54 4.32
CA GLU A 336 -5.20 -12.17 3.04
C GLU A 336 -6.58 -12.34 2.41
N THR A 337 -6.63 -12.36 1.08
CA THR A 337 -7.92 -12.24 0.39
C THR A 337 -8.08 -13.37 -0.60
N THR A 338 -9.33 -13.65 -0.98
CA THR A 338 -9.56 -14.65 -2.03
C THR A 338 -10.83 -14.47 -2.88
N MET A 339 -10.67 -14.69 -4.19
CA MET A 339 -11.69 -14.31 -5.19
C MET A 339 -12.84 -15.29 -5.34
N THR A 340 -14.03 -14.79 -5.69
CA THR A 340 -15.17 -15.67 -5.81
C THR A 340 -16.26 -15.13 -6.72
N SER A 341 -17.25 -15.95 -7.00
CA SER A 341 -18.32 -15.51 -7.85
C SER A 341 -18.94 -14.24 -7.36
N TRP A 342 -18.92 -14.00 -6.05
CA TRP A 342 -19.48 -12.75 -5.51
C TRP A 342 -18.45 -11.66 -5.38
N GLY A 343 -17.16 -12.03 -5.37
CA GLY A 343 -16.06 -11.08 -5.36
C GLY A 343 -14.93 -11.46 -4.43
N LEU A 344 -14.27 -10.46 -3.86
CA LEU A 344 -13.23 -10.66 -2.85
C LEU A 344 -13.76 -10.98 -1.47
N VAL A 345 -13.41 -12.16 -1.00
CA VAL A 345 -13.72 -12.54 0.36
C VAL A 345 -12.50 -12.35 1.20
N VAL A 346 -12.67 -11.85 2.40
CA VAL A 346 -11.55 -11.77 3.29
C VAL A 346 -11.41 -13.19 3.89
N SER A 347 -10.35 -13.89 3.49
CA SER A 347 -10.17 -15.28 3.90
C SER A 347 -9.33 -15.49 5.17
N SER A 348 -8.51 -14.50 5.50
CA SER A 348 -7.65 -14.63 6.63
C SER A 348 -7.25 -13.25 7.10
N ILE A 349 -7.33 -13.05 8.42
CA ILE A 349 -6.77 -11.88 9.09
C ILE A 349 -5.75 -12.33 10.12
N ASN A 350 -4.53 -11.84 10.03
CA ASN A 350 -3.54 -12.15 11.06
C ASN A 350 -3.15 -13.65 11.09
N ASN A 351 -3.22 -14.30 9.94
CA ASN A 351 -2.84 -15.70 9.87
C ASN A 351 -3.88 -16.63 10.48
N ILE A 352 -4.97 -16.04 10.97
CA ILE A 352 -6.15 -16.84 11.27
C ILE A 352 -6.98 -16.94 10.01
N ALA A 353 -7.02 -18.13 9.43
CA ALA A 353 -7.69 -18.32 8.18
C ALA A 353 -9.00 -19.08 8.33
N GLU A 354 -9.98 -18.72 7.51
CA GLU A 354 -11.22 -19.47 7.47
C GLU A 354 -10.80 -20.89 7.16
N ASN A 355 -11.50 -21.84 7.75
CA ASN A 355 -11.31 -23.25 7.46
C ASN A 355 -12.65 -23.99 7.39
N VAL A 356 -12.83 -24.78 6.33
CA VAL A 356 -14.13 -25.39 6.01
C VAL A 356 -14.54 -26.48 7.00
N ASN A 357 -13.58 -27.31 7.37
CA ASN A 357 -13.84 -28.39 8.28
C ASN A 357 -14.18 -27.91 9.67
N HIS A 358 -13.86 -26.65 9.97
CA HIS A 358 -14.36 -25.98 11.20
C HIS A 358 -15.62 -25.16 10.99
N LYS A 359 -16.04 -25.02 9.74
CA LYS A 359 -17.19 -24.19 9.46
C LYS A 359 -17.00 -22.80 10.08
N THR A 360 -15.90 -22.14 9.69
CA THR A 360 -15.34 -21.02 10.43
C THR A 360 -14.93 -19.90 9.46
N TYR A 361 -15.50 -18.71 9.64
CA TYR A 361 -15.21 -17.60 8.73
C TYR A 361 -14.91 -16.27 9.42
N TRP A 362 -14.57 -15.24 8.64
CA TRP A 362 -14.50 -13.91 9.20
C TRP A 362 -15.80 -13.12 8.95
N GLN A 363 -16.54 -12.78 10.00
CA GLN A 363 -17.78 -11.98 9.86
C GLN A 363 -17.56 -10.51 10.11
N PHE A 364 -18.04 -9.65 9.21
CA PHE A 364 -17.94 -8.21 9.37
C PHE A 364 -19.22 -7.58 9.79
N LEU A 365 -19.20 -6.93 10.95
CA LEU A 365 -20.39 -6.24 11.42
C LEU A 365 -20.10 -4.76 11.71
N SER A 366 -21.18 -3.96 11.64
CA SER A 366 -21.15 -2.55 12.04
C SER A 366 -21.48 -2.33 13.53
N GLY A 367 -20.43 -2.13 14.31
CA GLY A 367 -20.56 -2.03 15.74
C GLY A 367 -21.02 -3.36 16.30
N VAL A 368 -22.22 -3.78 15.90
CA VAL A 368 -22.84 -4.99 16.46
C VAL A 368 -23.73 -5.75 15.49
N THR A 369 -24.33 -5.06 14.52
CA THR A 369 -25.16 -5.73 13.54
C THR A 369 -24.34 -6.03 12.29
N PRO A 370 -24.41 -7.28 11.79
CA PRO A 370 -23.60 -7.80 10.69
C PRO A 370 -23.80 -6.97 9.46
N LEU A 371 -22.74 -6.74 8.68
CA LEU A 371 -22.86 -6.10 7.37
C LEU A 371 -23.59 -6.95 6.37
N ASN A 372 -23.98 -6.34 5.25
CA ASN A 372 -24.42 -7.16 4.13
C ASN A 372 -23.99 -6.74 2.75
N GLU A 373 -22.72 -6.39 2.62
CA GLU A 373 -22.09 -6.24 1.33
C GLU A 373 -20.70 -6.70 1.57
N GLY A 374 -19.99 -7.11 0.52
CA GLY A 374 -18.58 -7.45 0.67
C GLY A 374 -17.70 -6.24 0.96
N VAL A 375 -16.51 -6.44 1.51
CA VAL A 375 -15.67 -5.28 1.81
C VAL A 375 -15.34 -4.44 0.57
N ALA A 376 -15.60 -5.00 -0.61
CA ALA A 376 -15.22 -4.29 -1.80
C ALA A 376 -16.40 -3.54 -2.36
N ASP A 377 -17.51 -3.51 -1.63
CA ASP A 377 -18.66 -2.79 -2.11
C ASP A 377 -19.10 -1.87 -1.01
N TYR A 378 -18.88 -2.32 0.21
CA TYR A 378 -19.43 -1.59 1.35
C TYR A 378 -18.71 -0.27 1.58
N ILE A 379 -19.50 0.77 1.83
CA ILE A 379 -18.98 2.09 2.12
C ILE A 379 -19.23 2.65 3.50
N PRO A 380 -18.18 2.76 4.28
CA PRO A 380 -18.24 3.15 5.68
C PRO A 380 -18.46 4.65 5.84
N PHE A 381 -19.21 5.05 6.89
CA PHE A 381 -19.49 6.45 7.20
C PHE A 381 -18.56 7.13 8.23
N ASN A 382 -18.69 8.45 8.33
CA ASN A 382 -17.66 9.31 8.91
C ASN A 382 -17.00 8.89 10.22
N HIS A 383 -17.74 8.22 11.09
CA HIS A 383 -17.16 7.75 12.35
C HIS A 383 -17.69 6.40 12.75
N GLU A 384 -17.74 5.51 11.77
CA GLU A 384 -18.31 4.19 11.95
C GLU A 384 -17.35 3.22 12.60
N HIS A 385 -17.91 2.33 13.41
CA HIS A 385 -17.12 1.29 14.08
C HIS A 385 -17.23 -0.12 13.48
N ILE A 386 -16.28 -0.48 12.64
CA ILE A 386 -16.35 -1.77 11.98
C ILE A 386 -15.54 -2.79 12.73
N THR A 387 -16.20 -3.87 13.11
CA THR A 387 -15.54 -4.96 13.79
C THR A 387 -15.53 -6.17 12.90
N ALA A 388 -14.47 -6.96 12.97
CA ALA A 388 -14.37 -8.17 12.19
C ALA A 388 -14.19 -9.37 13.12
N ASN A 389 -15.27 -10.14 13.36
CA ASN A 389 -15.24 -11.28 14.29
C ASN A 389 -14.98 -12.58 13.51
N PHE A 390 -14.00 -13.39 13.97
CA PHE A 390 -13.79 -14.77 13.51
C PHE A 390 -14.72 -15.64 14.29
N THR A 391 -15.57 -16.35 13.57
CA THR A 391 -16.73 -16.99 14.16
C THR A 391 -17.16 -18.14 13.22
N GLN A 392 -18.31 -18.75 13.46
CA GLN A 392 -18.66 -19.93 12.67
C GLN A 392 -20.06 -19.77 12.20
N TYR A 393 -20.44 -20.50 11.17
CA TYR A 393 -21.86 -20.72 10.91
C TYR A 393 -22.29 -22.13 11.34
N CYS B 1 -66.37 -19.27 38.70
CA CYS B 1 -66.09 -19.32 37.26
C CYS B 1 -66.37 -20.71 36.69
N GLY B 2 -65.54 -21.14 35.76
CA GLY B 2 -65.70 -22.43 35.11
C GLY B 2 -66.33 -22.29 33.74
N GLU B 3 -65.95 -23.16 32.81
CA GLU B 3 -66.44 -23.07 31.43
C GLU B 3 -66.48 -24.45 30.77
N ILE B 4 -67.32 -24.61 29.75
CA ILE B 4 -67.31 -25.85 28.94
C ILE B 4 -66.87 -25.67 27.48
N LEU B 5 -66.03 -26.59 27.03
CA LEU B 5 -65.32 -26.45 25.77
C LEU B 5 -65.76 -27.40 24.66
N THR B 6 -65.97 -26.84 23.48
CA THR B 6 -66.39 -27.63 22.33
C THR B 6 -65.22 -27.74 21.36
N GLU B 7 -64.45 -26.67 21.29
CA GLU B 7 -63.37 -26.56 20.32
C GLU B 7 -62.52 -27.83 20.33
N SER B 8 -61.88 -28.12 19.20
CA SER B 8 -61.03 -29.31 19.06
C SER B 8 -59.73 -29.05 19.77
N THR B 9 -59.37 -27.79 19.84
CA THR B 9 -58.16 -27.38 20.50
C THR B 9 -58.51 -26.26 21.43
N GLY B 10 -57.72 -26.10 22.48
CA GLY B 10 -57.97 -24.99 23.35
C GLY B 10 -56.96 -25.00 24.46
N THR B 11 -57.12 -24.03 25.35
CA THR B 11 -56.31 -23.97 26.54
C THR B 11 -57.22 -23.81 27.74
N ILE B 12 -56.62 -23.93 28.91
CA ILE B 12 -57.37 -23.90 30.15
C ILE B 12 -56.62 -23.06 31.19
N GLN B 13 -57.19 -21.91 31.51
CA GLN B 13 -56.54 -20.99 32.42
C GLN B 13 -56.99 -21.15 33.86
N SER B 14 -56.03 -21.37 34.75
CA SER B 14 -56.23 -21.10 36.15
C SER B 14 -56.63 -19.64 36.21
N PRO B 15 -57.68 -19.32 36.99
CA PRO B 15 -58.18 -17.95 37.08
C PRO B 15 -57.06 -16.93 37.30
N GLY B 16 -56.27 -17.13 38.35
CA GLY B 16 -55.17 -16.23 38.67
C GLY B 16 -54.06 -16.14 37.63
N HIS B 17 -53.73 -17.27 37.03
CA HIS B 17 -52.70 -17.32 36.00
C HIS B 17 -52.77 -16.09 35.11
N PRO B 18 -51.61 -15.58 34.68
CA PRO B 18 -50.26 -16.11 34.93
C PRO B 18 -49.76 -16.08 36.38
N ASN B 19 -50.56 -15.56 37.31
CA ASN B 19 -50.13 -15.41 38.71
C ASN B 19 -51.07 -14.53 39.52
N VAL B 20 -51.51 -14.97 40.70
CA VAL B 20 -51.49 -16.36 41.12
C VAL B 20 -52.96 -16.66 41.33
N TYR B 21 -53.32 -17.91 41.61
CA TYR B 21 -54.73 -18.22 41.79
C TYR B 21 -55.23 -17.84 43.19
N PRO B 22 -56.51 -17.43 43.27
CA PRO B 22 -57.29 -17.12 44.47
C PRO B 22 -57.60 -18.32 45.40
N HIS B 23 -57.65 -18.04 46.69
CA HIS B 23 -57.91 -19.06 47.71
C HIS B 23 -59.42 -19.34 47.87
N GLY B 24 -59.78 -20.59 48.17
CA GLY B 24 -61.17 -20.96 48.45
C GLY B 24 -62.12 -21.19 47.28
N ILE B 25 -61.60 -21.70 46.15
CA ILE B 25 -62.37 -21.85 44.90
C ILE B 25 -63.21 -23.14 44.81
N ASN B 26 -64.16 -23.16 43.86
CA ASN B 26 -65.08 -24.27 43.66
C ASN B 26 -65.36 -24.40 42.16
N CYS B 27 -64.41 -23.89 41.37
CA CYS B 27 -64.49 -23.79 39.90
C CYS B 27 -64.53 -25.15 39.19
N THR B 28 -65.21 -25.23 38.05
CA THR B 28 -65.24 -26.49 37.26
C THR B 28 -65.35 -26.31 35.75
N TRP B 29 -64.59 -27.16 35.05
CA TRP B 29 -64.54 -27.24 33.58
C TRP B 29 -65.08 -28.56 33.03
N HIS B 30 -65.50 -28.53 31.76
CA HIS B 30 -65.98 -29.71 31.07
C HIS B 30 -65.55 -29.65 29.63
N ILE B 31 -64.77 -30.64 29.20
CA ILE B 31 -64.27 -30.70 27.82
C ILE B 31 -64.88 -31.84 26.99
N LEU B 32 -65.58 -31.44 25.94
CA LEU B 32 -66.29 -32.33 25.03
C LEU B 32 -65.87 -32.07 23.58
N VAL B 33 -65.47 -33.14 22.89
CA VAL B 33 -64.96 -33.08 21.53
C VAL B 33 -65.59 -34.25 20.76
N GLN B 34 -65.54 -34.20 19.42
CA GLN B 34 -66.29 -35.15 18.58
C GLN B 34 -66.07 -36.59 19.02
N PRO B 35 -66.95 -37.52 18.58
CA PRO B 35 -66.94 -38.92 19.05
C PRO B 35 -65.86 -39.74 18.33
N ASN B 36 -65.71 -41.02 18.67
CA ASN B 36 -64.69 -41.84 18.05
C ASN B 36 -63.35 -41.13 18.17
N HIS B 37 -63.26 -40.24 19.17
CA HIS B 37 -62.07 -39.41 19.37
C HIS B 37 -61.68 -39.30 20.84
N LEU B 38 -60.53 -38.71 21.07
CA LEU B 38 -59.94 -38.70 22.40
C LEU B 38 -59.48 -37.31 22.77
N ILE B 39 -59.35 -37.06 24.08
CA ILE B 39 -58.77 -35.79 24.52
C ILE B 39 -57.33 -35.98 25.01
N HIS B 40 -56.42 -35.22 24.42
CA HIS B 40 -55.06 -35.24 24.89
C HIS B 40 -54.73 -33.93 25.59
N LEU B 41 -54.38 -34.04 26.87
CA LEU B 41 -54.01 -32.89 27.72
C LEU B 41 -52.49 -32.72 27.84
N MET B 42 -51.98 -31.58 27.37
CA MET B 42 -50.60 -31.21 27.67
C MET B 42 -50.64 -30.48 29.01
N PHE B 43 -49.55 -29.86 29.44
CA PHE B 43 -49.46 -29.26 30.78
C PHE B 43 -48.28 -28.28 30.95
N GLU B 44 -48.28 -27.17 30.22
CA GLU B 44 -47.18 -26.22 30.30
C GLU B 44 -46.71 -26.03 31.75
N THR B 45 -47.59 -25.50 32.60
CA THR B 45 -47.23 -25.09 33.97
C THR B 45 -48.19 -25.64 35.03
N PHE B 46 -47.73 -25.70 36.29
CA PHE B 46 -48.55 -26.29 37.36
C PHE B 46 -47.97 -26.20 38.81
N HIS B 47 -48.26 -25.11 39.51
CA HIS B 47 -47.96 -25.04 40.93
C HIS B 47 -49.24 -25.16 41.69
N LEU B 48 -49.15 -25.85 42.81
CA LEU B 48 -50.25 -25.97 43.78
C LEU B 48 -49.69 -26.19 45.20
N GLU B 49 -50.44 -25.84 46.23
CA GLU B 49 -49.97 -26.20 47.56
C GLU B 49 -50.04 -27.73 47.68
N PHE B 50 -48.99 -28.30 48.24
CA PHE B 50 -48.84 -29.76 48.31
C PHE B 50 -49.42 -30.37 49.60
N HIS B 51 -49.71 -31.67 49.58
CA HIS B 51 -50.47 -32.30 50.65
C HIS B 51 -50.45 -33.80 50.43
N TYR B 52 -49.92 -34.57 51.39
CA TYR B 52 -49.83 -36.02 51.19
C TYR B 52 -51.20 -36.66 50.86
N ASN B 53 -52.22 -36.48 51.70
CA ASN B 53 -53.57 -36.97 51.37
C ASN B 53 -54.15 -36.19 50.19
N CYS B 54 -53.50 -35.08 49.85
CA CYS B 54 -53.90 -34.22 48.72
C CYS B 54 -55.23 -33.52 48.96
N THR B 55 -55.36 -32.89 50.13
CA THR B 55 -56.63 -32.31 50.54
C THR B 55 -56.75 -30.79 50.34
N ASN B 56 -55.74 -30.03 50.74
CA ASN B 56 -55.86 -28.59 50.79
C ASN B 56 -56.17 -28.00 49.43
N ASP B 57 -55.14 -27.70 48.67
CA ASP B 57 -55.33 -27.32 47.28
C ASP B 57 -55.16 -28.58 46.44
N TYR B 58 -55.78 -28.61 45.25
CA TYR B 58 -55.72 -29.78 44.38
C TYR B 58 -56.58 -29.67 43.12
N LEU B 59 -56.30 -30.57 42.18
CA LEU B 59 -56.99 -30.67 40.90
C LEU B 59 -57.22 -32.13 40.53
N GLU B 60 -58.45 -32.49 40.26
CA GLU B 60 -58.70 -33.85 39.83
C GLU B 60 -59.42 -33.84 38.51
N VAL B 61 -59.31 -34.96 37.81
CA VAL B 61 -59.86 -35.06 36.47
C VAL B 61 -60.58 -36.40 36.29
N TYR B 62 -61.91 -36.35 36.22
CA TYR B 62 -62.71 -37.56 36.08
C TYR B 62 -62.81 -37.92 34.59
N ASP B 63 -62.82 -39.21 34.27
CA ASP B 63 -63.07 -39.59 32.91
C ASP B 63 -64.57 -39.62 32.66
N THR B 64 -65.11 -38.48 32.23
CA THR B 64 -66.55 -38.33 32.07
C THR B 64 -67.19 -39.53 31.36
N ASP B 65 -66.67 -39.87 30.18
CA ASP B 65 -67.29 -40.93 29.41
C ASP B 65 -67.29 -42.26 30.14
N SER B 66 -66.64 -42.32 31.30
CA SER B 66 -66.49 -43.60 31.99
C SER B 66 -66.65 -43.53 33.50
N GLU B 67 -66.77 -44.69 34.12
CA GLU B 67 -66.68 -44.77 35.54
C GLU B 67 -65.21 -44.55 35.88
N THR B 68 -64.94 -44.38 37.16
CA THR B 68 -63.60 -44.12 37.65
C THR B 68 -63.06 -42.74 37.23
N SER B 69 -61.86 -42.38 37.70
CA SER B 69 -61.29 -41.05 37.44
C SER B 69 -59.79 -41.17 37.36
N LEU B 70 -59.19 -40.31 36.56
CA LEU B 70 -57.76 -40.37 36.29
C LEU B 70 -56.89 -40.00 37.49
N GLY B 71 -57.42 -39.21 38.42
CA GLY B 71 -56.70 -38.90 39.63
C GLY B 71 -56.78 -37.47 40.15
N ARG B 72 -56.29 -37.28 41.37
CA ARG B 72 -56.24 -35.98 42.02
C ARG B 72 -54.78 -35.52 42.05
N TYR B 73 -54.54 -34.23 41.85
CA TYR B 73 -53.16 -33.77 41.71
C TYR B 73 -52.83 -32.47 42.44
N CYS B 74 -52.01 -32.59 43.47
CA CYS B 74 -51.48 -31.44 44.19
C CYS B 74 -49.97 -31.34 43.94
N GLY B 75 -49.36 -30.25 44.40
CA GLY B 75 -47.92 -30.08 44.33
C GLY B 75 -47.38 -29.59 43.00
N LYS B 76 -46.27 -30.19 42.56
CA LYS B 76 -45.72 -29.88 41.25
C LYS B 76 -46.00 -31.07 40.33
N SER B 77 -46.32 -32.20 40.94
CA SER B 77 -46.47 -33.47 40.21
C SER B 77 -47.79 -33.65 39.46
N ILE B 78 -47.68 -34.12 38.21
CA ILE B 78 -48.78 -34.24 37.25
C ILE B 78 -48.12 -34.58 35.89
N PRO B 79 -48.37 -35.80 35.37
CA PRO B 79 -47.82 -36.27 34.10
C PRO B 79 -47.95 -35.25 32.95
N PRO B 80 -46.84 -34.96 32.25
CA PRO B 80 -46.88 -33.91 31.24
C PRO B 80 -48.07 -34.07 30.28
N SER B 81 -48.50 -35.32 30.11
CA SER B 81 -49.59 -35.66 29.22
C SER B 81 -50.57 -36.55 29.93
N LEU B 82 -51.85 -36.34 29.62
CA LEU B 82 -52.91 -37.27 30.00
C LEU B 82 -53.80 -37.48 28.79
N THR B 83 -54.49 -38.60 28.76
CA THR B 83 -55.33 -38.88 27.61
C THR B 83 -56.56 -39.69 27.99
N SER B 84 -57.74 -39.24 27.56
CA SER B 84 -59.03 -39.76 28.01
C SER B 84 -59.42 -41.11 27.44
N SER B 85 -60.40 -41.77 28.02
CA SER B 85 -60.90 -42.97 27.38
C SER B 85 -61.91 -42.54 26.34
N GLY B 86 -62.69 -41.51 26.65
CA GLY B 86 -63.77 -41.06 25.79
C GLY B 86 -63.47 -39.75 25.14
N ASN B 87 -64.53 -39.05 24.76
CA ASN B 87 -64.48 -37.73 24.14
C ASN B 87 -64.97 -36.62 25.07
N SER B 88 -65.01 -36.93 26.36
CA SER B 88 -65.51 -36.01 27.36
C SER B 88 -64.70 -36.18 28.63
N LEU B 89 -64.51 -35.09 29.37
CA LEU B 89 -63.63 -35.07 30.54
C LEU B 89 -64.11 -34.10 31.61
N MET B 90 -64.18 -34.58 32.84
CA MET B 90 -64.47 -33.69 33.95
C MET B 90 -63.19 -33.02 34.38
N LEU B 91 -63.28 -31.77 34.77
CA LEU B 91 -62.08 -31.08 35.24
C LEU B 91 -62.34 -30.11 36.38
N VAL B 92 -62.38 -30.64 37.60
CA VAL B 92 -62.69 -29.82 38.76
C VAL B 92 -61.45 -29.33 39.50
N PHE B 93 -61.42 -28.03 39.74
CA PHE B 93 -60.37 -27.38 40.49
C PHE B 93 -60.95 -26.88 41.81
N VAL B 94 -60.30 -27.20 42.93
CA VAL B 94 -60.87 -26.87 44.22
C VAL B 94 -59.77 -26.57 45.23
N THR B 95 -59.87 -25.43 45.91
CA THR B 95 -58.81 -24.98 46.80
C THR B 95 -59.24 -24.69 48.25
N ASP B 96 -58.43 -23.90 48.95
CA ASP B 96 -58.72 -23.47 50.32
C ASP B 96 -58.06 -22.11 50.60
N SER B 97 -58.27 -21.60 51.81
CA SER B 97 -57.91 -20.21 52.20
C SER B 97 -56.42 -19.84 52.21
N ASP B 98 -55.62 -20.58 52.96
CA ASP B 98 -54.19 -20.30 53.06
C ASP B 98 -53.42 -20.90 51.88
N LEU B 99 -52.57 -20.12 51.24
CA LEU B 99 -51.57 -20.61 50.27
C LEU B 99 -52.02 -20.75 48.82
N ALA B 100 -51.25 -20.12 47.93
CA ALA B 100 -51.53 -20.07 46.49
C ALA B 100 -50.27 -19.89 45.65
N TYR B 101 -50.40 -19.99 44.33
CA TYR B 101 -49.26 -19.94 43.41
C TYR B 101 -49.69 -19.55 42.00
N GLU B 102 -48.73 -19.55 41.07
CA GLU B 102 -48.96 -19.07 39.71
C GLU B 102 -50.10 -19.79 38.99
N GLY B 103 -50.62 -20.85 39.61
CA GLY B 103 -51.73 -21.57 39.02
C GLY B 103 -51.25 -22.65 38.08
N PHE B 104 -51.83 -22.71 36.88
CA PHE B 104 -51.45 -23.67 35.84
C PHE B 104 -51.95 -23.32 34.42
N LEU B 105 -51.08 -23.43 33.43
CA LEU B 105 -51.52 -23.41 32.05
C LEU B 105 -51.69 -24.85 31.64
N ILE B 106 -52.55 -25.12 30.67
CA ILE B 106 -52.82 -26.50 30.29
C ILE B 106 -53.56 -26.67 28.97
N ASN B 107 -52.82 -27.15 27.97
CA ASN B 107 -53.37 -27.31 26.63
C ASN B 107 -54.01 -28.66 26.40
N TYR B 108 -54.78 -28.76 25.32
CA TYR B 108 -55.44 -30.00 24.96
C TYR B 108 -55.78 -30.00 23.48
N GLU B 109 -56.07 -31.17 22.94
CA GLU B 109 -56.39 -31.31 21.54
C GLU B 109 -57.13 -32.60 21.30
N ALA B 110 -57.85 -32.62 20.18
CA ALA B 110 -58.58 -33.80 19.75
C ALA B 110 -57.63 -34.80 19.10
N ILE B 111 -58.01 -36.07 19.14
CA ILE B 111 -57.17 -37.15 18.67
C ILE B 111 -58.07 -38.30 18.20
N SER B 112 -57.90 -38.71 16.94
CA SER B 112 -58.68 -39.84 16.44
C SER B 112 -58.31 -41.11 17.16
N ALA B 113 -59.30 -41.94 17.42
CA ALA B 113 -59.09 -43.14 18.17
C ALA B 113 -58.61 -44.27 17.27
N ALA B 114 -58.82 -44.15 15.98
CA ALA B 114 -58.14 -45.08 15.08
C ALA B 114 -56.61 -44.88 15.10
N THR B 115 -56.16 -43.74 14.60
CA THR B 115 -54.75 -43.35 14.59
C THR B 115 -54.08 -43.38 15.96
N ALA B 116 -54.83 -43.79 16.98
CA ALA B 116 -54.36 -43.64 18.36
C ALA B 116 -53.84 -44.93 18.92
N CYS B 117 -52.54 -45.13 18.84
CA CYS B 117 -51.92 -46.28 19.49
C CYS B 117 -51.20 -45.80 20.74
N LEU B 118 -51.61 -46.37 21.86
CA LEU B 118 -50.99 -46.14 23.16
C LEU B 118 -51.34 -47.39 23.94
N GLN B 119 -50.34 -48.05 24.50
CA GLN B 119 -50.61 -49.30 25.22
C GLN B 119 -49.73 -49.46 26.43
N ASP B 120 -50.38 -49.78 27.56
CA ASP B 120 -49.71 -49.99 28.84
C ASP B 120 -49.48 -51.47 29.11
N TYR B 121 -48.34 -51.79 29.70
CA TYR B 121 -48.03 -53.17 30.02
C TYR B 121 -47.60 -53.35 31.49
N THR B 122 -47.90 -54.53 32.06
CA THR B 122 -47.49 -54.88 33.44
C THR B 122 -47.01 -56.37 33.66
N ASP B 123 -47.57 -57.31 32.93
CA ASP B 123 -47.45 -58.71 33.32
C ASP B 123 -46.05 -59.39 33.47
N ASP B 124 -44.94 -58.63 33.39
CA ASP B 124 -43.58 -59.23 33.36
C ASP B 124 -43.31 -60.15 32.14
N LEU B 125 -44.02 -59.87 31.04
CA LEU B 125 -43.99 -60.69 29.83
C LEU B 125 -43.90 -59.81 28.58
N GLY B 126 -42.89 -60.04 27.75
CA GLY B 126 -42.67 -59.23 26.55
C GLY B 126 -43.53 -59.55 25.34
N THR B 127 -44.77 -59.13 25.37
CA THR B 127 -45.60 -59.35 24.18
C THR B 127 -45.51 -58.15 23.23
N PHE B 128 -44.45 -57.33 23.33
CA PHE B 128 -44.51 -56.02 22.68
C PHE B 128 -43.76 -55.78 21.37
N THR B 129 -44.44 -55.08 20.46
CA THR B 129 -44.11 -55.13 19.05
C THR B 129 -44.59 -53.93 18.25
N SER B 130 -43.78 -53.51 17.26
CA SER B 130 -44.13 -52.40 16.37
C SER B 130 -45.42 -52.74 15.66
N PRO B 131 -46.20 -51.72 15.29
CA PRO B 131 -47.49 -51.86 14.62
C PRO B 131 -47.37 -52.82 13.48
N ASN B 132 -48.37 -53.68 13.28
CA ASN B 132 -48.39 -54.57 12.12
C ASN B 132 -47.36 -55.70 12.09
N PHE B 133 -46.39 -55.67 12.99
CA PHE B 133 -45.31 -56.65 12.94
C PHE B 133 -45.76 -58.11 12.84
N PRO B 134 -45.12 -58.91 11.96
CA PRO B 134 -43.91 -58.74 11.13
C PRO B 134 -44.18 -58.04 9.82
N ASN B 135 -45.44 -57.82 9.49
CA ASN B 135 -45.71 -57.02 8.32
C ASN B 135 -45.19 -55.61 8.49
N ASN B 136 -45.16 -54.89 7.41
CA ASN B 136 -44.61 -53.56 7.45
C ASN B 136 -45.48 -52.59 8.18
N TYR B 137 -44.86 -51.87 9.09
CA TYR B 137 -45.56 -50.85 9.86
C TYR B 137 -45.97 -49.66 8.98
N PRO B 138 -46.97 -48.88 9.40
CA PRO B 138 -47.55 -47.81 8.57
C PRO B 138 -46.72 -46.55 8.55
N ASN B 139 -47.14 -45.61 7.71
CA ASN B 139 -46.51 -44.31 7.57
C ASN B 139 -47.17 -43.26 8.46
N ASN B 140 -46.42 -42.23 8.83
CA ASN B 140 -46.94 -41.15 9.63
C ASN B 140 -47.57 -41.61 10.93
N TRP B 141 -47.24 -42.84 11.31
CA TRP B 141 -47.70 -43.44 12.55
C TRP B 141 -46.90 -42.94 13.72
N GLU B 142 -47.58 -42.79 14.85
CA GLU B 142 -46.91 -42.58 16.12
C GLU B 142 -47.52 -43.57 17.07
N CYS B 143 -46.75 -43.95 18.07
CA CYS B 143 -47.16 -45.03 18.92
C CYS B 143 -46.34 -45.13 20.18
N ILE B 144 -47.04 -45.20 21.32
CA ILE B 144 -46.41 -45.09 22.64
C ILE B 144 -46.56 -46.35 23.48
N TYR B 145 -45.55 -46.65 24.28
CA TYR B 145 -45.59 -47.82 25.14
C TYR B 145 -45.07 -47.46 26.50
N ARG B 146 -45.94 -47.37 27.51
CA ARG B 146 -45.48 -47.30 28.89
C ARG B 146 -45.45 -48.74 29.42
N ILE B 147 -44.48 -49.10 30.28
CA ILE B 147 -44.58 -50.37 31.00
C ILE B 147 -44.11 -50.20 32.41
N THR B 148 -45.03 -50.46 33.35
CA THR B 148 -44.76 -50.31 34.76
C THR B 148 -44.67 -51.72 35.30
N VAL B 149 -44.12 -51.89 36.51
CA VAL B 149 -44.02 -53.24 37.13
C VAL B 149 -44.00 -53.21 38.67
N ARG B 150 -43.60 -54.34 39.26
CA ARG B 150 -43.45 -54.48 40.72
C ARG B 150 -42.40 -53.52 41.25
N THR B 151 -42.72 -52.91 42.40
CA THR B 151 -41.93 -51.80 42.91
C THR B 151 -40.48 -52.14 43.26
N GLY B 152 -40.21 -53.40 43.57
CA GLY B 152 -38.84 -53.79 43.80
C GLY B 152 -38.00 -53.60 42.56
N GLN B 153 -38.37 -54.33 41.50
CA GLN B 153 -37.49 -54.64 40.38
C GLN B 153 -37.10 -53.53 39.40
N LEU B 154 -36.24 -53.95 38.47
CA LEU B 154 -35.86 -53.21 37.28
C LEU B 154 -36.41 -53.92 36.02
N ILE B 155 -36.61 -53.15 34.95
CA ILE B 155 -36.94 -53.71 33.63
C ILE B 155 -35.68 -53.94 32.76
N ALA B 156 -35.66 -55.06 32.05
CA ALA B 156 -34.55 -55.36 31.16
C ALA B 156 -35.06 -55.85 29.82
N VAL B 157 -35.03 -54.97 28.82
CA VAL B 157 -35.60 -55.31 27.52
C VAL B 157 -34.58 -55.77 26.49
N HIS B 158 -34.91 -56.92 25.89
CA HIS B 158 -34.13 -57.55 24.83
C HIS B 158 -34.92 -57.46 23.53
N PHE B 159 -34.19 -57.35 22.42
CA PHE B 159 -34.83 -57.34 21.13
C PHE B 159 -34.64 -58.64 20.32
N THR B 160 -35.73 -59.09 19.72
CA THR B 160 -35.71 -60.21 18.80
C THR B 160 -35.64 -59.72 17.38
N ASN B 161 -36.61 -58.93 16.97
CA ASN B 161 -36.57 -58.36 15.64
C ASN B 161 -36.41 -56.82 15.69
N PHE B 162 -35.69 -56.24 14.72
CA PHE B 162 -35.52 -54.77 14.64
C PHE B 162 -34.95 -54.29 13.29
N SER B 163 -35.83 -53.90 12.37
CA SER B 163 -35.42 -53.35 11.09
C SER B 163 -36.28 -52.13 10.94
N LEU B 164 -35.65 -50.95 10.98
CA LEU B 164 -36.31 -49.63 10.83
C LEU B 164 -35.59 -48.76 9.80
N GLU B 165 -36.30 -47.80 9.21
CA GLU B 165 -35.72 -46.96 8.16
C GLU B 165 -34.37 -46.38 8.55
N GLU B 166 -33.48 -46.24 7.58
CA GLU B 166 -32.14 -45.75 7.87
C GLU B 166 -32.14 -44.26 8.19
N ALA B 167 -31.06 -43.78 8.79
CA ALA B 167 -30.93 -42.35 9.08
C ALA B 167 -30.27 -41.53 7.96
N ILE B 168 -30.91 -40.44 7.55
CA ILE B 168 -30.24 -39.45 6.71
C ILE B 168 -29.24 -38.68 7.57
N GLY B 169 -27.94 -38.91 7.42
CA GLY B 169 -27.01 -38.14 8.23
C GLY B 169 -27.33 -38.27 9.70
N ASN B 170 -27.28 -37.17 10.43
CA ASN B 170 -27.67 -37.22 11.82
C ASN B 170 -29.14 -36.92 12.03
N TYR B 171 -29.88 -36.95 10.92
CA TYR B 171 -31.33 -36.78 10.91
C TYR B 171 -32.00 -38.14 11.04
N TYR B 172 -33.08 -38.21 11.82
CA TYR B 172 -33.83 -39.45 11.95
C TYR B 172 -34.98 -39.43 11.00
N THR B 173 -35.11 -40.48 10.22
CA THR B 173 -36.40 -40.86 9.70
C THR B 173 -36.68 -42.09 10.53
N ASP B 174 -37.90 -42.23 11.04
CA ASP B 174 -38.28 -43.47 11.77
C ASP B 174 -37.31 -43.91 12.88
N PHE B 175 -37.81 -43.98 14.11
CA PHE B 175 -36.97 -44.29 15.26
C PHE B 175 -37.74 -45.00 16.40
N LEU B 176 -37.02 -45.42 17.44
CA LEU B 176 -37.66 -45.86 18.67
C LEU B 176 -37.00 -45.18 19.87
N GLU B 177 -37.68 -44.16 20.41
CA GLU B 177 -37.30 -43.43 21.62
C GLU B 177 -37.55 -44.22 22.90
N ILE B 178 -36.48 -44.50 23.67
CA ILE B 178 -36.58 -45.15 25.00
C ILE B 178 -36.19 -44.27 26.19
N ARG B 179 -37.15 -44.03 27.07
CA ARG B 179 -36.90 -43.21 28.24
C ARG B 179 -36.91 -44.01 29.53
N ASP B 180 -36.19 -43.49 30.53
CA ASP B 180 -35.84 -44.21 31.74
C ASP B 180 -36.93 -44.24 32.81
N GLY B 181 -37.80 -43.23 32.82
CA GLY B 181 -38.97 -43.23 33.67
C GLY B 181 -40.27 -43.80 33.11
N GLY B 182 -41.38 -43.13 33.38
CA GLY B 182 -42.68 -43.56 32.89
C GLY B 182 -43.40 -42.40 32.23
N TYR B 183 -42.62 -41.43 31.75
CA TYR B 183 -43.16 -40.20 31.18
C TYR B 183 -42.32 -39.71 29.99
N GLU B 184 -42.93 -38.86 29.18
CA GLU B 184 -42.34 -38.46 27.91
C GLU B 184 -41.10 -37.60 28.02
N LYS B 185 -40.66 -37.30 29.23
CA LYS B 185 -39.50 -36.43 29.39
C LYS B 185 -38.51 -36.99 30.38
N SER B 186 -38.80 -38.19 30.85
CA SER B 186 -37.86 -38.97 31.67
C SER B 186 -36.56 -39.20 30.91
N PRO B 187 -35.44 -39.40 31.63
CA PRO B 187 -34.09 -39.49 31.03
C PRO B 187 -34.07 -40.37 29.80
N LEU B 188 -33.16 -40.09 28.88
CA LEU B 188 -33.16 -40.74 27.59
C LEU B 188 -32.21 -41.92 27.55
N LEU B 189 -32.78 -43.12 27.61
CA LEU B 189 -31.97 -44.32 27.46
C LEU B 189 -31.32 -44.43 26.08
N GLY B 190 -31.99 -43.88 25.07
CA GLY B 190 -31.54 -43.98 23.70
C GLY B 190 -32.66 -43.80 22.69
N ILE B 191 -32.27 -43.36 21.50
CA ILE B 191 -33.15 -43.38 20.34
C ILE B 191 -32.55 -44.39 19.37
N PHE B 192 -33.41 -45.19 18.73
CA PHE B 192 -32.94 -46.31 17.93
C PHE B 192 -33.61 -46.38 16.56
N TYR B 193 -32.79 -46.63 15.53
CA TYR B 193 -33.18 -46.61 14.13
C TYR B 193 -32.42 -47.65 13.31
N GLY B 194 -32.56 -47.57 12.00
CA GLY B 194 -31.83 -48.46 11.12
C GLY B 194 -32.08 -49.94 11.36
N SER B 195 -31.02 -50.74 11.28
CA SER B 195 -31.21 -52.17 11.15
C SER B 195 -30.49 -53.02 12.17
N ASN B 196 -29.72 -52.39 13.07
CA ASN B 196 -29.01 -53.13 14.14
C ASN B 196 -29.81 -53.37 15.41
N LEU B 197 -29.66 -54.55 15.99
CA LEU B 197 -30.33 -54.91 17.25
C LEU B 197 -29.86 -54.08 18.46
N PRO B 198 -30.77 -53.26 19.05
CA PRO B 198 -30.40 -52.49 20.24
C PRO B 198 -29.76 -53.39 21.29
N PRO B 199 -28.89 -52.82 22.11
CA PRO B 199 -28.29 -53.59 23.19
C PRO B 199 -29.40 -54.01 24.14
N THR B 200 -29.09 -54.76 25.18
CA THR B 200 -30.08 -55.00 26.21
C THR B 200 -30.27 -53.71 26.95
N ILE B 201 -31.52 -53.28 27.13
CA ILE B 201 -31.76 -52.06 27.89
C ILE B 201 -32.10 -52.40 29.33
N ILE B 202 -31.57 -51.63 30.28
CA ILE B 202 -31.85 -51.85 31.71
C ILE B 202 -32.29 -50.57 32.39
N SER B 203 -33.34 -50.61 33.20
CA SER B 203 -33.84 -49.37 33.79
C SER B 203 -33.13 -48.99 35.07
N HIS B 204 -33.68 -48.02 35.79
CA HIS B 204 -33.23 -47.68 37.14
C HIS B 204 -34.48 -47.54 37.98
N SER B 205 -35.59 -48.01 37.40
CA SER B 205 -36.90 -47.85 38.00
C SER B 205 -37.75 -49.02 37.55
N ASN B 206 -39.00 -49.04 37.98
CA ASN B 206 -39.91 -50.07 37.53
C ASN B 206 -40.80 -49.53 36.39
N LYS B 207 -40.52 -48.31 35.94
CA LYS B 207 -41.26 -47.74 34.82
C LYS B 207 -40.37 -47.54 33.61
N LEU B 208 -40.92 -47.78 32.43
CA LEU B 208 -40.23 -47.50 31.17
C LEU B 208 -41.22 -46.86 30.22
N TRP B 209 -40.71 -45.96 29.39
CA TRP B 209 -41.56 -45.19 28.51
C TRP B 209 -40.94 -45.20 27.14
N LEU B 210 -41.74 -45.56 26.13
CA LEU B 210 -41.29 -45.79 24.76
C LEU B 210 -42.16 -45.11 23.73
N LYS B 211 -41.53 -44.67 22.64
CA LYS B 211 -42.24 -44.03 21.51
C LYS B 211 -41.61 -44.49 20.20
N PHE B 212 -42.47 -44.89 19.27
CA PHE B 212 -42.06 -45.24 17.92
C PHE B 212 -42.70 -44.28 16.91
N LYS B 213 -41.92 -43.42 16.26
CA LYS B 213 -42.46 -42.48 15.26
C LYS B 213 -42.11 -42.90 13.84
N SER B 214 -43.02 -42.71 12.88
CA SER B 214 -42.68 -42.91 11.48
C SER B 214 -43.09 -41.72 10.57
N ASP B 215 -42.27 -41.40 9.58
CA ASP B 215 -42.51 -40.27 8.69
C ASP B 215 -43.25 -40.58 7.39
N GLN B 216 -43.35 -39.56 6.54
CA GLN B 216 -44.18 -39.55 5.33
C GLN B 216 -43.97 -40.70 4.38
N ILE B 217 -42.76 -41.24 4.29
CA ILE B 217 -42.47 -42.27 3.32
C ILE B 217 -41.61 -43.34 3.93
N ASP B 218 -41.60 -44.53 3.32
CA ASP B 218 -40.65 -45.59 3.64
C ASP B 218 -40.92 -46.39 4.87
N THR B 219 -41.05 -47.68 4.67
CA THR B 219 -41.68 -48.56 5.62
C THR B 219 -40.86 -49.82 5.73
N ARG B 220 -40.89 -50.51 6.87
CA ARG B 220 -40.21 -51.79 7.03
C ARG B 220 -41.03 -52.69 7.92
N SER B 221 -40.42 -53.74 8.46
CA SER B 221 -41.14 -54.70 9.29
C SER B 221 -41.33 -54.20 10.74
N GLY B 222 -40.31 -53.52 11.24
CA GLY B 222 -40.39 -52.95 12.57
C GLY B 222 -39.69 -53.85 13.54
N PHE B 223 -40.20 -53.92 14.77
CA PHE B 223 -39.49 -54.64 15.84
C PHE B 223 -40.41 -55.50 16.72
N SER B 224 -39.75 -56.36 17.49
CA SER B 224 -40.42 -57.15 18.48
C SER B 224 -39.41 -57.36 19.60
N ALA B 225 -39.81 -57.11 20.84
CA ALA B 225 -38.89 -57.31 21.95
C ALA B 225 -39.64 -57.77 23.20
N TYR B 226 -38.90 -58.35 24.15
CA TYR B 226 -39.49 -58.86 25.40
C TYR B 226 -38.70 -58.31 26.59
N TRP B 227 -39.16 -58.63 27.82
CA TRP B 227 -38.60 -58.05 29.05
C TRP B 227 -38.68 -58.90 30.33
N ASP B 228 -37.69 -58.74 31.25
CA ASP B 228 -37.62 -59.42 32.58
C ASP B 228 -37.94 -58.45 33.71
N GLY B 229 -38.94 -58.78 34.52
CA GLY B 229 -39.18 -57.99 35.71
C GLY B 229 -38.56 -58.56 36.99
N SER B 230 -37.23 -58.75 37.00
CA SER B 230 -36.58 -59.44 38.12
C SER B 230 -35.27 -58.80 38.64
N SER B 231 -35.23 -58.57 39.95
CA SER B 231 -34.03 -58.14 40.68
C SER B 231 -34.37 -57.47 42.01
N THR B 232 -35.51 -56.80 42.05
CA THR B 232 -35.92 -56.04 43.22
C THR B 232 -34.96 -54.89 43.44
N GLY B 233 -33.94 -54.79 42.59
CA GLY B 233 -33.00 -53.68 42.63
C GLY B 233 -33.57 -52.37 42.11
N CYS B 234 -32.90 -51.25 42.36
CA CYS B 234 -33.26 -50.02 41.68
C CYS B 234 -32.19 -48.91 41.79
N GLY B 235 -32.06 -48.09 40.75
CA GLY B 235 -30.85 -47.30 40.53
C GLY B 235 -29.88 -48.09 39.64
N GLY B 236 -28.64 -47.61 39.48
CA GLY B 236 -27.68 -48.26 38.61
C GLY B 236 -26.24 -47.74 38.60
N ASN B 237 -25.44 -48.22 37.65
CA ASN B 237 -24.01 -47.92 37.60
C ASN B 237 -23.53 -46.66 36.81
N LEU B 238 -24.48 -45.91 36.20
CA LEU B 238 -24.24 -44.60 35.53
C LEU B 238 -22.85 -44.29 34.97
N THR B 239 -22.66 -44.56 33.70
CA THR B 239 -21.32 -44.60 33.14
C THR B 239 -20.87 -43.43 32.26
N THR B 240 -21.76 -42.51 31.94
CA THR B 240 -21.37 -41.42 31.05
C THR B 240 -20.74 -40.24 31.80
N SER B 241 -19.76 -39.59 31.19
CA SER B 241 -19.08 -38.44 31.79
C SER B 241 -20.04 -37.36 32.19
N SER B 242 -21.30 -37.52 31.81
CA SER B 242 -22.32 -36.55 32.17
C SER B 242 -23.70 -37.09 31.76
N GLY B 243 -24.73 -36.71 32.51
CA GLY B 243 -26.03 -37.35 32.38
C GLY B 243 -27.06 -36.78 33.32
N THR B 244 -28.13 -37.53 33.54
CA THR B 244 -29.30 -37.07 34.31
C THR B 244 -30.02 -38.27 34.92
N PHE B 245 -30.48 -38.18 36.17
CA PHE B 245 -31.28 -39.28 36.73
C PHE B 245 -32.41 -38.86 37.64
N ILE B 246 -33.22 -39.85 38.04
CA ILE B 246 -34.58 -39.64 38.55
C ILE B 246 -34.95 -40.48 39.77
N SER B 247 -35.40 -39.81 40.83
CA SER B 247 -36.09 -40.48 41.91
C SER B 247 -37.34 -41.13 41.36
N PRO B 248 -37.51 -42.43 41.58
CA PRO B 248 -38.66 -43.14 41.00
C PRO B 248 -39.95 -42.31 40.85
N ASN B 249 -40.81 -42.73 39.92
CA ASN B 249 -42.09 -42.10 39.67
C ASN B 249 -42.07 -40.65 39.25
N TYR B 250 -40.98 -39.96 39.55
CA TYR B 250 -40.81 -38.56 39.16
C TYR B 250 -41.34 -38.34 37.76
N PRO B 251 -41.97 -37.18 37.55
CA PRO B 251 -42.21 -36.12 38.53
C PRO B 251 -43.30 -36.49 39.59
N MET B 252 -43.83 -37.70 39.54
CA MET B 252 -44.73 -38.17 40.59
C MET B 252 -43.96 -38.56 41.87
N PRO B 253 -44.58 -38.29 43.04
CA PRO B 253 -44.11 -38.78 44.34
C PRO B 253 -43.65 -40.23 44.25
N TYR B 254 -42.58 -40.53 44.97
CA TYR B 254 -41.88 -41.81 44.90
C TYR B 254 -42.49 -42.94 45.70
N TYR B 255 -41.85 -44.10 45.63
CA TYR B 255 -42.26 -45.26 46.40
C TYR B 255 -41.72 -45.18 47.83
N HIS B 256 -42.32 -45.94 48.75
CA HIS B 256 -41.91 -45.87 50.15
C HIS B 256 -41.00 -47.02 50.59
N SER B 257 -40.30 -46.81 51.70
CA SER B 257 -39.47 -47.85 52.33
C SER B 257 -38.47 -48.49 51.36
N SER B 258 -38.14 -47.76 50.31
CA SER B 258 -37.18 -48.26 49.35
C SER B 258 -35.85 -47.56 49.54
N GLU B 259 -34.78 -48.26 49.18
CA GLU B 259 -33.45 -47.73 49.26
C GLU B 259 -32.83 -47.85 47.87
N CYS B 260 -32.76 -46.72 47.18
CA CYS B 260 -32.20 -46.70 45.83
C CYS B 260 -30.74 -46.27 45.84
N TYR B 261 -29.99 -46.69 44.83
CA TYR B 261 -28.55 -46.51 44.82
C TYR B 261 -28.03 -46.19 43.41
N TRP B 262 -27.06 -45.29 43.32
CA TRP B 262 -26.46 -44.93 42.03
C TRP B 262 -24.97 -44.61 42.17
N TRP B 263 -24.16 -45.22 41.31
CA TRP B 263 -22.72 -45.03 41.36
C TRP B 263 -22.22 -44.34 40.10
N LEU B 264 -21.74 -43.11 40.24
CA LEU B 264 -21.14 -42.40 39.11
C LEU B 264 -19.68 -42.72 38.96
N LYS B 265 -19.32 -43.40 37.88
CA LYS B 265 -17.93 -43.44 37.48
C LYS B 265 -17.84 -43.58 35.98
N SER B 266 -17.05 -42.69 35.36
CA SER B 266 -16.75 -42.78 33.94
C SER B 266 -15.28 -42.46 33.71
N SER B 267 -14.97 -41.20 33.45
CA SER B 267 -13.62 -40.86 33.01
C SER B 267 -12.61 -40.83 34.10
N HIS B 268 -11.52 -41.54 33.85
CA HIS B 268 -10.49 -41.74 34.85
C HIS B 268 -9.82 -40.43 35.22
N GLY B 269 -9.78 -40.18 36.53
CA GLY B 269 -8.98 -39.11 37.05
C GLY B 269 -9.68 -37.78 37.13
N SER B 270 -10.96 -37.73 36.80
CA SER B 270 -11.66 -36.44 36.81
C SER B 270 -12.90 -36.56 37.68
N ALA B 271 -13.08 -35.60 38.59
CA ALA B 271 -14.15 -35.66 39.61
C ALA B 271 -15.53 -35.31 39.05
N PHE B 272 -16.56 -35.94 39.58
CA PHE B 272 -17.91 -35.59 39.19
C PHE B 272 -18.42 -34.37 39.96
N GLU B 273 -19.51 -33.76 39.50
CA GLU B 273 -20.18 -32.75 40.29
C GLU B 273 -21.69 -32.79 40.06
N LEU B 274 -22.45 -32.68 41.13
CA LEU B 274 -23.93 -32.79 41.11
C LEU B 274 -24.66 -31.45 41.01
N GLU B 275 -25.98 -31.52 40.86
CA GLU B 275 -26.81 -30.33 40.79
C GLU B 275 -28.22 -30.85 40.61
N PHE B 276 -29.22 -30.06 41.04
CA PHE B 276 -30.62 -30.49 40.92
C PHE B 276 -31.50 -29.42 40.29
N LYS B 277 -32.23 -29.80 39.27
CA LYS B 277 -33.18 -28.88 38.71
C LYS B 277 -34.43 -28.86 39.58
N ASP B 278 -34.38 -29.55 40.72
CA ASP B 278 -35.59 -29.80 41.48
C ASP B 278 -35.41 -30.75 42.69
N PHE B 279 -35.58 -30.23 43.92
CA PHE B 279 -35.53 -31.08 45.11
C PHE B 279 -36.72 -30.95 46.06
N HIS B 280 -37.19 -32.09 46.57
CA HIS B 280 -38.29 -32.14 47.52
C HIS B 280 -38.45 -33.49 48.22
N LEU B 281 -38.41 -33.44 49.56
CA LEU B 281 -38.51 -34.61 50.42
C LEU B 281 -39.01 -34.17 51.80
N GLU B 282 -39.16 -35.12 52.71
CA GLU B 282 -39.63 -34.83 54.06
C GLU B 282 -38.65 -33.94 54.80
N HIS B 283 -39.13 -32.74 55.14
CA HIS B 283 -38.36 -31.84 55.98
C HIS B 283 -38.12 -32.53 57.32
N HIS B 284 -36.93 -32.35 57.89
CA HIS B 284 -36.64 -32.95 59.18
C HIS B 284 -35.50 -32.27 59.89
N PRO B 285 -35.76 -31.76 61.11
CA PRO B 285 -34.63 -31.34 61.90
C PRO B 285 -33.65 -32.51 61.95
N ASN B 286 -32.36 -32.25 61.78
CA ASN B 286 -31.36 -33.30 61.88
C ASN B 286 -31.41 -34.32 60.75
N CYS B 287 -32.50 -34.32 59.96
CA CYS B 287 -32.59 -35.15 58.75
C CYS B 287 -32.49 -36.65 59.01
N THR B 288 -33.39 -37.45 58.44
CA THR B 288 -33.32 -38.91 58.64
C THR B 288 -34.57 -39.74 58.28
N LEU B 289 -35.68 -39.07 57.99
CA LEU B 289 -36.88 -39.80 57.59
C LEU B 289 -36.65 -40.40 56.21
N ASP B 290 -36.77 -39.55 55.19
CA ASP B 290 -36.38 -39.89 53.82
C ASP B 290 -35.30 -38.89 53.44
N TYR B 291 -34.17 -39.40 52.98
CA TYR B 291 -32.97 -38.59 52.83
C TYR B 291 -32.17 -39.03 51.62
N LEU B 292 -31.19 -38.22 51.23
CA LEU B 292 -30.33 -38.54 50.10
C LEU B 292 -28.87 -38.29 50.46
N ALA B 293 -28.10 -39.36 50.59
CA ALA B 293 -26.69 -39.26 50.96
C ALA B 293 -25.77 -39.37 49.75
N VAL B 294 -24.91 -38.37 49.58
CA VAL B 294 -23.85 -38.46 48.59
C VAL B 294 -22.56 -38.94 49.28
N TYR B 295 -21.62 -39.48 48.52
CA TYR B 295 -20.44 -40.11 49.11
C TYR B 295 -19.21 -39.96 48.23
N ASP B 296 -18.26 -39.16 48.65
CA ASP B 296 -16.99 -39.04 47.93
C ASP B 296 -16.25 -40.38 47.83
N GLY B 297 -16.62 -41.18 46.84
CA GLY B 297 -15.99 -42.49 46.67
C GLY B 297 -16.98 -43.53 46.20
N PRO B 298 -16.46 -44.69 45.79
CA PRO B 298 -17.23 -45.80 45.20
C PRO B 298 -18.24 -46.53 46.10
N SER B 299 -18.15 -46.40 47.42
CA SER B 299 -19.07 -47.13 48.30
C SER B 299 -19.41 -46.30 49.53
N SER B 300 -20.41 -46.75 50.28
CA SER B 300 -20.80 -46.07 51.51
C SER B 300 -19.66 -45.90 52.53
N ASN B 301 -18.71 -46.82 52.52
CA ASN B 301 -17.56 -46.75 53.40
C ASN B 301 -16.83 -45.42 53.28
N SER B 302 -16.85 -44.85 52.08
CA SER B 302 -16.16 -43.60 51.79
C SER B 302 -16.72 -42.41 52.56
N HIS B 303 -15.98 -41.32 52.56
CA HIS B 303 -16.33 -40.15 53.34
C HIS B 303 -17.66 -39.53 52.92
N LEU B 304 -18.65 -39.53 53.81
CA LEU B 304 -19.95 -38.94 53.50
C LEU B 304 -19.92 -37.43 53.33
N LEU B 305 -20.12 -36.95 52.09
CA LEU B 305 -20.10 -35.53 51.78
C LEU B 305 -21.34 -34.81 52.27
N THR B 306 -22.50 -35.44 52.17
CA THR B 306 -23.73 -34.82 52.64
C THR B 306 -24.85 -35.81 52.80
N GLN B 307 -25.79 -35.47 53.67
CA GLN B 307 -27.08 -36.13 53.69
C GLN B 307 -28.15 -35.04 53.58
N LEU B 308 -29.12 -35.27 52.72
CA LEU B 308 -30.09 -34.24 52.36
C LEU B 308 -31.53 -34.72 52.54
N CYS B 309 -32.37 -33.80 52.99
CA CYS B 309 -33.81 -34.06 53.06
C CYS B 309 -34.52 -32.72 53.03
N GLY B 310 -35.85 -32.77 52.97
CA GLY B 310 -36.63 -31.57 52.94
C GLY B 310 -36.86 -30.99 51.56
N ASP B 311 -37.23 -29.73 51.55
CA ASP B 311 -37.76 -29.08 50.36
C ASP B 311 -36.79 -28.10 49.71
N GLU B 312 -35.64 -27.87 50.33
CA GLU B 312 -34.72 -26.86 49.80
C GLU B 312 -33.77 -27.40 48.74
N LYS B 313 -33.41 -26.56 47.79
CA LYS B 313 -32.54 -26.97 46.66
C LYS B 313 -31.03 -26.79 46.90
N PRO B 314 -30.30 -27.90 47.01
CA PRO B 314 -28.87 -27.99 47.30
C PRO B 314 -27.96 -27.13 46.43
N PRO B 315 -26.74 -26.91 46.92
CA PRO B 315 -25.59 -26.28 46.25
C PRO B 315 -24.83 -27.38 45.54
N LEU B 316 -24.26 -27.09 44.37
CA LEU B 316 -23.68 -28.19 43.61
C LEU B 316 -22.71 -28.94 44.52
N ILE B 317 -22.45 -30.20 44.21
CA ILE B 317 -21.71 -31.06 45.12
C ILE B 317 -20.50 -31.65 44.43
N ARG B 318 -19.38 -30.95 44.45
CA ARG B 318 -18.23 -31.49 43.77
C ARG B 318 -17.56 -32.63 44.53
N SER B 319 -17.70 -33.86 44.04
CA SER B 319 -16.91 -34.97 44.52
C SER B 319 -15.46 -34.52 44.45
N SER B 320 -14.59 -35.17 45.22
CA SER B 320 -13.15 -34.85 45.17
C SER B 320 -12.36 -35.93 44.44
N GLY B 321 -13.03 -36.99 44.02
CA GLY B 321 -12.35 -38.07 43.33
C GLY B 321 -13.05 -38.62 42.09
N ASP B 322 -12.37 -39.58 41.47
CA ASP B 322 -12.87 -40.36 40.35
C ASP B 322 -14.34 -40.76 40.44
N SER B 323 -14.67 -41.56 41.44
CA SER B 323 -16.03 -42.07 41.62
C SER B 323 -16.92 -41.17 42.48
N MET B 324 -18.21 -41.44 42.47
CA MET B 324 -19.11 -40.76 43.39
C MET B 324 -20.30 -41.69 43.56
N PHE B 325 -20.60 -42.03 44.82
CA PHE B 325 -21.70 -42.92 45.16
C PHE B 325 -22.89 -42.10 45.70
N ILE B 326 -24.11 -42.58 45.50
CA ILE B 326 -25.29 -41.87 46.00
C ILE B 326 -26.38 -42.82 46.41
N LYS B 327 -26.82 -42.71 47.66
CA LYS B 327 -27.84 -43.61 48.17
C LYS B 327 -28.97 -42.78 48.71
N LEU B 328 -30.19 -43.25 48.49
CA LEU B 328 -31.34 -42.57 49.04
C LEU B 328 -32.30 -43.61 49.61
N ARG B 329 -32.86 -43.30 50.79
CA ARG B 329 -33.77 -44.18 51.50
C ARG B 329 -35.02 -43.43 51.97
N THR B 330 -36.14 -44.14 51.93
CA THR B 330 -37.44 -43.60 52.30
C THR B 330 -38.10 -44.47 53.37
N ASP B 331 -38.65 -43.83 54.39
CA ASP B 331 -39.48 -44.56 55.31
C ASP B 331 -40.90 -44.67 54.77
N GLU B 332 -41.55 -45.76 55.17
CA GLU B 332 -42.95 -46.00 54.89
C GLU B 332 -43.63 -44.70 55.23
N GLY B 333 -44.62 -44.30 54.45
CA GLY B 333 -45.37 -43.11 54.77
C GLY B 333 -44.61 -41.79 54.60
N GLN B 334 -45.33 -40.82 54.04
CA GLN B 334 -44.77 -39.59 53.49
C GLN B 334 -43.82 -39.81 52.32
N GLN B 335 -44.10 -39.06 51.26
CA GLN B 335 -43.38 -39.11 49.99
C GLN B 335 -43.48 -37.74 49.29
N GLY B 336 -42.34 -37.12 49.00
CA GLY B 336 -42.28 -35.87 48.25
C GLY B 336 -42.26 -36.16 46.75
N ARG B 337 -42.28 -35.12 45.90
CA ARG B 337 -42.32 -35.38 44.46
C ARG B 337 -41.05 -36.10 44.01
N GLY B 338 -39.91 -35.67 44.52
CA GLY B 338 -38.64 -36.32 44.21
C GLY B 338 -37.60 -35.35 43.67
N PHE B 339 -36.60 -35.88 42.99
CA PHE B 339 -35.56 -35.02 42.44
C PHE B 339 -35.21 -35.34 41.00
N LYS B 340 -34.48 -34.42 40.38
CA LYS B 340 -33.95 -34.58 39.04
C LYS B 340 -32.52 -34.04 39.08
N ALA B 341 -31.55 -34.82 38.61
CA ALA B 341 -30.17 -34.45 38.86
C ALA B 341 -29.31 -34.35 37.61
N GLU B 342 -28.96 -33.13 37.22
CA GLU B 342 -27.97 -32.95 36.19
C GLU B 342 -26.69 -33.25 36.93
N TYR B 343 -25.76 -33.96 36.30
CA TYR B 343 -24.43 -34.17 36.87
C TYR B 343 -23.37 -34.14 35.78
N ARG B 344 -22.37 -33.32 35.97
CA ARG B 344 -21.37 -33.15 34.96
C ARG B 344 -20.15 -33.69 35.58
N GLN B 345 -19.14 -34.01 34.79
CA GLN B 345 -17.83 -34.42 35.31
C GLN B 345 -16.79 -33.31 35.13
N THR B 346 -16.10 -32.87 36.19
CA THR B 346 -15.19 -31.71 36.07
C THR B 346 -13.78 -32.10 35.81
N CYS B 347 -12.96 -31.09 35.58
CA CYS B 347 -11.54 -31.30 35.54
C CYS B 347 -10.80 -30.04 35.97
N GLU B 348 -11.51 -29.03 36.44
CA GLU B 348 -10.75 -27.86 36.83
C GLU B 348 -10.28 -27.92 38.28
N ASN B 349 -8.97 -28.05 38.42
CA ASN B 349 -8.32 -27.94 39.71
C ASN B 349 -8.50 -29.16 40.58
N VAL B 350 -8.50 -30.35 39.99
CA VAL B 350 -8.55 -31.58 40.78
C VAL B 350 -7.21 -32.06 41.28
N VAL B 351 -7.29 -32.89 42.31
CA VAL B 351 -6.15 -33.42 43.04
C VAL B 351 -6.38 -34.87 43.45
N ILE B 352 -5.50 -35.76 42.98
CA ILE B 352 -5.47 -37.10 43.49
C ILE B 352 -4.57 -37.03 44.73
N VAL B 353 -5.18 -37.12 45.92
CA VAL B 353 -4.43 -36.95 47.16
C VAL B 353 -3.56 -38.16 47.44
N ASN B 354 -4.11 -39.33 47.20
CA ASN B 354 -3.35 -40.54 47.44
C ASN B 354 -3.86 -41.72 46.65
N GLN B 355 -2.94 -42.31 45.91
CA GLN B 355 -3.25 -43.45 45.08
C GLN B 355 -1.92 -44.00 44.64
N THR B 356 -1.78 -45.30 44.83
CA THR B 356 -0.65 -46.04 44.36
C THR B 356 -0.47 -45.84 42.85
N TYR B 357 -1.53 -46.09 42.10
CA TYR B 357 -1.50 -46.00 40.64
C TYR B 357 -2.79 -45.40 40.08
N GLY B 358 -2.85 -45.24 38.77
CA GLY B 358 -4.10 -44.86 38.12
C GLY B 358 -3.99 -44.44 36.67
N ILE B 359 -5.12 -43.97 36.14
CA ILE B 359 -5.18 -43.48 34.76
C ILE B 359 -5.64 -42.03 34.67
N LEU B 360 -5.09 -41.31 33.70
CA LEU B 360 -5.55 -39.98 33.36
C LEU B 360 -6.08 -39.88 31.92
N GLU B 361 -7.38 -39.65 31.76
CA GLU B 361 -7.95 -39.54 30.41
C GLU B 361 -8.77 -38.27 30.28
N SER B 362 -8.60 -37.61 29.14
CA SER B 362 -9.37 -36.40 28.83
C SER B 362 -10.88 -36.71 28.81
N ILE B 363 -11.68 -35.98 29.59
CA ILE B 363 -13.05 -36.38 29.92
C ILE B 363 -13.78 -37.27 28.91
N GLY B 364 -14.05 -36.80 27.71
CA GLY B 364 -14.85 -37.66 26.85
C GLY B 364 -14.28 -39.07 26.67
N TYR B 365 -12.94 -39.15 26.69
CA TYR B 365 -12.17 -40.21 26.00
C TYR B 365 -12.72 -41.61 26.06
N PRO B 366 -12.73 -42.30 24.89
CA PRO B 366 -12.13 -41.84 23.64
C PRO B 366 -12.95 -40.90 22.80
N ASN B 367 -14.05 -40.34 23.31
CA ASN B 367 -14.71 -39.29 22.55
C ASN B 367 -13.83 -38.04 22.43
N PRO B 368 -13.85 -37.40 21.27
CA PRO B 368 -13.02 -36.22 20.97
C PRO B 368 -13.26 -35.10 21.98
N TYR B 369 -12.22 -34.35 22.30
CA TYR B 369 -12.26 -33.58 23.54
C TYR B 369 -13.02 -32.25 23.46
N SER B 370 -13.71 -31.90 24.54
CA SER B 370 -14.55 -30.73 24.53
C SER B 370 -13.76 -29.47 24.25
N GLU B 371 -14.36 -28.57 23.50
CA GLU B 371 -13.78 -27.26 23.23
C GLU B 371 -13.73 -26.40 24.48
N ASN B 372 -12.67 -25.61 24.58
CA ASN B 372 -12.60 -24.52 25.55
C ASN B 372 -12.33 -24.90 27.00
N GLN B 373 -11.41 -25.84 27.18
CA GLN B 373 -11.06 -26.38 28.49
C GLN B 373 -9.77 -25.80 29.07
N HIS B 374 -9.84 -25.44 30.35
CA HIS B 374 -8.64 -25.16 31.13
C HIS B 374 -8.54 -26.28 32.13
N CYS B 375 -7.88 -27.35 31.75
CA CYS B 375 -7.83 -28.54 32.58
C CYS B 375 -6.58 -28.61 33.42
N ASN B 376 -6.75 -28.93 34.71
CA ASN B 376 -5.65 -28.94 35.67
C ASN B 376 -5.75 -30.05 36.67
N TRP B 377 -5.14 -31.19 36.38
CA TRP B 377 -5.05 -32.24 37.38
C TRP B 377 -3.71 -32.17 38.10
N THR B 378 -3.66 -32.72 39.31
CA THR B 378 -2.46 -32.71 40.12
C THR B 378 -2.45 -33.96 40.97
N ILE B 379 -1.51 -34.86 40.69
CA ILE B 379 -1.35 -36.10 41.47
C ILE B 379 -0.29 -35.91 42.55
N ARG B 380 -0.62 -36.21 43.81
CA ARG B 380 0.37 -36.02 44.85
C ARG B 380 0.91 -37.30 45.48
N ALA B 381 2.23 -37.44 45.41
CA ALA B 381 2.95 -38.56 45.98
C ALA B 381 3.29 -38.33 47.46
N THR B 382 2.72 -39.16 48.31
CA THR B 382 2.92 -39.08 49.74
C THR B 382 4.39 -38.94 50.11
N THR B 383 4.66 -38.22 51.18
CA THR B 383 6.00 -38.19 51.80
C THR B 383 7.07 -37.58 50.91
N GLY B 384 8.12 -38.35 50.68
CA GLY B 384 9.22 -37.95 49.83
C GLY B 384 9.40 -38.85 48.62
N ASN B 385 8.28 -39.27 48.03
CA ASN B 385 8.29 -40.07 46.80
C ASN B 385 8.24 -39.22 45.51
N THR B 386 7.97 -39.90 44.39
CA THR B 386 7.81 -39.26 43.08
C THR B 386 6.68 -39.89 42.26
N VAL B 387 6.64 -39.61 40.96
CA VAL B 387 5.61 -40.13 40.04
C VAL B 387 6.23 -40.47 38.68
N ASN B 388 6.21 -41.73 38.24
CA ASN B 388 6.64 -42.06 36.88
C ASN B 388 5.48 -41.78 35.87
N TYR B 389 5.76 -41.40 34.61
CA TYR B 389 4.77 -41.31 33.53
C TYR B 389 4.89 -42.42 32.57
N THR B 390 3.84 -42.59 31.79
CA THR B 390 3.92 -43.32 30.53
C THR B 390 2.64 -42.95 29.81
N PHE B 391 2.72 -42.73 28.50
CA PHE B 391 1.51 -42.44 27.75
C PHE B 391 0.98 -43.62 26.98
N LEU B 392 -0.31 -43.57 26.69
CA LEU B 392 -0.95 -44.70 26.04
C LEU B 392 -1.70 -44.30 24.77
N ALA B 393 -2.25 -43.10 24.77
CA ALA B 393 -2.88 -42.59 23.58
C ALA B 393 -2.64 -41.11 23.59
N PHE B 394 -2.43 -40.57 22.40
CA PHE B 394 -2.24 -39.15 22.26
C PHE B 394 -2.72 -38.75 20.88
N ASP B 395 -3.46 -37.65 20.81
CA ASP B 395 -4.10 -37.22 19.59
C ASP B 395 -4.70 -35.86 19.80
N LEU B 396 -3.86 -34.82 19.73
CA LEU B 396 -4.31 -33.41 19.80
C LEU B 396 -4.19 -32.73 18.44
N GLU B 397 -4.73 -31.51 18.31
CA GLU B 397 -4.53 -30.72 17.10
C GLU B 397 -3.02 -30.53 16.84
N HIS B 398 -2.65 -29.77 15.82
CA HIS B 398 -1.23 -29.75 15.48
C HIS B 398 -0.49 -28.41 15.46
N HIS B 399 0.74 -28.46 15.96
CA HIS B 399 1.72 -27.37 15.92
C HIS B 399 1.20 -25.95 16.10
N ILE B 400 1.77 -25.05 15.30
CA ILE B 400 1.86 -23.63 15.62
C ILE B 400 2.57 -23.47 16.95
N ASN B 401 3.69 -24.18 17.12
CA ASN B 401 4.43 -24.16 18.37
C ASN B 401 3.51 -24.55 19.51
N CYS B 402 2.71 -25.58 19.26
CA CYS B 402 1.70 -26.06 20.21
C CYS B 402 0.96 -24.90 20.88
N SER B 403 0.49 -23.97 20.06
CA SER B 403 -0.24 -22.79 20.54
C SER B 403 -1.72 -22.86 20.20
N THR B 404 -2.13 -23.84 19.40
CA THR B 404 -3.55 -24.06 19.17
C THR B 404 -4.22 -24.79 20.38
N ASP B 405 -4.08 -26.12 20.39
CA ASP B 405 -4.42 -26.99 21.51
C ASP B 405 -3.17 -27.61 22.07
N TYR B 406 -3.11 -27.78 23.39
CA TYR B 406 -1.97 -28.50 23.96
C TYR B 406 -2.15 -29.11 25.34
N LEU B 407 -1.09 -29.78 25.78
CA LEU B 407 -1.02 -30.38 27.11
C LEU B 407 0.38 -30.14 27.74
N GLU B 408 0.43 -29.63 28.99
CA GLU B 408 1.69 -29.39 29.67
C GLU B 408 1.89 -30.36 30.83
N LEU B 409 3.16 -30.59 31.20
CA LEU B 409 3.50 -31.40 32.38
C LEU B 409 4.38 -30.63 33.36
N TYR B 410 4.20 -30.88 34.65
CA TYR B 410 4.93 -30.15 35.68
C TYR B 410 5.49 -31.02 36.78
N ASP B 411 6.72 -30.69 37.17
CA ASP B 411 7.36 -31.27 38.33
C ASP B 411 7.31 -30.21 39.41
N GLY B 412 6.28 -30.24 40.24
CA GLY B 412 6.07 -29.11 41.13
C GLY B 412 5.91 -27.86 40.29
N PRO B 413 6.81 -26.88 40.48
CA PRO B 413 6.81 -25.61 39.73
C PRO B 413 7.44 -25.72 38.35
N ARG B 414 8.34 -26.68 38.14
CA ARG B 414 9.10 -26.72 36.89
C ARG B 414 8.36 -27.41 35.75
N GLN B 415 8.35 -26.79 34.58
CA GLN B 415 7.74 -27.40 33.40
C GLN B 415 8.66 -28.38 32.69
N MET B 416 8.16 -29.58 32.45
CA MET B 416 8.91 -30.58 31.73
C MET B 416 8.57 -30.62 30.26
N GLY B 417 7.52 -29.91 29.85
CA GLY B 417 7.23 -29.84 28.43
C GLY B 417 5.84 -29.46 28.01
N ARG B 418 5.70 -29.18 26.71
CA ARG B 418 4.43 -28.78 26.12
C ARG B 418 4.25 -29.55 24.84
N TYR B 419 3.13 -30.26 24.75
CA TYR B 419 2.93 -31.31 23.75
C TYR B 419 1.64 -31.18 22.90
N CYS B 420 1.68 -31.80 21.71
CA CYS B 420 0.54 -31.87 20.81
C CYS B 420 0.85 -32.81 19.66
N GLY B 421 0.02 -32.74 18.63
CA GLY B 421 0.21 -33.61 17.49
C GLY B 421 -0.40 -34.94 17.79
N VAL B 422 -0.04 -35.94 17.00
CA VAL B 422 -0.47 -37.29 17.30
C VAL B 422 0.72 -38.09 17.80
N ASP B 423 1.79 -37.37 18.11
CA ASP B 423 2.97 -37.98 18.69
C ASP B 423 2.84 -38.29 20.17
N LEU B 424 3.07 -39.55 20.51
CA LEU B 424 3.09 -40.02 21.89
C LEU B 424 4.35 -39.52 22.64
N PRO B 425 4.16 -38.75 23.71
CA PRO B 425 5.24 -38.23 24.55
C PRO B 425 5.98 -39.33 25.31
N PRO B 426 7.22 -39.06 25.73
CA PRO B 426 8.11 -39.97 26.46
C PRO B 426 7.61 -40.39 27.83
N PRO B 427 8.04 -41.56 28.33
CA PRO B 427 7.95 -41.78 29.78
C PRO B 427 8.65 -40.63 30.54
N GLY B 428 8.64 -40.66 31.88
CA GLY B 428 9.31 -39.64 32.68
C GLY B 428 9.15 -39.81 34.17
N SER B 429 9.72 -38.88 34.94
CA SER B 429 9.55 -38.92 36.39
C SER B 429 9.75 -37.57 37.06
N THR B 430 8.91 -37.29 38.03
CA THR B 430 9.06 -36.09 38.82
C THR B 430 10.18 -36.30 39.82
N THR B 431 10.98 -35.26 40.03
CA THR B 431 11.92 -35.24 41.13
C THR B 431 11.18 -34.74 42.37
N SER B 432 9.90 -34.39 42.18
CA SER B 432 9.08 -33.87 43.26
C SER B 432 7.99 -34.86 43.66
N SER B 433 7.15 -34.45 44.62
CA SER B 433 5.97 -35.21 44.96
C SER B 433 4.75 -34.59 44.31
N LYS B 434 4.92 -33.40 43.75
CA LYS B 434 3.84 -32.77 43.01
C LYS B 434 3.98 -33.07 41.53
N LEU B 435 2.86 -33.34 40.89
CA LEU B 435 2.84 -33.59 39.45
C LEU B 435 1.55 -33.03 38.80
N GLN B 436 1.67 -31.87 38.14
CA GLN B 436 0.54 -31.18 37.52
C GLN B 436 0.42 -31.52 36.04
N VAL B 437 -0.79 -31.81 35.58
CA VAL B 437 -1.08 -31.91 34.15
C VAL B 437 -2.05 -30.81 33.65
N LEU B 438 -1.64 -30.04 32.65
CA LEU B 438 -2.48 -29.00 32.05
C LEU B 438 -2.84 -29.34 30.62
N LEU B 439 -4.12 -29.33 30.31
CA LEU B 439 -4.55 -29.53 28.94
C LEU B 439 -5.40 -28.35 28.53
N LEU B 440 -4.86 -27.48 27.69
CA LEU B 440 -5.62 -26.36 27.19
C LEU B 440 -6.15 -26.62 25.77
N THR B 441 -7.46 -26.47 25.61
CA THR B 441 -8.09 -26.74 24.33
C THR B 441 -8.88 -25.52 23.87
N ASP B 442 -8.92 -25.31 22.57
CA ASP B 442 -9.58 -24.16 21.99
C ASP B 442 -10.93 -24.56 21.44
N GLY B 443 -11.53 -23.66 20.66
CA GLY B 443 -12.92 -23.83 20.23
C GLY B 443 -13.27 -24.50 18.90
N VAL B 444 -12.37 -25.30 18.31
CA VAL B 444 -12.72 -25.96 17.04
C VAL B 444 -12.08 -27.35 17.00
N GLY B 445 -12.49 -28.23 16.07
CA GLY B 445 -11.80 -29.50 15.88
C GLY B 445 -12.28 -30.48 14.80
N ARG B 446 -11.37 -31.27 14.24
CA ARG B 446 -11.73 -32.42 13.40
C ARG B 446 -12.19 -33.54 14.32
N ARG B 447 -12.12 -33.26 15.60
CA ARG B 447 -12.57 -34.20 16.61
C ARG B 447 -11.50 -35.22 16.84
N GLU B 448 -10.37 -34.70 17.31
CA GLU B 448 -9.27 -35.50 17.77
C GLU B 448 -9.57 -35.97 19.20
N LYS B 449 -9.12 -37.19 19.48
CA LYS B 449 -9.65 -38.04 20.53
C LYS B 449 -9.34 -37.56 21.92
N GLY B 450 -8.11 -37.14 22.16
CA GLY B 450 -7.72 -36.73 23.49
C GLY B 450 -6.41 -37.37 23.86
N PHE B 451 -6.32 -37.85 25.09
CA PHE B 451 -5.14 -38.55 25.53
C PHE B 451 -5.50 -39.52 26.67
N GLN B 452 -4.55 -40.41 26.99
CA GLN B 452 -4.67 -41.35 28.10
C GLN B 452 -3.27 -41.63 28.62
N MET B 453 -3.09 -41.64 29.95
CA MET B 453 -1.77 -41.97 30.53
C MET B 453 -1.75 -42.58 31.95
N GLN B 454 -0.68 -43.33 32.24
CA GLN B 454 -0.50 -44.11 33.48
C GLN B 454 0.21 -43.35 34.61
N TRP B 455 0.05 -43.77 35.86
CA TRP B 455 0.89 -43.16 36.88
C TRP B 455 1.33 -44.03 38.06
N PHE B 456 2.44 -43.65 38.72
CA PHE B 456 3.14 -44.43 39.76
C PHE B 456 3.39 -43.63 41.01
N VAL B 457 4.26 -44.16 41.87
CA VAL B 457 4.68 -43.46 43.07
C VAL B 457 5.99 -44.04 43.62
N SER C 1 9.31 16.73 -38.27
CA SER C 1 10.44 15.83 -38.47
C SER C 1 9.92 14.57 -39.14
N CYS C 2 9.20 13.82 -38.33
CA CYS C 2 8.50 12.65 -38.76
C CYS C 2 7.37 12.55 -37.78
N SER C 3 6.97 13.71 -37.27
CA SER C 3 5.75 13.83 -36.49
C SER C 3 4.63 13.23 -37.31
N VAL C 4 3.71 12.55 -36.65
CA VAL C 4 2.63 11.86 -37.34
C VAL C 4 1.68 12.83 -38.08
N PRO C 5 1.54 12.62 -39.40
CA PRO C 5 0.52 13.29 -40.20
C PRO C 5 -0.77 13.43 -39.41
N SER C 6 -1.27 14.65 -39.25
CA SER C 6 -2.52 14.88 -38.55
C SER C 6 -3.67 14.08 -39.16
N ALA C 7 -3.52 13.81 -40.46
CA ALA C 7 -4.44 12.94 -41.19
C ALA C 7 -4.54 11.60 -40.48
N GLN C 8 -3.39 11.09 -40.06
CA GLN C 8 -3.26 9.76 -39.45
C GLN C 8 -3.46 9.72 -37.92
N GLU C 9 -3.53 10.87 -37.27
CA GLU C 9 -3.70 10.90 -35.83
C GLU C 9 -4.87 10.04 -35.27
N PRO C 10 -6.04 10.05 -35.92
CA PRO C 10 -7.12 9.19 -35.39
C PRO C 10 -6.66 7.77 -35.15
N LEU C 11 -5.85 7.29 -36.09
CA LEU C 11 -5.27 5.96 -36.09
C LEU C 11 -4.48 5.69 -34.82
N VAL C 12 -3.86 6.76 -34.30
CA VAL C 12 -3.08 6.73 -33.05
C VAL C 12 -3.97 6.73 -31.81
N ASN C 13 -4.77 7.77 -31.60
CA ASN C 13 -5.66 7.81 -30.44
C ASN C 13 -6.49 6.55 -30.38
N GLY C 14 -6.54 5.85 -31.51
CA GLY C 14 -7.14 4.54 -31.55
C GLY C 14 -6.55 3.67 -30.45
N ILE C 15 -5.38 3.12 -30.74
CA ILE C 15 -4.65 2.25 -29.82
C ILE C 15 -4.49 2.82 -28.42
N GLN C 16 -4.40 4.14 -28.30
CA GLN C 16 -4.21 4.76 -27.01
C GLN C 16 -5.32 4.30 -26.10
N VAL C 17 -6.51 4.24 -26.65
CA VAL C 17 -7.70 3.82 -25.90
C VAL C 17 -7.70 2.32 -25.76
N LEU C 18 -7.54 1.64 -26.88
CA LEU C 18 -7.44 0.20 -26.88
C LEU C 18 -6.44 -0.30 -25.82
N MET C 19 -5.40 0.48 -25.53
CA MET C 19 -4.47 0.18 -24.43
C MET C 19 -5.10 0.51 -23.08
N GLU C 20 -5.61 1.73 -22.92
CA GLU C 20 -6.17 2.10 -21.63
C GLU C 20 -7.30 1.19 -21.22
N ASN C 21 -7.96 0.59 -22.20
CA ASN C 21 -9.05 -0.26 -21.84
C ASN C 21 -8.61 -1.57 -21.23
N SER C 22 -7.33 -1.90 -21.39
CA SER C 22 -6.83 -3.17 -20.88
C SER C 22 -6.66 -3.17 -19.36
N VAL C 23 -6.70 -1.97 -18.77
CA VAL C 23 -6.55 -1.79 -17.32
C VAL C 23 -7.80 -2.09 -16.46
N THR C 24 -7.78 -3.20 -15.76
CA THR C 24 -8.96 -3.57 -15.01
C THR C 24 -8.44 -4.02 -13.69
N SER C 25 -9.33 -4.48 -12.81
CA SER C 25 -8.90 -4.79 -11.46
C SER C 25 -8.16 -6.11 -11.35
N SER C 26 -8.34 -6.95 -12.35
CA SER C 26 -7.68 -8.25 -12.38
C SER C 26 -6.61 -8.28 -13.47
N ALA C 27 -6.51 -7.21 -14.24
CA ALA C 27 -5.41 -7.12 -15.17
C ALA C 27 -4.13 -7.14 -14.32
N TYR C 28 -3.02 -7.62 -14.90
CA TYR C 28 -1.68 -7.54 -14.31
C TYR C 28 -1.18 -6.11 -14.48
N PRO C 29 -0.79 -5.42 -13.38
CA PRO C 29 -0.47 -3.99 -13.48
C PRO C 29 0.80 -3.71 -14.31
N ASN C 30 0.68 -2.97 -15.39
CA ASN C 30 1.77 -2.92 -16.32
C ASN C 30 2.37 -1.55 -16.39
N PRO C 31 3.44 -1.30 -15.59
CA PRO C 31 4.07 0.03 -15.52
C PRO C 31 4.26 0.67 -16.89
N SER C 32 4.76 -0.12 -17.85
CA SER C 32 5.08 0.32 -19.19
C SER C 32 3.91 1.11 -19.81
N ILE C 33 2.71 0.68 -19.42
CA ILE C 33 1.47 1.30 -19.85
C ILE C 33 1.20 2.63 -19.16
N LEU C 34 1.25 2.64 -17.83
CA LEU C 34 1.01 3.87 -17.12
C LEU C 34 1.97 4.96 -17.57
N ILE C 35 3.19 4.57 -17.88
CA ILE C 35 4.18 5.53 -18.37
C ILE C 35 3.73 5.98 -19.73
N ALA C 36 3.30 5.01 -20.53
CA ALA C 36 2.83 5.26 -21.89
C ALA C 36 1.61 6.14 -21.94
N MET C 37 0.65 5.92 -21.06
CA MET C 37 -0.52 6.78 -21.07
C MET C 37 -0.29 8.08 -20.35
N ASN C 38 0.61 8.12 -19.38
CA ASN C 38 1.00 9.43 -18.81
C ASN C 38 1.78 10.30 -19.80
N LEU C 39 2.57 9.65 -20.63
CA LEU C 39 3.44 10.35 -21.54
C LEU C 39 2.59 10.85 -22.67
N ALA C 40 1.55 10.11 -22.98
CA ALA C 40 0.77 10.44 -24.14
C ALA C 40 -0.44 11.29 -23.78
N GLY C 41 -0.71 11.42 -22.50
CA GLY C 41 -1.91 12.11 -22.02
C GLY C 41 -3.13 11.20 -21.93
N ALA C 42 -3.57 10.93 -20.70
CA ALA C 42 -4.54 9.85 -20.46
C ALA C 42 -5.95 10.29 -20.65
N TYR C 43 -6.70 9.46 -21.37
CA TYR C 43 -8.11 9.67 -21.60
C TYR C 43 -8.93 9.20 -20.42
N ASN C 44 -8.61 7.99 -20.00
CA ASN C 44 -9.40 7.28 -19.04
C ASN C 44 -8.90 7.50 -17.64
N LEU C 45 -9.27 8.61 -17.02
CA LEU C 45 -8.73 9.00 -15.72
C LEU C 45 -9.06 8.00 -14.62
N LYS C 46 -10.11 7.23 -14.83
CA LYS C 46 -10.46 6.20 -13.88
C LYS C 46 -9.40 5.11 -14.00
N ALA C 47 -9.08 4.74 -15.25
CA ALA C 47 -8.06 3.73 -15.52
C ALA C 47 -6.75 4.13 -14.91
N GLN C 48 -6.28 5.31 -15.28
CA GLN C 48 -5.01 5.83 -14.80
C GLN C 48 -4.98 5.84 -13.30
N LYS C 49 -6.02 6.35 -12.66
CA LYS C 49 -5.99 6.40 -11.21
C LYS C 49 -6.00 4.99 -10.63
N LEU C 50 -6.72 4.08 -11.26
CA LEU C 50 -6.68 2.68 -10.83
C LEU C 50 -5.27 2.06 -10.89
N LEU C 51 -4.70 1.99 -12.10
CA LEU C 51 -3.38 1.43 -12.31
C LEU C 51 -2.27 2.14 -11.53
N THR C 52 -2.42 3.42 -11.23
CA THR C 52 -1.44 4.05 -10.32
C THR C 52 -1.56 3.44 -8.95
N TYR C 53 -2.77 3.34 -8.43
CA TYR C 53 -2.90 2.85 -7.07
C TYR C 53 -2.34 1.42 -6.93
N GLN C 54 -2.42 0.62 -8.01
CA GLN C 54 -1.94 -0.75 -7.99
C GLN C 54 -0.44 -0.76 -7.90
N LEU C 55 0.20 0.07 -8.71
CA LEU C 55 1.65 0.09 -8.72
C LEU C 55 2.20 0.58 -7.39
N MET C 56 1.52 1.56 -6.80
CA MET C 56 1.88 2.06 -5.47
C MET C 56 1.89 0.98 -4.41
N SER C 57 0.84 0.15 -4.40
CA SER C 57 0.72 -0.85 -3.38
C SER C 57 1.64 -2.03 -3.64
N SER C 58 2.28 -2.10 -4.80
CA SER C 58 3.08 -3.27 -5.18
C SER C 58 4.15 -3.62 -4.14
N ASP C 59 4.43 -4.92 -3.98
CA ASP C 59 5.44 -5.33 -3.03
C ASP C 59 6.84 -5.28 -3.61
N ASN C 60 7.76 -4.63 -2.91
CA ASN C 60 9.11 -4.39 -3.43
C ASN C 60 9.93 -5.67 -3.71
N ASN C 61 9.62 -6.74 -3.00
CA ASN C 61 10.41 -7.96 -3.07
C ASN C 61 10.00 -8.85 -4.23
N ASP C 62 8.85 -8.57 -4.82
CA ASP C 62 8.43 -9.36 -5.98
C ASP C 62 8.98 -8.74 -7.26
N LEU C 63 9.63 -7.60 -7.10
CA LEU C 63 10.12 -6.80 -8.22
C LEU C 63 11.57 -7.08 -8.52
N THR C 64 11.81 -7.57 -9.72
CA THR C 64 13.16 -7.55 -10.22
C THR C 64 13.67 -6.16 -10.53
N ILE C 65 14.97 -6.04 -10.61
CA ILE C 65 15.60 -4.82 -11.02
C ILE C 65 14.87 -4.04 -12.12
N GLY C 66 14.49 -4.72 -13.19
CA GLY C 66 13.77 -4.08 -14.27
C GLY C 66 12.40 -3.62 -13.82
N HIS C 67 11.58 -4.53 -13.30
CA HIS C 67 10.32 -4.16 -12.67
C HIS C 67 10.49 -2.85 -11.95
N LEU C 68 11.43 -2.86 -11.02
CA LEU C 68 11.61 -1.80 -10.06
C LEU C 68 11.93 -0.48 -10.75
N GLY C 69 12.73 -0.54 -11.81
CA GLY C 69 13.06 0.67 -12.54
C GLY C 69 11.81 1.18 -13.21
N LEU C 70 11.12 0.30 -13.91
CA LEU C 70 9.87 0.65 -14.58
C LEU C 70 8.88 1.27 -13.61
N THR C 71 8.85 0.77 -12.40
CA THR C 71 7.83 1.19 -11.44
C THR C 71 8.10 2.59 -10.89
N ILE C 72 9.29 2.79 -10.33
CA ILE C 72 9.78 4.10 -9.98
C ILE C 72 9.41 5.07 -11.10
N MET C 73 9.78 4.74 -12.33
CA MET C 73 9.49 5.61 -13.45
C MET C 73 8.02 5.83 -13.68
N ALA C 74 7.24 4.76 -13.60
CA ALA C 74 5.81 4.86 -13.82
C ALA C 74 5.18 5.77 -12.77
N LEU C 75 5.49 5.53 -11.50
CA LEU C 75 4.98 6.37 -10.43
C LEU C 75 5.38 7.78 -10.69
N THR C 76 6.62 7.97 -11.09
CA THR C 76 7.10 9.34 -11.27
C THR C 76 6.26 10.14 -12.27
N SER C 77 5.63 9.45 -13.20
CA SER C 77 4.91 10.15 -14.24
C SER C 77 3.50 10.37 -13.79
N SER C 78 3.17 9.88 -12.61
CA SER C 78 1.85 10.13 -12.03
C SER C 78 1.98 11.09 -10.87
N CYS C 79 3.17 11.67 -10.76
CA CYS C 79 3.51 12.67 -9.75
C CYS C 79 3.32 12.11 -8.37
N ARG C 80 3.55 10.82 -8.27
CA ARG C 80 3.51 10.11 -7.04
C ARG C 80 4.95 9.81 -6.61
N ASP C 81 5.22 9.92 -5.32
CA ASP C 81 6.55 9.75 -4.76
C ASP C 81 6.86 8.27 -4.63
N PRO C 82 7.87 7.75 -5.38
CA PRO C 82 8.34 6.36 -5.23
C PRO C 82 9.19 6.21 -3.97
N GLY C 83 10.03 7.21 -3.70
CA GLY C 83 10.85 7.25 -2.50
C GLY C 83 11.51 5.94 -2.12
N ASP C 84 10.74 5.05 -1.51
CA ASP C 84 11.30 3.83 -0.96
C ASP C 84 11.81 2.82 -1.99
N LYS C 85 11.13 2.75 -3.12
CA LYS C 85 11.53 1.86 -4.17
C LYS C 85 12.87 2.26 -4.70
N VAL C 86 13.14 3.56 -4.70
CA VAL C 86 14.42 4.07 -5.18
C VAL C 86 15.59 3.68 -4.28
N SER C 87 15.43 3.85 -2.96
CA SER C 87 16.40 3.35 -1.99
C SER C 87 16.75 1.91 -2.31
N ILE C 88 15.74 1.07 -2.32
CA ILE C 88 15.92 -0.34 -2.61
C ILE C 88 16.69 -0.68 -3.89
N LEU C 89 16.29 -0.08 -5.01
CA LEU C 89 16.92 -0.36 -6.29
C LEU C 89 18.37 0.09 -6.23
N GLN C 90 18.56 1.23 -5.57
CA GLN C 90 19.88 1.83 -5.45
C GLN C 90 20.82 0.85 -4.73
N ARG C 91 20.39 0.31 -3.61
CA ARG C 91 21.20 -0.69 -2.92
C ARG C 91 21.40 -1.94 -3.77
N GLN C 92 20.39 -2.35 -4.53
CA GLN C 92 20.50 -3.56 -5.34
C GLN C 92 21.48 -3.39 -6.49
N MET C 93 21.68 -2.15 -6.92
CA MET C 93 22.48 -1.82 -8.10
C MET C 93 23.95 -1.54 -7.80
N GLU C 94 24.29 -1.33 -6.54
CA GLU C 94 25.68 -1.20 -6.17
C GLU C 94 26.29 -2.56 -6.38
N ASN C 95 25.59 -3.59 -5.90
CA ASN C 95 26.08 -4.96 -5.92
C ASN C 95 25.91 -5.64 -7.25
N TRP C 96 25.84 -4.87 -8.31
CA TRP C 96 25.46 -5.42 -9.60
C TRP C 96 26.63 -5.72 -10.49
N ALA C 97 26.54 -6.89 -11.14
CA ALA C 97 27.57 -7.40 -12.03
C ALA C 97 26.90 -8.31 -13.01
N PRO C 98 27.31 -8.24 -14.28
CA PRO C 98 26.83 -9.23 -15.27
C PRO C 98 27.49 -10.62 -15.15
N SER C 99 27.32 -11.44 -16.18
CA SER C 99 28.03 -12.73 -16.25
C SER C 99 29.34 -12.62 -17.01
N SER C 100 29.28 -12.94 -18.30
CA SER C 100 30.46 -13.16 -19.14
C SER C 100 30.24 -12.59 -20.52
N PRO C 101 31.31 -12.17 -21.19
CA PRO C 101 31.23 -11.51 -22.51
C PRO C 101 30.57 -12.36 -23.62
N ASN C 102 30.46 -13.66 -23.36
CA ASN C 102 29.83 -14.59 -24.27
C ASN C 102 28.36 -14.76 -23.94
N ALA C 103 27.96 -14.19 -22.79
CA ALA C 103 26.58 -14.23 -22.30
C ALA C 103 25.66 -13.37 -23.15
N GLU C 104 24.37 -13.69 -23.10
CA GLU C 104 23.43 -13.16 -24.07
C GLU C 104 23.26 -11.65 -24.00
N ALA C 105 22.87 -11.04 -25.11
CA ALA C 105 22.78 -9.60 -25.16
C ALA C 105 21.63 -9.00 -24.35
N SER C 106 20.47 -9.64 -24.36
CA SER C 106 19.30 -9.11 -23.65
C SER C 106 19.50 -9.07 -22.13
N ALA C 107 20.50 -9.80 -21.65
CA ALA C 107 20.95 -9.75 -20.28
C ALA C 107 21.17 -8.32 -19.82
N PHE C 108 21.31 -7.41 -20.74
CA PHE C 108 21.44 -6.02 -20.41
C PHE C 108 20.16 -5.17 -20.49
N TYR C 109 19.06 -5.76 -20.96
CA TYR C 109 17.83 -4.99 -21.11
C TYR C 109 17.31 -4.62 -19.72
N GLY C 110 17.30 -5.58 -18.81
CA GLY C 110 16.85 -5.26 -17.46
C GLY C 110 17.61 -4.12 -16.79
N PRO C 111 18.94 -4.26 -16.66
CA PRO C 111 19.79 -3.22 -16.06
C PRO C 111 19.67 -1.84 -16.74
N SER C 112 19.34 -1.82 -18.03
CA SER C 112 19.18 -0.57 -18.73
C SER C 112 18.04 0.22 -18.06
N LEU C 113 16.91 -0.43 -17.81
CA LEU C 113 15.82 0.23 -17.08
C LEU C 113 16.25 0.75 -15.69
N ALA C 114 16.96 -0.07 -14.92
CA ALA C 114 17.37 0.32 -13.58
C ALA C 114 18.19 1.61 -13.66
N ILE C 115 19.21 1.59 -14.47
CA ILE C 115 20.07 2.73 -14.60
C ILE C 115 19.29 3.93 -15.03
N LEU C 116 18.41 3.76 -15.99
CA LEU C 116 17.71 4.91 -16.51
C LEU C 116 16.90 5.60 -15.42
N ALA C 117 16.18 4.78 -14.65
CA ALA C 117 15.27 5.27 -13.64
C ALA C 117 16.09 5.86 -12.52
N LEU C 118 17.26 5.30 -12.33
CA LEU C 118 18.06 5.74 -11.21
C LEU C 118 18.73 7.07 -11.59
N CYS C 119 19.23 7.15 -12.80
CA CYS C 119 19.90 8.34 -13.25
C CYS C 119 18.92 9.47 -13.12
N GLN C 120 17.65 9.19 -13.35
CA GLN C 120 16.61 10.21 -13.30
C GLN C 120 16.34 10.74 -11.91
N LYS C 121 16.57 9.95 -10.87
CA LYS C 121 16.45 10.48 -9.53
C LYS C 121 17.76 11.11 -9.15
N ASN C 122 18.86 10.39 -9.29
CA ASN C 122 20.15 10.96 -8.95
C ASN C 122 21.28 10.61 -9.90
N SER C 123 21.61 11.53 -10.80
CA SER C 123 22.66 11.25 -11.79
C SER C 123 24.04 10.99 -11.19
N GLU C 124 24.57 11.93 -10.40
CA GLU C 124 25.91 11.83 -9.82
C GLU C 124 26.08 10.55 -9.00
N ALA C 125 25.02 10.15 -8.32
CA ALA C 125 25.10 9.01 -7.45
C ALA C 125 25.01 7.75 -8.25
N THR C 126 24.62 7.89 -9.51
CA THR C 126 24.43 6.76 -10.41
C THR C 126 25.67 6.45 -11.25
N LEU C 127 26.63 7.38 -11.25
CA LEU C 127 27.76 7.34 -12.17
C LEU C 127 28.53 6.04 -12.17
N PRO C 128 28.92 5.58 -10.97
CA PRO C 128 29.73 4.36 -10.82
C PRO C 128 29.10 3.22 -11.55
N ILE C 129 27.84 2.91 -11.21
CA ILE C 129 27.07 1.88 -11.90
C ILE C 129 26.98 2.11 -13.38
N ALA C 130 26.70 3.34 -13.77
CA ALA C 130 26.59 3.58 -15.17
C ALA C 130 27.92 3.24 -15.82
N VAL C 131 29.05 3.55 -15.17
CA VAL C 131 30.33 3.22 -15.81
C VAL C 131 30.48 1.72 -15.91
N ARG C 132 30.26 1.04 -14.79
CA ARG C 132 30.49 -0.38 -14.73
C ARG C 132 29.73 -1.08 -15.83
N PHE C 133 28.55 -0.58 -16.06
CA PHE C 133 27.59 -1.11 -17.02
C PHE C 133 28.04 -0.94 -18.47
N ALA C 134 28.45 0.27 -18.82
CA ALA C 134 28.95 0.58 -20.15
C ALA C 134 30.18 -0.23 -20.53
N LYS C 135 31.19 -0.23 -19.65
CA LYS C 135 32.40 -1.01 -19.92
C LYS C 135 31.99 -2.42 -20.32
N THR C 136 31.16 -3.03 -19.49
CA THR C 136 30.72 -4.40 -19.67
C THR C 136 29.91 -4.61 -20.93
N LEU C 137 28.89 -3.77 -21.11
CA LEU C 137 27.99 -3.86 -22.25
C LEU C 137 28.78 -3.85 -23.54
N LEU C 138 29.68 -2.89 -23.65
CA LEU C 138 30.60 -2.77 -24.77
C LEU C 138 31.35 -4.05 -24.98
N ALA C 139 32.05 -4.53 -23.94
CA ALA C 139 32.85 -5.76 -24.05
C ALA C 139 32.04 -7.01 -24.40
N ASN C 140 30.78 -7.05 -24.00
CA ASN C 140 30.00 -8.19 -24.38
C ASN C 140 30.01 -8.37 -25.89
N SER C 141 29.92 -9.64 -26.33
CA SER C 141 30.16 -10.03 -27.73
C SER C 141 29.14 -11.03 -28.23
N SER C 142 28.02 -11.10 -27.57
CA SER C 142 26.93 -11.85 -28.14
C SER C 142 26.18 -11.00 -29.15
N PRO C 143 25.54 -11.68 -30.12
CA PRO C 143 24.69 -11.19 -31.20
C PRO C 143 23.73 -10.10 -30.73
N PHE C 144 23.85 -8.92 -31.35
CA PHE C 144 23.10 -7.73 -30.95
C PHE C 144 21.60 -7.93 -30.95
N ASN C 145 20.95 -7.61 -29.83
CA ASN C 145 19.49 -7.56 -29.79
C ASN C 145 19.06 -6.11 -29.75
N VAL C 146 18.21 -5.72 -30.69
CA VAL C 146 17.85 -4.31 -30.84
C VAL C 146 17.09 -3.74 -29.63
N ASP C 147 16.02 -4.41 -29.22
CA ASP C 147 15.29 -4.03 -28.03
C ASP C 147 16.27 -3.56 -26.96
N THR C 148 17.21 -4.41 -26.55
CA THR C 148 18.27 -4.02 -25.61
C THR C 148 19.21 -2.86 -26.08
N GLY C 149 19.66 -2.90 -27.31
CA GLY C 149 20.48 -1.79 -27.76
C GLY C 149 19.72 -0.50 -27.48
N ALA C 150 18.43 -0.48 -27.86
CA ALA C 150 17.62 0.72 -27.73
C ALA C 150 17.56 1.21 -26.27
N MET C 151 17.20 0.33 -25.35
CA MET C 151 17.09 0.71 -23.95
C MET C 151 18.39 1.17 -23.36
N ALA C 152 19.46 0.48 -23.70
CA ALA C 152 20.78 0.89 -23.25
C ALA C 152 21.05 2.32 -23.71
N THR C 153 20.68 2.67 -24.93
CA THR C 153 20.98 4.00 -25.39
C THR C 153 20.22 5.08 -24.58
N LEU C 154 19.02 4.76 -24.11
CA LEU C 154 18.30 5.72 -23.26
C LEU C 154 18.98 5.93 -21.92
N ALA C 155 19.30 4.81 -21.26
CA ALA C 155 20.02 4.83 -19.99
C ALA C 155 21.31 5.61 -20.13
N LEU C 156 22.03 5.30 -21.22
CA LEU C 156 23.33 5.89 -21.48
C LEU C 156 23.29 7.31 -21.99
N THR C 157 22.19 7.69 -22.62
CA THR C 157 22.09 9.06 -23.07
C THR C 157 21.83 9.94 -21.87
N CYS C 158 20.95 9.47 -21.01
CA CYS C 158 20.60 10.25 -19.86
C CYS C 158 21.84 10.60 -19.03
N MET C 159 22.70 9.61 -18.80
CA MET C 159 23.91 9.78 -18.00
C MET C 159 24.87 10.73 -18.64
N TYR C 160 25.11 10.48 -19.92
CA TYR C 160 25.89 11.35 -20.78
C TYR C 160 25.49 12.81 -20.67
N ASN C 161 24.21 13.13 -20.49
CA ASN C 161 23.87 14.55 -20.31
C ASN C 161 23.94 15.14 -18.89
N LYS C 162 24.52 14.43 -17.96
CA LYS C 162 24.43 14.82 -16.57
C LYS C 162 25.75 14.55 -15.92
N ILE C 163 26.84 14.74 -16.65
CA ILE C 163 28.15 14.63 -16.03
C ILE C 163 28.32 15.83 -15.12
N PRO C 164 28.53 15.56 -13.83
CA PRO C 164 28.69 16.62 -12.83
C PRO C 164 29.73 17.58 -13.29
N VAL C 165 29.52 18.87 -13.06
CA VAL C 165 30.56 19.85 -13.37
C VAL C 165 31.89 19.57 -12.60
N GLY C 166 32.95 19.21 -13.32
CA GLY C 166 34.22 18.96 -12.70
C GLY C 166 34.77 17.60 -13.05
N SER C 167 33.88 16.65 -13.32
CA SER C 167 34.23 15.23 -13.48
C SER C 167 35.24 14.98 -14.54
N GLU C 168 36.19 14.10 -14.24
CA GLU C 168 37.28 13.85 -15.15
C GLU C 168 36.77 13.66 -16.58
N GLU C 169 37.42 14.31 -17.55
CA GLU C 169 37.14 14.07 -18.94
C GLU C 169 37.43 12.63 -19.12
N GLY C 170 36.39 11.84 -19.30
CA GLY C 170 36.52 10.40 -19.33
C GLY C 170 35.23 9.63 -19.25
N TYR C 171 34.36 10.06 -18.35
CA TYR C 171 33.06 9.46 -18.28
C TYR C 171 32.37 9.70 -19.58
N ARG C 172 32.18 10.98 -19.87
CA ARG C 172 31.43 11.33 -21.03
C ARG C 172 32.02 10.60 -22.24
N SER C 173 33.35 10.57 -22.34
CA SER C 173 34.03 9.95 -23.47
C SER C 173 33.78 8.43 -23.56
N LEU C 174 33.72 7.77 -22.42
CA LEU C 174 33.35 6.36 -22.39
C LEU C 174 31.90 6.15 -22.76
N PHE C 175 31.01 6.90 -22.13
CA PHE C 175 29.57 6.73 -22.37
C PHE C 175 29.26 6.95 -23.82
N GLY C 176 29.95 7.91 -24.42
CA GLY C 176 29.63 8.32 -25.77
C GLY C 176 30.16 7.34 -26.78
N GLN C 177 31.34 6.80 -26.47
CA GLN C 177 31.95 5.73 -27.25
C GLN C 177 30.98 4.58 -27.36
N VAL C 178 30.55 4.06 -26.21
CA VAL C 178 29.54 3.01 -26.22
C VAL C 178 28.28 3.43 -26.97
N LEU C 179 27.91 4.70 -26.84
CA LEU C 179 26.66 5.19 -27.40
C LEU C 179 26.63 5.16 -28.94
N LYS C 180 27.79 5.49 -29.52
CA LYS C 180 28.04 5.48 -30.97
C LYS C 180 28.09 4.07 -31.44
N ASP C 181 28.95 3.27 -30.82
CA ASP C 181 29.01 1.86 -31.15
C ASP C 181 27.62 1.24 -31.20
N ILE C 182 26.75 1.62 -30.28
CA ILE C 182 25.43 1.03 -30.27
C ILE C 182 24.50 1.51 -31.40
N VAL C 183 24.70 2.75 -31.81
CA VAL C 183 23.81 3.36 -32.77
C VAL C 183 24.15 2.85 -34.12
N GLU C 184 25.41 2.49 -34.29
CA GLU C 184 25.86 1.85 -35.51
C GLU C 184 25.23 0.47 -35.63
N LYS C 185 25.36 -0.31 -34.56
CA LYS C 185 24.70 -1.60 -34.52
C LYS C 185 23.20 -1.52 -34.83
N ILE C 186 22.58 -0.36 -34.63
CA ILE C 186 21.15 -0.31 -34.83
C ILE C 186 20.78 0.04 -36.24
N SER C 187 21.39 1.09 -36.78
CA SER C 187 21.05 1.53 -38.14
C SER C 187 21.21 0.33 -39.08
N MET C 188 22.22 -0.47 -38.77
CA MET C 188 22.55 -1.72 -39.44
C MET C 188 21.40 -2.75 -39.47
N LYS C 189 20.30 -2.43 -38.80
CA LYS C 189 19.20 -3.36 -38.70
C LYS C 189 17.95 -2.70 -39.24
N ILE C 190 18.07 -1.46 -39.70
CA ILE C 190 16.93 -0.80 -40.34
C ILE C 190 16.70 -1.43 -41.71
N LYS C 191 15.52 -2.00 -41.90
CA LYS C 191 15.20 -2.68 -43.15
C LYS C 191 15.01 -1.72 -44.31
N ASP C 192 15.18 -2.24 -45.52
CA ASP C 192 14.94 -1.45 -46.72
C ASP C 192 13.45 -1.23 -46.84
N ASN C 193 12.81 -0.92 -45.72
CA ASN C 193 11.37 -0.77 -45.74
C ASN C 193 10.79 -0.11 -44.49
N GLY C 194 11.69 0.48 -43.70
CA GLY C 194 11.32 1.35 -42.58
C GLY C 194 11.39 0.75 -41.19
N ILE C 195 11.53 -0.56 -41.10
CA ILE C 195 11.56 -1.26 -39.81
C ILE C 195 12.95 -1.37 -39.19
N ILE C 196 13.05 -1.13 -37.88
CA ILE C 196 14.31 -1.29 -37.17
C ILE C 196 14.28 -2.55 -36.32
N GLY C 197 15.14 -3.50 -36.66
CA GLY C 197 15.17 -4.79 -36.02
C GLY C 197 14.01 -5.62 -36.49
N ASP C 198 12.91 -5.55 -35.75
CA ASP C 198 11.63 -6.10 -36.20
C ASP C 198 10.53 -5.17 -35.75
N ILE C 199 9.30 -5.58 -35.91
CA ILE C 199 8.16 -4.71 -35.63
C ILE C 199 8.11 -4.34 -34.16
N TYR C 200 7.98 -5.35 -33.30
CA TYR C 200 7.74 -5.13 -31.88
C TYR C 200 8.91 -4.48 -31.18
N SER C 201 10.07 -4.55 -31.82
CA SER C 201 11.24 -3.85 -31.32
C SER C 201 11.39 -2.44 -31.90
N THR C 202 10.53 -2.08 -32.85
CA THR C 202 10.79 -0.85 -33.58
C THR C 202 10.54 0.40 -32.73
N GLY C 203 9.46 0.38 -31.96
CA GLY C 203 9.10 1.52 -31.14
C GLY C 203 10.19 1.96 -30.18
N LEU C 204 10.79 0.99 -29.50
CA LEU C 204 11.89 1.27 -28.58
C LEU C 204 13.02 1.96 -29.29
N ALA C 205 13.41 1.38 -30.42
CA ALA C 205 14.46 1.86 -31.30
C ALA C 205 14.21 3.26 -31.83
N MET C 206 12.96 3.60 -32.10
CA MET C 206 12.69 4.95 -32.60
C MET C 206 13.09 5.97 -31.56
N GLN C 207 12.75 5.67 -30.31
CA GLN C 207 13.16 6.47 -29.15
C GLN C 207 14.67 6.65 -29.12
N ALA C 208 15.35 5.52 -29.15
CA ALA C 208 16.80 5.45 -29.10
C ALA C 208 17.45 6.42 -30.08
N LEU C 209 17.02 6.32 -31.36
CA LEU C 209 17.63 7.05 -32.49
C LEU C 209 17.42 8.55 -32.46
N SER C 210 16.26 8.94 -31.94
CA SER C 210 15.86 10.32 -31.84
C SER C 210 16.34 10.96 -30.55
N VAL C 211 17.34 10.35 -29.92
CA VAL C 211 17.83 10.80 -28.62
C VAL C 211 19.36 10.70 -28.42
N THR C 212 20.00 9.73 -29.08
CA THR C 212 21.44 9.53 -28.92
C THR C 212 22.13 10.76 -29.43
N PRO C 213 23.25 11.11 -28.81
CA PRO C 213 24.02 12.30 -29.16
C PRO C 213 24.64 12.21 -30.56
N GLU C 214 25.14 11.05 -30.98
CA GLU C 214 25.78 10.91 -32.29
C GLU C 214 24.97 10.02 -33.22
N PRO C 215 24.40 10.60 -34.29
CA PRO C 215 23.71 9.79 -35.31
C PRO C 215 24.62 8.83 -36.09
N SER C 216 23.98 7.86 -36.74
CA SER C 216 24.67 6.84 -37.51
C SER C 216 25.19 7.39 -38.83
N LYS C 217 26.24 6.76 -39.35
CA LYS C 217 26.80 7.18 -40.64
C LYS C 217 25.66 7.27 -41.62
N LYS C 218 25.20 6.12 -42.11
CA LYS C 218 24.05 6.05 -42.98
C LYS C 218 22.89 6.72 -42.23
N GLU C 219 22.44 7.86 -42.74
CA GLU C 219 21.40 8.64 -42.07
C GLU C 219 20.04 7.96 -42.06
N TRP C 220 19.40 7.97 -40.89
CA TRP C 220 18.15 7.25 -40.70
C TRP C 220 16.94 7.95 -41.32
N ASN C 221 16.21 7.20 -42.15
CA ASN C 221 15.06 7.73 -42.87
C ASN C 221 13.81 7.75 -42.02
N CYS C 222 13.77 8.67 -41.07
CA CYS C 222 12.71 8.62 -40.08
C CYS C 222 11.31 8.54 -40.67
N LYS C 223 11.01 9.45 -41.59
CA LYS C 223 9.65 9.54 -42.10
C LYS C 223 9.19 8.19 -42.59
N LYS C 224 10.09 7.48 -43.24
CA LYS C 224 9.75 6.15 -43.77
C LYS C 224 9.26 5.25 -42.64
N THR C 225 10.06 5.13 -41.57
CA THR C 225 9.76 4.24 -40.43
C THR C 225 8.42 4.62 -39.81
N THR C 226 8.26 5.91 -39.54
CA THR C 226 7.03 6.35 -38.89
C THR C 226 5.78 6.12 -39.76
N ASP C 227 5.97 6.08 -41.07
CA ASP C 227 4.85 5.81 -41.96
C ASP C 227 4.56 4.34 -42.01
N MET C 228 5.62 3.57 -42.00
CA MET C 228 5.52 2.13 -42.04
C MET C 228 4.76 1.66 -40.81
N ILE C 229 5.15 2.16 -39.64
CA ILE C 229 4.51 1.78 -38.38
C ILE C 229 3.02 2.12 -38.43
N LEU C 230 2.69 3.22 -39.08
CA LEU C 230 1.30 3.64 -39.18
C LEU C 230 0.41 2.70 -40.02
N ASN C 231 0.83 2.37 -41.24
CA ASN C 231 0.05 1.43 -42.04
C ASN C 231 -0.11 0.14 -41.27
N GLU C 232 0.92 -0.20 -40.52
CA GLU C 232 1.00 -1.44 -39.79
C GLU C 232 0.03 -1.50 -38.59
N ILE C 233 -0.59 -0.36 -38.31
CA ILE C 233 -1.57 -0.30 -37.24
C ILE C 233 -2.92 -0.57 -37.86
N LYS C 234 -3.15 -0.02 -39.07
CA LYS C 234 -4.31 -0.33 -39.91
C LYS C 234 -4.43 -1.85 -40.09
N GLN C 235 -3.26 -2.50 -40.16
CA GLN C 235 -3.15 -3.95 -40.35
C GLN C 235 -3.26 -4.80 -39.08
N GLY C 236 -3.62 -4.18 -37.95
CA GLY C 236 -3.93 -4.93 -36.74
C GLY C 236 -2.82 -5.63 -35.96
N LYS C 237 -1.57 -5.33 -36.31
CA LYS C 237 -0.39 -5.87 -35.62
C LYS C 237 -0.22 -5.37 -34.15
N PHE C 238 -0.87 -4.24 -33.84
CA PHE C 238 -0.74 -3.65 -32.52
C PHE C 238 -2.01 -3.84 -31.67
N HIS C 239 -2.38 -5.08 -31.41
CA HIS C 239 -3.54 -5.25 -30.58
C HIS C 239 -3.16 -5.46 -29.13
N ASN C 240 -2.01 -6.11 -28.91
CA ASN C 240 -1.49 -6.39 -27.56
C ASN C 240 -1.04 -5.11 -26.90
N PRO C 241 -1.71 -4.75 -25.81
CA PRO C 241 -1.59 -3.46 -25.14
C PRO C 241 -0.18 -3.14 -24.70
N MET C 242 0.66 -4.16 -24.46
CA MET C 242 2.04 -3.90 -24.10
C MET C 242 2.77 -3.31 -25.30
N SER C 243 2.52 -3.88 -26.46
CA SER C 243 3.19 -3.45 -27.68
C SER C 243 2.75 -2.05 -28.09
N ILE C 244 1.55 -1.70 -27.66
CA ILE C 244 1.05 -0.38 -27.93
C ILE C 244 1.88 0.53 -27.05
N ALA C 245 1.98 0.14 -25.78
CA ALA C 245 2.73 0.91 -24.81
C ALA C 245 4.18 1.18 -25.25
N GLN C 246 4.78 0.28 -26.03
CA GLN C 246 6.12 0.54 -26.50
C GLN C 246 6.26 1.36 -27.80
N ILE C 247 5.17 1.62 -28.55
CA ILE C 247 5.26 2.68 -29.59
C ILE C 247 4.49 3.94 -29.31
N LEU C 248 3.44 3.84 -28.49
CA LEU C 248 2.69 5.04 -28.22
C LEU C 248 3.59 6.27 -27.96
N PRO C 249 4.65 6.14 -27.11
CA PRO C 249 5.47 7.35 -26.88
C PRO C 249 6.09 7.98 -28.13
N SER C 250 6.68 7.18 -29.00
CA SER C 250 7.33 7.71 -30.18
C SER C 250 6.27 8.41 -30.99
N LEU C 251 5.17 7.72 -31.22
CA LEU C 251 4.06 8.32 -31.95
C LEU C 251 3.59 9.64 -31.34
N LYS C 252 3.72 9.79 -30.05
CA LYS C 252 3.30 11.03 -29.42
C LYS C 252 4.50 11.97 -29.29
N GLY C 253 5.60 11.54 -29.94
CA GLY C 253 6.86 12.28 -29.99
C GLY C 253 7.60 12.40 -28.67
N LYS C 254 7.67 11.30 -27.92
CA LYS C 254 8.21 11.27 -26.56
C LYS C 254 9.15 10.07 -26.36
N THR C 255 9.88 10.05 -25.25
CA THR C 255 10.79 8.96 -24.87
C THR C 255 10.71 8.78 -23.40
N TYR C 256 11.14 7.65 -22.89
CA TYR C 256 11.10 7.41 -21.46
C TYR C 256 11.86 8.51 -20.75
N LEU C 257 12.62 9.28 -21.53
CA LEU C 257 13.47 10.36 -21.03
C LEU C 257 12.68 11.60 -20.58
N ASP C 258 11.43 11.68 -21.01
CA ASP C 258 10.59 12.82 -20.72
C ASP C 258 9.70 12.55 -19.55
N VAL C 259 9.91 11.43 -18.91
CA VAL C 259 9.08 11.06 -17.79
C VAL C 259 9.14 12.12 -16.68
N PRO C 260 10.36 12.58 -16.34
CA PRO C 260 10.40 13.62 -15.31
C PRO C 260 9.66 14.91 -15.65
N GLN C 261 9.36 15.17 -16.92
CA GLN C 261 8.62 16.36 -17.33
C GLN C 261 7.10 16.20 -17.47
N VAL C 262 6.59 15.01 -17.20
CA VAL C 262 5.13 14.81 -17.22
C VAL C 262 4.45 15.87 -16.36
N THR C 263 3.36 16.44 -16.87
CA THR C 263 2.50 17.38 -16.14
C THR C 263 1.26 16.66 -15.58
N CYS C 264 0.66 17.18 -14.52
CA CYS C 264 -0.46 16.42 -13.96
C CYS C 264 -1.81 17.15 -13.83
N SER C 265 -2.81 16.49 -14.43
CA SER C 265 -4.20 16.96 -14.70
C SER C 265 -4.29 18.01 -15.82
N PRO C 266 -4.00 17.58 -17.06
CA PRO C 266 -4.37 18.35 -18.25
C PRO C 266 -5.90 18.43 -18.43
N ASP C 267 -6.60 17.35 -18.09
CA ASP C 267 -8.06 17.24 -18.22
C ASP C 267 -8.46 16.82 -19.64
N HIS C 268 -8.10 15.59 -20.02
CA HIS C 268 -8.10 15.17 -21.43
C HIS C 268 -9.42 15.05 -22.16
N GLU C 269 -9.32 15.02 -23.50
CA GLU C 269 -10.47 15.04 -24.38
C GLU C 269 -11.10 13.66 -24.59
N VAL C 270 -12.42 13.65 -24.71
CA VAL C 270 -13.12 12.43 -25.09
C VAL C 270 -12.81 12.12 -26.54
N GLN C 271 -12.19 10.97 -26.79
CA GLN C 271 -12.02 10.51 -28.15
C GLN C 271 -13.33 9.88 -28.62
N PRO C 272 -14.05 10.59 -29.51
CA PRO C 272 -15.42 10.24 -29.92
C PRO C 272 -15.59 8.79 -30.36
N THR C 273 -16.79 8.25 -30.16
CA THR C 273 -17.10 6.89 -30.61
C THR C 273 -16.79 6.78 -32.10
N LEU C 274 -16.20 5.65 -32.50
CA LEU C 274 -15.82 5.43 -33.88
C LEU C 274 -16.17 4.00 -34.34
N PRO C 275 -17.47 3.64 -34.25
CA PRO C 275 -17.91 2.28 -34.61
C PRO C 275 -17.55 1.91 -36.05
N SER C 284 -19.44 -19.61 -42.57
CA SER C 284 -18.73 -20.87 -42.39
C SER C 284 -17.23 -20.65 -42.26
N ALA C 285 -16.48 -21.77 -42.24
CA ALA C 285 -15.06 -21.75 -41.96
C ALA C 285 -14.63 -23.11 -41.39
N SER C 286 -14.19 -24.02 -42.25
CA SER C 286 -13.76 -25.35 -41.83
C SER C 286 -12.50 -25.38 -40.95
N ASN C 287 -12.69 -25.85 -39.73
CA ASN C 287 -11.67 -25.85 -38.70
C ASN C 287 -10.41 -26.63 -39.18
N ILE C 288 -9.21 -26.15 -38.83
CA ILE C 288 -7.96 -26.61 -39.51
C ILE C 288 -7.11 -27.59 -38.72
N THR C 289 -6.08 -28.14 -39.38
CA THR C 289 -5.12 -28.99 -38.67
C THR C 289 -3.73 -28.38 -38.66
N VAL C 290 -3.08 -28.50 -37.50
CA VAL C 290 -1.75 -27.92 -37.24
C VAL C 290 -0.93 -29.04 -36.61
N ILE C 291 0.32 -29.19 -37.05
CA ILE C 291 1.20 -30.25 -36.53
C ILE C 291 2.03 -29.68 -35.38
N TYR C 292 1.89 -30.25 -34.19
CA TYR C 292 2.50 -29.66 -33.02
C TYR C 292 3.48 -30.55 -32.31
N THR C 293 4.78 -30.31 -32.54
CA THR C 293 5.86 -31.06 -31.88
C THR C 293 6.25 -30.45 -30.52
N ILE C 294 6.65 -31.30 -29.58
CA ILE C 294 7.10 -30.75 -28.34
C ILE C 294 8.31 -31.50 -27.87
N ASN C 295 9.46 -30.84 -28.01
CA ASN C 295 10.76 -31.49 -27.86
C ASN C 295 11.65 -31.02 -26.68
N ASN C 296 11.99 -31.96 -25.80
CA ASN C 296 13.02 -31.75 -24.79
C ASN C 296 14.29 -32.57 -25.04
N GLN C 297 15.42 -31.90 -25.17
CA GLN C 297 16.69 -32.62 -25.25
C GLN C 297 17.79 -32.09 -24.28
N LEU C 298 17.35 -31.58 -23.12
CA LEU C 298 18.19 -30.79 -22.25
C LEU C 298 17.98 -31.12 -20.79
N ARG C 299 16.74 -31.42 -20.39
CA ARG C 299 16.47 -31.67 -18.96
C ARG C 299 16.51 -33.13 -18.47
N GLY C 300 17.43 -33.40 -17.53
CA GLY C 300 17.63 -34.71 -16.96
C GLY C 300 17.96 -35.79 -17.97
N VAL C 301 17.73 -37.03 -17.58
CA VAL C 301 17.70 -38.11 -18.55
C VAL C 301 16.26 -38.71 -18.55
N GLU C 302 15.36 -37.83 -18.95
CA GLU C 302 13.99 -38.14 -19.30
C GLU C 302 13.46 -36.95 -20.15
N LEU C 303 13.42 -37.21 -21.45
CA LEU C 303 13.19 -36.19 -22.47
C LEU C 303 12.27 -36.73 -23.59
N LEU C 304 11.94 -35.90 -24.58
CA LEU C 304 10.77 -36.07 -25.47
C LEU C 304 11.02 -35.61 -26.94
N PHE C 305 10.23 -36.06 -27.92
CA PHE C 305 10.32 -35.59 -29.31
C PHE C 305 8.92 -35.74 -29.84
N ASN C 306 7.99 -36.20 -28.98
CA ASN C 306 6.56 -36.42 -29.33
C ASN C 306 5.83 -35.32 -30.19
N GLU C 307 5.46 -35.67 -31.45
CA GLU C 307 4.63 -34.82 -32.34
C GLU C 307 3.15 -35.25 -32.37
N THR C 308 2.29 -34.34 -32.81
CA THR C 308 0.84 -34.52 -32.69
C THR C 308 0.13 -33.65 -33.73
N ILE C 309 -1.17 -33.90 -33.96
CA ILE C 309 -1.94 -33.11 -34.94
C ILE C 309 -3.30 -32.73 -34.33
N ASN C 310 -3.79 -31.50 -34.57
CA ASN C 310 -5.09 -31.07 -34.03
C ASN C 310 -5.89 -30.22 -34.96
N VAL C 311 -7.14 -30.03 -34.56
CA VAL C 311 -8.07 -29.22 -35.31
C VAL C 311 -8.47 -28.03 -34.48
N SER C 312 -8.46 -26.88 -35.12
CA SER C 312 -8.74 -25.63 -34.44
C SER C 312 -9.70 -24.76 -35.25
N VAL C 313 -10.87 -24.51 -34.68
CA VAL C 313 -11.92 -23.84 -35.42
C VAL C 313 -11.39 -22.72 -36.26
N LYS C 314 -11.60 -22.85 -37.57
CA LYS C 314 -11.23 -21.82 -38.52
C LYS C 314 -9.80 -21.46 -38.23
N SER C 315 -9.27 -20.53 -39.01
CA SER C 315 -8.12 -19.80 -38.54
C SER C 315 -8.66 -18.99 -37.35
N GLY C 316 -7.91 -17.97 -36.93
CA GLY C 316 -8.39 -17.02 -35.96
C GLY C 316 -8.35 -17.70 -34.62
N SER C 317 -8.09 -19.01 -34.67
CA SER C 317 -7.70 -19.73 -33.47
C SER C 317 -6.23 -19.44 -33.30
N VAL C 318 -5.84 -19.07 -32.08
CA VAL C 318 -4.45 -18.78 -31.83
C VAL C 318 -3.75 -19.99 -31.29
N LEU C 319 -2.43 -19.98 -31.47
CA LEU C 319 -1.60 -21.09 -31.05
C LEU C 319 -1.97 -21.66 -29.67
N LEU C 320 -2.43 -20.80 -28.76
CA LEU C 320 -2.82 -21.29 -27.45
C LEU C 320 -3.95 -22.32 -27.51
N VAL C 321 -4.90 -22.16 -28.44
CA VAL C 321 -5.92 -23.18 -28.63
C VAL C 321 -5.31 -24.49 -29.04
N VAL C 322 -4.34 -24.45 -29.96
CA VAL C 322 -3.64 -25.68 -30.34
C VAL C 322 -3.09 -26.35 -29.07
N LEU C 323 -2.44 -25.54 -28.23
CA LEU C 323 -1.86 -26.02 -27.00
C LEU C 323 -2.95 -26.60 -26.16
N GLU C 324 -4.01 -25.87 -25.91
CA GLU C 324 -5.04 -26.37 -25.02
C GLU C 324 -5.65 -27.63 -25.54
N GLU C 325 -5.86 -27.69 -26.85
CA GLU C 325 -6.48 -28.86 -27.47
C GLU C 325 -5.55 -30.05 -27.48
N ALA C 326 -4.28 -29.83 -27.81
CA ALA C 326 -3.29 -30.90 -27.63
C ALA C 326 -3.32 -31.40 -26.19
N GLN C 327 -3.37 -30.49 -25.21
CA GLN C 327 -3.37 -30.88 -23.80
C GLN C 327 -4.53 -31.76 -23.46
N ARG C 328 -5.64 -31.49 -24.12
CA ARG C 328 -6.90 -32.13 -23.84
C ARG C 328 -6.94 -33.54 -24.41
N LYS C 329 -6.50 -33.67 -25.65
CA LYS C 329 -6.45 -34.94 -26.35
C LYS C 329 -5.44 -35.89 -25.73
N ASN C 330 -4.25 -35.40 -25.45
CA ASN C 330 -3.19 -36.26 -24.98
C ASN C 330 -2.46 -35.69 -23.76
N PRO C 331 -2.40 -36.46 -22.66
CA PRO C 331 -1.88 -36.03 -21.36
C PRO C 331 -0.37 -35.78 -21.34
N MET C 332 0.30 -36.17 -22.40
CA MET C 332 1.71 -35.93 -22.49
C MET C 332 1.96 -34.49 -22.88
N PHE C 333 0.99 -33.87 -23.55
CA PHE C 333 1.11 -32.47 -23.92
C PHE C 333 0.51 -31.53 -22.89
N LYS C 334 0.50 -31.93 -21.63
CA LYS C 334 0.07 -31.03 -20.61
C LYS C 334 1.05 -29.91 -20.62
N PHE C 335 0.60 -28.72 -20.23
CA PHE C 335 1.48 -27.56 -20.13
C PHE C 335 0.91 -26.66 -19.07
N GLU C 336 1.75 -25.77 -18.53
CA GLU C 336 1.32 -24.88 -17.48
C GLU C 336 1.72 -23.48 -17.92
N THR C 337 0.99 -22.46 -17.47
CA THR C 337 1.12 -21.13 -18.04
C THR C 337 1.37 -20.11 -16.96
N THR C 338 1.92 -18.96 -17.34
CA THR C 338 2.08 -17.87 -16.36
C THR C 338 2.06 -16.43 -16.92
N MET C 339 1.37 -15.55 -16.21
CA MET C 339 1.02 -14.21 -16.70
C MET C 339 2.12 -13.18 -16.60
N THR C 340 2.14 -12.21 -17.52
CA THR C 340 3.20 -11.22 -17.51
C THR C 340 2.82 -9.93 -18.20
N SER C 341 3.67 -8.93 -18.08
CA SER C 341 3.39 -7.67 -18.73
C SER C 341 3.13 -7.83 -20.18
N TRP C 342 3.71 -8.83 -20.82
CA TRP C 342 3.45 -9.07 -22.25
C TRP C 342 2.32 -10.03 -22.49
N GLY C 343 1.98 -10.82 -21.48
CA GLY C 343 0.82 -11.72 -21.53
C GLY C 343 1.09 -13.09 -20.93
N LEU C 344 0.45 -14.11 -21.49
CA LEU C 344 0.68 -15.51 -21.10
C LEU C 344 1.93 -16.10 -21.68
N VAL C 345 2.83 -16.48 -20.78
CA VAL C 345 4.02 -17.20 -21.19
C VAL C 345 3.80 -18.66 -20.91
N VAL C 346 4.25 -19.50 -21.83
CA VAL C 346 4.20 -20.91 -21.54
C VAL C 346 5.41 -21.21 -20.66
N SER C 347 5.15 -21.49 -19.38
CA SER C 347 6.23 -21.67 -18.42
C SER C 347 6.71 -23.13 -18.23
N SER C 348 5.86 -24.07 -18.59
CA SER C 348 6.20 -25.45 -18.41
C SER C 348 5.37 -26.29 -19.35
N ILE C 349 6.03 -27.23 -20.03
CA ILE C 349 5.38 -28.30 -20.79
C ILE C 349 5.80 -29.64 -20.24
N ASN C 350 4.85 -30.47 -19.86
CA ASN C 350 5.19 -31.83 -19.44
C ASN C 350 6.02 -31.86 -18.14
N ASN C 351 5.82 -30.86 -17.28
CA ASN C 351 6.53 -30.83 -16.01
C ASN C 351 7.99 -30.43 -16.17
N ILE C 352 8.40 -30.17 -17.40
CA ILE C 352 9.66 -29.47 -17.61
C ILE C 352 9.39 -27.98 -17.57
N ALA C 353 9.86 -27.33 -16.51
CA ALA C 353 9.56 -25.93 -16.31
C ALA C 353 10.77 -25.06 -16.58
N GLU C 354 10.52 -23.86 -17.11
CA GLU C 354 11.58 -22.89 -17.27
C GLU C 354 12.14 -22.70 -15.88
N ASN C 355 13.45 -22.51 -15.80
CA ASN C 355 14.13 -22.19 -14.56
C ASN C 355 15.21 -21.13 -14.78
N VAL C 356 15.20 -20.10 -13.91
CA VAL C 356 16.04 -18.91 -14.11
C VAL C 356 17.52 -19.17 -13.92
N ASN C 357 17.84 -19.94 -12.89
CA ASN C 357 19.21 -20.26 -12.59
C ASN C 357 19.87 -21.12 -13.64
N HIS C 358 19.05 -21.76 -14.48
CA HIS C 358 19.55 -22.43 -15.69
C HIS C 358 19.47 -21.58 -16.95
N LYS C 359 18.86 -20.41 -16.85
CA LYS C 359 18.67 -19.58 -18.03
C LYS C 359 18.02 -20.39 -19.16
N THR C 360 16.85 -20.96 -18.85
CA THR C 360 16.27 -22.05 -19.61
C THR C 360 14.77 -21.79 -19.83
N TYR C 361 14.35 -21.75 -21.09
CA TYR C 361 12.94 -21.47 -21.41
C TYR C 361 12.32 -22.40 -22.45
N TRP C 362 11.03 -22.22 -22.72
CA TRP C 362 10.44 -22.90 -23.86
C TRP C 362 10.37 -21.98 -25.09
N GLN C 363 11.11 -22.31 -26.15
CA GLN C 363 11.08 -21.51 -27.40
C GLN C 363 10.14 -22.09 -28.44
N PHE C 364 9.26 -21.26 -29.01
CA PHE C 364 8.36 -21.69 -30.07
C PHE C 364 8.79 -21.25 -31.42
N LEU C 365 9.01 -22.21 -32.30
CA LEU C 365 9.39 -21.89 -33.67
C LEU C 365 8.45 -22.53 -34.68
N SER C 366 8.38 -21.90 -35.86
CA SER C 366 7.66 -22.44 -37.02
C SER C 366 8.53 -23.34 -37.91
N GLY C 367 8.35 -24.64 -37.73
CA GLY C 367 9.18 -25.62 -38.39
C GLY C 367 10.60 -25.50 -37.90
N VAL C 368 11.22 -24.35 -38.15
CA VAL C 368 12.64 -24.13 -37.84
C VAL C 368 13.01 -22.70 -37.44
N THR C 369 12.26 -21.73 -37.94
CA THR C 369 12.52 -20.35 -37.58
C THR C 369 11.62 -19.93 -36.43
N PRO C 370 12.19 -19.31 -35.38
CA PRO C 370 11.51 -18.97 -34.13
C PRO C 370 10.34 -18.06 -34.41
N LEU C 371 9.24 -18.24 -33.67
CA LEU C 371 8.10 -17.33 -33.73
C LEU C 371 8.44 -15.96 -33.17
N ASN C 372 7.57 -14.99 -33.43
CA ASN C 372 7.67 -13.74 -32.70
C ASN C 372 6.37 -13.09 -32.25
N GLU C 373 5.47 -13.90 -31.72
CA GLU C 373 4.34 -13.40 -31.00
C GLU C 373 4.12 -14.42 -29.93
N GLY C 374 3.46 -14.07 -28.85
CA GLY C 374 3.10 -15.05 -27.83
C GLY C 374 2.06 -16.05 -28.31
N VAL C 375 1.95 -17.21 -27.67
CA VAL C 375 0.95 -18.17 -28.14
C VAL C 375 -0.48 -17.62 -28.11
N ALA C 376 -0.67 -16.51 -27.43
CA ALA C 376 -2.01 -16.02 -27.28
C ALA C 376 -2.29 -14.94 -28.32
N ASP C 377 -1.36 -14.74 -29.24
CA ASP C 377 -1.58 -13.75 -30.27
C ASP C 377 -1.34 -14.41 -31.58
N TYR C 378 -0.43 -15.37 -31.58
CA TYR C 378 0.00 -15.96 -32.84
C TYR C 378 -1.08 -16.83 -33.47
N ILE C 379 -1.24 -16.66 -34.78
CA ILE C 379 -2.22 -17.43 -35.54
C ILE C 379 -1.65 -18.37 -36.59
N PRO C 380 -1.78 -19.66 -36.35
CA PRO C 380 -1.19 -20.70 -37.17
C PRO C 380 -2.00 -20.92 -38.45
N PHE C 381 -1.30 -21.25 -39.56
CA PHE C 381 -1.92 -21.53 -40.85
C PHE C 381 -2.21 -23.00 -41.18
N ASN C 382 -2.96 -23.22 -42.26
CA ASN C 382 -3.68 -24.47 -42.49
C ASN C 382 -2.96 -25.79 -42.28
N HIS C 383 -1.65 -25.81 -42.53
CA HIS C 383 -0.89 -27.04 -42.31
C HIS C 383 0.50 -26.76 -41.78
N GLU C 384 0.55 -25.86 -40.81
CA GLU C 384 1.78 -25.39 -40.25
C GLU C 384 2.35 -26.34 -39.23
N HIS C 385 3.68 -26.42 -39.19
CA HIS C 385 4.39 -27.26 -38.21
C HIS C 385 5.04 -26.51 -37.03
N ILE C 386 4.34 -26.46 -35.91
CA ILE C 386 4.85 -25.72 -34.78
C ILE C 386 5.58 -26.63 -33.84
N THR C 387 6.82 -26.30 -33.57
CA THR C 387 7.63 -27.04 -32.64
C THR C 387 7.92 -26.20 -31.42
N ALA C 388 7.99 -26.82 -30.27
CA ALA C 388 8.29 -26.11 -29.04
C ALA C 388 9.56 -26.72 -28.40
N ASN C 389 10.71 -26.05 -28.56
CA ASN C 389 11.98 -26.55 -28.04
C ASN C 389 12.27 -25.94 -26.67
N PHE C 390 12.61 -26.78 -25.67
CA PHE C 390 13.17 -26.36 -24.37
C PHE C 390 14.65 -26.17 -24.56
N THR C 391 15.09 -24.96 -24.28
CA THR C 391 16.41 -24.51 -24.70
C THR C 391 16.83 -23.35 -23.78
N GLN C 392 17.92 -22.65 -24.08
CA GLN C 392 18.40 -21.65 -23.14
C GLN C 392 18.68 -20.41 -23.91
N TYR C 393 18.76 -19.29 -23.22
CA TYR C 393 19.41 -18.12 -23.80
C TYR C 393 20.80 -17.91 -23.17
N CYS D 1 55.50 -9.04 -60.81
CA CYS D 1 54.57 -8.17 -60.08
C CYS D 1 55.30 -7.34 -59.03
N GLY D 2 54.65 -7.14 -57.89
CA GLY D 2 55.21 -6.35 -56.81
C GLY D 2 54.62 -4.94 -56.78
N GLU D 3 54.47 -4.38 -55.59
CA GLU D 3 53.84 -3.07 -55.43
C GLU D 3 54.41 -2.33 -54.22
N ILE D 4 54.30 -0.99 -54.22
CA ILE D 4 54.65 -0.21 -53.02
C ILE D 4 53.48 0.54 -52.37
N LEU D 5 53.44 0.46 -51.04
CA LEU D 5 52.27 0.87 -50.27
C LEU D 5 52.47 2.14 -49.43
N THR D 6 51.52 3.05 -49.53
CA THR D 6 51.57 4.30 -48.78
C THR D 6 50.53 4.24 -47.67
N GLU D 7 49.41 3.60 -47.98
CA GLU D 7 48.27 3.57 -47.08
C GLU D 7 48.72 3.21 -45.66
N SER D 8 47.95 3.66 -44.66
CA SER D 8 48.26 3.40 -43.26
C SER D 8 47.90 1.97 -42.94
N THR D 9 46.92 1.47 -43.68
CA THR D 9 46.47 0.12 -43.52
C THR D 9 46.42 -0.51 -44.87
N GLY D 10 46.56 -1.82 -44.92
CA GLY D 10 46.45 -2.48 -46.18
C GLY D 10 46.62 -3.95 -46.00
N THR D 11 46.57 -4.66 -47.11
CA THR D 11 46.83 -6.08 -47.11
C THR D 11 47.85 -6.37 -48.20
N ILE D 12 48.34 -7.60 -48.19
CA ILE D 12 49.39 -8.02 -49.10
C ILE D 12 49.08 -9.41 -49.66
N GLN D 13 48.77 -9.45 -50.94
CA GLN D 13 48.39 -10.71 -51.54
C GLN D 13 49.54 -11.43 -52.23
N SER D 14 49.75 -12.68 -51.83
CA SER D 14 50.48 -13.61 -52.65
C SER D 14 49.73 -13.63 -53.98
N PRO D 15 50.46 -13.56 -55.10
CA PRO D 15 49.84 -13.52 -56.42
C PRO D 15 48.76 -14.59 -56.58
N GLY D 16 49.14 -15.86 -56.37
CA GLY D 16 48.21 -16.96 -56.49
C GLY D 16 47.02 -16.96 -55.54
N HIS D 17 47.27 -16.56 -54.30
CA HIS D 17 46.22 -16.48 -53.30
C HIS D 17 44.92 -15.99 -53.92
N PRO D 18 43.78 -16.53 -53.46
CA PRO D 18 43.65 -17.52 -52.37
C PRO D 18 44.23 -18.91 -52.63
N ASN D 19 44.81 -19.15 -53.81
CA ASN D 19 45.32 -20.47 -54.19
C ASN D 19 45.64 -20.58 -55.67
N VAL D 20 46.83 -21.09 -56.02
CA VAL D 20 47.99 -21.17 -55.15
C VAL D 20 49.00 -20.30 -55.86
N TYR D 21 50.16 -20.05 -55.27
CA TYR D 21 51.13 -19.20 -55.92
C TYR D 21 51.93 -19.95 -56.99
N PRO D 22 52.31 -19.23 -58.07
CA PRO D 22 53.17 -19.63 -59.19
C PRO D 22 54.63 -19.91 -58.83
N HIS D 23 55.24 -20.86 -59.54
CA HIS D 23 56.63 -21.25 -59.32
C HIS D 23 57.62 -20.32 -60.04
N GLY D 24 58.79 -20.10 -59.45
CA GLY D 24 59.85 -19.32 -60.09
C GLY D 24 59.77 -17.79 -60.05
N ILE D 25 59.21 -17.24 -58.97
CA ILE D 25 58.95 -15.78 -58.86
C ILE D 25 60.14 -14.94 -58.37
N ASN D 26 60.05 -13.62 -58.57
CA ASN D 26 61.10 -12.67 -58.21
C ASN D 26 60.45 -11.37 -57.73
N CYS D 27 59.20 -11.51 -57.27
CA CYS D 27 58.33 -10.41 -56.86
C CYS D 27 58.84 -9.64 -55.63
N THR D 28 58.55 -8.34 -55.55
CA THR D 28 58.93 -7.54 -54.37
C THR D 28 58.00 -6.39 -54.01
N TRP D 29 57.80 -6.23 -52.70
CA TRP D 29 56.98 -5.19 -52.08
C TRP D 29 57.78 -4.21 -51.22
N HIS D 30 57.21 -3.02 -51.04
CA HIS D 30 57.83 -1.99 -50.21
C HIS D 30 56.74 -1.24 -49.48
N ILE D 31 56.79 -1.28 -48.15
CA ILE D 31 55.79 -0.60 -47.32
C ILE D 31 56.35 0.60 -46.53
N LEU D 32 55.81 1.77 -46.85
CA LEU D 32 56.21 3.05 -46.29
C LEU D 32 55.00 3.78 -45.70
N VAL D 33 55.13 4.20 -44.44
CA VAL D 33 54.05 4.84 -43.69
C VAL D 33 54.68 6.02 -42.93
N GLN D 34 53.84 6.95 -42.46
CA GLN D 34 54.34 8.21 -41.90
C GLN D 34 55.45 8.00 -40.87
N PRO D 35 56.23 9.05 -40.55
CA PRO D 35 57.43 8.94 -39.69
C PRO D 35 57.04 8.88 -38.21
N ASN D 36 58.01 8.76 -37.31
CA ASN D 36 57.72 8.67 -35.89
C ASN D 36 56.70 7.56 -35.67
N HIS D 37 56.64 6.63 -36.63
CA HIS D 37 55.65 5.55 -36.62
C HIS D 37 56.24 4.21 -37.01
N LEU D 38 55.44 3.17 -36.85
CA LEU D 38 55.93 1.82 -37.01
C LEU D 38 55.01 1.00 -37.89
N ILE D 39 55.53 -0.08 -38.46
CA ILE D 39 54.67 -1.01 -39.21
C ILE D 39 54.42 -2.28 -38.41
N HIS D 40 53.14 -2.59 -38.22
CA HIS D 40 52.79 -3.82 -37.58
C HIS D 40 52.16 -4.76 -38.60
N LEU D 41 52.82 -5.91 -38.79
CA LEU D 41 52.37 -6.98 -39.71
C LEU D 41 51.61 -8.10 -39.00
N MET D 42 50.34 -8.29 -39.36
CA MET D 42 49.63 -9.48 -38.94
C MET D 42 49.96 -10.56 -39.98
N PHE D 43 49.27 -11.70 -39.95
CA PHE D 43 49.60 -12.84 -40.82
C PHE D 43 48.49 -13.91 -40.91
N GLU D 44 47.33 -13.55 -41.47
CA GLU D 44 46.23 -14.50 -41.53
C GLU D 44 46.72 -15.90 -41.92
N THR D 45 47.27 -16.03 -43.14
CA THR D 45 47.63 -17.33 -43.72
C THR D 45 49.07 -17.37 -44.26
N PHE D 46 49.62 -18.58 -44.41
CA PHE D 46 51.02 -18.73 -44.84
C PHE D 46 51.53 -20.18 -45.11
N HIS D 47 51.34 -20.69 -46.31
CA HIS D 47 51.99 -21.92 -46.71
C HIS D 47 53.12 -21.61 -47.63
N LEU D 48 54.18 -22.37 -47.49
CA LEU D 48 55.33 -22.33 -48.40
C LEU D 48 56.05 -23.70 -48.43
N GLU D 49 56.77 -24.00 -49.50
CA GLU D 49 57.56 -25.23 -49.44
C GLU D 49 58.67 -25.02 -48.42
N PHE D 50 58.88 -26.03 -47.59
CA PHE D 50 59.82 -25.93 -46.47
C PHE D 50 61.25 -26.38 -46.82
N HIS D 51 62.24 -25.96 -46.04
CA HIS D 51 63.64 -26.13 -46.42
C HIS D 51 64.50 -25.73 -45.23
N TYR D 52 65.31 -26.65 -44.71
CA TYR D 52 66.12 -26.33 -43.53
C TYR D 52 67.00 -25.07 -43.73
N ASN D 53 67.85 -25.04 -44.75
CA ASN D 53 68.61 -23.80 -45.08
C ASN D 53 67.68 -22.70 -45.55
N CYS D 54 66.44 -23.07 -45.87
CA CYS D 54 65.41 -22.12 -46.30
C CYS D 54 65.71 -21.54 -47.67
N THR D 55 66.02 -22.40 -48.63
CA THR D 55 66.47 -21.95 -49.95
C THR D 55 65.41 -21.98 -51.04
N ASN D 56 64.66 -23.08 -51.15
CA ASN D 56 63.79 -23.27 -52.30
C ASN D 56 62.75 -22.18 -52.41
N ASP D 57 61.62 -22.36 -51.76
CA ASP D 57 60.66 -21.27 -51.64
C ASP D 57 60.92 -20.57 -50.32
N TYR D 58 60.55 -19.29 -50.23
CA TYR D 58 60.78 -18.50 -49.02
C TYR D 58 60.39 -17.03 -49.14
N LEU D 59 60.31 -16.38 -47.98
CA LEU D 59 59.95 -14.97 -47.84
C LEU D 59 60.81 -14.31 -46.78
N GLU D 60 61.48 -13.22 -47.15
CA GLU D 60 62.26 -12.52 -46.14
C GLU D 60 61.82 -11.08 -46.08
N VAL D 61 62.10 -10.46 -44.95
CA VAL D 61 61.65 -9.10 -44.70
C VAL D 61 62.77 -8.26 -44.08
N TYR D 62 63.33 -7.35 -44.87
CA TYR D 62 64.42 -6.50 -44.42
C TYR D 62 63.83 -5.29 -43.66
N ASP D 63 64.52 -4.84 -42.61
CA ASP D 63 64.10 -3.61 -41.98
C ASP D 63 64.67 -2.43 -42.74
N THR D 64 63.93 -1.96 -43.73
CA THR D 64 64.41 -0.90 -44.62
C THR D 64 65.10 0.24 -43.86
N ASP D 65 64.40 0.81 -42.88
CA ASP D 65 64.94 1.96 -42.20
C ASP D 65 66.25 1.64 -41.49
N SER D 66 66.65 0.39 -41.48
CA SER D 66 67.84 -0.01 -40.72
C SER D 66 68.74 -1.01 -41.41
N GLU D 67 69.93 -1.18 -40.87
CA GLU D 67 70.77 -2.27 -41.26
C GLU D 67 70.13 -3.54 -40.70
N THR D 68 70.63 -4.68 -41.13
CA THR D 68 70.11 -5.98 -40.71
C THR D 68 68.70 -6.25 -41.25
N SER D 69 68.16 -7.44 -40.99
CA SER D 69 66.87 -7.85 -41.53
C SER D 69 66.20 -8.78 -40.54
N LEU D 70 64.87 -8.73 -40.53
CA LEU D 70 64.09 -9.48 -39.56
C LEU D 70 64.12 -10.99 -39.76
N GLY D 71 64.39 -11.44 -40.98
CA GLY D 71 64.55 -12.87 -41.23
C GLY D 71 63.94 -13.42 -42.50
N ARG D 72 64.29 -14.68 -42.80
CA ARG D 72 63.78 -15.39 -43.95
C ARG D 72 62.81 -16.46 -43.46
N TYR D 73 61.71 -16.69 -44.17
CA TYR D 73 60.69 -17.59 -43.66
C TYR D 73 60.09 -18.55 -44.68
N CYS D 74 60.39 -19.83 -44.49
CA CYS D 74 59.78 -20.90 -45.28
C CYS D 74 58.86 -21.73 -44.39
N GLY D 75 58.12 -22.65 -44.99
CA GLY D 75 57.29 -23.60 -44.25
C GLY D 75 55.94 -23.06 -43.81
N LYS D 76 55.56 -23.37 -42.57
CA LYS D 76 54.33 -22.84 -42.00
C LYS D 76 54.72 -21.78 -40.97
N SER D 77 55.98 -21.82 -40.54
CA SER D 77 56.47 -20.99 -39.45
C SER D 77 56.78 -19.53 -39.80
N ILE D 78 56.32 -18.62 -38.95
CA ILE D 78 56.34 -17.17 -39.15
C ILE D 78 55.47 -16.55 -38.03
N PRO D 79 56.10 -15.80 -37.10
CA PRO D 79 55.42 -15.16 -35.97
C PRO D 79 54.13 -14.42 -36.37
N PRO D 80 53.02 -14.69 -35.68
CA PRO D 80 51.74 -14.10 -36.11
C PRO D 80 51.85 -12.59 -36.33
N SER D 81 52.79 -11.97 -35.61
CA SER D 81 53.01 -10.55 -35.68
C SER D 81 54.48 -10.26 -35.86
N LEU D 82 54.75 -9.21 -36.63
CA LEU D 82 56.09 -8.63 -36.71
C LEU D 82 55.95 -7.13 -36.63
N THR D 83 57.01 -6.46 -36.21
CA THR D 83 56.92 -5.01 -36.08
C THR D 83 58.26 -4.34 -36.33
N SER D 84 58.25 -3.32 -37.20
CA SER D 84 59.47 -2.70 -37.74
C SER D 84 60.21 -1.80 -36.77
N SER D 85 61.45 -1.47 -37.08
CA SER D 85 62.12 -0.48 -36.26
C SER D 85 61.68 0.89 -36.77
N GLY D 86 61.56 1.01 -38.11
CA GLY D 86 61.28 2.28 -38.73
C GLY D 86 59.88 2.33 -39.28
N ASN D 87 59.70 3.20 -40.27
CA ASN D 87 58.43 3.39 -40.97
C ASN D 87 58.46 2.87 -42.40
N SER D 88 59.43 1.99 -42.68
CA SER D 88 59.65 1.44 -44.00
C SER D 88 60.12 0.01 -43.87
N LEU D 89 59.73 -0.84 -44.81
CA LEU D 89 59.99 -2.27 -44.75
C LEU D 89 60.19 -2.89 -46.12
N MET D 90 61.25 -3.67 -46.25
CA MET D 90 61.45 -4.43 -47.47
C MET D 90 60.64 -5.71 -47.37
N LEU D 91 60.08 -6.14 -48.48
CA LEU D 91 59.33 -7.39 -48.46
C LEU D 91 59.47 -8.22 -49.73
N VAL D 92 60.55 -8.99 -49.80
CA VAL D 92 60.82 -9.76 -51.00
C VAL D 92 60.35 -11.22 -50.90
N PHE D 93 59.60 -11.62 -51.92
CA PHE D 93 59.12 -12.98 -52.07
C PHE D 93 59.83 -13.63 -53.24
N VAL D 94 60.38 -14.82 -53.04
CA VAL D 94 61.19 -15.45 -54.08
C VAL D 94 61.06 -16.96 -54.03
N THR D 95 60.74 -17.58 -55.17
CA THR D 95 60.45 -19.01 -55.18
C THR D 95 61.31 -19.84 -56.18
N ASP D 96 60.80 -21.01 -56.54
CA ASP D 96 61.45 -21.88 -57.52
C ASP D 96 60.41 -22.75 -58.22
N SER D 97 60.85 -23.58 -59.16
CA SER D 97 60.00 -24.33 -60.10
C SER D 97 59.06 -25.39 -59.51
N ASP D 98 59.60 -26.35 -58.77
CA ASP D 98 58.81 -27.42 -58.19
C ASP D 98 58.17 -26.98 -56.88
N LEU D 99 56.86 -27.20 -56.72
CA LEU D 99 56.16 -27.08 -55.43
C LEU D 99 55.63 -25.70 -55.06
N ALA D 100 54.32 -25.66 -54.74
CA ALA D 100 53.59 -24.43 -54.42
C ALA D 100 52.39 -24.70 -53.51
N TYR D 101 51.75 -23.62 -53.04
CA TYR D 101 50.65 -23.73 -52.08
C TYR D 101 49.77 -22.48 -52.10
N GLU D 102 48.78 -22.43 -51.21
CA GLU D 102 47.77 -21.37 -51.20
C GLU D 102 48.38 -19.97 -51.08
N GLY D 103 49.69 -19.90 -50.83
CA GLY D 103 50.34 -18.61 -50.74
C GLY D 103 50.30 -18.06 -49.33
N PHE D 104 49.91 -16.79 -49.19
CA PHE D 104 49.77 -16.13 -47.88
C PHE D 104 48.94 -14.83 -47.93
N LEU D 105 48.03 -14.67 -46.98
CA LEU D 105 47.42 -13.36 -46.75
C LEU D 105 48.22 -12.72 -45.65
N ILE D 106 48.24 -11.39 -45.60
CA ILE D 106 49.06 -10.71 -44.60
C ILE D 106 48.75 -9.23 -44.43
N ASN D 107 48.15 -8.90 -43.30
CA ASN D 107 47.74 -7.54 -43.01
C ASN D 107 48.80 -6.72 -42.32
N TYR D 108 48.60 -5.41 -42.29
CA TYR D 108 49.53 -4.50 -41.64
C TYR D 108 48.82 -3.19 -41.31
N GLU D 109 49.43 -2.41 -40.44
CA GLU D 109 48.85 -1.16 -40.01
C GLU D 109 49.91 -0.27 -39.40
N ALA D 110 49.62 1.02 -39.40
CA ALA D 110 50.50 2.02 -38.81
C ALA D 110 50.34 2.03 -37.30
N ILE D 111 51.38 2.47 -36.61
CA ILE D 111 51.43 2.43 -35.16
C ILE D 111 52.34 3.56 -34.68
N SER D 112 51.81 4.44 -33.83
CA SER D 112 52.64 5.51 -33.28
C SER D 112 53.72 4.95 -32.40
N ALA D 113 54.89 5.56 -32.47
CA ALA D 113 56.03 5.07 -31.73
C ALA D 113 56.04 5.59 -30.31
N ALA D 114 55.30 6.66 -30.04
CA ALA D 114 55.07 7.02 -28.65
C ALA D 114 54.24 5.95 -27.92
N THR D 115 52.97 5.83 -28.30
CA THR D 115 52.05 4.83 -27.76
C THR D 115 52.55 3.38 -27.85
N ALA D 116 53.77 3.21 -28.35
CA ALA D 116 54.24 1.88 -28.70
C ALA D 116 55.19 1.34 -27.65
N CYS D 117 54.67 0.56 -26.71
CA CYS D 117 55.51 -0.12 -25.77
C CYS D 117 55.58 -1.59 -26.15
N LEU D 118 56.80 -2.05 -26.37
CA LEU D 118 57.11 -3.45 -26.66
C LEU D 118 58.55 -3.57 -26.22
N GLN D 119 58.86 -4.54 -25.37
CA GLN D 119 60.22 -4.67 -24.88
C GLN D 119 60.63 -6.11 -24.68
N ASP D 120 61.79 -6.46 -25.24
CA ASP D 120 62.37 -7.79 -25.17
C ASP D 120 63.40 -7.89 -24.05
N TYR D 121 63.43 -9.02 -23.37
CA TYR D 121 64.38 -9.23 -22.30
C TYR D 121 65.16 -10.56 -22.47
N THR D 122 66.40 -10.58 -21.98
CA THR D 122 67.25 -11.80 -21.98
C THR D 122 68.14 -12.04 -20.71
N ASP D 123 68.60 -10.97 -20.08
CA ASP D 123 69.70 -11.10 -19.13
C ASP D 123 69.59 -12.03 -17.88
N ASP D 124 68.51 -12.83 -17.76
CA ASP D 124 68.26 -13.61 -16.51
C ASP D 124 68.04 -12.75 -15.25
N LEU D 125 67.54 -11.53 -15.46
CA LEU D 125 67.37 -10.53 -14.41
C LEU D 125 66.01 -9.82 -14.55
N GLY D 126 65.21 -9.84 -13.49
CA GLY D 126 63.88 -9.25 -13.51
C GLY D 126 63.79 -7.76 -13.34
N THR D 127 64.11 -7.01 -14.38
CA THR D 127 63.95 -5.57 -14.27
C THR D 127 62.55 -5.14 -14.75
N PHE D 128 61.58 -6.06 -14.76
CA PHE D 128 60.35 -5.76 -15.53
C PHE D 128 59.07 -5.34 -14.79
N THR D 129 58.42 -4.34 -15.35
CA THR D 129 57.47 -3.52 -14.62
C THR D 129 56.42 -2.82 -15.48
N SER D 130 55.20 -2.70 -14.96
CA SER D 130 54.11 -2.01 -15.64
C SER D 130 54.53 -0.57 -15.89
N PRO D 131 53.99 0.04 -16.95
CA PRO D 131 54.32 1.41 -17.36
C PRO D 131 54.23 2.32 -16.17
N ASN D 132 55.14 3.27 -16.05
CA ASN D 132 55.08 4.28 -15.00
C ASN D 132 55.33 3.81 -13.56
N PHE D 133 55.37 2.49 -13.35
CA PHE D 133 55.48 1.98 -11.99
C PHE D 133 56.62 2.60 -11.15
N PRO D 134 56.34 2.94 -9.87
CA PRO D 134 55.18 2.72 -9.00
C PRO D 134 54.07 3.74 -9.18
N ASN D 135 54.32 4.78 -9.95
CA ASN D 135 53.23 5.67 -10.27
C ASN D 135 52.17 4.97 -11.06
N ASN D 136 51.04 5.63 -11.18
CA ASN D 136 49.91 5.00 -11.84
C ASN D 136 50.11 4.88 -13.32
N TYR D 137 49.86 3.68 -13.81
CA TYR D 137 49.96 3.43 -15.23
C TYR D 137 48.85 4.14 -16.02
N PRO D 138 49.05 4.37 -17.33
CA PRO D 138 48.14 5.17 -18.13
C PRO D 138 46.89 4.42 -18.57
N ASN D 139 45.98 5.17 -19.20
CA ASN D 139 44.73 4.63 -19.72
C ASN D 139 44.86 4.24 -21.20
N ASN D 140 44.04 3.31 -21.64
CA ASN D 140 44.04 2.89 -23.03
C ASN D 140 45.39 2.44 -23.53
N TRP D 141 46.27 2.15 -22.58
CA TRP D 141 47.61 1.65 -22.86
C TRP D 141 47.58 0.18 -23.18
N GLU D 142 48.46 -0.22 -24.09
CA GLU D 142 48.75 -1.63 -24.32
C GLU D 142 50.23 -1.75 -24.29
N CYS D 143 50.71 -2.92 -23.93
CA CYS D 143 52.12 -3.08 -23.70
C CYS D 143 52.53 -4.53 -23.61
N ILE D 144 53.57 -4.88 -24.37
CA ILE D 144 53.96 -6.28 -24.58
C ILE D 144 55.35 -6.59 -24.04
N TYR D 145 55.54 -7.79 -23.53
CA TYR D 145 56.84 -8.19 -23.01
C TYR D 145 57.15 -9.59 -23.47
N ARG D 146 58.09 -9.76 -24.40
CA ARG D 146 58.62 -11.10 -24.69
C ARG D 146 59.87 -11.26 -23.81
N ILE D 147 60.15 -12.47 -23.30
CA ILE D 147 61.46 -12.71 -22.69
C ILE D 147 61.95 -14.09 -23.05
N THR D 148 63.09 -14.11 -23.74
CA THR D 148 63.69 -15.34 -24.21
C THR D 148 64.90 -15.56 -23.32
N VAL D 149 65.46 -16.77 -23.31
CA VAL D 149 66.67 -17.07 -22.51
C VAL D 149 67.54 -18.22 -23.08
N ARG D 150 68.44 -18.73 -22.23
CA ARG D 150 69.32 -19.86 -22.57
C ARG D 150 68.49 -21.11 -22.86
N THR D 151 68.89 -21.83 -23.89
CA THR D 151 68.09 -22.91 -24.44
C THR D 151 67.83 -24.07 -23.47
N GLY D 152 68.73 -24.26 -22.52
CA GLY D 152 68.48 -25.28 -21.51
C GLY D 152 67.23 -24.96 -20.71
N GLN D 153 67.28 -23.83 -20.01
CA GLN D 153 66.41 -23.54 -18.88
C GLN D 153 64.93 -23.27 -19.09
N LEU D 154 64.26 -23.10 -17.95
CA LEU D 154 62.90 -22.60 -17.83
C LEU D 154 62.89 -21.21 -17.18
N ILE D 155 61.86 -20.41 -17.47
CA ILE D 155 61.62 -19.15 -16.77
C ILE D 155 60.68 -19.31 -15.56
N ALA D 156 61.00 -18.62 -14.47
CA ALA D 156 60.15 -18.67 -13.28
C ALA D 156 59.94 -17.26 -12.74
N VAL D 157 58.76 -16.70 -12.99
CA VAL D 157 58.51 -15.31 -12.62
C VAL D 157 57.74 -15.16 -11.31
N HIS D 158 58.30 -14.32 -10.45
CA HIS D 158 57.73 -13.96 -9.15
C HIS D 158 57.29 -12.50 -9.20
N PHE D 159 56.24 -12.20 -8.46
CA PHE D 159 55.78 -10.83 -8.37
C PHE D 159 56.08 -10.15 -7.02
N THR D 160 56.54 -8.91 -7.11
CA THR D 160 56.76 -8.08 -5.94
C THR D 160 55.56 -7.17 -5.74
N ASN D 161 55.26 -6.35 -6.74
CA ASN D 161 54.09 -5.51 -6.64
C ASN D 161 53.02 -5.91 -7.69
N PHE D 162 51.73 -5.78 -7.35
CA PHE D 162 50.62 -6.07 -8.28
C PHE D 162 49.26 -5.55 -7.81
N SER D 163 48.88 -4.37 -8.27
CA SER D 163 47.58 -3.79 -7.97
C SER D 163 47.07 -3.32 -9.31
N LEU D 164 46.02 -3.97 -9.81
CA LEU D 164 45.37 -3.64 -11.11
C LEU D 164 43.86 -3.50 -10.94
N GLU D 165 43.21 -2.76 -11.84
CA GLU D 165 41.75 -2.53 -11.74
C GLU D 165 40.97 -3.81 -11.51
N GLU D 166 39.89 -3.70 -10.74
CA GLU D 166 39.11 -4.89 -10.43
C GLU D 166 38.31 -5.38 -11.63
N ALA D 167 37.83 -6.61 -11.57
CA ALA D 167 36.99 -7.15 -12.65
C ALA D 167 35.48 -6.90 -12.45
N ILE D 168 34.82 -6.37 -13.47
CA ILE D 168 33.36 -6.36 -13.50
C ILE D 168 32.87 -7.79 -13.79
N GLY D 169 32.33 -8.50 -12.81
CA GLY D 169 31.86 -9.84 -13.12
C GLY D 169 32.94 -10.67 -13.75
N ASN D 170 32.61 -11.42 -14.79
CA ASN D 170 33.63 -12.16 -15.48
C ASN D 170 34.26 -11.39 -16.63
N TYR D 171 33.97 -10.08 -16.63
CA TYR D 171 34.52 -9.15 -17.61
C TYR D 171 35.82 -8.56 -17.05
N TYR D 172 36.84 -8.40 -17.89
CA TYR D 172 38.09 -7.79 -17.48
C TYR D 172 38.07 -6.34 -17.83
N THR D 173 38.38 -5.52 -16.85
CA THR D 173 38.93 -4.21 -17.13
C THR D 173 40.35 -4.42 -16.70
N ASP D 174 41.32 -3.96 -17.49
CA ASP D 174 42.75 -4.04 -17.08
C ASP D 174 43.23 -5.42 -16.60
N PHE D 175 44.23 -5.96 -17.28
CA PHE D 175 44.70 -7.31 -16.98
C PHE D 175 46.20 -7.51 -17.33
N LEU D 176 46.74 -8.68 -16.99
CA LEU D 176 48.05 -9.08 -17.48
C LEU D 176 47.99 -10.51 -18.03
N GLU D 177 47.95 -10.62 -19.36
CA GLU D 177 47.98 -11.87 -20.11
C GLU D 177 49.37 -12.51 -20.14
N ILE D 178 49.49 -13.73 -19.60
CA ILE D 178 50.74 -14.51 -19.67
C ILE D 178 50.66 -15.80 -20.52
N ARG D 179 51.47 -15.85 -21.57
CA ARG D 179 51.49 -16.99 -22.44
C ARG D 179 52.78 -17.81 -22.33
N ASP D 180 52.66 -19.09 -22.65
CA ASP D 180 53.70 -20.09 -22.37
C ASP D 180 54.85 -20.14 -23.38
N GLY D 181 54.58 -19.74 -24.61
CA GLY D 181 55.63 -19.58 -25.61
C GLY D 181 56.30 -18.20 -25.74
N GLY D 182 56.53 -17.78 -26.97
CA GLY D 182 57.14 -16.48 -27.23
C GLY D 182 56.33 -15.71 -28.25
N TYR D 183 55.04 -16.05 -28.33
CA TYR D 183 54.14 -15.48 -29.34
C TYR D 183 52.73 -15.26 -28.78
N GLU D 184 51.98 -14.41 -29.46
CA GLU D 184 50.70 -13.94 -28.94
C GLU D 184 49.61 -14.99 -28.89
N LYS D 185 49.91 -16.22 -29.29
CA LYS D 185 48.87 -17.23 -29.32
C LYS D 185 49.36 -18.53 -28.69
N SER D 186 50.57 -18.48 -28.15
CA SER D 186 51.12 -19.56 -27.33
C SER D 186 50.22 -19.84 -26.14
N PRO D 187 50.24 -21.08 -25.59
CA PRO D 187 49.32 -21.52 -24.54
C PRO D 187 49.18 -20.49 -23.43
N LEU D 188 48.02 -20.47 -22.78
CA LEU D 188 47.71 -19.42 -21.83
C LEU D 188 48.04 -19.82 -20.41
N LEU D 189 49.13 -19.29 -19.88
CA LEU D 189 49.47 -19.52 -18.49
C LEU D 189 48.43 -18.93 -17.53
N GLY D 190 47.79 -17.84 -17.95
CA GLY D 190 46.85 -17.13 -17.12
C GLY D 190 46.67 -15.68 -17.54
N ILE D 191 45.50 -15.14 -17.20
CA ILE D 191 45.25 -13.71 -17.27
C ILE D 191 45.08 -13.22 -15.84
N PHE D 192 45.63 -12.05 -15.53
CA PHE D 192 45.70 -11.60 -14.14
C PHE D 192 45.26 -10.15 -13.98
N TYR D 193 44.45 -9.90 -12.94
CA TYR D 193 43.81 -8.61 -12.68
C TYR D 193 43.67 -8.37 -11.19
N GLY D 194 42.92 -7.32 -10.85
CA GLY D 194 42.65 -7.01 -9.46
C GLY D 194 43.89 -6.78 -8.61
N SER D 195 43.87 -7.28 -7.39
CA SER D 195 44.86 -6.82 -6.41
C SER D 195 45.67 -7.91 -5.74
N ASN D 196 45.42 -9.18 -6.08
CA ASN D 196 46.18 -10.30 -5.52
C ASN D 196 47.46 -10.67 -6.27
N LEU D 197 48.52 -10.99 -5.52
CA LEU D 197 49.80 -11.41 -6.12
C LEU D 197 49.73 -12.73 -6.89
N PRO D 198 49.95 -12.69 -8.22
CA PRO D 198 49.95 -13.94 -9.00
C PRO D 198 50.85 -14.97 -8.35
N PRO D 199 50.55 -16.25 -8.56
CA PRO D 199 51.41 -17.31 -8.04
C PRO D 199 52.77 -17.18 -8.73
N THR D 200 53.72 -18.04 -8.38
CA THR D 200 54.94 -18.09 -9.16
C THR D 200 54.60 -18.71 -10.48
N ILE D 201 55.01 -18.09 -11.58
CA ILE D 201 54.75 -18.67 -12.89
C ILE D 201 55.98 -19.44 -13.35
N ILE D 202 55.78 -20.61 -13.96
CA ILE D 202 56.87 -21.43 -14.47
C ILE D 202 56.62 -21.86 -15.92
N SER D 203 57.62 -21.74 -16.78
CA SER D 203 57.37 -22.04 -18.20
C SER D 203 57.54 -23.52 -18.52
N HIS D 204 57.57 -23.83 -19.81
CA HIS D 204 57.91 -25.17 -20.28
C HIS D 204 58.89 -24.97 -21.42
N SER D 205 59.39 -23.74 -21.52
CA SER D 205 60.24 -23.33 -22.61
C SER D 205 61.16 -22.25 -22.08
N ASN D 206 62.01 -21.72 -22.96
CA ASN D 206 62.86 -20.61 -22.57
C ASN D 206 62.27 -19.29 -23.07
N LYS D 207 61.06 -19.35 -23.63
CA LYS D 207 60.38 -18.14 -24.07
C LYS D 207 59.12 -17.88 -23.25
N LEU D 208 58.85 -16.61 -22.98
CA LEU D 208 57.61 -16.19 -22.31
C LEU D 208 57.10 -14.97 -23.01
N TRP D 209 55.78 -14.85 -23.08
CA TRP D 209 55.16 -13.76 -23.81
C TRP D 209 54.07 -13.17 -22.93
N LEU D 210 54.10 -11.84 -22.78
CA LEU D 210 53.25 -11.11 -21.85
C LEU D 210 52.61 -9.89 -22.48
N LYS D 211 51.38 -9.59 -22.04
CA LYS D 211 50.65 -8.41 -22.50
C LYS D 211 49.89 -7.79 -21.33
N PHE D 212 50.01 -6.48 -21.19
CA PHE D 212 49.27 -5.72 -20.22
C PHE D 212 48.35 -4.70 -20.92
N LYS D 213 47.03 -4.90 -20.87
CA LYS D 213 46.07 -3.96 -21.49
C LYS D 213 45.38 -3.09 -20.46
N SER D 214 45.11 -1.83 -20.80
CA SER D 214 44.27 -0.99 -19.95
C SER D 214 43.15 -0.26 -20.71
N ASP D 215 41.98 -0.14 -20.10
CA ASP D 215 40.83 0.48 -20.75
C ASP D 215 40.62 1.98 -20.48
N GLN D 216 39.50 2.49 -20.98
CA GLN D 216 39.18 3.92 -21.03
C GLN D 216 39.29 4.68 -19.72
N ILE D 217 39.02 4.02 -18.60
CA ILE D 217 39.01 4.72 -17.32
C ILE D 217 39.68 3.86 -16.26
N ASP D 218 40.10 4.50 -15.18
CA ASP D 218 40.55 3.81 -13.96
C ASP D 218 41.93 3.24 -13.98
N THR D 219 42.72 3.68 -13.04
CA THR D 219 44.15 3.56 -13.12
C THR D 219 44.67 3.14 -11.75
N ARG D 220 45.81 2.44 -11.69
CA ARG D 220 46.42 2.09 -10.42
C ARG D 220 47.93 2.12 -10.57
N SER D 221 48.65 1.51 -9.64
CA SER D 221 50.11 1.54 -9.67
C SER D 221 50.71 0.54 -10.65
N GLY D 222 50.07 -0.62 -10.75
CA GLY D 222 50.51 -1.63 -11.69
C GLY D 222 51.33 -2.66 -10.98
N PHE D 223 52.34 -3.20 -11.67
CA PHE D 223 53.11 -4.33 -11.12
C PHE D 223 54.61 -4.23 -11.35
N SER D 224 55.32 -5.07 -10.63
CA SER D 224 56.75 -5.22 -10.79
C SER D 224 57.05 -6.67 -10.46
N ALA D 225 57.79 -7.36 -11.32
CA ALA D 225 58.14 -8.73 -11.04
C ALA D 225 59.53 -9.08 -11.61
N TYR D 226 60.13 -10.15 -11.10
CA TYR D 226 61.45 -10.60 -11.51
C TYR D 226 61.41 -12.08 -11.90
N TRP D 227 62.55 -12.61 -12.36
CA TRP D 227 62.62 -13.98 -12.92
C TRP D 227 63.98 -14.73 -12.80
N ASP D 228 63.93 -16.07 -12.69
CA ASP D 228 65.13 -16.97 -12.62
C ASP D 228 65.28 -17.75 -13.93
N GLY D 229 66.44 -17.62 -14.57
CA GLY D 229 66.73 -18.46 -15.72
C GLY D 229 67.54 -19.71 -15.40
N SER D 230 67.06 -20.56 -14.50
CA SER D 230 67.86 -21.69 -14.01
C SER D 230 67.13 -23.06 -13.91
N SER D 231 67.72 -24.07 -14.54
CA SER D 231 67.29 -25.48 -14.42
C SER D 231 67.77 -26.33 -15.58
N THR D 232 67.90 -25.71 -16.75
CA THR D 232 68.26 -26.42 -17.97
C THR D 232 67.17 -27.41 -18.33
N GLY D 233 66.13 -27.49 -17.50
CA GLY D 233 64.98 -28.33 -17.77
C GLY D 233 64.07 -27.77 -18.87
N CYS D 234 63.16 -28.60 -19.39
CA CYS D 234 62.11 -28.06 -20.25
C CYS D 234 60.93 -29.05 -20.47
N GLY D 235 59.73 -28.51 -20.62
CA GLY D 235 58.51 -29.28 -20.40
C GLY D 235 58.05 -29.16 -18.95
N GLY D 236 57.06 -29.94 -18.52
CA GLY D 236 56.53 -29.84 -17.17
C GLY D 236 55.51 -30.88 -16.71
N ASN D 237 54.90 -30.62 -15.55
CA ASN D 237 54.00 -31.59 -14.91
C ASN D 237 52.48 -31.54 -15.27
N LEU D 238 52.07 -30.60 -16.14
CA LEU D 238 50.70 -30.49 -16.72
C LEU D 238 49.52 -31.05 -15.93
N THR D 239 48.86 -30.20 -15.17
CA THR D 239 47.94 -30.68 -14.16
C THR D 239 46.43 -30.54 -14.42
N THR D 240 46.06 -29.86 -15.49
CA THR D 240 44.64 -29.66 -15.75
C THR D 240 44.00 -30.82 -16.51
N SER D 241 42.75 -31.14 -16.19
CA SER D 241 42.02 -32.21 -16.85
C SER D 241 41.97 -32.05 -18.34
N SER D 242 42.45 -30.92 -18.81
CA SER D 242 42.50 -30.66 -20.24
C SER D 242 43.26 -29.35 -20.50
N GLY D 243 43.93 -29.27 -21.65
CA GLY D 243 44.89 -28.21 -21.90
C GLY D 243 45.55 -28.31 -23.26
N THR D 244 46.67 -27.64 -23.41
CA THR D 244 47.37 -27.50 -24.69
C THR D 244 48.86 -27.26 -24.47
N PHE D 245 49.74 -27.89 -25.26
CA PHE D 245 51.16 -27.57 -25.12
C PHE D 245 51.95 -27.55 -26.42
N ILE D 246 53.22 -27.14 -26.30
CA ILE D 246 54.01 -26.65 -27.43
C ILE D 246 55.46 -27.15 -27.49
N SER D 247 55.83 -27.73 -28.62
CA SER D 247 57.24 -27.95 -28.92
C SER D 247 57.94 -26.61 -28.98
N PRO D 248 59.02 -26.44 -28.20
CA PRO D 248 59.68 -25.13 -28.14
C PRO D 248 59.65 -24.30 -29.46
N ASN D 249 59.79 -22.99 -29.31
CA ASN D 249 59.83 -22.06 -30.42
C ASN D 249 58.61 -22.01 -31.31
N TYR D 250 57.82 -23.08 -31.28
CA TYR D 250 56.58 -23.13 -32.06
C TYR D 250 55.87 -21.80 -32.04
N PRO D 251 55.27 -21.41 -33.16
CA PRO D 251 55.25 -22.14 -34.43
C PRO D 251 56.62 -22.15 -35.18
N MET D 252 57.65 -21.55 -34.58
CA MET D 252 59.00 -21.64 -35.14
C MET D 252 59.63 -23.01 -34.89
N PRO D 253 60.42 -23.50 -35.86
CA PRO D 253 61.29 -24.67 -35.70
C PRO D 253 61.98 -24.68 -34.35
N TYR D 254 62.10 -25.86 -33.77
CA TYR D 254 62.57 -26.05 -32.39
C TYR D 254 64.09 -26.05 -32.23
N TYR D 255 64.51 -26.23 -30.98
CA TYR D 255 65.93 -26.32 -30.66
C TYR D 255 66.45 -27.73 -30.92
N HIS D 256 67.76 -27.88 -31.06
CA HIS D 256 68.34 -29.19 -31.37
C HIS D 256 68.94 -29.92 -30.16
N SER D 257 69.12 -31.23 -30.31
CA SER D 257 69.78 -32.06 -29.30
C SER D 257 69.17 -31.92 -27.91
N SER D 258 67.92 -31.50 -27.87
CA SER D 258 67.24 -31.36 -26.59
C SER D 258 66.26 -32.48 -26.40
N GLU D 259 66.02 -32.82 -25.13
CA GLU D 259 65.07 -33.85 -24.77
C GLU D 259 64.07 -33.23 -23.82
N CYS D 260 62.88 -32.96 -24.35
CA CYS D 260 61.82 -32.36 -23.56
C CYS D 260 60.85 -33.40 -23.03
N TYR D 261 60.20 -33.10 -21.92
CA TYR D 261 59.38 -34.07 -21.20
C TYR D 261 58.12 -33.44 -20.62
N TRP D 262 57.01 -34.17 -20.68
CA TRP D 262 55.73 -33.70 -20.13
C TRP D 262 54.91 -34.84 -19.55
N TRP D 263 54.42 -34.64 -18.32
CA TRP D 263 53.65 -35.67 -17.64
C TRP D 263 52.23 -35.20 -17.40
N LEU D 264 51.26 -35.83 -18.07
CA LEU D 264 49.86 -35.52 -17.82
C LEU D 264 49.30 -36.32 -16.67
N LYS D 265 48.96 -35.67 -15.58
CA LYS D 265 48.09 -36.29 -14.59
C LYS D 265 47.28 -35.23 -13.91
N SER D 266 45.96 -35.46 -13.87
CA SER D 266 45.05 -34.61 -13.12
C SER D 266 44.00 -35.46 -12.40
N SER D 267 42.87 -35.69 -13.05
CA SER D 267 41.77 -36.33 -12.36
C SER D 267 41.90 -37.81 -12.19
N HIS D 268 41.72 -38.23 -10.94
CA HIS D 268 41.94 -39.60 -10.56
C HIS D 268 40.98 -40.54 -11.25
N GLY D 269 41.54 -41.55 -11.89
CA GLY D 269 40.76 -42.65 -12.40
C GLY D 269 40.26 -42.47 -13.81
N SER D 270 40.64 -41.38 -14.47
CA SER D 270 40.11 -41.14 -15.82
C SER D 270 41.28 -40.93 -16.77
N ALA D 271 41.26 -41.63 -17.90
CA ALA D 271 42.38 -41.65 -18.84
C ALA D 271 42.47 -40.39 -19.70
N PHE D 272 43.69 -39.99 -20.04
CA PHE D 272 43.86 -38.86 -20.93
C PHE D 272 43.74 -39.29 -22.40
N GLU D 273 43.58 -38.33 -23.31
CA GLU D 273 43.68 -38.63 -24.72
C GLU D 273 44.29 -37.45 -25.47
N LEU D 274 45.20 -37.75 -26.40
CA LEU D 274 45.95 -36.73 -27.17
C LEU D 274 45.35 -36.41 -28.53
N GLU D 275 45.92 -35.40 -29.18
CA GLU D 275 45.48 -35.00 -30.52
C GLU D 275 46.38 -33.84 -30.90
N PHE D 276 46.57 -33.62 -32.20
CA PHE D 276 47.45 -32.53 -32.66
C PHE D 276 46.79 -31.67 -33.71
N LYS D 277 46.80 -30.37 -33.50
CA LYS D 277 46.30 -29.47 -34.52
C LYS D 277 47.38 -29.29 -35.56
N ASP D 278 48.48 -30.05 -35.45
CA ASP D 278 49.66 -29.76 -36.27
C ASP D 278 50.90 -30.60 -35.91
N PHE D 279 51.35 -31.46 -36.82
CA PHE D 279 52.59 -32.23 -36.60
C PHE D 279 53.61 -32.15 -37.74
N HIS D 280 54.89 -32.02 -37.36
CA HIS D 280 55.98 -31.96 -38.32
C HIS D 280 57.38 -32.15 -37.68
N LEU D 281 58.09 -33.16 -38.18
CA LEU D 281 59.42 -33.53 -37.70
C LEU D 281 60.15 -34.28 -38.81
N GLU D 282 61.39 -34.68 -38.53
CA GLU D 282 62.20 -35.39 -39.51
C GLU D 282 61.59 -36.73 -39.86
N HIS D 283 61.21 -36.87 -41.13
CA HIS D 283 60.73 -38.13 -41.64
C HIS D 283 61.85 -39.15 -41.48
N HIS D 284 61.51 -40.39 -41.14
CA HIS D 284 62.53 -41.43 -41.00
C HIS D 284 61.95 -42.82 -41.08
N PRO D 285 62.44 -43.61 -42.05
CA PRO D 285 62.08 -45.03 -41.99
C PRO D 285 62.44 -45.50 -40.59
N ASN D 286 61.55 -46.28 -39.96
CA ASN D 286 61.85 -46.84 -38.66
C ASN D 286 61.89 -45.81 -37.52
N CYS D 287 61.93 -44.51 -37.87
CA CYS D 287 61.83 -43.43 -36.89
C CYS D 287 62.93 -43.45 -35.83
N THR D 288 63.56 -42.30 -35.56
CA THR D 288 64.61 -42.24 -34.54
C THR D 288 65.55 -41.01 -34.53
N LEU D 289 65.45 -40.17 -35.55
CA LEU D 289 66.27 -38.97 -35.58
C LEU D 289 65.76 -38.01 -34.50
N ASP D 290 64.66 -37.33 -34.82
CA ASP D 290 63.91 -36.53 -33.84
C ASP D 290 62.51 -37.14 -33.81
N TYR D 291 62.04 -37.48 -32.61
CA TYR D 291 60.85 -38.30 -32.45
C TYR D 291 60.08 -37.87 -31.22
N LEU D 292 58.85 -38.38 -31.11
CA LEU D 292 57.99 -38.07 -29.97
C LEU D 292 57.36 -39.34 -29.43
N ALA D 293 57.79 -39.77 -28.25
CA ALA D 293 57.27 -40.98 -27.63
C ALA D 293 56.20 -40.70 -26.58
N VAL D 294 55.03 -41.32 -26.75
CA VAL D 294 54.02 -41.29 -25.71
C VAL D 294 54.14 -42.56 -24.86
N TYR D 295 53.61 -42.54 -23.63
CA TYR D 295 53.82 -43.66 -22.71
C TYR D 295 52.63 -43.85 -21.78
N ASP D 296 51.89 -44.93 -21.96
CA ASP D 296 50.81 -45.26 -21.06
C ASP D 296 51.28 -45.45 -19.62
N GLY D 297 51.41 -44.36 -18.88
CA GLY D 297 51.89 -44.43 -17.52
C GLY D 297 52.78 -43.26 -17.16
N PRO D 298 53.06 -43.11 -15.86
CA PRO D 298 53.82 -41.99 -15.29
C PRO D 298 55.30 -41.85 -15.68
N SER D 299 55.94 -42.89 -16.19
CA SER D 299 57.36 -42.81 -16.50
C SER D 299 57.69 -43.61 -17.75
N SER D 300 58.89 -43.41 -18.28
CA SER D 300 59.34 -44.17 -19.46
C SER D 300 59.29 -45.69 -19.29
N ASN D 301 59.45 -46.17 -18.05
CA ASN D 301 59.37 -47.59 -17.75
C ASN D 301 58.08 -48.21 -18.25
N SER D 302 57.01 -47.41 -18.25
CA SER D 302 55.68 -47.87 -18.66
C SER D 302 55.60 -48.26 -20.12
N HIS D 303 54.53 -48.93 -20.49
CA HIS D 303 54.37 -49.46 -21.83
C HIS D 303 54.35 -48.38 -22.90
N LEU D 304 55.33 -48.37 -23.81
CA LEU D 304 55.36 -47.37 -24.87
C LEU D 304 54.25 -47.52 -25.90
N LEU D 305 53.30 -46.57 -25.90
CA LEU D 305 52.16 -46.59 -26.82
C LEU D 305 52.55 -46.24 -28.25
N THR D 306 53.45 -45.30 -28.42
CA THR D 306 53.89 -44.92 -29.75
C THR D 306 55.17 -44.13 -29.74
N GLN D 307 55.90 -44.20 -30.85
CA GLN D 307 56.96 -43.25 -31.13
C GLN D 307 56.67 -42.64 -32.51
N LEU D 308 56.78 -41.32 -32.59
CA LEU D 308 56.34 -40.58 -33.78
C LEU D 308 57.44 -39.69 -34.33
N CYS D 309 57.49 -39.61 -35.65
CA CYS D 309 58.37 -38.66 -36.32
C CYS D 309 57.80 -38.39 -37.70
N GLY D 310 58.43 -37.46 -38.41
CA GLY D 310 57.98 -37.11 -39.73
C GLY D 310 56.89 -36.06 -39.78
N ASP D 311 56.22 -36.01 -40.92
CA ASP D 311 55.36 -34.90 -41.28
C ASP D 311 53.87 -35.23 -41.18
N GLU D 312 53.53 -36.49 -40.90
CA GLU D 312 52.12 -36.89 -40.92
C GLU D 312 51.42 -36.65 -39.58
N LYS D 313 50.13 -36.32 -39.63
CA LYS D 313 49.35 -36.02 -38.42
C LYS D 313 48.65 -37.20 -37.76
N PRO D 314 49.12 -37.61 -36.57
CA PRO D 314 48.67 -38.77 -35.78
C PRO D 314 47.17 -38.87 -35.56
N PRO D 315 46.73 -40.09 -35.19
CA PRO D 315 45.39 -40.46 -34.74
C PRO D 315 45.34 -40.26 -33.24
N LEU D 316 44.21 -39.84 -32.69
CA LEU D 316 44.23 -39.48 -31.29
C LEU D 316 44.79 -40.66 -30.49
N ILE D 317 45.33 -40.40 -29.31
CA ILE D 317 46.07 -41.42 -28.60
C ILE D 317 45.51 -41.61 -27.20
N ARG D 318 44.53 -42.49 -27.07
CA ARG D 318 43.95 -42.67 -25.76
C ARG D 318 44.83 -43.48 -24.82
N SER D 319 45.42 -42.82 -23.84
CA SER D 319 46.07 -43.52 -22.74
C SER D 319 45.05 -44.50 -22.19
N SER D 320 45.52 -45.54 -21.50
CA SER D 320 44.61 -46.51 -20.87
C SER D 320 44.52 -46.32 -19.36
N GLY D 321 45.30 -45.39 -18.82
CA GLY D 321 45.30 -45.15 -17.39
C GLY D 321 45.28 -43.69 -16.95
N ASP D 322 45.24 -43.53 -15.63
CA ASP D 322 45.32 -42.26 -14.95
C ASP D 322 46.34 -41.28 -15.54
N SER D 323 47.61 -41.67 -15.52
CA SER D 323 48.70 -40.80 -16.00
C SER D 323 49.01 -40.98 -17.48
N MET D 324 49.79 -40.07 -18.04
CA MET D 324 50.30 -40.27 -19.38
C MET D 324 51.57 -39.45 -19.46
N PHE D 325 52.67 -40.10 -19.84
CA PHE D 325 53.99 -39.47 -19.97
C PHE D 325 54.31 -39.21 -21.45
N ILE D 326 55.09 -38.17 -21.74
CA ILE D 326 55.46 -37.87 -23.12
C ILE D 326 56.84 -37.29 -23.21
N LYS D 327 57.70 -37.92 -24.00
CA LYS D 327 59.08 -37.47 -24.11
C LYS D 327 59.37 -37.25 -25.58
N LEU D 328 60.12 -36.20 -25.87
CA LEU D 328 60.54 -35.95 -27.23
C LEU D 328 62.00 -35.55 -27.24
N ARG D 329 62.74 -36.09 -28.22
CA ARG D 329 64.18 -35.87 -28.37
C ARG D 329 64.54 -35.50 -29.81
N THR D 330 65.51 -34.61 -29.93
CA THR D 330 65.98 -34.10 -31.20
C THR D 330 67.49 -34.30 -31.35
N ASP D 331 67.91 -34.78 -32.50
CA ASP D 331 69.33 -34.79 -32.78
C ASP D 331 69.75 -33.43 -33.33
N GLU D 332 71.01 -33.10 -33.06
CA GLU D 332 71.67 -31.93 -33.60
C GLU D 332 71.32 -31.95 -35.07
N GLY D 333 71.08 -30.78 -35.64
CA GLY D 333 70.81 -30.71 -37.07
C GLY D 333 69.49 -31.32 -37.53
N GLN D 334 68.85 -30.59 -38.45
CA GLN D 334 67.45 -30.77 -38.82
C GLN D 334 66.47 -30.52 -37.67
N GLN D 335 65.48 -29.68 -38.01
CA GLN D 335 64.44 -29.23 -37.10
C GLN D 335 63.18 -28.87 -37.89
N GLY D 336 62.06 -29.54 -37.58
CA GLY D 336 60.77 -29.22 -38.18
C GLY D 336 60.08 -28.09 -37.43
N ARG D 337 58.91 -27.64 -37.88
CA ARG D 337 58.26 -26.52 -37.19
C ARG D 337 57.88 -26.90 -35.75
N GLY D 338 57.35 -28.13 -35.59
CA GLY D 338 57.01 -28.64 -34.28
C GLY D 338 55.56 -29.09 -34.18
N PHE D 339 55.05 -29.17 -32.96
CA PHE D 339 53.67 -29.60 -32.79
C PHE D 339 52.88 -28.73 -31.82
N LYS D 340 51.56 -28.91 -31.84
CA LYS D 340 50.65 -28.26 -30.93
C LYS D 340 49.63 -29.33 -30.51
N ALA D 341 49.44 -29.50 -29.21
CA ALA D 341 48.68 -30.67 -28.76
C ALA D 341 47.48 -30.35 -27.89
N GLU D 342 46.27 -30.50 -28.43
CA GLU D 342 45.09 -30.44 -27.61
C GLU D 342 45.12 -31.78 -26.91
N TYR D 343 44.79 -31.81 -25.64
CA TYR D 343 44.63 -33.07 -24.91
C TYR D 343 43.49 -33.00 -23.93
N ARG D 344 42.58 -33.93 -24.00
CA ARG D 344 41.40 -33.89 -23.19
C ARG D 344 41.56 -35.07 -22.30
N GLN D 345 40.83 -35.10 -21.20
CA GLN D 345 40.79 -36.28 -20.33
C GLN D 345 39.46 -37.03 -20.47
N THR D 346 39.46 -38.33 -20.78
CA THR D 346 38.20 -39.05 -21.05
C THR D 346 37.64 -39.73 -19.84
N CYS D 347 36.45 -40.28 -20.02
CA CYS D 347 35.90 -41.15 -19.03
C CYS D 347 34.97 -42.16 -19.67
N GLU D 348 34.89 -42.20 -20.99
CA GLU D 348 33.99 -43.20 -21.54
C GLU D 348 34.65 -44.55 -21.75
N ASN D 349 34.19 -45.50 -20.97
CA ASN D 349 34.56 -46.89 -21.11
C ASN D 349 35.96 -47.20 -20.66
N VAL D 350 36.42 -46.57 -19.56
CA VAL D 350 37.73 -46.90 -18.99
C VAL D 350 37.70 -48.08 -18.05
N VAL D 351 38.90 -48.64 -17.86
CA VAL D 351 39.12 -49.84 -17.07
C VAL D 351 40.44 -49.74 -16.30
N ILE D 352 40.34 -49.83 -14.98
CA ILE D 352 41.53 -50.01 -14.16
C ILE D 352 41.78 -51.52 -14.15
N VAL D 353 42.80 -51.97 -14.86
CA VAL D 353 43.05 -53.39 -14.99
C VAL D 353 43.62 -53.99 -13.71
N ASN D 354 44.52 -53.24 -13.10
CA ASN D 354 45.10 -53.71 -11.86
C ASN D 354 45.66 -52.61 -11.00
N GLN D 355 45.19 -52.58 -9.78
CA GLN D 355 45.62 -51.58 -8.82
C GLN D 355 45.10 -52.05 -7.49
N THR D 356 46.01 -52.06 -6.54
CA THR D 356 45.70 -52.35 -5.16
C THR D 356 44.60 -51.40 -4.66
N TYR D 357 44.83 -50.10 -4.82
CA TYR D 357 43.91 -49.08 -4.33
C TYR D 357 43.80 -47.92 -5.32
N GLY D 358 42.95 -46.94 -5.01
CA GLY D 358 42.91 -45.71 -5.77
C GLY D 358 41.74 -44.80 -5.48
N ILE D 359 41.64 -43.74 -6.28
CA ILE D 359 40.56 -42.77 -6.17
C ILE D 359 39.75 -42.64 -7.47
N LEU D 360 38.45 -42.43 -7.31
CA LEU D 360 37.58 -42.09 -8.43
C LEU D 360 36.94 -40.71 -8.30
N GLU D 361 37.30 -39.76 -9.16
CA GLU D 361 36.71 -38.43 -9.08
C GLU D 361 36.18 -38.00 -10.44
N SER D 362 34.99 -37.39 -10.41
CA SER D 362 34.38 -36.86 -11.61
C SER D 362 35.27 -35.78 -12.26
N ILE D 363 35.61 -35.94 -13.54
CA ILE D 363 36.72 -35.19 -14.17
C ILE D 363 37.07 -33.83 -13.57
N GLY D 364 36.19 -32.85 -13.64
CA GLY D 364 36.63 -31.57 -13.16
C GLY D 364 37.20 -31.58 -11.74
N TYR D 365 36.64 -32.45 -10.91
CA TYR D 365 36.57 -32.30 -9.44
C TYR D 365 37.79 -31.73 -8.77
N PRO D 366 37.58 -30.76 -7.85
CA PRO D 366 36.27 -30.33 -7.36
C PRO D 366 35.54 -29.32 -8.24
N ASN D 367 35.98 -29.06 -9.46
CA ASN D 367 35.16 -28.25 -10.34
C ASN D 367 33.84 -28.95 -10.69
N PRO D 368 32.74 -28.21 -10.74
CA PRO D 368 31.39 -28.73 -11.01
C PRO D 368 31.35 -29.49 -12.33
N TYR D 369 30.56 -30.55 -12.39
CA TYR D 369 30.78 -31.54 -13.42
C TYR D 369 30.21 -31.20 -14.81
N SER D 370 30.92 -31.60 -15.86
CA SER D 370 30.53 -31.22 -17.20
C SER D 370 29.17 -31.76 -17.56
N GLU D 371 28.41 -30.95 -18.29
CA GLU D 371 27.11 -31.38 -18.80
C GLU D 371 27.24 -32.45 -19.86
N ASN D 372 26.28 -33.36 -19.85
CA ASN D 372 26.09 -34.30 -20.96
C ASN D 372 27.05 -35.47 -21.04
N GLN D 373 27.35 -36.07 -19.89
CA GLN D 373 28.30 -37.16 -19.78
C GLN D 373 27.66 -38.54 -19.66
N HIS D 374 28.18 -39.48 -20.42
CA HIS D 374 27.90 -40.88 -20.22
C HIS D 374 29.17 -41.50 -19.71
N CYS D 375 29.35 -41.48 -18.40
CA CYS D 375 30.60 -41.92 -17.81
C CYS D 375 30.55 -43.36 -17.33
N ASN D 376 31.60 -44.11 -17.66
CA ASN D 376 31.64 -45.55 -17.38
C ASN D 376 33.01 -46.03 -16.99
N TRP D 377 33.31 -46.03 -15.69
CA TRP D 377 34.55 -46.65 -15.24
C TRP D 377 34.28 -48.07 -14.77
N THR D 378 35.33 -48.89 -14.79
CA THR D 378 35.23 -50.29 -14.39
C THR D 378 36.54 -50.71 -13.77
N ILE D 379 36.54 -50.98 -12.47
CA ILE D 379 37.74 -51.43 -11.76
C ILE D 379 37.76 -52.96 -11.68
N ARG D 380 38.84 -53.60 -12.11
CA ARG D 380 38.85 -55.06 -12.05
C ARG D 380 39.81 -55.66 -11.03
N ALA D 381 39.23 -56.47 -10.13
CA ALA D 381 39.97 -57.17 -9.11
C ALA D 381 40.53 -58.51 -9.62
N THR D 382 41.84 -58.62 -9.65
CA THR D 382 42.52 -59.80 -10.11
C THR D 382 41.96 -61.07 -9.49
N THR D 383 41.96 -62.16 -10.25
CA THR D 383 41.68 -63.49 -9.73
C THR D 383 40.26 -63.66 -9.22
N GLY D 384 40.14 -64.06 -7.95
CA GLY D 384 38.85 -64.23 -7.30
C GLY D 384 38.68 -63.33 -6.11
N ASN D 385 39.15 -62.09 -6.24
CA ASN D 385 38.95 -61.07 -5.20
C ASN D 385 37.66 -60.22 -5.38
N THR D 386 37.58 -59.12 -4.64
CA THR D 386 36.47 -58.17 -4.71
C THR D 386 36.95 -56.72 -4.63
N VAL D 387 36.01 -55.80 -4.39
CA VAL D 387 36.29 -54.35 -4.28
C VAL D 387 35.43 -53.70 -3.18
N ASN D 388 36.03 -53.20 -2.07
CA ASN D 388 35.28 -52.42 -1.07
C ASN D 388 35.06 -50.96 -1.59
N TYR D 389 33.93 -50.29 -1.27
CA TYR D 389 33.71 -48.86 -1.52
C TYR D 389 33.84 -48.04 -0.30
N THR D 390 33.99 -46.75 -0.50
CA THR D 390 33.71 -45.76 0.52
C THR D 390 33.65 -44.45 -0.22
N PHE D 391 32.70 -43.60 0.14
CA PHE D 391 32.64 -42.29 -0.50
C PHE D 391 33.22 -41.17 0.33
N LEU D 392 33.64 -40.12 -0.35
CA LEU D 392 34.31 -39.03 0.33
C LEU D 392 33.66 -37.67 0.07
N ALA D 393 33.12 -37.51 -1.13
CA ALA D 393 32.38 -36.30 -1.43
C ALA D 393 31.29 -36.71 -2.37
N PHE D 394 30.14 -36.07 -2.21
CA PHE D 394 29.04 -36.34 -3.08
C PHE D 394 28.18 -35.09 -3.15
N ASP D 395 27.76 -34.73 -4.36
CA ASP D 395 27.06 -33.48 -4.60
C ASP D 395 26.57 -33.47 -6.01
N LEU D 396 25.44 -34.14 -6.26
CA LEU D 396 24.77 -34.14 -7.57
C LEU D 396 23.46 -33.33 -7.52
N GLU D 397 22.83 -33.09 -8.66
CA GLU D 397 21.50 -32.47 -8.68
C GLU D 397 20.52 -33.31 -7.86
N HIS D 398 19.24 -32.95 -7.81
CA HIS D 398 18.37 -33.65 -6.88
C HIS D 398 17.12 -34.34 -7.43
N HIS D 399 16.87 -35.52 -6.85
CA HIS D 399 15.66 -36.32 -7.07
C HIS D 399 15.06 -36.35 -8.47
N ILE D 400 13.73 -36.29 -8.50
CA ILE D 400 12.93 -36.81 -9.59
C ILE D 400 13.26 -38.29 -9.78
N ASN D 401 13.32 -39.04 -8.67
CA ASN D 401 13.68 -40.44 -8.70
C ASN D 401 15.03 -40.58 -9.38
N CYS D 402 15.94 -39.70 -8.99
CA CYS D 402 17.27 -39.64 -9.57
C CYS D 402 17.26 -39.83 -11.09
N SER D 403 16.39 -39.09 -11.75
CA SER D 403 16.22 -39.15 -13.20
C SER D 403 16.77 -37.91 -13.90
N THR D 404 17.14 -36.89 -13.14
CA THR D 404 17.82 -35.74 -13.72
C THR D 404 19.32 -36.05 -14.01
N ASP D 405 20.14 -35.94 -12.96
CA ASP D 405 21.55 -36.38 -12.94
C ASP D 405 21.69 -37.51 -11.97
N TYR D 406 22.54 -38.48 -12.28
CA TYR D 406 22.82 -39.53 -11.30
C TYR D 406 24.11 -40.31 -11.45
N LEU D 407 24.31 -41.23 -10.51
CA LEU D 407 25.44 -42.15 -10.52
C LEU D 407 25.00 -43.58 -10.11
N GLU D 408 25.35 -44.60 -10.91
CA GLU D 408 25.00 -45.99 -10.59
C GLU D 408 26.22 -46.80 -10.20
N LEU D 409 26.00 -47.87 -9.43
CA LEU D 409 27.06 -48.83 -9.07
C LEU D 409 26.70 -50.25 -9.47
N TYR D 410 27.71 -51.03 -9.86
CA TYR D 410 27.47 -52.39 -10.35
C TYR D 410 28.43 -53.41 -9.78
N ASP D 411 27.86 -54.56 -9.45
CA ASP D 411 28.61 -55.74 -9.08
C ASP D 411 28.56 -56.68 -10.27
N GLY D 412 29.55 -56.59 -11.15
CA GLY D 412 29.42 -57.29 -12.41
C GLY D 412 28.16 -56.78 -13.11
N PRO D 413 27.20 -57.68 -13.37
CA PRO D 413 25.94 -57.34 -14.03
C PRO D 413 24.90 -56.74 -13.08
N ARG D 414 25.00 -57.02 -11.78
CA ARG D 414 23.94 -56.61 -10.86
C ARG D 414 24.08 -55.16 -10.37
N GLN D 415 22.99 -54.41 -10.40
CA GLN D 415 23.00 -53.06 -9.88
C GLN D 415 22.81 -52.99 -8.38
N MET D 416 23.70 -52.26 -7.71
CA MET D 416 23.60 -52.09 -6.27
C MET D 416 22.92 -50.78 -5.92
N GLY D 417 22.71 -49.90 -6.89
CA GLY D 417 21.97 -48.69 -6.60
C GLY D 417 22.14 -47.51 -7.54
N ARG D 418 21.25 -46.53 -7.36
CA ARG D 418 21.25 -45.33 -8.15
C ARG D 418 21.10 -44.13 -7.23
N TYR D 419 22.05 -43.21 -7.33
CA TYR D 419 22.26 -42.16 -6.32
C TYR D 419 22.28 -40.71 -6.86
N CYS D 420 21.99 -39.77 -5.96
CA CYS D 420 22.04 -38.34 -6.24
C CYS D 420 21.86 -37.56 -4.96
N GLY D 421 21.60 -36.27 -5.12
CA GLY D 421 21.42 -35.41 -3.95
C GLY D 421 22.77 -35.01 -3.45
N VAL D 422 22.81 -34.50 -2.23
CA VAL D 422 24.09 -34.21 -1.62
C VAL D 422 24.34 -35.23 -0.51
N ASP D 423 23.55 -36.29 -0.53
CA ASP D 423 23.74 -37.40 0.39
C ASP D 423 24.86 -38.35 0.01
N LEU D 424 25.79 -38.52 0.93
CA LEU D 424 26.89 -39.47 0.78
C LEU D 424 26.40 -40.93 0.88
N PRO D 425 26.60 -41.72 -0.19
CA PRO D 425 26.23 -43.14 -0.24
C PRO D 425 27.05 -43.99 0.72
N PRO D 426 26.54 -45.17 1.08
CA PRO D 426 27.15 -46.14 2.00
C PRO D 426 28.47 -46.75 1.52
N PRO D 427 29.33 -47.20 2.45
CA PRO D 427 30.36 -48.15 2.02
C PRO D 427 29.70 -49.36 1.31
N GLY D 428 30.51 -50.32 0.85
CA GLY D 428 29.97 -51.52 0.21
C GLY D 428 31.03 -52.48 -0.31
N SER D 429 30.60 -53.57 -0.92
CA SER D 429 31.54 -54.50 -1.53
C SER D 429 30.93 -55.36 -2.65
N THR D 430 31.71 -55.55 -3.69
CA THR D 430 31.31 -56.43 -4.75
C THR D 430 31.50 -57.86 -4.32
N THR D 431 30.56 -58.72 -4.68
CA THR D 431 30.75 -60.15 -4.55
C THR D 431 31.47 -60.65 -5.80
N SER D 432 31.73 -59.72 -6.72
CA SER D 432 32.40 -60.05 -7.97
C SER D 432 33.80 -59.45 -8.04
N SER D 433 34.48 -59.66 -9.15
CA SER D 433 35.74 -58.99 -9.42
C SER D 433 35.52 -57.81 -10.35
N LYS D 434 34.33 -57.71 -10.92
CA LYS D 434 33.96 -56.56 -11.74
C LYS D 434 33.24 -55.53 -10.90
N LEU D 435 33.59 -54.28 -11.11
CA LEU D 435 32.94 -53.17 -10.43
C LEU D 435 32.78 -51.94 -11.35
N GLN D 436 31.57 -51.73 -11.87
CA GLN D 436 31.28 -50.64 -12.81
C GLN D 436 30.71 -49.43 -12.09
N VAL D 437 31.21 -48.24 -12.42
CA VAL D 437 30.57 -46.98 -12.00
C VAL D 437 30.01 -46.15 -13.19
N LEU D 438 28.73 -45.83 -13.14
CA LEU D 438 28.10 -45.01 -14.17
C LEU D 438 27.65 -43.68 -13.61
N LEU D 439 28.06 -42.60 -14.25
CA LEU D 439 27.60 -41.27 -13.87
C LEU D 439 26.98 -40.61 -15.07
N LEU D 440 25.66 -40.50 -15.08
CA LEU D 440 24.98 -39.83 -16.15
C LEU D 440 24.58 -38.41 -15.75
N THR D 441 25.00 -37.44 -16.57
CA THR D 441 24.74 -36.04 -16.27
C THR D 441 24.03 -35.38 -17.46
N ASP D 442 23.15 -34.44 -17.16
CA ASP D 442 22.36 -33.77 -18.17
C ASP D 442 22.94 -32.41 -18.47
N GLY D 443 22.18 -31.58 -19.18
CA GLY D 443 22.69 -30.33 -19.72
C GLY D 443 22.52 -29.02 -18.94
N VAL D 444 22.29 -29.04 -17.63
CA VAL D 444 22.16 -27.78 -16.88
C VAL D 444 22.76 -27.94 -15.49
N GLY D 445 23.00 -26.84 -14.75
CA GLY D 445 23.40 -26.96 -13.35
C GLY D 445 23.65 -25.69 -12.53
N ARG D 446 23.43 -25.75 -11.22
CA ARG D 446 23.87 -24.71 -10.29
C ARG D 446 25.36 -24.89 -10.08
N ARG D 447 25.89 -25.92 -10.70
CA ARG D 447 27.31 -26.19 -10.64
C ARG D 447 27.63 -26.91 -9.36
N GLU D 448 27.01 -28.08 -9.25
CA GLU D 448 27.31 -29.01 -8.21
C GLU D 448 28.58 -29.77 -8.55
N LYS D 449 29.34 -30.08 -7.50
CA LYS D 449 30.77 -30.34 -7.56
C LYS D 449 31.12 -31.64 -8.25
N GLY D 450 30.39 -32.70 -7.93
CA GLY D 450 30.70 -34.00 -8.48
C GLY D 450 30.74 -35.03 -7.39
N PHE D 451 31.74 -35.90 -7.42
CA PHE D 451 31.90 -36.90 -6.39
C PHE D 451 33.36 -37.33 -6.31
N GLN D 452 33.69 -38.04 -5.23
CA GLN D 452 35.03 -38.61 -5.02
C GLN D 452 34.86 -39.88 -4.19
N MET D 453 35.55 -40.96 -4.56
CA MET D 453 35.49 -42.20 -3.76
C MET D 453 36.71 -43.15 -3.82
N GLN D 454 36.88 -43.95 -2.76
CA GLN D 454 38.03 -44.84 -2.53
C GLN D 454 37.84 -46.26 -3.09
N TRP D 455 38.92 -47.01 -3.32
CA TRP D 455 38.71 -48.41 -3.65
C TRP D 455 39.78 -49.41 -3.19
N PHE D 456 39.37 -50.69 -3.06
CA PHE D 456 40.18 -51.79 -2.46
C PHE D 456 40.26 -53.00 -3.36
N VAL D 457 40.70 -54.11 -2.78
CA VAL D 457 40.73 -55.38 -3.48
C VAL D 457 40.81 -56.55 -2.48
N SER E 1 7.94 34.38 -30.20
CA SER E 1 6.99 34.96 -29.25
C SER E 1 7.43 36.38 -28.96
N CYS E 2 8.51 36.45 -28.20
CA CYS E 2 9.18 37.69 -27.91
C CYS E 2 10.59 37.24 -27.66
N SER E 3 10.96 36.15 -28.32
CA SER E 3 12.34 35.70 -28.40
C SER E 3 13.16 36.89 -28.88
N VAL E 4 14.36 37.05 -28.34
CA VAL E 4 15.20 38.18 -28.68
C VAL E 4 15.62 38.19 -30.16
N PRO E 5 15.29 39.28 -30.86
CA PRO E 5 15.83 39.56 -32.20
C PRO E 5 17.29 39.11 -32.30
N SER E 6 17.60 38.24 -33.24
CA SER E 6 18.97 37.78 -33.45
C SER E 6 19.91 38.96 -33.68
N ALA E 7 19.35 40.04 -34.21
CA ALA E 7 20.05 41.29 -34.39
C ALA E 7 20.63 41.75 -33.06
N GLN E 8 19.81 41.61 -32.02
CA GLN E 8 20.14 42.07 -30.67
C GLN E 8 20.89 41.06 -29.79
N GLU E 9 21.02 39.81 -30.23
CA GLU E 9 21.71 38.81 -29.44
C GLU E 9 23.12 39.20 -28.93
N PRO E 10 23.94 39.84 -29.76
CA PRO E 10 25.27 40.24 -29.25
C PRO E 10 25.17 40.98 -27.92
N LEU E 11 24.16 41.84 -27.85
CA LEU E 11 23.84 42.67 -26.70
C LEU E 11 23.64 41.83 -25.45
N VAL E 12 23.09 40.62 -25.65
CA VAL E 12 22.85 39.64 -24.60
C VAL E 12 24.12 38.91 -24.16
N ASN E 13 24.76 38.16 -25.07
CA ASN E 13 25.99 37.47 -24.72
C ASN E 13 26.98 38.44 -24.11
N GLY E 14 26.72 39.72 -24.32
CA GLY E 14 27.47 40.75 -23.65
C GLY E 14 27.48 40.48 -22.15
N ILE E 15 26.39 40.87 -21.51
CA ILE E 15 26.21 40.72 -20.06
C ILE E 15 26.50 39.30 -19.56
N GLN E 16 26.24 38.29 -20.38
CA GLN E 16 26.45 36.92 -19.97
C GLN E 16 27.87 36.78 -19.50
N VAL E 17 28.77 37.42 -20.24
CA VAL E 17 30.20 37.36 -19.94
C VAL E 17 30.50 38.30 -18.80
N LEU E 18 30.04 39.53 -18.93
CA LEU E 18 30.19 40.51 -17.89
C LEU E 18 29.75 39.95 -16.51
N MET E 19 28.78 39.03 -16.50
CA MET E 19 28.39 38.32 -15.28
C MET E 19 29.41 37.24 -14.92
N GLU E 20 29.74 36.38 -15.88
CA GLU E 20 30.66 35.29 -15.57
C GLU E 20 31.99 35.82 -15.11
N ASN E 21 32.33 37.02 -15.51
CA ASN E 21 33.61 37.55 -15.09
C ASN E 21 33.63 37.95 -13.65
N SER E 22 32.47 38.07 -13.04
CA SER E 22 32.41 38.52 -11.65
C SER E 22 32.82 37.42 -10.67
N VAL E 23 32.89 36.18 -11.16
CA VAL E 23 33.25 35.02 -10.36
C VAL E 23 34.75 34.82 -10.09
N THR E 24 35.19 35.09 -8.89
CA THR E 24 36.60 35.01 -8.62
C THR E 24 36.70 34.30 -7.30
N SER E 25 37.91 34.15 -6.77
CA SER E 25 38.07 33.34 -5.57
C SER E 25 37.64 34.05 -4.30
N SER E 26 37.57 35.37 -4.38
CA SER E 26 37.18 36.18 -3.25
C SER E 26 35.80 36.80 -3.48
N ALA E 27 35.23 36.57 -4.66
CA ALA E 27 33.87 36.99 -4.89
C ALA E 27 33.03 36.20 -3.89
N TYR E 28 31.88 36.76 -3.48
CA TYR E 28 30.86 36.07 -2.68
C TYR E 28 30.10 35.12 -3.61
N PRO E 29 30.05 33.81 -3.28
CA PRO E 29 29.48 32.84 -4.23
C PRO E 29 27.97 33.02 -4.45
N ASN E 30 27.55 33.29 -5.67
CA ASN E 30 26.20 33.74 -5.87
C ASN E 30 25.40 32.72 -6.65
N PRO E 31 24.68 31.83 -5.95
CA PRO E 31 23.91 30.75 -6.61
C PRO E 31 23.13 31.25 -7.82
N SER E 32 22.44 32.39 -7.65
CA SER E 32 21.59 32.97 -8.66
C SER E 32 22.29 33.06 -10.01
N ILE E 33 23.60 33.28 -9.93
CA ILE E 33 24.48 33.36 -11.09
C ILE E 33 24.76 31.99 -11.70
N LEU E 34 25.20 31.04 -10.89
CA LEU E 34 25.49 29.72 -11.42
C LEU E 34 24.26 29.13 -12.10
N ILE E 35 23.09 29.43 -11.56
CA ILE E 35 21.86 28.95 -12.16
C ILE E 35 21.69 29.67 -13.48
N ALA E 36 21.94 30.97 -13.43
CA ALA E 36 21.83 31.83 -14.60
C ALA E 36 22.78 31.45 -15.72
N MET E 37 24.02 31.14 -15.38
CA MET E 37 24.95 30.75 -16.41
C MET E 37 24.78 29.30 -16.83
N ASN E 38 24.33 28.43 -15.93
CA ASN E 38 23.97 27.08 -16.37
C ASN E 38 22.73 27.04 -17.28
N LEU E 39 21.82 27.95 -17.03
CA LEU E 39 20.57 27.98 -17.75
C LEU E 39 20.85 28.55 -19.10
N ALA E 40 21.80 29.45 -19.16
CA ALA E 40 22.03 30.17 -20.39
C ALA E 40 23.13 29.53 -21.21
N GLY E 41 23.84 28.58 -20.63
CA GLY E 41 24.99 27.96 -21.27
C GLY E 41 26.29 28.72 -21.03
N ALA E 42 27.19 28.11 -20.26
CA ALA E 42 28.34 28.84 -19.72
C ALA E 42 29.49 28.91 -20.66
N TYR E 43 30.04 30.11 -20.78
CA TYR E 43 31.22 30.36 -21.60
C TYR E 43 32.48 29.99 -20.86
N ASN E 44 32.54 30.47 -19.64
CA ASN E 44 33.73 30.42 -18.84
C ASN E 44 33.76 29.20 -17.97
N LEU E 45 34.16 28.05 -18.52
CA LEU E 45 34.07 26.78 -17.80
C LEU E 45 34.95 26.74 -16.56
N LYS E 46 35.96 27.60 -16.53
CA LYS E 46 36.79 27.71 -15.36
C LYS E 46 35.97 28.36 -14.27
N ALA E 47 35.27 29.45 -14.65
CA ALA E 47 34.40 30.17 -13.73
C ALA E 47 33.36 29.26 -13.15
N GLN E 48 32.60 28.62 -14.03
CA GLN E 48 31.54 27.72 -13.63
C GLN E 48 32.06 26.65 -12.72
N LYS E 49 33.16 26.02 -13.09
CA LYS E 49 33.68 24.95 -12.23
C LYS E 49 34.12 25.53 -10.88
N LEU E 50 34.70 26.72 -10.88
CA LEU E 50 35.05 27.37 -9.63
C LEU E 50 33.83 27.62 -8.71
N LEU E 51 32.87 28.43 -9.18
CA LEU E 51 31.68 28.74 -8.42
C LEU E 51 30.85 27.52 -8.04
N THR E 52 30.88 26.44 -8.81
CA THR E 52 30.23 25.22 -8.35
C THR E 52 30.95 24.69 -7.13
N TYR E 53 32.26 24.60 -7.19
CA TYR E 53 32.97 24.00 -6.07
C TYR E 53 32.73 24.79 -4.77
N GLN E 54 32.54 26.11 -4.89
CA GLN E 54 32.32 26.98 -3.73
C GLN E 54 31.00 26.67 -3.11
N LEU E 55 29.98 26.56 -3.94
CA LEU E 55 28.64 26.32 -3.43
C LEU E 55 28.55 24.96 -2.78
N MET E 56 29.24 23.97 -3.35
CA MET E 56 29.31 22.63 -2.77
C MET E 56 29.88 22.63 -1.36
N SER E 57 30.97 23.37 -1.17
CA SER E 57 31.63 23.36 0.11
C SER E 57 30.88 24.20 1.14
N SER E 58 29.87 24.97 0.71
CA SER E 58 29.20 25.91 1.61
C SER E 58 28.67 25.25 2.88
N ASP E 59 28.68 25.99 3.99
CA ASP E 59 28.17 25.44 5.24
C ASP E 59 26.67 25.59 5.37
N ASN E 60 25.99 24.49 5.68
CA ASN E 60 24.53 24.47 5.70
C ASN E 60 23.88 25.42 6.72
N ASN E 61 24.60 25.71 7.80
CA ASN E 61 24.05 26.48 8.90
C ASN E 61 24.14 27.97 8.68
N ASP E 62 24.92 28.39 7.69
CA ASP E 62 25.01 29.82 7.38
C ASP E 62 23.92 30.20 6.40
N LEU E 63 23.21 29.20 5.92
CA LEU E 63 22.21 29.34 4.86
C LEU E 63 20.82 29.52 5.43
N THR E 64 20.23 30.66 5.13
CA THR E 64 18.80 30.78 5.32
C THR E 64 18.01 29.96 4.32
N ILE E 65 16.77 29.71 4.69
CA ILE E 65 15.84 29.06 3.81
C ILE E 65 15.97 29.42 2.32
N GLY E 66 16.03 30.70 2.02
CA GLY E 66 16.18 31.13 0.65
C GLY E 66 17.53 30.73 0.07
N HIS E 67 18.62 31.11 0.73
CA HIS E 67 19.94 30.64 0.39
C HIS E 67 19.84 29.18 -0.03
N LEU E 68 19.33 28.39 0.88
CA LEU E 68 19.34 26.95 0.79
C LEU E 68 18.58 26.47 -0.44
N GLY E 69 17.47 27.11 -0.74
CA GLY E 69 16.70 26.75 -1.91
C GLY E 69 17.51 27.07 -3.15
N LEU E 70 18.02 28.30 -3.21
CA LEU E 70 18.86 28.73 -4.32
C LEU E 70 20.01 27.76 -4.54
N THR E 71 20.58 27.26 -3.47
CA THR E 71 21.79 26.47 -3.56
C THR E 71 21.54 25.07 -4.11
N ILE E 72 20.62 24.35 -3.47
CA ILE E 72 20.09 23.11 -4.00
C ILE E 72 19.85 23.29 -5.50
N MET E 73 19.11 24.33 -5.86
CA MET E 73 18.81 24.57 -7.27
C MET E 73 20.04 24.81 -8.11
N ALA E 74 20.95 25.63 -7.60
CA ALA E 74 22.16 25.94 -8.34
C ALA E 74 22.99 24.67 -8.57
N LEU E 75 23.21 23.89 -7.52
CA LEU E 75 23.93 22.64 -7.66
C LEU E 75 23.25 21.79 -8.66
N THR E 76 21.94 21.72 -8.57
CA THR E 76 21.20 20.84 -9.46
C THR E 76 21.46 21.13 -10.95
N SER E 77 21.81 22.36 -11.26
CA SER E 77 21.97 22.72 -12.64
C SER E 77 23.39 22.49 -13.06
N SER E 78 24.21 22.04 -12.11
CA SER E 78 25.59 21.68 -12.43
C SER E 78 25.75 20.18 -12.36
N CYS E 79 24.60 19.50 -12.25
CA CYS E 79 24.50 18.04 -12.23
C CYS E 79 25.28 17.49 -11.06
N ARG E 80 25.32 18.29 -10.02
CA ARG E 80 25.93 17.92 -8.78
C ARG E 80 24.83 17.58 -7.78
N ASP E 81 25.04 16.55 -6.98
CA ASP E 81 24.06 16.06 -6.03
C ASP E 81 24.06 16.95 -4.78
N PRO E 82 22.94 17.66 -4.49
CA PRO E 82 22.79 18.44 -3.25
C PRO E 82 22.52 17.52 -2.07
N GLY E 83 21.68 16.50 -2.30
CA GLY E 83 21.38 15.49 -1.30
C GLY E 83 21.12 16.03 0.10
N ASP E 84 22.20 16.33 0.81
CA ASP E 84 22.10 16.69 2.21
C ASP E 84 21.41 18.03 2.50
N LYS E 85 21.62 18.99 1.60
CA LYS E 85 21.01 20.29 1.75
C LYS E 85 19.52 20.16 1.65
N VAL E 86 19.07 19.22 0.83
CA VAL E 86 17.64 19.00 0.64
C VAL E 86 16.97 18.44 1.91
N SER E 87 17.57 17.42 2.52
CA SER E 87 17.12 16.92 3.82
C SER E 87 16.92 18.08 4.77
N ILE E 88 17.98 18.84 4.98
CA ILE E 88 17.93 19.99 5.87
C ILE E 88 16.81 21.00 5.62
N LEU E 89 16.67 21.44 4.37
CA LEU E 89 15.66 22.43 4.03
C LEU E 89 14.29 21.84 4.28
N GLN E 90 14.17 20.56 3.95
CA GLN E 90 12.91 19.85 4.09
C GLN E 90 12.48 19.87 5.56
N ARG E 91 13.38 19.52 6.47
CA ARG E 91 13.06 19.59 7.89
C ARG E 91 12.76 21.02 8.33
N GLN E 92 13.46 21.99 7.78
CA GLN E 92 13.27 23.38 8.18
C GLN E 92 11.90 23.93 7.73
N MET E 93 11.37 23.34 6.66
CA MET E 93 10.13 23.82 6.03
C MET E 93 8.86 23.17 6.56
N GLU E 94 9.00 22.07 7.30
CA GLU E 94 7.83 21.50 7.94
C GLU E 94 7.42 22.49 9.00
N ASN E 95 8.41 22.97 9.75
CA ASN E 95 8.18 23.86 10.89
C ASN E 95 7.95 25.29 10.51
N TRP E 96 7.49 25.51 9.29
CA TRP E 96 7.45 26.87 8.77
C TRP E 96 6.10 27.52 8.87
N ALA E 97 6.13 28.79 9.26
CA ALA E 97 4.94 29.60 9.46
C ALA E 97 5.34 31.04 9.26
N PRO E 98 4.48 31.81 8.61
CA PRO E 98 4.72 33.26 8.51
C PRO E 98 4.37 34.04 9.83
N SER E 99 4.29 35.37 9.71
CA SER E 99 3.84 36.19 10.83
C SER E 99 2.32 36.43 10.78
N SER E 100 1.96 37.57 10.20
CA SER E 100 0.61 38.13 10.29
C SER E 100 0.20 38.74 8.97
N PRO E 101 -1.10 38.73 8.67
CA PRO E 101 -1.63 39.23 7.38
C PRO E 101 -1.29 40.70 7.07
N ASN E 102 -0.89 41.43 8.09
CA ASN E 102 -0.50 42.82 7.97
C ASN E 102 1.00 42.95 7.73
N ALA E 103 1.70 41.81 7.88
CA ALA E 103 3.15 41.72 7.69
C ALA E 103 3.53 41.87 6.24
N GLU E 104 4.78 42.27 6.00
CA GLU E 104 5.19 42.74 4.69
C GLU E 104 5.13 41.68 3.61
N ALA E 105 4.98 42.10 2.37
CA ALA E 105 4.81 41.15 1.29
C ALA E 105 6.06 40.36 0.94
N SER E 106 7.22 40.99 0.95
CA SER E 106 8.47 40.32 0.56
C SER E 106 8.84 39.19 1.54
N ALA E 107 8.21 39.20 2.71
CA ALA E 107 8.32 38.12 3.67
C ALA E 107 8.05 36.77 3.03
N PHE E 108 7.43 36.77 1.87
CA PHE E 108 7.21 35.55 1.15
C PHE E 108 8.21 35.22 0.03
N TYR E 109 9.14 36.14 -0.25
CA TYR E 109 10.07 35.92 -1.34
C TYR E 109 11.01 34.78 -0.96
N GLY E 110 11.52 34.79 0.27
CA GLY E 110 12.38 33.70 0.69
C GLY E 110 11.74 32.32 0.58
N PRO E 111 10.60 32.10 1.24
CA PRO E 111 9.88 30.82 1.20
C PRO E 111 9.51 30.37 -0.24
N SER E 112 9.32 31.31 -1.14
CA SER E 112 9.01 30.96 -2.51
C SER E 112 10.17 30.14 -3.09
N LEU E 113 11.40 30.60 -2.90
CA LEU E 113 12.56 29.80 -3.32
C LEU E 113 12.60 28.39 -2.70
N ALA E 114 12.37 28.31 -1.39
CA ALA E 114 12.43 27.02 -0.70
C ALA E 114 11.45 26.05 -1.34
N ILE E 115 10.21 26.47 -1.44
CA ILE E 115 9.19 25.64 -2.01
C ILE E 115 9.55 25.24 -3.40
N LEU E 116 10.02 26.18 -4.19
CA LEU E 116 10.28 25.85 -5.57
C LEU E 116 11.32 24.75 -5.70
N ALA E 117 12.40 24.89 -4.93
CA ALA E 117 13.51 23.98 -5.00
C ALA E 117 13.09 22.66 -4.43
N LEU E 118 12.18 22.71 -3.48
CA LEU E 118 11.79 21.50 -2.82
C LEU E 118 10.83 20.73 -3.74
N CYS E 119 9.90 21.45 -4.34
CA CYS E 119 8.93 20.84 -5.21
C CYS E 119 9.69 20.12 -6.29
N GLN E 120 10.82 20.68 -6.70
CA GLN E 120 11.61 20.12 -7.77
C GLN E 120 12.29 18.81 -7.40
N LYS E 121 12.60 18.60 -6.14
CA LYS E 121 13.11 17.30 -5.74
C LYS E 121 11.95 16.37 -5.47
N ASN E 122 11.02 16.81 -4.64
CA ASN E 122 9.88 15.96 -4.35
C ASN E 122 8.54 16.69 -4.26
N SER E 123 7.75 16.64 -5.33
CA SER E 123 6.48 17.35 -5.36
C SER E 123 5.48 16.88 -4.28
N GLU E 124 5.14 15.59 -4.28
CA GLU E 124 4.15 15.04 -3.35
C GLU E 124 4.50 15.31 -1.90
N ALA E 125 5.79 15.28 -1.59
CA ALA E 125 6.23 15.43 -0.23
C ALA E 125 6.21 16.89 0.13
N THR E 126 6.07 17.74 -0.87
CA THR E 126 6.11 19.19 -0.68
C THR E 126 4.71 19.79 -0.52
N LEU E 127 3.68 19.00 -0.82
CA LEU E 127 2.31 19.50 -0.93
C LEU E 127 1.82 20.26 0.28
N PRO E 128 1.99 19.67 1.48
CA PRO E 128 1.50 20.28 2.72
C PRO E 128 2.00 21.68 2.85
N ILE E 129 3.31 21.87 2.80
CA ILE E 129 3.93 23.18 2.82
C ILE E 129 3.42 24.08 1.72
N ALA E 130 3.34 23.55 0.53
CA ALA E 130 2.88 24.40 -0.53
C ALA E 130 1.47 24.86 -0.19
N VAL E 131 0.64 24.01 0.40
CA VAL E 131 -0.71 24.48 0.72
C VAL E 131 -0.65 25.56 1.78
N ARG E 132 0.08 25.28 2.85
CA ARG E 132 0.13 26.19 3.97
C ARG E 132 0.51 27.56 3.52
N PHE E 133 1.44 27.57 2.58
CA PHE E 133 2.05 28.77 2.03
C PHE E 133 1.07 29.60 1.20
N ALA E 134 0.37 28.94 0.28
CA ALA E 134 -0.64 29.58 -0.55
C ALA E 134 -1.77 30.21 0.25
N LYS E 135 -2.37 29.43 1.15
CA LYS E 135 -3.44 29.96 1.98
C LYS E 135 -3.00 31.29 2.58
N THR E 136 -1.82 31.25 3.20
CA THR E 136 -1.27 32.40 3.90
C THR E 136 -0.96 33.57 2.97
N LEU E 137 -0.23 33.27 1.90
CA LEU E 137 0.19 34.29 0.95
C LEU E 137 -1.02 35.07 0.45
N LEU E 138 -2.05 34.33 0.05
CA LEU E 138 -3.32 34.88 -0.38
C LEU E 138 -3.87 35.80 0.68
N ALA E 139 -4.04 35.28 1.90
CA ALA E 139 -4.61 36.06 3.00
C ALA E 139 -3.80 37.32 3.36
N ASN E 140 -2.50 37.28 3.17
CA ASN E 140 -1.74 38.45 3.45
C ASN E 140 -2.27 39.64 2.67
N SER E 141 -2.15 40.83 3.26
CA SER E 141 -2.83 42.05 2.78
C SER E 141 -1.93 43.27 2.79
N SER E 142 -0.63 43.03 2.83
CA SER E 142 0.27 44.14 2.60
C SER E 142 0.44 44.37 1.12
N PRO E 143 0.77 45.62 0.78
CA PRO E 143 1.08 46.19 -0.53
C PRO E 143 1.94 45.26 -1.38
N PHE E 144 1.42 44.87 -2.54
CA PHE E 144 2.06 43.89 -3.40
C PHE E 144 3.46 44.27 -3.83
N ASN E 145 4.42 43.36 -3.62
CA ASN E 145 5.76 43.53 -4.16
C ASN E 145 5.93 42.58 -5.32
N VAL E 146 6.29 43.11 -6.48
CA VAL E 146 6.34 42.30 -7.70
C VAL E 146 7.39 41.17 -7.66
N ASP E 147 8.63 41.53 -7.33
CA ASP E 147 9.68 40.55 -7.15
C ASP E 147 9.11 39.30 -6.46
N THR E 148 8.54 39.45 -5.27
CA THR E 148 7.85 38.33 -4.59
C THR E 148 6.64 37.72 -5.34
N GLY E 149 5.76 38.54 -5.89
CA GLY E 149 4.67 37.96 -6.64
C GLY E 149 5.26 37.01 -7.67
N ALA E 150 6.29 37.46 -8.38
CA ALA E 150 6.88 36.67 -9.44
C ALA E 150 7.40 35.31 -8.93
N MET E 151 8.21 35.34 -7.88
CA MET E 151 8.77 34.11 -7.35
C MET E 151 7.73 33.16 -6.84
N ALA E 152 6.74 33.70 -6.15
CA ALA E 152 5.63 32.89 -5.69
C ALA E 152 4.98 32.17 -6.87
N THR E 153 4.81 32.85 -7.99
CA THR E 153 4.14 32.20 -9.09
C THR E 153 4.96 31.02 -9.64
N LEU E 154 6.29 31.10 -9.59
CA LEU E 154 7.11 29.96 -10.01
C LEU E 154 6.95 28.77 -9.08
N ALA E 155 7.09 29.02 -7.79
CA ALA E 155 6.90 27.99 -6.77
C ALA E 155 5.53 27.34 -6.93
N LEU E 156 4.52 28.19 -7.09
CA LEU E 156 3.14 27.78 -7.18
C LEU E 156 2.76 27.16 -8.51
N THR E 157 3.47 27.50 -9.56
CA THR E 157 3.16 26.90 -10.84
C THR E 157 3.71 25.49 -10.83
N CYS E 158 4.91 25.34 -10.30
CA CYS E 158 5.53 24.05 -10.29
C CYS E 158 4.65 23.04 -9.57
N MET E 159 4.11 23.42 -8.41
CA MET E 159 3.26 22.53 -7.60
C MET E 159 2.00 22.18 -8.30
N TYR E 160 1.35 23.21 -8.81
CA TYR E 160 0.17 23.08 -9.65
C TYR E 160 0.34 22.06 -10.77
N ASN E 161 1.51 21.93 -11.36
CA ASN E 161 1.67 20.88 -12.37
C ASN E 161 2.03 19.45 -11.91
N LYS E 162 1.97 19.19 -10.62
CA LYS E 162 2.51 17.96 -10.10
C LYS E 162 1.58 17.47 -9.01
N ILE E 163 0.27 17.68 -9.19
CA ILE E 163 -0.67 17.10 -8.25
C ILE E 163 -0.69 15.61 -8.48
N PRO E 164 -0.35 14.85 -7.44
CA PRO E 164 -0.30 13.39 -7.51
C PRO E 164 -1.58 12.88 -8.08
N VAL E 165 -1.51 11.87 -8.93
CA VAL E 165 -2.74 11.24 -9.42
C VAL E 165 -3.62 10.67 -8.27
N GLY E 166 -4.80 11.25 -8.06
CA GLY E 166 -5.69 10.78 -7.02
C GLY E 166 -6.10 11.87 -6.08
N SER E 167 -5.23 12.86 -5.90
CA SER E 167 -5.37 13.90 -4.87
C SER E 167 -6.66 14.66 -4.96
N GLU E 168 -7.27 14.90 -3.81
CA GLU E 168 -8.56 15.54 -3.79
C GLU E 168 -8.60 16.76 -4.69
N GLU E 169 -9.65 16.89 -5.48
CA GLU E 169 -9.87 18.07 -6.27
C GLU E 169 -9.98 19.16 -5.27
N GLY E 170 -8.95 19.99 -5.20
CA GLY E 170 -8.85 20.98 -4.16
C GLY E 170 -7.52 21.68 -4.05
N TYR E 171 -6.45 20.89 -4.13
CA TYR E 171 -5.15 21.46 -4.14
C TYR E 171 -5.04 22.31 -5.36
N ARG E 172 -5.18 21.68 -6.50
CA ARG E 172 -4.99 22.38 -7.74
C ARG E 172 -5.86 23.63 -7.73
N SER E 173 -7.10 23.51 -7.27
CA SER E 173 -8.04 24.62 -7.27
C SER E 173 -7.60 25.77 -6.36
N LEU E 174 -7.01 25.45 -5.22
CA LEU E 174 -6.43 26.45 -4.34
C LEU E 174 -5.21 27.09 -4.96
N PHE E 175 -4.28 26.27 -5.44
CA PHE E 175 -3.05 26.80 -5.99
C PHE E 175 -3.32 27.72 -7.15
N GLY E 176 -4.33 27.36 -7.93
CA GLY E 176 -4.62 28.08 -9.15
C GLY E 176 -5.31 29.38 -8.88
N GLN E 177 -6.18 29.34 -7.86
CA GLN E 177 -6.85 30.53 -7.36
C GLN E 177 -5.82 31.57 -6.98
N VAL E 178 -4.92 31.19 -6.08
CA VAL E 178 -3.83 32.09 -5.71
C VAL E 178 -3.02 32.52 -6.93
N LEU E 179 -2.85 31.62 -7.89
CA LEU E 179 -1.99 31.87 -9.05
C LEU E 179 -2.53 32.98 -9.95
N LYS E 180 -3.86 32.98 -10.11
CA LYS E 180 -4.62 33.97 -10.90
C LYS E 180 -4.61 35.26 -10.17
N ASP E 181 -5.03 35.23 -8.91
CA ASP E 181 -4.99 36.44 -8.09
C ASP E 181 -3.64 37.13 -8.20
N ILE E 182 -2.56 36.36 -8.23
CA ILE E 182 -1.25 36.98 -8.30
C ILE E 182 -0.90 37.59 -9.67
N VAL E 183 -1.44 36.98 -10.71
CA VAL E 183 -1.08 37.39 -12.06
C VAL E 183 -1.81 38.63 -12.39
N GLU E 184 -2.96 38.80 -11.77
CA GLU E 184 -3.72 40.03 -11.89
C GLU E 184 -2.97 41.16 -11.22
N LYS E 185 -2.56 40.93 -9.99
CA LYS E 185 -1.74 41.89 -9.29
C LYS E 185 -0.48 42.31 -10.10
N ILE E 186 -0.05 41.47 -11.02
CA ILE E 186 1.19 41.81 -11.71
C ILE E 186 0.94 42.62 -12.94
N SER E 187 0.00 42.18 -13.79
CA SER E 187 -0.25 42.89 -15.04
C SER E 187 -0.55 44.34 -14.71
N MET E 188 -1.23 44.51 -13.58
CA MET E 188 -1.57 45.80 -12.98
C MET E 188 -0.38 46.71 -12.71
N LYS E 189 0.83 46.22 -12.93
CA LYS E 189 2.04 46.96 -12.63
C LYS E 189 2.87 47.09 -13.88
N ILE E 190 2.38 46.54 -14.99
CA ILE E 190 3.07 46.71 -16.26
C ILE E 190 2.88 48.15 -16.74
N LYS E 191 3.98 48.88 -16.88
CA LYS E 191 3.92 50.27 -17.28
C LYS E 191 3.50 50.46 -18.73
N ASP E 192 2.99 51.64 -19.03
CA ASP E 192 2.62 51.98 -20.41
C ASP E 192 3.92 52.16 -21.18
N ASN E 193 4.87 51.26 -20.96
CA ASN E 193 6.15 51.40 -21.62
C ASN E 193 7.03 50.16 -21.54
N GLY E 194 6.41 49.04 -21.14
CA GLY E 194 7.01 47.73 -21.22
C GLY E 194 7.58 47.15 -19.93
N ILE E 195 7.70 47.97 -18.89
CA ILE E 195 8.26 47.54 -17.61
C ILE E 195 7.24 46.95 -16.64
N ILE E 196 7.60 45.84 -16.00
CA ILE E 196 6.73 45.25 -14.97
C ILE E 196 7.28 45.52 -13.59
N GLY E 197 6.51 46.28 -12.81
CA GLY E 197 6.94 46.72 -11.49
C GLY E 197 7.97 47.81 -11.62
N ASP E 198 9.23 47.42 -11.64
CA ASP E 198 10.31 48.32 -12.00
C ASP E 198 11.34 47.53 -12.78
N ILE E 199 12.48 48.15 -13.06
CA ILE E 199 13.48 47.52 -13.91
C ILE E 199 14.02 46.24 -13.31
N TYR E 200 14.62 46.36 -12.13
CA TYR E 200 15.32 45.25 -11.51
C TYR E 200 14.41 44.11 -11.11
N SER E 201 13.12 44.42 -11.02
CA SER E 201 12.12 43.40 -10.77
C SER E 201 11.55 42.81 -12.07
N THR E 202 11.91 43.37 -13.21
CA THR E 202 11.20 42.99 -14.42
C THR E 202 11.55 41.57 -14.88
N GLY E 203 12.83 41.22 -14.79
CA GLY E 203 13.26 39.91 -15.24
C GLY E 203 12.56 38.74 -14.57
N LEU E 204 12.43 38.84 -13.25
CA LEU E 204 11.72 37.82 -12.48
C LEU E 204 10.30 37.66 -12.98
N ALA E 205 9.62 38.79 -13.10
CA ALA E 205 8.25 38.91 -13.58
C ALA E 205 8.06 38.36 -14.99
N MET E 206 9.04 38.52 -15.86
CA MET E 206 8.90 37.98 -17.21
C MET E 206 8.74 36.48 -17.15
N GLN E 207 9.56 35.86 -16.31
CA GLN E 207 9.50 34.43 -16.01
C GLN E 207 8.10 34.04 -15.57
N ALA E 208 7.65 34.73 -14.52
CA ALA E 208 6.36 34.50 -13.91
C ALA E 208 5.25 34.42 -14.95
N LEU E 209 5.16 35.45 -15.81
CA LEU E 209 4.07 35.64 -16.78
C LEU E 209 4.03 34.63 -17.91
N SER E 210 5.22 34.18 -18.29
CA SER E 210 5.39 33.21 -19.36
C SER E 210 5.33 31.79 -18.84
N VAL E 211 4.75 31.61 -17.66
CA VAL E 211 4.72 30.30 -17.02
C VAL E 211 3.40 29.98 -16.25
N THR E 212 2.74 31.01 -15.71
CA THR E 212 1.51 30.80 -14.95
C THR E 212 0.49 30.20 -15.87
N PRO E 213 -0.36 29.33 -15.34
CA PRO E 213 -1.39 28.63 -16.09
C PRO E 213 -2.45 29.58 -16.65
N GLU E 214 -2.88 30.60 -15.89
CA GLU E 214 -3.93 31.50 -16.36
C GLU E 214 -3.39 32.91 -16.59
N PRO E 215 -3.36 33.36 -17.86
CA PRO E 215 -2.98 34.75 -18.16
C PRO E 215 -3.94 35.82 -17.62
N SER E 216 -3.44 37.05 -17.57
CA SER E 216 -4.19 38.19 -17.06
C SER E 216 -5.25 38.65 -18.05
N LYS E 217 -6.31 39.27 -17.54
CA LYS E 217 -7.36 39.80 -18.41
C LYS E 217 -6.71 40.62 -19.49
N LYS E 218 -6.28 41.84 -19.14
CA LYS E 218 -5.52 42.69 -20.04
C LYS E 218 -4.31 41.89 -20.48
N GLU E 219 -4.27 41.52 -21.76
CA GLU E 219 -3.20 40.68 -22.29
C GLU E 219 -1.84 41.37 -22.32
N TRP E 220 -0.82 40.64 -21.85
CA TRP E 220 0.52 41.21 -21.70
C TRP E 220 1.28 41.36 -23.01
N ASN E 221 1.76 42.57 -23.26
CA ASN E 221 2.45 42.90 -24.51
C ASN E 221 3.91 42.49 -24.46
N CYS E 222 4.16 41.20 -24.55
CA CYS E 222 5.50 40.71 -24.30
C CYS E 222 6.56 41.42 -25.13
N LYS E 223 6.36 41.48 -26.44
CA LYS E 223 7.37 42.00 -27.32
C LYS E 223 7.85 43.34 -26.83
N LYS E 224 6.91 44.16 -26.40
CA LYS E 224 7.23 45.50 -25.90
C LYS E 224 8.25 45.40 -24.76
N THR E 225 7.93 44.59 -23.74
CA THR E 225 8.77 44.47 -22.54
C THR E 225 10.16 43.98 -22.92
N THR E 226 10.21 42.93 -23.72
CA THR E 226 11.50 42.36 -24.10
C THR E 226 12.35 43.34 -24.93
N ASP E 227 11.70 44.26 -25.63
CA ASP E 227 12.44 45.26 -26.39
C ASP E 227 12.92 46.35 -25.49
N MET E 228 12.07 46.71 -24.54
CA MET E 228 12.40 47.74 -23.59
C MET E 228 13.62 47.33 -22.80
N ILE E 229 13.62 46.10 -22.29
CA ILE E 229 14.74 45.57 -21.51
C ILE E 229 16.02 45.62 -22.33
N LEU E 230 15.91 45.36 -23.62
CA LEU E 230 17.07 45.38 -24.50
C LEU E 230 17.72 46.76 -24.68
N ASN E 231 16.94 47.78 -25.02
CA ASN E 231 17.51 49.11 -25.14
C ASN E 231 18.16 49.50 -23.83
N GLU E 232 17.54 49.03 -22.75
CA GLU E 232 17.94 49.37 -21.40
C GLU E 232 19.29 48.72 -20.99
N ILE E 233 19.78 47.84 -21.85
CA ILE E 233 21.06 47.20 -21.61
C ILE E 233 22.11 48.03 -22.30
N LYS E 234 21.77 48.55 -23.50
CA LYS E 234 22.59 49.55 -24.23
C LYS E 234 22.86 50.74 -23.31
N GLN E 235 21.88 51.05 -22.46
CA GLN E 235 21.92 52.17 -21.52
C GLN E 235 22.65 51.88 -20.19
N GLY E 236 23.30 50.72 -20.07
CA GLY E 236 24.16 50.43 -18.93
C GLY E 236 23.54 50.17 -17.56
N LYS E 237 22.22 50.02 -17.51
CA LYS E 237 21.48 49.71 -16.27
C LYS E 237 21.79 48.30 -15.67
N PHE E 238 22.32 47.41 -16.52
CA PHE E 238 22.60 46.06 -16.09
C PHE E 238 24.11 45.79 -15.92
N HIS E 239 24.75 46.53 -15.02
CA HIS E 239 26.14 46.25 -14.82
C HIS E 239 26.35 45.31 -13.67
N ASN E 240 25.50 45.42 -12.64
CA ASN E 240 25.57 44.58 -11.45
C ASN E 240 25.19 43.15 -11.77
N PRO E 241 26.16 42.25 -11.62
CA PRO E 241 26.09 40.87 -12.08
C PRO E 241 24.91 40.10 -11.51
N MET E 242 24.40 40.50 -10.34
CA MET E 242 23.22 39.84 -9.79
C MET E 242 22.01 40.16 -10.65
N SER E 243 21.91 41.42 -11.05
CA SER E 243 20.77 41.87 -11.85
C SER E 243 20.80 41.26 -13.24
N ILE E 244 21.99 40.91 -13.68
CA ILE E 244 22.13 40.27 -14.95
C ILE E 244 21.55 38.89 -14.74
N ALA E 245 22.00 38.24 -13.67
CA ALA E 245 21.54 36.91 -13.35
C ALA E 245 20.01 36.80 -13.27
N GLN E 246 19.32 37.87 -12.88
CA GLN E 246 17.88 37.80 -12.85
C GLN E 246 17.15 38.13 -14.16
N ILE E 247 17.81 38.65 -15.20
CA ILE E 247 17.17 38.64 -16.54
C ILE E 247 17.76 37.70 -17.55
N LEU E 248 19.05 37.36 -17.39
CA LEU E 248 19.64 36.45 -18.33
C LEU E 248 18.71 35.28 -18.70
N PRO E 249 18.08 34.60 -17.72
CA PRO E 249 17.22 33.47 -18.11
C PRO E 249 16.09 33.82 -19.09
N SER E 250 15.36 34.88 -18.83
CA SER E 250 14.24 35.23 -19.67
C SER E 250 14.80 35.50 -21.06
N LEU E 251 15.81 36.31 -21.11
CA LEU E 251 16.46 36.60 -22.39
C LEU E 251 16.91 35.34 -23.13
N LYS E 252 17.24 34.29 -22.40
CA LYS E 252 17.66 33.08 -23.06
C LYS E 252 16.47 32.14 -23.19
N GLY E 253 15.29 32.71 -22.87
CA GLY E 253 13.99 32.03 -22.96
C GLY E 253 13.79 30.90 -21.97
N LYS E 254 14.18 31.11 -20.71
CA LYS E 254 14.19 30.09 -19.66
C LYS E 254 13.62 30.63 -18.35
N THR E 255 13.36 29.73 -17.39
CA THR E 255 12.84 30.08 -16.05
C THR E 255 13.50 29.17 -15.07
N TYR E 256 13.47 29.54 -13.80
CA TYR E 256 14.07 28.71 -12.79
C TYR E 256 13.46 27.30 -12.85
N LEU E 257 12.35 27.20 -13.58
CA LEU E 257 11.59 25.97 -13.72
C LEU E 257 12.28 24.93 -14.61
N ASP E 258 13.25 25.37 -15.40
CA ASP E 258 13.94 24.52 -16.34
C ASP E 258 15.23 24.03 -15.78
N VAL E 259 15.46 24.31 -14.52
CA VAL E 259 16.69 23.92 -13.88
C VAL E 259 16.86 22.40 -13.93
N PRO E 260 15.82 21.64 -13.61
CA PRO E 260 15.98 20.19 -13.70
C PRO E 260 16.34 19.66 -15.09
N GLN E 261 16.09 20.42 -16.15
CA GLN E 261 16.42 20.00 -17.51
C GLN E 261 17.78 20.46 -18.04
N VAL E 262 18.55 21.17 -17.24
CA VAL E 262 19.90 21.56 -17.65
C VAL E 262 20.68 20.34 -18.13
N THR E 263 21.39 20.48 -19.26
CA THR E 263 22.29 19.45 -19.79
C THR E 263 23.75 19.75 -19.41
N CYS E 264 24.62 18.76 -19.35
CA CYS E 264 25.96 19.07 -18.88
C CYS E 264 27.12 18.69 -19.83
N SER E 265 27.92 19.73 -20.10
CA SER E 265 29.01 19.82 -21.11
C SER E 265 28.51 19.90 -22.55
N PRO E 266 27.85 21.02 -22.89
CA PRO E 266 27.62 21.38 -24.30
C PRO E 266 28.93 21.71 -25.04
N ASP E 267 29.88 22.33 -24.33
CA ASP E 267 31.18 22.73 -24.87
C ASP E 267 31.10 24.09 -25.58
N HIS E 268 30.83 25.15 -24.82
CA HIS E 268 30.37 26.44 -25.37
C HIS E 268 31.33 27.25 -26.22
N GLU E 269 30.75 28.19 -26.97
CA GLU E 269 31.47 28.99 -27.94
C GLU E 269 32.19 30.19 -27.33
N VAL E 270 33.35 30.50 -27.89
CA VAL E 270 34.06 31.72 -27.52
C VAL E 270 33.28 32.92 -28.06
N GLN E 271 32.80 33.78 -27.17
CA GLN E 271 32.21 35.03 -27.61
C GLN E 271 33.34 36.00 -27.94
N PRO E 272 33.56 36.27 -29.25
CA PRO E 272 34.71 37.02 -29.76
C PRO E 272 34.94 38.34 -29.06
N THR E 273 36.20 38.78 -29.00
CA THR E 273 36.54 40.09 -28.43
C THR E 273 35.73 41.16 -29.14
N LEU E 274 35.22 42.12 -28.37
CA LEU E 274 34.39 43.20 -28.91
C LEU E 274 34.78 44.56 -28.30
N PRO E 275 36.05 44.97 -28.48
CA PRO E 275 36.55 46.23 -27.90
C PRO E 275 35.74 47.43 -28.38
N SER E 284 38.56 67.21 -17.88
CA SER E 284 38.19 67.83 -16.61
C SER E 284 36.83 67.35 -16.13
N ALA E 285 36.34 67.97 -15.06
CA ALA E 285 35.13 67.54 -14.37
C ALA E 285 35.18 68.00 -12.92
N SER E 286 34.61 69.18 -12.64
CA SER E 286 34.59 69.72 -11.29
C SER E 286 33.76 68.92 -10.27
N ASN E 287 34.45 68.43 -9.26
CA ASN E 287 33.91 67.52 -8.26
C ASN E 287 32.72 68.17 -7.50
N ILE E 288 31.65 67.41 -7.20
CA ILE E 288 30.35 68.00 -6.83
C ILE E 288 30.01 67.99 -5.35
N THR E 289 28.92 68.67 -4.98
CA THR E 289 28.45 68.61 -3.60
C THR E 289 27.08 67.95 -3.49
N VAL E 290 26.93 67.12 -2.47
CA VAL E 290 25.73 66.31 -2.22
C VAL E 290 25.39 66.51 -0.76
N ILE E 291 24.11 66.72 -0.46
CA ILE E 291 23.68 66.94 0.93
C ILE E 291 23.25 65.60 1.54
N TYR E 292 23.91 65.19 2.61
CA TYR E 292 23.69 63.86 3.12
C TYR E 292 23.20 63.81 4.54
N THR E 293 21.90 63.60 4.72
CA THR E 293 21.28 63.46 6.06
C THR E 293 21.32 62.03 6.59
N ILE E 294 21.45 61.89 7.89
CA ILE E 294 21.40 60.55 8.44
C ILE E 294 20.59 60.55 9.70
N ASN E 295 19.38 60.01 9.58
CA ASN E 295 18.36 60.15 10.60
C ASN E 295 17.91 58.85 11.32
N ASN E 296 18.07 58.82 12.64
CA ASN E 296 17.48 57.79 13.48
C ASN E 296 16.36 58.32 14.39
N GLN E 297 15.17 57.76 14.25
CA GLN E 297 14.08 58.11 15.18
C GLN E 297 13.37 56.89 15.80
N LEU E 298 14.11 55.80 15.98
CA LEU E 298 13.53 54.49 16.26
C LEU E 298 14.32 53.73 17.31
N ARG E 299 15.66 53.85 17.30
CA ARG E 299 16.48 53.06 18.24
C ARG E 299 16.86 53.73 19.58
N GLY E 300 16.41 53.10 20.67
CA GLY E 300 16.65 53.56 22.03
C GLY E 300 16.15 54.97 22.29
N VAL E 301 16.70 55.59 23.32
CA VAL E 301 16.55 57.03 23.48
C VAL E 301 17.96 57.68 23.37
N GLU E 302 18.50 57.49 22.17
CA GLU E 302 19.67 58.17 21.67
C GLU E 302 19.64 58.04 20.12
N LEU E 303 19.24 59.15 19.49
CA LEU E 303 18.91 59.20 18.07
C LEU E 303 19.42 60.51 17.43
N LEU E 304 19.22 60.69 16.13
CA LEU E 304 19.99 61.62 15.28
C LEU E 304 19.12 62.30 14.16
N PHE E 305 19.56 63.42 13.60
CA PHE E 305 18.90 64.06 12.45
C PHE E 305 20.00 64.77 11.71
N ASN E 306 21.24 64.63 12.21
CA ASN E 306 22.46 65.26 11.64
C ASN E 306 22.63 65.24 10.06
N GLU E 307 22.55 66.41 9.41
CA GLU E 307 22.84 66.59 7.97
C GLU E 307 24.24 67.14 7.70
N THR E 308 24.72 66.96 6.47
CA THR E 308 26.12 67.24 6.13
C THR E 308 26.25 67.49 4.63
N ILE E 309 27.39 68.04 4.19
CA ILE E 309 27.60 68.31 2.75
C ILE E 309 29.01 67.84 2.34
N ASN E 310 29.17 67.24 1.13
CA ASN E 310 30.48 66.78 0.69
C ASN E 310 30.73 66.98 -0.78
N VAL E 311 31.99 66.76 -1.13
CA VAL E 311 32.44 66.87 -2.50
C VAL E 311 32.91 65.54 -2.97
N SER E 312 32.48 65.19 -4.17
CA SER E 312 32.78 63.90 -4.74
C SER E 312 33.21 64.02 -6.21
N VAL E 313 34.46 63.63 -6.47
CA VAL E 313 35.04 63.86 -7.78
C VAL E 313 34.05 63.59 -8.89
N LYS E 314 33.78 64.64 -9.66
CA LYS E 314 32.93 64.55 -10.82
C LYS E 314 31.65 63.86 -10.37
N SER E 315 30.74 63.68 -11.31
CA SER E 315 29.73 62.65 -11.11
C SER E 315 30.54 61.35 -11.15
N GLY E 316 29.85 60.23 -11.35
CA GLY E 316 30.50 58.97 -11.60
C GLY E 316 31.06 58.49 -10.30
N SER E 317 31.02 59.38 -9.31
CA SER E 317 31.23 58.97 -7.92
C SER E 317 29.90 58.41 -7.49
N VAL E 318 29.94 57.23 -6.86
CA VAL E 318 28.71 56.62 -6.40
C VAL E 318 28.46 56.96 -4.97
N LEU E 319 27.20 56.87 -4.58
CA LEU E 319 26.77 57.21 -3.24
C LEU E 319 27.72 56.69 -2.14
N LEU E 320 28.33 55.53 -2.36
CA LEU E 320 29.26 55.02 -1.38
C LEU E 320 30.44 55.95 -1.11
N VAL E 321 30.93 56.64 -2.13
CA VAL E 321 31.96 57.66 -1.91
C VAL E 321 31.46 58.75 -1.01
N VAL E 322 30.22 59.21 -1.24
CA VAL E 322 29.65 60.21 -0.34
C VAL E 322 29.73 59.70 1.10
N LEU E 323 29.31 58.44 1.29
CA LEU E 323 29.32 57.81 2.58
C LEU E 323 30.72 57.79 3.11
N GLU E 324 31.66 57.29 2.33
CA GLU E 324 33.01 57.17 2.85
C GLU E 324 33.59 58.52 3.20
N GLU E 325 33.30 59.52 2.37
CA GLU E 325 33.84 60.85 2.59
C GLU E 325 33.17 61.53 3.77
N ALA E 326 31.84 61.40 3.88
CA ALA E 326 31.18 61.85 5.11
C ALA E 326 31.84 61.20 6.32
N GLN E 327 32.10 59.89 6.25
CA GLN E 327 32.68 59.16 7.38
C GLN E 327 34.02 59.71 7.78
N ARG E 328 34.74 60.17 6.78
CA ARG E 328 36.10 60.62 6.92
C ARG E 328 36.14 62.00 7.57
N LYS E 329 35.31 62.91 7.07
CA LYS E 329 35.21 64.26 7.56
C LYS E 329 34.67 64.32 8.97
N ASN E 330 33.61 63.59 9.24
CA ASN E 330 32.96 63.67 10.53
C ASN E 330 32.65 62.30 11.13
N PRO E 331 33.13 62.05 12.36
CA PRO E 331 33.07 60.76 13.04
C PRO E 331 31.65 60.32 13.43
N MET E 332 30.72 61.23 13.32
CA MET E 332 29.34 60.91 13.62
C MET E 332 28.74 60.14 12.46
N PHE E 333 29.27 60.34 11.25
CA PHE E 333 28.79 59.60 10.09
C PHE E 333 29.57 58.33 9.83
N LYS E 334 30.12 57.73 10.88
CA LYS E 334 30.75 56.46 10.69
C LYS E 334 29.66 55.52 10.27
N PHE E 335 30.03 54.51 9.50
CA PHE E 335 29.07 53.49 9.06
C PHE E 335 29.83 52.21 8.86
N GLU E 336 29.13 51.09 8.88
CA GLU E 336 29.76 49.79 8.73
C GLU E 336 29.00 49.07 7.62
N THR E 337 29.68 48.17 6.91
CA THR E 337 29.13 47.64 5.67
C THR E 337 29.14 46.13 5.70
N THR E 338 28.30 45.51 4.87
CA THR E 338 28.34 44.05 4.75
C THR E 338 27.92 43.45 3.40
N MET E 339 28.67 42.45 2.95
CA MET E 339 28.58 41.93 1.57
C MET E 339 27.45 40.96 1.31
N THR E 340 26.93 40.94 0.09
CA THR E 340 25.81 40.07 -0.22
C THR E 340 25.69 39.73 -1.68
N SER E 341 24.79 38.82 -2.00
CA SER E 341 24.60 38.44 -3.38
C SER E 341 24.33 39.63 -4.25
N TRP E 342 23.72 40.67 -3.71
CA TRP E 342 23.46 41.88 -4.51
C TRP E 342 24.56 42.90 -4.39
N GLY E 343 25.39 42.80 -3.34
CA GLY E 343 26.56 43.64 -3.18
C GLY E 343 26.77 44.12 -1.75
N LEU E 344 27.31 45.31 -1.61
CA LEU E 344 27.48 45.97 -0.31
C LEU E 344 26.21 46.59 0.22
N VAL E 345 25.78 46.08 1.37
CA VAL E 345 24.67 46.66 2.08
C VAL E 345 25.20 47.52 3.19
N VAL E 346 24.59 48.67 3.40
CA VAL E 346 24.97 49.45 4.54
C VAL E 346 24.25 48.83 5.74
N SER E 347 25.01 48.17 6.61
CA SER E 347 24.40 47.45 7.73
C SER E 347 24.27 48.25 9.04
N SER E 348 25.07 49.28 9.18
CA SER E 348 25.05 50.06 10.39
C SER E 348 25.60 51.43 10.09
N ILE E 349 24.89 52.46 10.60
CA ILE E 349 25.38 53.83 10.64
C ILE E 349 25.41 54.30 12.07
N ASN E 350 26.56 54.76 12.52
CA ASN E 350 26.63 55.35 13.87
C ASN E 350 26.36 54.31 14.99
N ASN E 351 26.70 53.05 14.73
CA ASN E 351 26.51 52.03 15.74
C ASN E 351 25.06 51.62 15.90
N ILE E 352 24.18 52.24 15.12
CA ILE E 352 22.83 51.70 14.98
C ILE E 352 22.86 50.69 13.85
N ALA E 353 22.72 49.42 14.21
CA ALA E 353 22.83 48.36 13.24
C ALA E 353 21.48 47.74 12.91
N GLU E 354 21.32 47.34 11.66
CA GLU E 354 20.13 46.60 11.27
C GLU E 354 20.12 45.41 12.18
N ASN E 355 18.91 45.00 12.57
CA ASN E 355 18.70 43.79 13.36
C ASN E 355 17.45 43.04 12.88
N VAL E 356 17.62 41.72 12.68
CA VAL E 356 16.58 40.90 12.02
C VAL E 356 15.34 40.71 12.88
N ASN E 357 15.56 40.47 14.15
CA ASN E 357 14.47 40.25 15.08
C ASN E 357 13.62 41.47 15.29
N HIS E 358 14.16 42.64 14.92
CA HIS E 358 13.37 43.89 14.85
C HIS E 358 12.83 44.19 13.46
N LYS E 359 13.24 43.42 12.48
CA LYS E 359 12.83 43.69 11.11
C LYS E 359 13.14 45.16 10.76
N THR E 360 14.43 45.52 10.90
CA THR E 360 14.86 46.90 10.99
C THR E 360 16.09 47.13 10.12
N TYR E 361 15.99 48.06 9.18
CA TYR E 361 17.12 48.31 8.27
C TYR E 361 17.46 49.79 8.06
N TRP E 362 18.50 50.07 7.29
CA TRP E 362 18.74 51.43 6.86
C TRP E 362 18.19 51.67 5.45
N GLN E 363 17.18 52.54 5.30
CA GLN E 363 16.61 52.86 3.97
C GLN E 363 17.18 54.16 3.40
N PHE E 364 17.62 54.12 2.15
CA PHE E 364 18.14 55.31 1.49
C PHE E 364 17.16 55.89 0.50
N LEU E 365 16.79 57.14 0.74
CA LEU E 365 15.89 57.81 -0.19
C LEU E 365 16.47 59.12 -0.68
N SER E 366 15.99 59.54 -1.87
CA SER E 366 16.31 60.84 -2.46
C SER E 366 15.33 61.95 -2.04
N GLY E 367 15.77 62.75 -1.08
CA GLY E 367 14.93 63.75 -0.49
C GLY E 367 13.79 63.10 0.25
N VAL E 368 12.95 62.37 -0.48
CA VAL E 368 11.73 61.77 0.08
C VAL E 368 11.31 60.45 -0.55
N THR E 369 11.65 60.25 -1.82
CA THR E 369 11.32 58.99 -2.46
C THR E 369 12.51 58.04 -2.40
N PRO E 370 12.26 56.78 -1.99
CA PRO E 370 13.30 55.77 -1.73
C PRO E 370 14.12 55.54 -2.97
N LEU E 371 15.42 55.33 -2.80
CA LEU E 371 16.30 54.92 -3.91
C LEU E 371 15.97 53.52 -4.41
N ASN E 372 16.51 53.18 -5.57
CA ASN E 372 16.49 51.78 -5.97
C ASN E 372 17.73 51.23 -6.63
N GLU E 373 18.89 51.56 -6.08
CA GLU E 373 20.11 50.89 -6.42
C GLU E 373 20.87 50.89 -5.13
N GLY E 374 21.83 49.98 -4.97
CA GLY E 374 22.69 50.00 -3.80
C GLY E 374 23.62 51.20 -3.78
N VAL E 375 24.15 51.56 -2.61
CA VAL E 375 25.04 52.73 -2.58
C VAL E 375 26.28 52.55 -3.48
N ALA E 376 26.52 51.34 -3.92
CA ALA E 376 27.72 51.11 -4.69
C ALA E 376 27.41 51.14 -6.17
N ASP E 377 26.19 51.51 -6.52
CA ASP E 377 25.84 51.59 -7.92
C ASP E 377 25.26 52.93 -8.17
N TYR E 378 24.57 53.45 -7.15
CA TYR E 378 23.81 54.66 -7.34
C TYR E 378 24.71 55.88 -7.51
N ILE E 379 24.34 56.72 -8.48
CA ILE E 379 25.07 57.94 -8.77
C ILE E 379 24.32 59.24 -8.53
N PRO E 380 24.75 59.98 -7.52
CA PRO E 380 24.06 61.18 -7.07
C PRO E 380 24.35 62.37 -7.98
N PHE E 381 23.35 63.26 -8.16
CA PHE E 381 23.50 64.47 -8.98
C PHE E 381 23.89 65.77 -8.26
N ASN E 382 24.21 66.80 -9.03
CA ASN E 382 24.98 67.94 -8.55
C ASN E 382 24.61 68.58 -7.23
N HIS E 383 23.33 68.57 -6.88
CA HIS E 383 22.91 69.13 -5.61
C HIS E 383 21.79 68.34 -4.97
N GLU E 384 21.97 67.03 -4.99
CA GLU E 384 20.96 66.11 -4.51
C GLU E 384 20.98 65.95 -3.01
N HIS E 385 19.79 65.77 -2.46
CA HIS E 385 19.64 65.54 -1.01
C HIS E 385 19.37 64.09 -0.58
N ILE E 386 20.41 63.38 -0.20
CA ILE E 386 20.25 61.98 0.15
C ILE E 386 20.08 61.83 1.65
N THR E 387 18.99 61.21 2.03
CA THR E 387 18.72 60.94 3.42
C THR E 387 18.77 59.45 3.67
N ALA E 388 19.23 59.07 4.84
CA ALA E 388 19.30 57.66 5.19
C ALA E 388 18.49 57.42 6.47
N ASN E 389 17.27 56.88 6.34
CA ASN E 389 16.36 56.65 7.47
C ASN E 389 16.51 55.22 7.98
N PHE E 390 16.71 55.04 9.30
CA PHE E 390 16.61 53.75 10.00
C PHE E 390 15.16 53.51 10.30
N THR E 391 14.66 52.40 9.79
CA THR E 391 13.23 52.17 9.71
C THR E 391 13.00 50.66 9.60
N GLN E 392 11.78 50.21 9.33
CA GLN E 392 11.52 48.77 9.38
C GLN E 392 10.77 48.41 8.13
N TYR E 393 10.78 47.14 7.79
CA TYR E 393 9.78 46.63 6.87
C TYR E 393 8.70 45.82 7.62
N CYS F 1 -38.44 60.54 -8.52
CA CYS F 1 -37.46 59.58 -9.04
C CYS F 1 -37.87 58.14 -8.72
N GLY F 2 -36.88 57.31 -8.40
CA GLY F 2 -37.12 55.91 -8.10
C GLY F 2 -36.80 55.02 -9.29
N GLU F 3 -36.31 53.82 -9.02
CA GLU F 3 -35.89 52.90 -10.09
C GLU F 3 -36.08 51.44 -9.66
N ILE F 4 -36.21 50.53 -10.64
CA ILE F 4 -36.21 49.09 -10.33
C ILE F 4 -35.02 48.30 -10.90
N LEU F 5 -34.48 47.43 -10.06
CA LEU F 5 -33.19 46.79 -10.33
C LEU F 5 -33.26 45.30 -10.62
N THR F 6 -32.58 44.89 -11.69
CA THR F 6 -32.56 43.49 -12.10
C THR F 6 -31.18 42.92 -11.77
N GLU F 7 -30.16 43.77 -11.92
CA GLU F 7 -28.78 43.33 -11.77
C GLU F 7 -28.62 42.51 -10.50
N SER F 8 -27.62 41.62 -10.50
CA SER F 8 -27.33 40.76 -9.35
C SER F 8 -26.65 41.59 -8.29
N THR F 9 -25.95 42.62 -8.75
CA THR F 9 -25.25 43.50 -7.86
C THR F 9 -25.61 44.90 -8.25
N GLY F 10 -25.54 45.82 -7.31
CA GLY F 10 -25.80 47.19 -7.65
C GLY F 10 -25.66 48.04 -6.43
N THR F 11 -25.91 49.33 -6.63
CA THR F 11 -25.92 50.27 -5.53
C THR F 11 -27.20 51.07 -5.60
N ILE F 12 -27.44 51.83 -4.55
CA ILE F 12 -28.67 52.58 -4.43
C ILE F 12 -28.37 53.99 -3.89
N GLN F 13 -28.55 54.98 -4.76
CA GLN F 13 -28.22 56.34 -4.38
C GLN F 13 -29.41 57.13 -3.85
N SER F 14 -29.25 57.67 -2.65
CA SER F 14 -30.07 58.78 -2.22
C SER F 14 -29.88 59.84 -3.29
N PRO F 15 -30.98 60.46 -3.75
CA PRO F 15 -30.90 61.47 -4.81
C PRO F 15 -29.80 62.50 -4.55
N GLY F 16 -29.85 63.16 -3.40
CA GLY F 16 -28.87 64.17 -3.04
C GLY F 16 -27.44 63.69 -2.90
N HIS F 17 -27.27 62.49 -2.35
CA HIS F 17 -25.95 61.91 -2.17
C HIS F 17 -25.07 62.22 -3.38
N PRO F 18 -23.77 62.45 -3.15
CA PRO F 18 -23.09 62.38 -1.84
C PRO F 18 -23.49 63.44 -0.80
N ASN F 19 -24.42 64.34 -1.14
CA ASN F 19 -24.81 65.44 -0.24
C ASN F 19 -25.63 66.50 -0.94
N VAL F 20 -26.76 66.92 -0.36
CA VAL F 20 -27.49 66.16 0.65
C VAL F 20 -28.82 65.90 -0.02
N TYR F 21 -29.70 65.13 0.60
CA TYR F 21 -30.97 64.83 -0.03
C TYR F 21 -31.97 65.97 0.14
N PRO F 22 -32.84 66.17 -0.87
CA PRO F 22 -33.98 67.10 -0.95
C PRO F 22 -35.14 66.79 0.01
N HIS F 23 -35.80 67.86 0.48
CA HIS F 23 -36.92 67.75 1.41
C HIS F 23 -38.25 67.46 0.68
N GLY F 24 -39.14 66.69 1.31
CA GLY F 24 -40.46 66.43 0.77
C GLY F 24 -40.63 65.36 -0.31
N ILE F 25 -39.81 64.31 -0.26
CA ILE F 25 -39.76 63.27 -1.31
C ILE F 25 -40.81 62.15 -1.16
N ASN F 26 -41.02 61.38 -2.24
CA ASN F 26 -42.01 60.32 -2.31
C ASN F 26 -41.44 59.19 -3.18
N CYS F 27 -40.10 59.16 -3.25
CA CYS F 27 -39.33 58.25 -4.10
C CYS F 27 -39.46 56.77 -3.72
N THR F 28 -39.38 55.86 -4.70
CA THR F 28 -39.43 54.42 -4.41
C THR F 28 -38.63 53.52 -5.34
N TRP F 29 -37.98 52.52 -4.73
CA TRP F 29 -37.17 51.50 -5.39
C TRP F 29 -37.75 50.08 -5.27
N HIS F 30 -37.36 49.23 -6.20
CA HIS F 30 -37.78 47.84 -6.20
C HIS F 30 -36.64 46.97 -6.69
N ILE F 31 -36.19 46.06 -5.84
CA ILE F 31 -35.07 45.16 -6.19
C ILE F 31 -35.49 43.69 -6.34
N LEU F 32 -35.30 43.20 -7.56
CA LEU F 32 -35.66 41.85 -7.97
C LEU F 32 -34.46 41.12 -8.59
N VAL F 33 -34.18 39.93 -8.07
CA VAL F 33 -33.02 39.13 -8.48
C VAL F 33 -33.50 37.68 -8.60
N GLN F 34 -32.72 36.84 -9.29
CA GLN F 34 -33.17 35.49 -9.65
C GLN F 34 -33.77 34.74 -8.47
N PRO F 35 -34.53 33.65 -8.73
CA PRO F 35 -35.28 32.93 -7.68
C PRO F 35 -34.37 31.99 -6.89
N ASN F 36 -34.92 31.28 -5.91
CA ASN F 36 -34.11 30.40 -5.09
C ASN F 36 -32.90 31.17 -4.56
N HIS F 37 -33.06 32.51 -4.50
CA HIS F 37 -31.98 33.40 -4.10
C HIS F 37 -32.44 34.51 -3.17
N LEU F 38 -31.48 35.24 -2.64
CA LEU F 38 -31.77 36.20 -1.60
C LEU F 38 -31.10 37.54 -1.90
N ILE F 39 -31.63 38.60 -1.30
CA ILE F 39 -30.97 39.90 -1.41
C ILE F 39 -30.23 40.28 -0.13
N HIS F 40 -28.95 40.56 -0.27
CA HIS F 40 -28.18 41.03 0.86
C HIS F 40 -27.83 42.49 0.66
N LEU F 41 -28.32 43.32 1.61
CA LEU F 41 -28.08 44.77 1.64
C LEU F 41 -26.94 45.17 2.57
N MET F 42 -25.88 45.76 2.02
CA MET F 42 -24.87 46.40 2.85
C MET F 42 -25.38 47.83 3.09
N PHE F 43 -24.56 48.71 3.66
CA PHE F 43 -24.99 50.05 4.05
C PHE F 43 -23.84 51.04 4.35
N GLU F 44 -23.05 51.37 3.33
CA GLU F 44 -21.91 52.26 3.54
C GLU F 44 -22.27 53.42 4.48
N THR F 45 -23.21 54.27 4.05
CA THR F 45 -23.55 55.52 4.73
C THR F 45 -25.05 55.70 4.98
N PHE F 46 -25.41 56.55 5.94
CA PHE F 46 -26.83 56.73 6.30
C PHE F 46 -27.15 57.83 7.36
N HIS F 47 -27.36 59.06 6.91
CA HIS F 47 -27.88 60.07 7.79
C HIS F 47 -29.30 60.33 7.42
N LEU F 48 -30.11 60.60 8.44
CA LEU F 48 -31.50 61.02 8.29
C LEU F 48 -31.94 61.87 9.49
N GLU F 49 -32.95 62.71 9.33
CA GLU F 49 -33.45 63.38 10.53
C GLU F 49 -34.12 62.34 11.42
N PHE F 50 -33.85 62.41 12.71
CA PHE F 50 -34.31 61.41 13.65
C PHE F 50 -35.67 61.75 14.29
N HIS F 51 -36.35 60.73 14.83
CA HIS F 51 -37.74 60.89 15.25
C HIS F 51 -38.16 59.64 16.01
N TYR F 52 -38.56 59.78 17.27
CA TYR F 52 -38.91 58.59 18.06
C TYR F 52 -39.98 57.73 17.38
N ASN F 53 -41.15 58.28 17.04
CA ASN F 53 -42.17 57.54 16.28
C ASN F 53 -41.67 57.26 14.86
N CYS F 54 -40.60 57.94 14.48
CA CYS F 54 -39.97 57.76 13.16
C CYS F 54 -40.84 58.27 12.03
N THR F 55 -41.35 59.49 12.17
CA THR F 55 -42.32 60.03 11.22
C THR F 55 -41.75 61.00 10.18
N ASN F 56 -40.93 61.95 10.62
CA ASN F 56 -40.53 63.04 9.73
C ASN F 56 -39.80 62.53 8.50
N ASP F 57 -38.49 62.37 8.61
CA ASP F 57 -37.74 61.70 7.56
C ASP F 57 -37.62 60.24 7.96
N TYR F 58 -37.44 59.35 6.98
CA TYR F 58 -37.34 57.92 7.24
C TYR F 58 -37.28 57.05 5.98
N LEU F 59 -36.87 55.81 6.20
CA LEU F 59 -36.72 54.78 5.16
C LEU F 59 -37.23 53.44 5.66
N GLU F 60 -38.14 52.83 4.92
CA GLU F 60 -38.60 51.52 5.32
C GLU F 60 -38.41 50.55 4.18
N VAL F 61 -38.35 49.28 4.52
CA VAL F 61 -38.06 48.24 3.56
C VAL F 61 -39.00 47.05 3.76
N TYR F 62 -39.95 46.88 2.85
CA TYR F 62 -40.91 45.79 2.93
C TYR F 62 -40.29 44.52 2.32
N ASP F 63 -40.61 43.36 2.89
CA ASP F 63 -40.19 42.14 2.24
C ASP F 63 -41.19 41.76 1.17
N THR F 64 -40.94 42.24 -0.05
CA THR F 64 -41.90 42.07 -1.14
C THR F 64 -42.43 40.63 -1.23
N ASP F 65 -41.52 39.66 -1.30
CA ASP F 65 -41.94 38.29 -1.49
C ASP F 65 -42.84 37.80 -0.35
N SER F 66 -42.98 38.60 0.69
CA SER F 66 -43.72 38.15 1.86
C SER F 66 -44.65 39.18 2.48
N GLU F 67 -45.49 38.72 3.38
CA GLU F 67 -46.23 39.62 4.22
C GLU F 67 -45.23 40.19 5.21
N THR F 68 -45.66 41.21 5.94
CA THR F 68 -44.83 41.89 6.92
C THR F 68 -43.70 42.70 6.25
N SER F 69 -42.92 43.42 7.06
CA SER F 69 -41.86 44.30 6.55
C SER F 69 -40.73 44.35 7.54
N LEU F 70 -39.52 44.52 7.02
CA LEU F 70 -38.31 44.48 7.84
C LEU F 70 -38.18 45.67 8.79
N GLY F 71 -38.81 46.79 8.48
CA GLY F 71 -38.81 47.93 9.39
C GLY F 71 -38.64 49.31 8.78
N ARG F 72 -38.86 50.31 9.61
CA ARG F 72 -38.71 51.72 9.23
C ARG F 72 -37.46 52.26 9.92
N TYR F 73 -36.69 53.10 9.24
CA TYR F 73 -35.42 53.53 9.80
C TYR F 73 -35.09 55.01 9.64
N CYS F 74 -35.09 55.71 10.77
CA CYS F 74 -34.64 57.10 10.82
C CYS F 74 -33.33 57.20 11.61
N GLY F 75 -32.73 58.38 11.60
CA GLY F 75 -31.55 58.65 12.42
C GLY F 75 -30.24 58.19 11.81
N LYS F 76 -29.38 57.60 12.63
CA LYS F 76 -28.14 57.02 12.16
C LYS F 76 -28.27 55.50 12.17
N SER F 77 -29.26 55.02 12.92
CA SER F 77 -29.44 53.60 13.19
C SER F 77 -30.09 52.79 12.05
N ILE F 78 -29.50 51.64 11.76
CA ILE F 78 -29.84 50.77 10.63
C ILE F 78 -28.73 49.70 10.54
N PRO F 79 -29.08 48.43 10.81
CA PRO F 79 -28.14 47.30 10.79
C PRO F 79 -27.23 47.27 9.55
N PRO F 80 -25.91 47.16 9.74
CA PRO F 80 -25.00 47.26 8.59
C PRO F 80 -25.43 46.35 7.44
N SER F 81 -26.12 45.26 7.79
CA SER F 81 -26.58 44.29 6.82
C SER F 81 -28.04 43.98 7.05
N LEU F 82 -28.75 43.76 5.96
CA LEU F 82 -30.09 43.19 6.00
C LEU F 82 -30.17 42.13 4.93
N THR F 83 -31.09 41.19 5.11
CA THR F 83 -31.20 40.12 4.14
C THR F 83 -32.62 39.61 4.00
N SER F 84 -33.11 39.52 2.77
CA SER F 84 -34.53 39.27 2.45
C SER F 84 -35.00 37.84 2.68
N SER F 85 -36.29 37.62 2.73
CA SER F 85 -36.76 36.25 2.77
C SER F 85 -36.79 35.74 1.34
N GLY F 86 -37.17 36.62 0.39
CA GLY F 86 -37.36 36.24 -0.99
C GLY F 86 -36.30 36.81 -1.87
N ASN F 87 -36.64 36.94 -3.15
CA ASN F 87 -35.78 37.50 -4.18
C ASN F 87 -36.25 38.87 -4.67
N SER F 88 -37.10 39.51 -3.86
CA SER F 88 -37.70 40.78 -4.19
C SER F 88 -37.83 41.60 -2.93
N LEU F 89 -37.69 42.92 -3.05
CA LEU F 89 -37.68 43.82 -1.90
C LEU F 89 -38.27 45.18 -2.22
N MET F 90 -39.16 45.64 -1.36
CA MET F 90 -39.66 47.00 -1.49
C MET F 90 -38.69 47.94 -0.83
N LEU F 91 -38.51 49.12 -1.40
CA LEU F 91 -37.62 50.08 -0.79
C LEU F 91 -38.08 51.53 -0.92
N VAL F 92 -38.96 51.94 -0.02
CA VAL F 92 -39.53 53.27 -0.09
C VAL F 92 -38.83 54.29 0.81
N PHE F 93 -38.46 55.41 0.21
CA PHE F 93 -37.85 56.52 0.89
C PHE F 93 -38.84 57.67 0.91
N VAL F 94 -39.07 58.27 2.08
CA VAL F 94 -40.08 59.30 2.18
C VAL F 94 -39.69 60.34 3.23
N THR F 95 -39.73 61.61 2.85
CA THR F 95 -39.25 62.67 3.75
C THR F 95 -40.27 63.79 4.04
N ASP F 96 -39.75 64.94 4.48
CA ASP F 96 -40.57 66.13 4.73
C ASP F 96 -39.71 67.39 4.53
N SER F 97 -40.34 68.56 4.71
CA SER F 97 -39.79 69.87 4.34
C SER F 97 -38.54 70.35 5.10
N ASP F 98 -38.61 70.39 6.43
CA ASP F 98 -37.50 70.85 7.23
C ASP F 98 -36.49 69.73 7.48
N LEU F 99 -35.20 69.99 7.26
CA LEU F 99 -34.10 69.11 7.69
C LEU F 99 -33.70 67.98 6.73
N ALA F 100 -32.40 67.95 6.42
CA ALA F 100 -31.80 66.99 5.47
C ALA F 100 -30.33 66.73 5.77
N TYR F 101 -29.75 65.76 5.07
CA TYR F 101 -28.37 65.33 5.30
C TYR F 101 -27.77 64.63 4.09
N GLU F 102 -26.54 64.13 4.23
CA GLU F 102 -25.79 63.55 3.12
C GLU F 102 -26.52 62.39 2.43
N GLY F 103 -27.64 61.97 3.01
CA GLY F 103 -28.42 60.90 2.40
C GLY F 103 -27.94 59.55 2.85
N PHE F 104 -27.75 58.62 1.89
CA PHE F 104 -27.24 57.27 2.17
C PHE F 104 -26.71 56.54 0.92
N LEU F 105 -25.55 55.91 1.04
CA LEU F 105 -25.13 54.94 0.04
C LEU F 105 -25.54 53.59 0.54
N ILE F 106 -25.78 52.64 -0.36
CA ILE F 106 -26.26 51.33 0.07
C ILE F 106 -26.16 50.24 -0.98
N ASN F 107 -25.24 49.31 -0.75
CA ASN F 107 -24.97 48.24 -1.69
C ASN F 107 -25.82 47.01 -1.45
N TYR F 108 -25.84 46.12 -2.44
CA TYR F 108 -26.60 44.88 -2.34
C TYR F 108 -26.04 43.86 -3.32
N GLU F 109 -26.40 42.60 -3.11
CA GLU F 109 -25.92 41.53 -3.95
C GLU F 109 -26.81 40.32 -3.82
N ALA F 110 -26.75 39.47 -4.84
CA ALA F 110 -27.50 38.22 -4.86
C ALA F 110 -26.80 37.18 -4.00
N ILE F 111 -27.57 36.22 -3.51
CA ILE F 111 -27.06 35.22 -2.59
C ILE F 111 -27.89 33.95 -2.75
N SER F 112 -27.24 32.82 -3.05
CA SER F 112 -27.97 31.57 -3.17
C SER F 112 -28.55 31.16 -1.83
N ALA F 113 -29.74 30.60 -1.88
CA ALA F 113 -30.42 30.22 -0.66
C ALA F 113 -29.98 28.86 -0.16
N ALA F 114 -29.39 28.07 -1.03
CA ALA F 114 -28.72 26.87 -0.52
C ALA F 114 -27.52 27.23 0.36
N THR F 115 -26.48 27.79 -0.26
CA THR F 115 -25.27 28.25 0.43
C THR F 115 -25.53 29.22 1.57
N ALA F 116 -26.79 29.50 1.85
CA ALA F 116 -27.14 30.59 2.77
C ALA F 116 -27.53 30.07 4.12
N CYS F 117 -26.58 30.04 5.04
CA CYS F 117 -26.88 29.70 6.41
C CYS F 117 -26.85 30.98 7.24
N LEU F 118 -27.98 31.24 7.88
CA LEU F 118 -28.14 32.37 8.81
C LEU F 118 -29.27 31.91 9.69
N GLN F 119 -29.08 31.92 11.01
CA GLN F 119 -30.12 31.46 11.90
C GLN F 119 -30.18 32.24 13.19
N ASP F 120 -31.40 32.68 13.53
CA ASP F 120 -31.68 33.46 14.73
C ASP F 120 -32.20 32.58 15.85
N TYR F 121 -31.78 32.88 17.07
CA TYR F 121 -32.22 32.12 18.22
C TYR F 121 -32.77 33.02 19.34
N THR F 122 -33.73 32.49 20.11
CA THR F 122 -34.31 33.19 21.28
C THR F 122 -34.61 32.31 22.55
N ASP F 123 -34.97 31.07 22.36
CA ASP F 123 -35.60 30.30 23.43
C ASP F 123 -34.88 30.09 24.79
N ASP F 124 -33.73 30.73 25.04
CA ASP F 124 -32.90 30.43 26.25
C ASP F 124 -32.37 28.98 26.32
N LEU F 125 -32.19 28.37 25.15
CA LEU F 125 -31.81 26.96 25.02
C LEU F 125 -30.73 26.79 23.92
N GLY F 126 -29.60 26.19 24.29
CA GLY F 126 -28.50 26.02 23.37
C GLY F 126 -28.60 24.88 22.38
N THR F 127 -29.40 25.04 21.35
CA THR F 127 -29.45 24.00 20.34
C THR F 127 -28.42 24.26 19.22
N PHE F 128 -27.37 25.06 19.50
CA PHE F 128 -26.59 25.59 18.37
C PHE F 128 -25.22 24.99 18.05
N THR F 129 -24.99 24.81 16.75
CA THR F 129 -23.97 23.88 16.27
C THR F 129 -23.45 24.17 14.87
N SER F 130 -22.17 23.93 14.65
CA SER F 130 -21.53 24.10 13.34
C SER F 130 -22.25 23.22 12.35
N PRO F 131 -22.25 23.63 11.07
CA PRO F 131 -22.92 22.92 9.98
C PRO F 131 -22.54 21.46 10.02
N ASN F 132 -23.50 20.57 9.77
CA ASN F 132 -23.21 19.14 9.67
C ASN F 132 -22.82 18.42 10.97
N PHE F 133 -22.58 19.16 12.04
CA PHE F 133 -22.09 18.55 13.26
C PHE F 133 -22.91 17.35 13.75
N PRO F 134 -22.24 16.25 14.17
CA PRO F 134 -20.82 15.98 14.43
C PRO F 134 -20.05 15.59 13.19
N ASN F 135 -20.73 15.36 12.08
CA ASN F 135 -19.99 15.15 10.86
C ASN F 135 -19.20 16.37 10.48
N ASN F 136 -18.31 16.19 9.52
CA ASN F 136 -17.44 17.26 9.15
C ASN F 136 -18.14 18.34 8.41
N TYR F 137 -17.91 19.57 8.87
CA TYR F 137 -18.48 20.74 8.23
C TYR F 137 -17.88 20.98 6.82
N PRO F 138 -18.58 21.71 5.95
CA PRO F 138 -18.17 21.87 4.56
C PRO F 138 -17.08 22.89 4.35
N ASN F 139 -16.59 22.98 3.12
CA ASN F 139 -15.56 23.92 2.72
C ASN F 139 -16.17 25.20 2.14
N ASN F 140 -15.43 26.29 2.23
CA ASN F 140 -15.88 27.56 1.68
C ASN F 140 -17.22 28.00 2.21
N TRP F 141 -17.63 27.38 3.31
CA TRP F 141 -18.88 27.71 3.99
C TRP F 141 -18.73 28.96 4.81
N GLU F 142 -19.80 29.74 4.87
CA GLU F 142 -19.92 30.82 5.83
C GLU F 142 -21.25 30.64 6.49
N CYS F 143 -21.37 31.12 7.70
CA CYS F 143 -22.54 30.84 8.48
C CYS F 143 -22.65 31.71 9.71
N ILE F 144 -23.81 32.33 9.88
CA ILE F 144 -24.02 33.37 10.89
C ILE F 144 -25.04 32.97 11.95
N TYR F 145 -24.83 33.42 13.18
CA TYR F 145 -25.76 33.12 14.26
C TYR F 145 -25.98 34.35 15.08
N ARG F 146 -27.16 34.98 14.97
CA ARG F 146 -27.54 36.02 15.94
C ARG F 146 -28.32 35.30 17.06
N ILE F 147 -28.20 35.74 18.31
CA ILE F 147 -29.13 35.27 19.34
C ILE F 147 -29.49 36.39 20.28
N THR F 148 -30.78 36.70 20.30
CA THR F 148 -31.31 37.79 21.12
C THR F 148 -32.04 37.12 22.25
N VAL F 149 -32.35 37.86 23.32
CA VAL F 149 -33.11 37.30 24.45
C VAL F 149 -33.93 38.35 25.24
N ARG F 150 -34.36 37.96 26.45
CA ARG F 150 -35.10 38.84 27.37
C ARG F 150 -34.25 40.04 27.77
N THR F 151 -34.89 41.20 27.81
CA THR F 151 -34.17 42.46 27.94
C THR F 151 -33.39 42.62 29.24
N GLY F 152 -33.82 41.94 30.29
CA GLY F 152 -33.06 41.98 31.52
C GLY F 152 -31.67 41.39 31.32
N GLN F 153 -31.64 40.11 30.95
CA GLN F 153 -30.47 39.25 31.13
C GLN F 153 -29.24 39.47 30.24
N LEU F 154 -28.23 38.65 30.57
CA LEU F 154 -27.02 38.45 29.78
C LEU F 154 -27.01 37.03 29.20
N ILE F 155 -26.30 36.84 28.08
CA ILE F 155 -26.03 35.52 27.52
C ILE F 155 -24.70 34.94 28.02
N ALA F 156 -24.69 33.64 28.31
CA ALA F 156 -23.47 32.96 28.75
C ALA F 156 -23.30 31.65 28.01
N VAL F 157 -22.41 31.63 27.02
CA VAL F 157 -22.26 30.45 26.18
C VAL F 157 -21.10 29.55 26.58
N HIS F 158 -21.44 28.26 26.71
CA HIS F 158 -20.49 27.21 27.04
C HIS F 158 -20.34 26.30 25.82
N PHE F 159 -19.15 25.73 25.65
CA PHE F 159 -18.92 24.80 24.58
C PHE F 159 -18.81 23.34 25.02
N THR F 160 -19.47 22.47 24.27
CA THR F 160 -19.36 21.03 24.47
C THR F 160 -18.35 20.46 23.50
N ASN F 161 -18.57 20.65 22.22
CA ASN F 161 -17.60 20.19 21.24
C ASN F 161 -16.95 21.37 20.50
N PHE F 162 -15.67 21.25 20.14
CA PHE F 162 -14.95 22.30 19.36
C PHE F 162 -13.62 21.83 18.78
N SER F 163 -13.64 21.39 17.51
CA SER F 163 -12.43 21.00 16.82
C SER F 163 -12.54 21.69 15.49
N LEU F 164 -11.66 22.67 15.25
CA LEU F 164 -11.60 23.45 13.99
C LEU F 164 -10.18 23.49 13.43
N GLU F 165 -10.04 23.72 12.12
CA GLU F 165 -8.71 23.72 11.48
C GLU F 165 -7.70 24.57 12.23
N GLU F 166 -6.45 24.14 12.23
CA GLU F 166 -5.42 24.86 12.95
C GLU F 166 -5.06 26.18 12.28
N ALA F 167 -4.40 27.06 13.01
CA ALA F 167 -3.93 28.34 12.42
C ALA F 167 -2.53 28.27 11.80
N ILE F 168 -2.39 28.72 10.56
CA ILE F 168 -1.06 28.98 10.00
C ILE F 168 -0.50 30.25 10.65
N GLY F 169 0.48 30.14 11.53
CA GLY F 169 1.03 31.36 12.11
C GLY F 169 -0.07 32.20 12.73
N ASN F 170 -0.04 33.50 12.50
CA ASN F 170 -1.11 34.34 12.99
C ASN F 170 -2.22 34.51 11.98
N TYR F 171 -2.18 33.66 10.95
CA TYR F 171 -3.20 33.60 9.91
C TYR F 171 -4.28 32.59 10.32
N TYR F 172 -5.54 32.93 10.06
CA TYR F 172 -6.64 32.01 10.35
C TYR F 172 -6.98 31.25 9.11
N THR F 173 -7.03 29.94 9.23
CA THR F 173 -7.85 29.15 8.36
C THR F 173 -8.96 28.76 9.29
N ASP F 174 -10.21 28.84 8.85
CA ASP F 174 -11.36 28.37 9.67
C ASP F 174 -11.39 28.90 11.13
N PHE F 175 -12.46 29.60 11.47
CA PHE F 175 -12.57 30.24 12.78
C PHE F 175 -14.04 30.38 13.26
N LEU F 176 -14.21 30.87 14.49
CA LEU F 176 -15.52 31.27 14.96
C LEU F 176 -15.44 32.66 15.61
N GLU F 177 -15.88 33.67 14.87
CA GLU F 177 -15.98 35.06 15.31
C GLU F 177 -17.17 35.30 16.26
N ILE F 178 -16.87 35.74 17.49
CA ILE F 178 -17.91 36.13 18.46
C ILE F 178 -17.95 37.63 18.82
N ARG F 179 -19.07 38.27 18.52
CA ARG F 179 -19.23 39.68 18.80
C ARG F 179 -20.22 39.95 19.93
N ASP F 180 -20.03 41.08 20.60
CA ASP F 180 -20.71 41.41 21.85
C ASP F 180 -22.13 41.95 21.71
N GLY F 181 -22.42 42.59 20.57
CA GLY F 181 -23.77 43.02 20.25
C GLY F 181 -24.64 42.04 19.45
N GLY F 182 -25.39 42.59 18.49
CA GLY F 182 -26.26 41.78 17.65
C GLY F 182 -26.01 42.09 16.19
N TYR F 183 -24.80 42.60 15.90
CA TYR F 183 -24.45 43.05 14.55
C TYR F 183 -22.99 42.74 14.22
N GLU F 184 -22.70 42.74 12.92
CA GLU F 184 -21.42 42.27 12.43
C GLU F 184 -20.22 43.14 12.80
N LYS F 185 -20.45 44.22 13.53
CA LYS F 185 -19.35 45.10 13.85
C LYS F 185 -19.34 45.48 15.32
N SER F 186 -20.26 44.88 16.06
CA SER F 186 -20.28 44.96 17.53
C SER F 186 -18.96 44.45 18.11
N PRO F 187 -18.58 44.92 19.31
CA PRO F 187 -17.28 44.62 19.92
C PRO F 187 -16.90 43.16 19.81
N LEU F 188 -15.61 42.86 19.76
CA LEU F 188 -15.15 41.53 19.48
C LEU F 188 -14.85 40.76 20.74
N LEU F 189 -15.74 39.83 21.11
CA LEU F 189 -15.49 38.97 22.23
C LEU F 189 -14.28 38.05 22.00
N GLY F 190 -14.04 37.70 20.75
CA GLY F 190 -12.98 36.76 20.39
C GLY F 190 -13.21 36.10 19.05
N ILE F 191 -12.11 35.68 18.46
CA ILE F 191 -12.14 34.79 17.32
C ILE F 191 -11.52 33.46 17.77
N PHE F 192 -12.12 32.34 17.34
CA PHE F 192 -11.73 31.04 17.88
C PHE F 192 -11.51 30.00 16.79
N TYR F 193 -10.42 29.23 16.95
CA TYR F 193 -9.95 28.27 15.96
C TYR F 193 -9.30 27.06 16.63
N GLY F 194 -8.66 26.22 15.82
CA GLY F 194 -7.95 25.07 16.35
C GLY F 194 -8.81 24.12 17.15
N SER F 195 -8.25 23.60 18.26
CA SER F 195 -8.86 22.44 18.89
C SER F 195 -9.17 22.58 20.35
N ASN F 196 -8.87 23.74 20.95
CA ASN F 196 -9.17 24.00 22.37
C ASN F 196 -10.57 24.56 22.65
N LEU F 197 -11.21 24.09 23.71
CA LEU F 197 -12.53 24.58 24.12
C LEU F 197 -12.53 26.05 24.57
N PRO F 198 -13.23 26.94 23.81
CA PRO F 198 -13.33 28.35 24.21
C PRO F 198 -13.75 28.46 25.67
N PRO F 199 -13.33 29.53 26.33
CA PRO F 199 -13.75 29.76 27.71
C PRO F 199 -15.26 29.94 27.71
N THR F 200 -15.87 30.12 28.88
CA THR F 200 -17.27 30.50 28.90
C THR F 200 -17.35 31.93 28.41
N ILE F 201 -18.24 32.20 27.46
CA ILE F 201 -18.39 33.58 26.99
C ILE F 201 -19.56 34.23 27.71
N ILE F 202 -19.39 35.50 28.08
CA ILE F 202 -20.46 36.25 28.75
C ILE F 202 -20.69 37.61 28.10
N SER F 203 -21.95 37.97 27.85
CA SER F 203 -22.20 39.21 27.12
C SER F 203 -22.23 40.43 28.03
N HIS F 204 -22.68 41.56 27.48
CA HIS F 204 -22.96 42.76 28.26
C HIS F 204 -24.31 43.26 27.80
N SER F 205 -25.00 42.40 27.06
CA SER F 205 -26.26 42.74 26.42
C SER F 205 -27.08 41.48 26.32
N ASN F 206 -28.26 41.59 25.74
CA ASN F 206 -29.07 40.42 25.50
C ASN F 206 -28.93 39.95 24.05
N LYS F 207 -28.02 40.58 23.30
CA LYS F 207 -27.76 40.16 21.93
C LYS F 207 -26.36 39.62 21.78
N LEU F 208 -26.21 38.58 20.96
CA LEU F 208 -24.90 38.03 20.59
C LEU F 208 -24.89 37.76 19.12
N TRP F 209 -23.73 37.94 18.50
CA TRP F 209 -23.61 37.80 17.07
C TRP F 209 -22.39 36.97 16.78
N LEU F 210 -22.59 35.93 15.95
CA LEU F 210 -21.57 34.90 15.68
C LEU F 210 -21.42 34.61 14.20
N LYS F 211 -20.19 34.30 13.80
CA LYS F 211 -19.87 33.92 12.41
C LYS F 211 -18.85 32.80 12.40
N PHE F 212 -19.12 31.77 11.61
CA PHE F 212 -18.20 30.67 11.39
C PHE F 212 -17.79 30.62 9.91
N LYS F 213 -16.53 30.93 9.59
CA LYS F 213 -16.05 30.88 8.20
C LYS F 213 -15.17 29.67 7.95
N SER F 214 -15.25 29.07 6.76
CA SER F 214 -14.31 28.03 6.37
C SER F 214 -13.68 28.26 4.98
N ASP F 215 -12.41 27.93 4.81
CA ASP F 215 -11.70 28.15 3.56
C ASP F 215 -11.65 26.96 2.61
N GLN F 216 -10.90 27.13 1.52
CA GLN F 216 -10.86 26.23 0.37
C GLN F 216 -10.59 24.77 0.66
N ILE F 217 -9.83 24.48 1.71
CA ILE F 217 -9.46 23.09 1.99
C ILE F 217 -9.53 22.83 3.47
N ASP F 218 -9.63 21.55 3.85
CA ASP F 218 -9.47 21.10 5.22
C ASP F 218 -10.64 21.29 6.13
N THR F 219 -11.09 20.19 6.68
CA THR F 219 -12.41 20.10 7.26
C THR F 219 -12.31 19.34 8.56
N ARG F 220 -13.21 19.60 9.51
CA ARG F 220 -13.24 18.85 10.77
C ARG F 220 -14.68 18.68 11.21
N SER F 221 -14.90 18.33 12.46
CA SER F 221 -16.24 18.09 12.97
C SER F 221 -16.99 19.39 13.31
N GLY F 222 -16.26 20.36 13.83
CA GLY F 222 -16.84 21.64 14.13
C GLY F 222 -17.17 21.72 15.59
N PHE F 223 -18.25 22.42 15.93
CA PHE F 223 -18.57 22.69 17.34
C PHE F 223 -20.04 22.53 17.69
N SER F 224 -20.29 22.49 18.99
CA SER F 224 -21.62 22.48 19.52
C SER F 224 -21.54 23.20 20.85
N ALA F 225 -22.43 24.16 21.09
CA ALA F 225 -22.42 24.86 22.36
C ALA F 225 -23.84 25.27 22.77
N TYR F 226 -24.02 25.55 24.06
CA TYR F 226 -25.32 25.94 24.62
C TYR F 226 -25.18 27.24 25.42
N TRP F 227 -26.30 27.75 25.93
CA TRP F 227 -26.35 29.07 26.59
C TRP F 227 -27.42 29.29 27.67
N ASP F 228 -27.13 30.13 28.68
CA ASP F 228 -28.05 30.53 29.80
C ASP F 228 -28.56 31.95 29.62
N GLY F 229 -29.87 32.12 29.57
CA GLY F 229 -30.42 33.46 29.57
C GLY F 229 -30.84 33.98 30.94
N SER F 230 -29.93 34.01 31.92
CA SER F 230 -30.29 34.32 33.30
C SER F 230 -29.37 35.31 34.05
N SER F 231 -29.97 36.36 34.61
CA SER F 231 -29.31 37.31 35.50
C SER F 231 -30.03 38.64 35.58
N THR F 232 -30.69 39.02 34.48
CA THR F 232 -31.35 40.30 34.38
C THR F 232 -30.33 41.42 34.46
N GLY F 233 -29.06 41.06 34.63
CA GLY F 233 -27.97 42.03 34.63
C GLY F 233 -27.64 42.56 33.24
N CYS F 234 -26.86 43.64 33.17
CA CYS F 234 -26.32 44.06 31.88
C CYS F 234 -25.16 45.08 32.00
N GLY F 235 -24.20 45.01 31.08
CA GLY F 235 -22.88 45.58 31.30
C GLY F 235 -21.94 44.55 31.93
N GLY F 236 -20.75 44.95 32.37
CA GLY F 236 -19.78 44.01 32.92
C GLY F 236 -18.50 44.57 33.54
N ASN F 237 -17.55 43.68 33.84
CA ASN F 237 -16.34 44.05 34.57
C ASN F 237 -15.09 44.52 33.75
N LEU F 238 -15.20 44.54 32.42
CA LEU F 238 -14.18 45.10 31.48
C LEU F 238 -12.71 45.12 31.92
N THR F 239 -11.96 44.10 31.53
CA THR F 239 -10.67 43.88 32.13
C THR F 239 -9.41 44.21 31.32
N THR F 240 -9.58 44.56 30.06
CA THR F 240 -8.41 44.83 29.23
C THR F 240 -7.92 46.27 29.35
N SER F 241 -6.61 46.47 29.30
CA SER F 241 -6.01 47.79 29.39
C SER F 241 -6.54 48.74 28.36
N SER F 242 -7.35 48.21 27.45
CA SER F 242 -7.97 49.03 26.42
C SER F 242 -8.96 48.19 25.62
N GLY F 243 -10.02 48.84 25.12
CA GLY F 243 -11.16 48.12 24.59
C GLY F 243 -12.25 49.03 24.08
N THR F 244 -13.45 48.49 23.92
CA THR F 244 -14.58 49.19 23.30
C THR F 244 -15.89 48.62 23.84
N PHE F 245 -16.89 49.47 24.13
CA PHE F 245 -18.20 48.92 24.51
C PHE F 245 -19.40 49.69 24.01
N ILE F 246 -20.58 49.12 24.26
CA ILE F 246 -21.81 49.45 23.53
C ILE F 246 -23.07 49.60 24.38
N SER F 247 -23.74 50.74 24.25
CA SER F 247 -25.10 50.87 24.74
C SER F 247 -25.97 49.87 24.02
N PRO F 248 -26.70 49.03 24.77
CA PRO F 248 -27.50 47.98 24.14
C PRO F 248 -28.09 48.33 22.74
N ASN F 249 -28.38 47.29 21.96
CA ASN F 249 -28.99 47.43 20.64
C ASN F 249 -28.21 48.22 19.62
N TYR F 250 -27.30 49.07 20.09
CA TYR F 250 -26.45 49.85 19.20
C TYR F 250 -26.00 49.04 18.02
N PRO F 251 -25.94 49.66 16.85
CA PRO F 251 -26.28 51.06 16.58
C PRO F 251 -27.80 51.37 16.63
N MET F 252 -28.62 50.37 16.96
CA MET F 252 -30.04 50.60 17.18
C MET F 252 -30.31 51.27 18.54
N PRO F 253 -31.32 52.16 18.59
CA PRO F 253 -31.86 52.72 19.83
C PRO F 253 -31.98 51.66 20.91
N TYR F 254 -31.68 52.05 22.15
CA TYR F 254 -31.57 51.14 23.29
C TYR F 254 -32.88 50.77 23.95
N TYR F 255 -32.79 49.95 24.99
CA TYR F 255 -33.94 49.56 25.78
C TYR F 255 -34.30 50.63 26.80
N HIS F 256 -35.52 50.61 27.31
CA HIS F 256 -35.95 51.64 28.26
C HIS F 256 -35.93 51.20 29.72
N SER F 257 -35.93 52.18 30.62
CA SER F 257 -36.03 51.94 32.07
C SER F 257 -34.97 50.96 32.58
N SER F 258 -33.89 50.84 31.84
CA SER F 258 -32.82 49.95 32.26
C SER F 258 -31.66 50.76 32.81
N GLU F 259 -30.93 50.14 33.71
CA GLU F 259 -29.76 50.75 34.32
C GLU F 259 -28.59 49.82 34.08
N CYS F 260 -27.73 50.19 33.13
CA CYS F 260 -26.58 49.39 32.79
C CYS F 260 -25.31 49.91 33.49
N TYR F 261 -24.36 49.01 33.70
CA TYR F 261 -23.20 49.31 34.51
C TYR F 261 -21.92 48.67 33.96
N TRP F 262 -20.82 49.41 34.02
CA TRP F 262 -19.52 48.90 33.55
C TRP F 262 -18.37 49.41 34.41
N TRP F 263 -17.49 48.49 34.81
CA TRP F 263 -16.37 48.84 35.67
C TRP F 263 -15.06 48.59 34.96
N LEU F 264 -14.32 49.65 34.63
CA LEU F 264 -13.00 49.48 34.05
C LEU F 264 -11.93 49.33 35.10
N LYS F 265 -11.32 48.16 35.16
CA LYS F 265 -10.06 48.04 35.88
C LYS F 265 -9.23 46.95 35.25
N SER F 266 -7.98 47.30 34.94
CA SER F 266 -7.00 46.33 34.46
C SER F 266 -5.64 46.58 35.11
N SER F 267 -4.80 47.38 34.46
CA SER F 267 -3.44 47.51 34.91
C SER F 267 -3.25 48.40 36.11
N HIS F 268 -2.56 47.84 37.09
CA HIS F 268 -2.40 48.48 38.37
C HIS F 268 -1.62 49.79 38.25
N GLY F 269 -2.21 50.83 38.79
CA GLY F 269 -1.50 52.08 38.96
C GLY F 269 -1.59 53.03 37.80
N SER F 270 -2.36 52.68 36.77
CA SER F 270 -2.42 53.54 35.60
C SER F 270 -3.88 53.89 35.30
N ALA F 271 -4.16 55.17 35.10
CA ALA F 271 -5.54 55.66 34.96
C ALA F 271 -6.14 55.38 33.60
N PHE F 272 -7.45 55.14 33.56
CA PHE F 272 -8.13 54.96 32.28
C PHE F 272 -8.49 56.31 31.66
N GLU F 273 -8.83 56.32 30.38
CA GLU F 273 -9.40 57.50 29.77
C GLU F 273 -10.42 57.12 28.71
N LEU F 274 -11.56 57.83 28.69
CA LEU F 274 -12.69 57.54 27.79
C LEU F 274 -12.70 58.38 26.51
N GLU F 275 -13.64 58.05 25.62
CA GLU F 275 -13.78 58.77 24.37
C GLU F 275 -14.95 58.10 23.66
N PHE F 276 -15.64 58.83 22.78
CA PHE F 276 -16.79 58.27 22.07
C PHE F 276 -16.72 58.53 20.58
N LYS F 277 -16.86 57.47 19.80
CA LYS F 277 -16.92 57.66 18.38
C LYS F 277 -18.33 58.10 18.01
N ASP F 278 -19.17 58.34 19.01
CA ASP F 278 -20.60 58.52 18.75
C ASP F 278 -21.47 58.64 20.03
N PHE F 279 -22.08 59.82 20.24
CA PHE F 279 -23.00 60.00 21.38
C PHE F 279 -24.37 60.58 21.01
N HIS F 280 -25.42 60.01 21.62
CA HIS F 280 -26.79 60.46 21.41
C HIS F 280 -27.79 59.92 22.45
N LEU F 281 -28.46 60.85 23.12
CA LEU F 281 -29.44 60.55 24.16
C LEU F 281 -30.40 61.73 24.30
N GLU F 282 -31.37 61.61 25.20
CA GLU F 282 -32.35 62.67 25.42
C GLU F 282 -31.70 63.94 25.91
N HIS F 283 -31.80 64.98 25.11
CA HIS F 283 -31.36 66.29 25.51
C HIS F 283 -32.15 66.71 26.74
N HIS F 284 -31.51 67.37 27.70
CA HIS F 284 -32.22 67.82 28.89
C HIS F 284 -31.50 68.95 29.61
N PRO F 285 -32.17 70.09 29.76
CA PRO F 285 -31.59 71.08 30.65
C PRO F 285 -31.31 70.37 31.97
N ASN F 286 -30.16 70.61 32.56
CA ASN F 286 -29.84 70.04 33.87
C ASN F 286 -29.63 68.51 33.84
N CYS F 287 -30.01 67.86 32.73
CA CYS F 287 -29.73 66.42 32.52
C CYS F 287 -30.33 65.52 33.59
N THR F 288 -31.00 64.43 33.17
CA THR F 288 -31.59 63.50 34.15
C THR F 288 -32.64 62.49 33.62
N LEU F 289 -33.07 62.64 32.39
CA LEU F 289 -34.02 61.69 31.83
C LEU F 289 -33.32 60.37 31.61
N ASP F 290 -32.53 60.30 30.54
CA ASP F 290 -31.61 59.19 30.28
C ASP F 290 -30.23 59.80 30.21
N TYR F 291 -29.30 59.27 30.99
CA TYR F 291 -28.03 59.92 31.24
C TYR F 291 -26.93 58.88 31.38
N LEU F 292 -25.68 59.35 31.35
CA LEU F 292 -24.53 58.47 31.51
C LEU F 292 -23.54 59.08 32.49
N ALA F 293 -23.42 58.47 33.67
CA ALA F 293 -22.52 58.96 34.71
C ALA F 293 -21.20 58.21 34.75
N VAL F 294 -20.10 58.94 34.65
CA VAL F 294 -18.79 58.35 34.88
C VAL F 294 -18.36 58.61 36.34
N TYR F 295 -17.44 57.83 36.87
CA TYR F 295 -17.11 57.91 38.29
C TYR F 295 -15.64 57.58 38.55
N ASP F 296 -14.86 58.58 38.92
CA ASP F 296 -13.48 58.34 39.29
C ASP F 296 -13.34 57.39 40.48
N GLY F 297 -13.37 56.09 40.21
CA GLY F 297 -13.28 55.10 41.26
C GLY F 297 -14.15 53.89 40.98
N PRO F 298 -13.96 52.82 41.76
CA PRO F 298 -14.62 51.52 41.60
C PRO F 298 -16.14 51.46 41.83
N SER F 299 -16.74 52.44 42.49
CA SER F 299 -18.18 52.37 42.77
C SER F 299 -18.82 53.75 42.69
N SER F 300 -20.14 53.80 42.68
CA SER F 300 -20.85 55.06 42.66
C SER F 300 -20.50 56.02 43.83
N ASN F 301 -20.11 55.45 44.96
CA ASN F 301 -19.70 56.23 46.12
C ASN F 301 -18.59 57.22 45.77
N SER F 302 -17.75 56.84 44.82
CA SER F 302 -16.61 57.65 44.40
C SER F 302 -17.03 58.97 43.76
N HIS F 303 -16.07 59.87 43.61
CA HIS F 303 -16.33 61.21 43.12
C HIS F 303 -16.88 61.22 41.70
N LEU F 304 -18.11 61.69 41.51
CA LEU F 304 -18.71 61.74 40.16
C LEU F 304 -18.05 62.75 39.24
N LEU F 305 -17.35 62.25 38.22
CA LEU F 305 -16.64 63.10 37.25
C LEU F 305 -17.58 63.80 36.29
N THR F 306 -18.63 63.12 35.85
CA THR F 306 -19.58 63.73 34.95
C THR F 306 -20.88 62.96 34.86
N GLN F 307 -21.94 63.68 34.52
CA GLN F 307 -23.17 63.05 34.07
C GLN F 307 -23.51 63.64 32.70
N LEU F 308 -23.86 62.77 31.76
CA LEU F 308 -24.01 63.17 30.36
C LEU F 308 -25.37 62.75 29.80
N CYS F 309 -25.92 63.63 28.97
CA CYS F 309 -27.13 63.30 28.22
C CYS F 309 -27.17 64.17 26.99
N GLY F 310 -28.16 63.93 26.13
CA GLY F 310 -28.29 64.69 24.93
C GLY F 310 -27.50 64.17 23.75
N ASP F 311 -27.31 65.05 22.78
CA ASP F 311 -26.84 64.68 21.47
C ASP F 311 -25.38 65.09 21.20
N GLU F 312 -24.76 65.80 22.13
CA GLU F 312 -23.42 66.32 21.87
C GLU F 312 -22.32 65.34 22.26
N LYS F 313 -21.21 65.35 21.51
CA LYS F 313 -20.10 64.41 21.74
C LYS F 313 -19.02 64.89 22.71
N PRO F 314 -18.95 64.25 23.90
CA PRO F 314 -18.05 64.57 25.02
C PRO F 314 -16.58 64.74 24.67
N PRO F 315 -15.84 65.38 25.59
CA PRO F 315 -14.39 65.54 25.63
C PRO F 315 -13.82 64.36 26.38
N LEU F 316 -12.65 63.86 25.99
CA LEU F 316 -12.21 62.62 26.60
C LEU F 316 -12.23 62.79 28.12
N ILE F 317 -12.33 61.70 28.84
CA ILE F 317 -12.58 61.76 30.28
C ILE F 317 -11.51 61.02 31.05
N ARG F 318 -10.42 61.69 31.38
CA ARG F 318 -9.38 60.99 32.08
C ARG F 318 -9.70 60.74 33.54
N SER F 319 -9.98 59.49 33.90
CA SER F 319 -10.06 59.09 35.30
C SER F 319 -8.76 59.56 35.93
N SER F 320 -8.77 59.71 37.26
CA SER F 320 -7.54 60.09 37.98
C SER F 320 -6.92 58.90 38.73
N GLY F 321 -7.60 57.75 38.69
CA GLY F 321 -7.10 56.59 39.39
C GLY F 321 -7.15 55.27 38.64
N ASP F 322 -6.65 54.24 39.29
CA ASP F 322 -6.69 52.86 38.84
C ASP F 322 -7.99 52.44 38.18
N SER F 323 -9.09 52.48 38.93
CA SER F 323 -10.40 52.04 38.44
C SER F 323 -11.21 53.16 37.78
N MET F 324 -12.27 52.80 37.10
CA MET F 324 -13.21 53.80 36.61
C MET F 324 -14.53 53.08 36.46
N PHE F 325 -15.57 53.62 37.09
CA PHE F 325 -16.92 53.05 37.05
C PHE F 325 -17.81 53.87 36.10
N ILE F 326 -18.79 53.22 35.49
CA ILE F 326 -19.70 53.93 34.57
C ILE F 326 -21.10 53.37 34.62
N LYS F 327 -22.06 54.22 34.91
CA LYS F 327 -23.44 53.76 35.04
C LYS F 327 -24.29 54.60 34.11
N LEU F 328 -25.25 53.95 33.48
CA LEU F 328 -26.18 54.66 32.62
C LEU F 328 -27.58 54.16 32.88
N ARG F 329 -28.54 55.11 32.95
CA ARG F 329 -29.95 54.81 33.23
C ARG F 329 -30.87 55.53 32.24
N THR F 330 -31.94 54.83 31.89
CA THR F 330 -32.93 55.31 30.93
C THR F 330 -34.33 55.30 31.54
N ASP F 331 -35.07 56.38 31.35
CA ASP F 331 -36.46 56.34 31.71
C ASP F 331 -37.28 55.73 30.58
N GLU F 332 -38.38 55.10 30.99
CA GLU F 332 -39.38 54.57 30.06
C GLU F 332 -39.60 55.66 29.07
N GLY F 333 -39.78 55.31 27.80
CA GLY F 333 -40.07 56.31 26.80
C GLY F 333 -38.94 57.26 26.45
N GLN F 334 -38.82 57.51 25.15
CA GLN F 334 -37.65 58.12 24.53
C GLN F 334 -36.37 57.31 24.68
N GLN F 335 -35.73 57.12 23.53
CA GLN F 335 -34.52 56.34 23.37
C GLN F 335 -33.71 56.86 22.17
N GLY F 336 -32.47 57.27 22.40
CA GLY F 336 -31.55 57.70 21.35
C GLY F 336 -30.83 56.50 20.75
N ARG F 337 -30.00 56.69 19.72
CA ARG F 337 -29.33 55.54 19.11
C ARG F 337 -28.39 54.86 20.11
N GLY F 338 -27.64 55.67 20.87
CA GLY F 338 -26.77 55.15 21.90
C GLY F 338 -25.33 55.63 21.74
N PHE F 339 -24.40 54.91 22.34
CA PHE F 339 -23.01 55.32 22.23
C PHE F 339 -22.06 54.16 21.91
N LYS F 340 -20.84 54.52 21.54
CA LYS F 340 -19.77 53.58 21.29
C LYS F 340 -18.51 54.18 21.92
N ALA F 341 -17.82 53.42 22.75
CA ALA F 341 -16.77 54.04 23.56
C ALA F 341 -15.40 53.39 23.43
N GLU F 342 -14.48 54.07 22.76
CA GLU F 342 -13.10 53.65 22.76
C GLU F 342 -12.65 54.08 24.15
N TYR F 343 -11.87 53.24 24.83
CA TYR F 343 -11.26 53.64 26.09
C TYR F 343 -9.85 53.07 26.20
N ARG F 344 -8.89 53.93 26.47
CA ARG F 344 -7.53 53.51 26.51
C ARG F 344 -7.14 53.69 27.93
N GLN F 345 -6.07 53.05 28.35
CA GLN F 345 -5.52 53.25 29.69
C GLN F 345 -4.23 54.09 29.64
N THR F 346 -4.13 55.20 30.37
CA THR F 346 -2.96 56.09 30.24
C THR F 346 -1.89 55.82 31.25
N CYS F 347 -0.78 56.50 31.08
CA CYS F 347 0.23 56.50 32.09
C CYS F 347 1.02 57.81 32.07
N GLU F 348 0.59 58.78 31.28
CA GLU F 348 1.38 59.99 31.30
C GLU F 348 0.92 60.97 32.37
N ASN F 349 1.80 61.16 33.34
CA ASN F 349 1.63 62.16 34.37
C ASN F 349 0.56 61.81 35.40
N VAL F 350 0.44 60.54 35.78
CA VAL F 350 -0.48 60.15 36.85
C VAL F 350 0.08 60.30 38.24
N VAL F 351 -0.84 60.36 39.19
CA VAL F 351 -0.57 60.60 40.59
C VAL F 351 -1.50 59.77 41.49
N ILE F 352 -0.90 58.92 42.31
CA ILE F 352 -1.65 58.28 43.37
C ILE F 352 -1.63 59.27 44.53
N VAL F 353 -2.76 59.92 44.79
CA VAL F 353 -2.80 60.96 45.81
C VAL F 353 -2.75 60.37 47.21
N ASN F 354 -3.47 59.28 47.40
CA ASN F 354 -3.47 58.64 48.69
C ASN F 354 -3.84 57.18 48.64
N GLN F 355 -2.96 56.37 49.19
CA GLN F 355 -3.15 54.94 49.23
C GLN F 355 -2.11 54.41 50.16
N THR F 356 -2.59 53.60 51.09
CA THR F 356 -1.75 52.88 52.02
C THR F 356 -0.71 52.05 51.24
N TYR F 357 -1.19 51.23 50.31
CA TYR F 357 -0.34 50.33 49.54
C TYR F 357 -0.79 50.24 48.08
N GLY F 358 -0.06 49.47 47.28
CA GLY F 358 -0.51 49.17 45.93
C GLY F 358 0.53 48.53 45.03
N ILE F 359 0.13 48.38 43.76
CA ILE F 359 1.02 47.81 42.74
C ILE F 359 1.25 48.76 41.57
N LEU F 360 2.46 48.72 41.03
CA LEU F 360 2.78 49.42 39.79
C LEU F 360 3.20 48.47 38.66
N GLU F 361 2.39 48.36 37.61
CA GLU F 361 2.74 47.48 36.50
C GLU F 361 2.66 48.22 35.17
N SER F 362 3.64 47.98 34.33
CA SER F 362 3.68 48.56 32.99
C SER F 362 2.45 48.13 32.17
N ILE F 363 1.69 49.09 31.64
CA ILE F 363 0.31 48.83 31.15
C ILE F 363 0.00 47.41 30.67
N GLY F 364 0.62 46.93 29.62
CA GLY F 364 0.17 45.62 29.16
C GLY F 364 0.19 44.53 30.25
N TYR F 365 1.16 44.66 31.15
CA TYR F 365 1.73 43.53 31.90
C TYR F 365 0.78 42.46 32.37
N PRO F 366 1.16 41.18 32.17
CA PRO F 366 2.46 40.75 31.66
C PRO F 366 2.63 40.79 30.16
N ASN F 367 1.74 41.40 29.40
CA ASN F 367 2.04 41.59 27.98
C ASN F 367 3.21 42.53 27.78
N PRO F 368 4.09 42.23 26.82
CA PRO F 368 5.30 43.01 26.53
C PRO F 368 4.97 44.47 26.25
N TYR F 369 5.85 45.37 26.66
CA TYR F 369 5.42 46.76 26.81
C TYR F 369 5.38 47.58 25.52
N SER F 370 4.41 48.47 25.44
CA SER F 370 4.20 49.23 24.21
C SER F 370 5.40 50.06 23.87
N GLU F 371 5.69 50.16 22.58
CA GLU F 371 6.75 51.01 22.08
C GLU F 371 6.42 52.49 22.25
N ASN F 372 7.45 53.27 22.53
CA ASN F 372 7.37 54.72 22.45
C ASN F 372 6.65 55.44 23.59
N GLN F 373 6.90 54.98 24.82
CA GLN F 373 6.25 55.51 26.00
C GLN F 373 7.11 56.48 26.81
N HIS F 374 6.50 57.58 27.21
CA HIS F 374 7.06 58.45 28.21
C HIS F 374 6.19 58.32 29.44
N CYS F 375 6.51 57.35 30.27
CA CYS F 375 5.66 57.03 31.40
C CYS F 375 6.12 57.70 32.68
N ASN F 376 5.16 58.29 33.41
CA ASN F 376 5.46 59.07 34.61
C ASN F 376 4.43 58.91 35.68
N TRP F 377 4.64 57.95 36.58
CA TRP F 377 3.78 57.85 37.75
C TRP F 377 4.42 58.55 38.94
N THR F 378 3.59 58.96 39.90
CA THR F 378 4.06 59.65 41.09
C THR F 378 3.15 59.30 42.24
N ILE F 379 3.69 58.57 43.21
CA ILE F 379 2.92 58.19 44.41
C ILE F 379 3.19 59.18 45.55
N ARG F 380 2.15 59.75 46.14
CA ARG F 380 2.40 60.72 47.20
C ARG F 380 2.00 60.26 48.60
N ALA F 381 2.99 60.28 49.49
CA ALA F 381 2.81 59.93 50.89
C ALA F 381 2.34 61.11 51.73
N THR F 382 1.14 60.99 52.28
CA THR F 382 0.53 62.04 53.08
C THR F 382 1.50 62.56 54.14
N THR F 383 1.38 63.85 54.45
CA THR F 383 2.05 64.45 55.60
C THR F 383 3.57 64.44 55.50
N GLY F 384 4.21 63.84 56.50
CA GLY F 384 5.65 63.72 56.55
C GLY F 384 6.11 62.28 56.56
N ASN F 385 5.44 61.43 55.77
CA ASN F 385 5.83 60.03 55.61
C ASN F 385 6.80 59.78 54.43
N THR F 386 6.96 58.51 54.08
CA THR F 386 7.81 58.09 52.95
C THR F 386 7.16 56.95 52.16
N VAL F 387 7.96 56.28 51.32
CA VAL F 387 7.50 55.17 50.47
C VAL F 387 8.58 54.09 50.36
N ASN F 388 8.35 52.87 50.88
CA ASN F 388 9.29 51.74 50.66
C ASN F 388 9.07 51.13 49.24
N TYR F 389 10.11 50.64 48.55
CA TYR F 389 9.99 49.86 47.30
C TYR F 389 10.18 48.40 47.52
N THR F 390 9.77 47.63 46.54
CA THR F 390 10.25 46.27 46.35
C THR F 390 9.83 45.91 44.96
N PHE F 391 10.68 45.22 44.22
CA PHE F 391 10.28 44.77 42.89
C PHE F 391 9.87 43.32 42.83
N LEU F 392 9.08 43.00 41.82
CA LEU F 392 8.53 41.66 41.73
C LEU F 392 8.81 41.02 40.37
N ALA F 393 8.84 41.83 39.33
CA ALA F 393 9.20 41.33 38.02
C ALA F 393 9.91 42.45 37.33
N PHE F 394 10.91 42.09 36.55
CA PHE F 394 11.65 43.06 35.79
C PHE F 394 12.20 42.39 34.56
N ASP F 395 12.08 43.06 33.42
CA ASP F 395 12.43 42.47 32.15
C ASP F 395 12.34 43.54 31.10
N LEU F 396 13.38 44.37 31.00
CA LEU F 396 13.52 45.40 29.95
C LEU F 396 14.60 45.02 28.93
N GLU F 397 14.71 45.76 27.83
CA GLU F 397 15.82 45.56 26.90
C GLU F 397 17.17 45.73 27.62
N HIS F 398 18.29 45.64 26.91
CA HIS F 398 19.55 45.61 27.64
C HIS F 398 20.59 46.68 27.34
N HIS F 399 21.23 47.13 28.43
CA HIS F 399 22.40 48.03 28.41
C HIS F 399 22.42 49.14 27.36
N ILE F 400 23.61 49.33 26.80
CA ILE F 400 24.03 50.60 26.21
C ILE F 400 23.89 51.70 27.26
N ASN F 401 24.37 51.42 28.48
CA ASN F 401 24.26 52.36 29.59
C ASN F 401 22.81 52.72 29.80
N CYS F 402 21.98 51.68 29.76
CA CYS F 402 20.52 51.84 29.84
C CYS F 402 20.01 53.04 29.05
N SER F 403 20.43 53.12 27.79
CA SER F 403 20.06 54.21 26.89
C SER F 403 19.09 53.76 25.80
N THR F 404 18.88 52.46 25.69
CA THR F 404 17.85 51.96 24.79
C THR F 404 16.43 52.14 25.37
N ASP F 405 16.04 51.20 26.24
CA ASP F 405 14.84 51.25 27.09
C ASP F 405 15.25 51.33 28.52
N TYR F 406 14.52 52.08 29.34
CA TYR F 406 14.79 52.06 30.78
C TYR F 406 13.69 52.52 31.71
N LEU F 407 14.01 52.45 33.00
CA LEU F 407 13.11 52.90 34.07
C LEU F 407 13.91 53.68 35.15
N GLU F 408 13.45 54.88 35.52
CA GLU F 408 14.11 55.67 36.55
C GLU F 408 13.28 55.76 37.82
N LEU F 409 13.94 56.00 38.96
CA LEU F 409 13.27 56.23 40.24
C LEU F 409 13.68 57.55 40.86
N TYR F 410 12.73 58.20 41.55
CA TYR F 410 12.99 59.52 42.12
C TYR F 410 12.50 59.68 43.55
N ASP F 411 13.33 60.33 44.34
CA ASP F 411 12.96 60.76 45.68
C ASP F 411 12.72 62.26 45.60
N GLY F 412 11.48 62.67 45.37
CA GLY F 412 11.24 64.05 45.05
C GLY F 412 12.05 64.39 43.81
N PRO F 413 12.98 65.35 43.92
CA PRO F 413 13.84 65.78 42.82
C PRO F 413 15.05 64.88 42.58
N ARG F 414 15.48 64.15 43.60
CA ARG F 414 16.72 63.37 43.48
C ARG F 414 16.53 62.01 42.81
N GLN F 415 17.40 61.69 41.85
CA GLN F 415 17.37 60.39 41.22
C GLN F 415 18.08 59.32 42.01
N MET F 416 17.40 58.20 42.23
CA MET F 416 17.99 57.08 42.93
C MET F 416 18.53 56.04 41.98
N GLY F 417 18.23 56.15 40.70
CA GLY F 417 18.81 55.22 39.74
C GLY F 417 18.12 55.04 38.40
N ARG F 418 18.84 54.38 37.50
CA ARG F 418 18.35 54.11 36.16
C ARG F 418 18.63 52.67 35.83
N TYR F 419 17.57 51.95 35.46
CA TYR F 419 17.58 50.48 35.42
C TYR F 419 17.13 49.85 34.08
N CYS F 420 17.58 48.61 33.85
CA CYS F 420 17.19 47.81 32.70
C CYS F 420 17.71 46.40 32.85
N GLY F 421 17.67 45.66 31.76
CA GLY F 421 18.14 44.29 31.79
C GLY F 421 17.02 43.42 32.31
N VAL F 422 17.36 42.21 32.72
CA VAL F 422 16.37 41.36 33.35
C VAL F 422 16.71 41.25 34.84
N ASP F 423 17.60 42.13 35.28
CA ASP F 423 17.95 42.22 36.68
C ASP F 423 16.94 42.95 37.53
N LEU F 424 16.47 42.28 38.56
CA LEU F 424 15.55 42.86 39.55
C LEU F 424 16.27 43.88 40.46
N PRO F 425 15.82 45.13 40.43
CA PRO F 425 16.38 46.22 41.27
C PRO F 425 16.11 45.99 42.76
N PRO F 426 16.91 46.64 43.62
CA PRO F 426 16.86 46.56 45.08
C PRO F 426 15.57 47.11 45.70
N PRO F 427 15.21 46.62 46.90
CA PRO F 427 14.26 47.42 47.69
C PRO F 427 14.79 48.86 47.88
N GLY F 428 14.04 49.71 48.58
CA GLY F 428 14.48 51.08 48.83
C GLY F 428 13.49 51.94 49.59
N SER F 429 13.83 53.20 49.82
CA SER F 429 12.89 54.11 50.45
C SER F 429 13.17 55.59 50.17
N THR F 430 12.10 56.33 49.95
CA THR F 430 12.22 57.75 49.78
C THR F 430 12.45 58.40 51.12
N THR F 431 13.31 59.40 51.15
CA THR F 431 13.43 60.28 52.32
C THR F 431 12.37 61.38 52.17
N SER F 432 11.65 61.35 51.06
CA SER F 432 10.62 62.34 50.80
C SER F 432 9.22 61.74 50.85
N SER F 433 8.22 62.57 50.57
CA SER F 433 6.86 62.08 50.41
C SER F 433 6.52 61.96 48.93
N LYS F 434 7.38 62.49 48.08
CA LYS F 434 7.22 62.34 46.64
C LYS F 434 8.03 61.15 46.15
N LEU F 435 7.43 60.37 45.26
CA LEU F 435 8.10 59.23 44.66
C LEU F 435 7.70 59.05 43.18
N GLN F 436 8.58 59.48 42.26
CA GLN F 436 8.31 59.42 40.82
C GLN F 436 8.91 58.18 40.19
N VAL F 437 8.14 57.51 39.34
CA VAL F 437 8.67 56.44 38.47
C VAL F 437 8.60 56.79 36.96
N LEU F 438 9.75 56.76 36.29
CA LEU F 438 9.80 57.02 34.85
C LEU F 438 10.20 55.77 34.09
N LEU F 439 9.41 55.41 33.09
CA LEU F 439 9.77 54.30 32.21
C LEU F 439 9.77 54.79 30.79
N LEU F 440 10.96 54.94 30.23
CA LEU F 440 11.07 55.34 28.84
C LEU F 440 11.35 54.13 27.94
N THR F 441 10.51 53.97 26.92
CA THR F 441 10.63 52.84 26.02
C THR F 441 10.72 53.34 24.57
N ASP F 442 11.49 52.62 23.76
CA ASP F 442 11.73 53.00 22.39
C ASP F 442 10.86 52.17 21.46
N GLY F 443 11.16 52.24 20.16
CA GLY F 443 10.30 51.66 19.15
C GLY F 443 10.51 50.23 18.64
N VAL F 444 11.22 49.36 19.36
CA VAL F 444 11.41 47.99 18.88
C VAL F 444 11.40 47.02 20.05
N GLY F 445 11.28 45.70 19.82
CA GLY F 445 11.46 44.72 20.89
C GLY F 445 11.32 43.23 20.58
N ARG F 446 12.01 42.39 21.34
CA ARG F 446 11.79 40.95 21.34
C ARG F 446 10.54 40.67 22.14
N ARG F 447 10.00 41.74 22.68
CA ARG F 447 8.77 41.65 23.45
C ARG F 447 9.07 41.20 24.84
N GLU F 448 9.85 42.03 25.50
CA GLU F 448 10.14 41.89 26.90
C GLU F 448 8.95 42.45 27.70
N LYS F 449 8.71 41.79 28.83
CA LYS F 449 7.42 41.80 29.51
C LYS F 449 7.06 43.12 30.14
N GLY F 450 8.01 43.73 30.82
CA GLY F 450 7.73 44.98 31.51
C GLY F 450 8.28 44.91 32.91
N PHE F 451 7.50 45.39 33.87
CA PHE F 451 7.90 45.31 35.25
C PHE F 451 6.65 45.31 36.15
N GLN F 452 6.87 45.00 37.44
CA GLN F 452 5.82 45.02 38.45
C GLN F 452 6.49 45.33 39.79
N MET F 453 5.89 46.23 40.58
CA MET F 453 6.45 46.54 41.92
C MET F 453 5.47 47.05 43.01
N GLN F 454 5.84 46.83 44.27
CA GLN F 454 5.02 47.09 45.46
C GLN F 454 5.21 48.49 46.06
N TRP F 455 4.25 48.99 46.84
CA TRP F 455 4.55 50.23 47.56
C TRP F 455 3.92 50.42 48.93
N PHE F 456 4.54 51.28 49.76
CA PHE F 456 4.21 51.49 51.19
C PHE F 456 4.00 52.94 51.54
N VAL F 457 4.00 53.22 52.83
CA VAL F 457 3.92 54.59 53.32
C VAL F 457 4.40 54.69 54.77
C1 NAG G . -17.76 -13.52 17.95
C2 NAG G . -19.16 -13.41 18.57
C3 NAG G . -19.42 -14.29 19.84
C4 NAG G . -19.01 -15.76 19.66
C5 NAG G . -17.60 -15.73 19.06
C6 NAG G . -17.33 -17.06 18.41
C7 NAG G . -20.10 -11.32 17.76
C8 NAG G . -21.19 -10.37 18.12
N2 NAG G . -19.50 -12.00 18.73
O3 NAG G . -20.81 -14.21 20.18
O4 NAG G . -18.98 -16.63 20.82
O5 NAG G . -17.35 -14.87 17.96
O6 NAG G . -18.08 -17.09 17.22
O7 NAG G . -19.80 -11.43 16.57
C1 NAG G . -20.09 -17.51 21.24
C2 NAG G . -19.88 -18.17 22.65
C3 NAG G . -20.85 -19.33 22.92
C4 NAG G . -22.29 -18.95 22.61
C5 NAG G . -22.44 -17.84 21.53
C6 NAG G . -23.64 -16.99 21.90
C7 NAG G . -17.34 -18.27 22.46
C8 NAG G . -16.26 -17.85 23.40
N2 NAG G . -18.52 -18.63 22.98
O3 NAG G . -20.89 -19.81 24.27
O4 NAG G . -22.98 -20.17 22.32
O5 NAG G . -21.36 -16.92 21.33
O6 NAG G . -24.22 -16.51 20.71
O7 NAG G . -17.09 -18.30 21.27
C1 BMA G . -24.20 -20.35 23.08
C2 BMA G . -25.05 -21.51 22.55
C3 BMA G . -26.49 -21.35 23.04
C4 BMA G . -26.48 -21.17 24.56
C5 BMA G . -25.39 -20.15 25.02
C6 BMA G . -25.22 -20.06 26.53
O2 BMA G . -24.53 -22.76 22.97
O3 BMA G . -27.31 -22.44 22.66
O4 BMA G . -27.80 -20.84 24.94
O5 BMA G . -24.10 -20.43 24.48
O6 BMA G . -23.95 -20.53 26.95
C1 MAN G . -28.14 -22.03 21.53
C2 MAN G . -29.32 -23.03 21.26
C3 MAN G . -28.94 -24.12 20.26
C4 MAN G . -28.45 -23.44 18.99
C5 MAN G . -27.16 -22.66 19.31
C6 MAN G . -26.38 -22.13 18.08
O2 MAN G . -30.56 -22.41 20.96
O3 MAN G . -29.89 -25.15 20.07
O4 MAN G . -28.38 -24.25 17.85
O5 MAN G . -27.39 -21.64 20.32
O6 MAN G . -25.22 -21.37 18.34
C1 MAN G . -23.77 -21.96 26.75
C2 MAN G . -25.06 -22.87 26.93
C3 MAN G . -25.35 -23.14 28.38
C4 MAN G . -24.15 -23.87 28.93
C5 MAN G . -22.93 -22.94 28.88
C6 MAN G . -21.67 -23.53 29.57
O2 MAN G . -25.16 -24.01 26.09
O3 MAN G . -26.59 -23.77 28.63
O4 MAN G . -24.38 -24.49 30.17
O5 MAN G . -22.63 -22.45 27.54
O6 MAN G . -20.43 -23.19 29.00
C1 NAG H . -36.90 -62.36 14.10
C2 NAG H . -36.90 -62.66 12.58
C3 NAG H . -36.59 -64.12 12.28
C4 NAG H . -35.45 -64.76 13.09
C5 NAG H . -35.10 -64.12 14.44
C6 NAG H . -33.55 -64.11 14.53
C7 NAG H . -39.41 -62.63 12.21
C8 NAG H . -40.45 -61.93 11.38
N2 NAG H . -38.14 -62.28 11.89
O3 NAG H . -36.21 -64.23 10.94
O4 NAG H . -35.89 -66.10 13.17
O5 NAG H . -35.64 -62.81 14.66
O6 NAG H . -32.94 -63.66 15.73
O7 NAG H . -39.76 -63.45 13.07
C1 NAG H . -35.14 -67.00 12.34
C2 NAG H . -35.22 -68.39 12.93
C3 NAG H . -34.32 -69.39 12.21
C4 NAG H . -34.41 -69.26 10.68
C5 NAG H . -34.38 -67.78 10.26
C6 NAG H . -34.54 -67.56 8.75
C7 NAG H . -35.58 -68.40 15.37
C8 NAG H . -36.90 -67.68 15.38
N2 NAG H . -34.79 -68.26 14.31
O3 NAG H . -34.68 -70.71 12.56
O4 NAG H . -33.38 -70.07 10.12
O5 NAG H . -35.39 -67.03 10.94
O6 NAG H . -35.76 -66.90 8.47
O7 NAG H . -35.24 -69.07 16.34
C1 BMA H . -33.94 -71.26 9.48
C2 BMA H . -33.49 -71.34 8.01
C3 BMA H . -32.82 -72.63 7.56
C4 BMA H . -33.22 -73.87 8.35
C5 BMA H . -34.29 -73.55 9.38
C6 BMA H . -34.66 -74.79 10.18
O2 BMA H . -32.52 -70.34 7.83
O3 BMA H . -31.42 -72.44 7.50
O4 BMA H . -33.70 -74.87 7.47
O5 BMA H . -33.78 -72.49 10.17
O6 BMA H . -35.89 -74.69 10.87
C1 MAN H . -31.05 -72.37 6.10
C2 MAN H . -29.73 -73.20 5.85
C3 MAN H . -28.58 -72.21 5.89
C4 MAN H . -28.74 -71.41 4.62
C5 MAN H . -29.94 -70.47 4.79
C6 MAN H . -30.34 -69.68 3.52
O2 MAN H . -29.77 -74.06 4.73
O3 MAN H . -27.30 -72.77 6.10
O4 MAN H . -27.58 -70.79 4.16
O5 MAN H . -31.06 -71.00 5.57
O6 MAN H . -31.43 -68.79 3.63
C1 MAN H . -35.77 -75.25 12.20
C2 MAN H . -36.09 -74.24 13.36
C3 MAN H . -34.92 -73.32 13.62
C4 MAN H . -33.73 -74.14 14.02
C5 MAN H . -33.37 -75.15 12.91
C6 MAN H . -32.13 -76.02 13.21
O2 MAN H . -36.64 -74.81 14.51
O3 MAN H . -35.22 -72.32 14.56
O4 MAN H . -32.64 -73.37 14.47
O5 MAN H . -34.49 -75.94 12.42
O6 MAN H . -32.34 -77.09 14.12
C1 NAG I . -3.25 -25.99 38.63
C2 NAG I . -2.39 -24.76 38.42
C3 NAG I . -1.60 -24.44 39.68
C4 NAG I . -2.54 -24.32 40.87
C5 NAG I . -3.75 -25.25 40.78
C6 NAG I . -4.91 -24.76 41.63
C7 NAG I . -1.72 -23.89 36.34
C8 NAG I . -3.13 -23.38 36.19
N2 NAG I . -1.54 -24.83 37.27
O3 NAG I . -0.89 -23.24 39.49
O4 NAG I . -1.80 -24.77 42.00
O5 NAG I . -4.26 -25.53 39.49
O6 NAG I . -5.75 -25.88 41.83
O7 NAG I . -0.80 -23.43 35.66
C1 NAG I . -1.16 -23.76 42.83
C2 NAG I . -0.13 -22.84 42.16
C3 NAG I . -0.09 -21.37 42.67
C4 NAG I . -1.13 -20.96 43.71
C5 NAG I . -1.73 -22.16 44.44
C6 NAG I . -2.94 -21.84 45.32
C7 NAG I . 2.09 -23.65 41.22
C8 NAG I . 3.38 -24.32 41.55
N2 NAG I . 1.22 -23.43 42.24
O3 NAG I . -0.17 -20.49 41.58
O4 NAG I . -0.54 -20.07 44.64
O5 NAG I . -2.21 -23.08 43.50
O6 NAG I . -3.69 -23.03 45.42
O7 NAG I . 1.88 -23.33 40.05
C1 NAG J . 16.79 -27.18 -29.21
C2 NAG J . 17.73 -26.71 -30.32
C3 NAG J . 19.18 -27.32 -30.30
C4 NAG J . 19.86 -27.21 -28.92
C5 NAG J . 18.83 -27.72 -27.91
C6 NAG J . 19.21 -27.21 -26.54
C7 NAG J . 16.31 -25.84 -32.10
C8 NAG J . 16.41 -25.55 -33.57
N2 NAG J . 17.05 -26.84 -31.61
O3 NAG J . 19.97 -26.66 -31.29
O4 NAG J . 21.10 -27.93 -28.69
O5 NAG J . 17.50 -27.22 -27.98
O6 NAG J . 18.89 -25.83 -26.52
O7 NAG J . 15.56 -25.16 -31.41
C1 NAG J . 22.45 -27.37 -28.85
C2 NAG J . 23.60 -28.41 -28.75
C3 NAG J . 25.00 -27.77 -28.57
C4 NAG J . 25.23 -26.66 -29.58
C5 NAG J . 23.94 -25.95 -30.08
C6 NAG J . 24.15 -25.56 -31.53
C7 NAG J . 22.37 -29.94 -27.15
C8 NAG J . 22.13 -31.41 -27.16
N2 NAG J . 23.47 -29.47 -27.76
O3 NAG J . 26.10 -28.65 -28.74
O4 NAG J . 26.19 -25.78 -28.98
O5 NAG J . 22.70 -26.68 -30.05
O6 NAG J . 23.42 -24.39 -31.79
O7 NAG J . 21.58 -29.24 -26.55
C1 BMA J . 27.34 -25.49 -29.83
C2 BMA J . 28.20 -24.34 -29.29
C3 BMA J . 29.04 -23.77 -30.43
C4 BMA J . 29.80 -24.92 -31.10
C5 BMA J . 28.89 -26.15 -31.38
C6 BMA J . 29.63 -27.38 -31.90
O2 BMA J . 29.02 -24.80 -28.24
O3 BMA J . 29.93 -22.77 -29.97
O4 BMA J . 30.42 -24.37 -32.26
O5 BMA J . 28.14 -26.57 -30.23
O6 BMA J . 29.58 -28.45 -30.96
C1 MAN J . 29.40 -21.46 -30.34
C2 MAN J . 30.46 -20.30 -30.20
C3 MAN J . 30.42 -19.66 -28.82
C4 MAN J . 29.01 -19.18 -28.57
C5 MAN J . 28.07 -20.39 -28.51
C6 MAN J . 26.63 -20.10 -28.00
O2 MAN J . 30.46 -19.38 -31.27
O3 MAN J . 31.44 -18.72 -28.55
O4 MAN J . 28.85 -18.25 -27.52
O5 MAN J . 28.09 -21.16 -29.75
O6 MAN J . 25.74 -21.19 -27.98
C1 MAN J . 30.33 -28.19 -29.74
C2 MAN J . 31.64 -27.30 -29.90
C3 MAN J . 32.81 -28.12 -30.41
C4 MAN J . 33.05 -29.20 -29.37
C5 MAN J . 31.82 -30.13 -29.32
C6 MAN J . 32.02 -31.37 -28.42
O2 MAN J . 31.97 -26.44 -28.82
O3 MAN J . 33.95 -27.37 -30.76
O4 MAN J . 34.28 -29.84 -29.50
O5 MAN J . 30.58 -29.43 -29.01
O6 MAN J . 30.89 -31.84 -27.73
C1 NAG K . 56.00 -3.50 -3.35
C2 NAG K . 55.32 -2.35 -2.59
C3 NAG K . 55.98 -2.09 -1.24
C4 NAG K . 56.32 -3.32 -0.41
C5 NAG K . 56.53 -4.65 -1.15
C6 NAG K . 55.85 -5.74 -0.30
C7 NAG K . 56.26 -0.41 -3.94
C8 NAG K . 55.81 0.77 -4.75
N2 NAG K . 55.26 -1.08 -3.34
O3 NAG K . 55.09 -1.34 -0.45
O4 NAG K . 57.47 -2.86 0.28
O5 NAG K . 56.04 -4.66 -2.51
O6 NAG K . 55.94 -7.10 -0.71
O7 NAG K . 57.48 -0.67 -3.86
C1 NAG K . 57.23 -2.62 1.68
C2 NAG K . 58.55 -2.75 2.43
C3 NAG K . 58.37 -2.66 3.95
C4 NAG K . 57.43 -1.51 4.35
C5 NAG K . 56.19 -1.46 3.43
C6 NAG K . 55.25 -0.30 3.73
C7 NAG K . 60.13 -4.29 1.34
C8 NAG K . 60.28 -3.53 0.04
N2 NAG K . 59.05 -4.07 2.08
O3 NAG K . 59.61 -2.46 4.56
O4 NAG K . 57.16 -1.65 5.75
O5 NAG K . 56.56 -1.41 2.07
O6 NAG K . 55.22 0.60 2.65
O7 NAG K . 60.98 -5.10 1.68
C1 BMA K . 57.86 -0.61 6.50
C2 BMA K . 56.84 0.17 7.36
C3 BMA K . 57.12 0.28 8.87
C4 BMA K . 58.59 0.17 9.25
C5 BMA K . 59.47 0.07 8.01
C6 BMA K . 60.94 -0.05 8.42
O2 BMA K . 55.61 -0.51 7.27
O3 BMA K . 56.29 -0.65 9.56
O4 BMA K . 58.97 1.29 10.02
O5 BMA K . 58.99 -1.02 7.25
O6 BMA K . 61.84 0.24 7.37
C1 MAN K . 55.26 0.11 10.23
C2 MAN K . 55.05 -0.43 11.69
C3 MAN K . 53.88 -1.39 11.63
C4 MAN K . 52.68 -0.50 11.42
C5 MAN K . 52.72 0.00 9.96
C6 MAN K . 51.64 1.07 9.62
O2 MAN K . 54.99 0.55 12.70
O3 MAN K . 53.76 -2.31 12.70
O4 MAN K . 51.45 -1.04 11.80
O5 MAN K . 54.05 0.28 9.42
O6 MAN K . 51.63 1.58 8.30
C1 MAN K . 62.94 -0.71 7.38
C2 MAN K . 63.08 -1.51 6.03
C3 MAN K . 62.08 -2.64 5.94
C4 MAN K . 62.30 -3.58 7.09
C5 MAN K . 62.16 -2.83 8.43
C6 MAN K . 62.34 -3.74 9.68
O2 MAN K . 64.41 -1.90 5.70
O3 MAN K . 62.11 -3.29 4.69
O4 MAN K . 61.55 -4.76 7.00
O5 MAN K . 62.93 -1.60 8.53
O6 MAN K . 63.66 -4.08 10.00
C1 NAG L . 30.26 -49.80 -19.19
C2 NAG L . 28.92 -50.43 -19.53
C3 NAG L . 29.06 -51.92 -19.75
C4 NAG L . 30.12 -52.18 -20.81
C5 NAG L . 31.26 -51.15 -20.81
C6 NAG L . 31.98 -51.09 -22.14
C7 NAG L . 26.82 -49.49 -19.01
C8 NAG L . 27.06 -48.53 -20.14
N2 NAG L . 27.89 -50.13 -18.56
O3 NAG L . 27.83 -52.45 -20.14
O4 NAG L . 30.72 -53.42 -20.47
O5 NAG L . 30.93 -49.82 -20.44
O6 NAG L . 33.23 -50.49 -21.89
O7 NAG L . 25.69 -49.69 -18.56
C1 NAG L . 30.25 -54.62 -21.13
C2 NAG L . 28.75 -54.97 -20.95
C3 NAG L . 28.06 -55.61 -22.18
C4 NAG L . 28.88 -55.74 -23.47
C5 NAG L . 30.39 -55.68 -23.22
C6 NAG L . 31.25 -55.57 -24.46
C7 NAG L . 27.71 -55.62 -18.74
C8 NAG L . 27.74 -56.61 -17.62
N2 NAG L . 28.57 -55.82 -19.77
O3 NAG L . 26.87 -54.90 -22.48
O4 NAG L . 28.55 -56.96 -24.11
O5 NAG L . 30.66 -54.53 -22.48
O6 NAG L . 32.45 -54.94 -24.08
O7 NAG L . 26.91 -54.68 -18.67
C1 NAG M . 11.64 57.12 9.00
C2 NAG M . 10.28 57.44 8.34
C3 NAG M . 9.07 57.60 9.31
C4 NAG M . 8.95 56.44 10.33
C5 NAG M . 10.35 56.25 10.92
C6 NAG M . 10.43 54.87 11.53
C7 NAG M . 10.79 58.32 6.12
C8 NAG M . 10.11 59.13 5.07
N2 NAG M . 10.46 58.55 7.40
O3 NAG M . 7.87 57.71 8.55
O4 NAG M . 8.02 56.59 11.44
O5 NAG M . 11.45 56.18 10.03
O6 NAG M . 10.50 53.96 10.45
O7 NAG M . 11.63 57.48 5.79
C1 NAG M . 6.63 56.08 11.45
C2 NAG M . 5.79 56.55 12.67
C3 NAG M . 4.47 55.74 12.85
C4 NAG M . 3.70 55.65 11.53
C5 NAG M . 4.59 55.73 10.26
C6 NAG M . 3.79 56.45 9.19
C7 NAG M . 7.76 56.67 14.26
C8 NAG M . 8.22 57.74 15.20
N2 NAG M . 6.45 56.59 13.97
O3 NAG M . 3.53 56.30 13.77
O4 NAG M . 2.90 54.47 11.63
O5 NAG M . 5.84 56.41 10.33
O6 NAG M . 4.18 55.93 7.94
O7 NAG M . 8.59 55.91 13.83
C1 BMA M . 1.50 54.69 11.35
C2 BMA M . 0.72 53.38 11.19
C3 BMA M . -0.58 53.64 10.41
C4 BMA M . -1.33 54.77 11.09
C5 BMA M . -0.39 55.96 11.45
C6 BMA M . -1.07 57.07 12.28
O2 BMA M . 0.43 52.80 12.45
O3 BMA M . -1.38 52.47 10.31
O4 BMA M . -2.41 55.10 10.24
O5 BMA M . 0.78 55.57 12.16
O6 BMA M . -0.50 57.16 13.57
C1 MAN M . -1.24 51.92 8.97
C2 MAN M . -2.35 50.85 8.64
C3 MAN M . -1.91 49.44 9.01
C4 MAN M . -0.60 49.16 8.28
C5 MAN M . 0.49 50.10 8.83
C6 MAN M . 1.93 49.78 8.41
O2 MAN M . -2.89 50.97 7.34
O3 MAN M . -2.89 48.44 8.89
O4 MAN M . -0.22 47.81 8.21
O5 MAN M . 0.13 51.50 8.62
O6 MAN M . 2.94 50.66 8.85
C1 MAN M . -0.77 55.99 14.41
C2 MAN M . -2.16 55.29 14.18
C3 MAN M . -3.29 56.01 14.89
C4 MAN M . -2.95 55.99 16.36
C5 MAN M . -1.65 56.79 16.59
C6 MAN M . -1.31 56.98 18.09
O2 MAN M . -2.20 53.87 14.34
O3 MAN M . -4.59 55.56 14.57
O4 MAN M . -4.02 56.32 17.19
O5 MAN M . -0.52 56.30 15.83
O6 MAN M . 0.07 57.01 18.41
C1 NAG N . -18.46 16.17 22.53
C2 NAG N . -17.74 14.94 21.92
C3 NAG N . -17.88 13.72 22.81
C4 NAG N . -17.69 13.92 24.31
C5 NAG N . -17.94 15.34 24.86
C6 NAG N . -16.82 15.59 25.90
C7 NAG N . -19.43 14.40 20.10
C8 NAG N . -19.50 14.24 18.60
N2 NAG N . -18.17 14.61 20.56
O3 NAG N . -16.90 12.78 22.42
O4 NAG N . -18.56 12.93 24.83
O5 NAG N . -17.99 16.37 23.88
O6 NAG N . -16.84 16.80 26.65
O7 NAG N . -20.47 14.33 20.78
C1 NAG N . -17.86 11.82 25.41
C2 NAG N . -18.76 11.16 26.45
C3 NAG N . -18.05 10.06 27.23
C4 NAG N . -17.23 9.13 26.32
C5 NAG N . -16.44 9.95 25.28
C6 NAG N . -15.66 9.09 24.29
C7 NAG N . -20.37 12.74 27.46
C8 NAG N . -21.10 13.11 26.20
N2 NAG N . -19.14 12.23 27.35
O3 NAG N . -18.99 9.28 27.94
O4 NAG N . -16.44 8.29 27.17
O5 NAG N . -17.30 10.83 24.55
O6 NAG N . -16.18 9.24 22.99
O7 NAG N . -20.89 12.93 28.56
C1 BMA N . -16.96 6.93 27.15
C2 BMA N . -15.84 5.95 26.74
C3 BMA N . -15.56 4.77 27.68
C4 BMA N . -16.74 4.34 28.54
C5 BMA N . -17.99 5.13 28.18
C6 BMA N . -19.17 4.69 29.06
O2 BMA N . -14.65 6.69 26.70
O3 BMA N . -14.40 5.06 28.45
O4 BMA N . -16.99 2.96 28.35
O5 BMA N . -17.66 6.50 28.31
O6 BMA N . -20.43 5.08 28.56
C1 MAN N . -13.33 4.22 27.94
C2 MAN N . -12.50 3.62 29.12
C3 MAN N . -11.30 4.50 29.33
C4 MAN N . -10.43 4.24 28.12
C5 MAN N . -11.09 4.90 26.90
C6 MAN N . -10.40 4.59 25.54
O2 MAN N . -12.23 2.23 29.02
O3 MAN N . -10.65 4.41 30.57
O4 MAN N . -9.08 4.54 28.28
O5 MAN N . -12.54 4.89 26.88
O6 MAN N . -10.96 5.16 24.38
C1 MAN N . -21.28 5.56 29.64
C2 MAN N . -21.77 7.03 29.44
C3 MAN N . -20.71 8.03 29.81
C4 MAN N . -20.32 7.84 31.25
C5 MAN N . -19.81 6.41 31.48
C6 MAN N . -19.37 6.13 32.94
O2 MAN N . -23.04 7.32 30.01
O3 MAN N . -21.09 9.36 29.51
O4 MAN N . -19.48 8.85 31.74
O5 MAN N . -20.69 5.36 30.96
O6 MAN N . -20.41 5.92 33.87
C1 NAG O . 6.74 63.51 35.99
C2 NAG O . 7.95 64.40 35.73
C3 NAG O . 7.96 65.56 36.70
C4 NAG O . 6.65 66.32 36.63
C5 NAG O . 5.45 65.42 36.34
C6 NAG O . 4.28 66.20 35.75
C7 NAG O . 9.90 63.73 34.61
C8 NAG O . 9.11 63.82 33.33
N2 NAG O . 9.20 63.68 35.73
O3 NAG O . 9.05 66.41 36.37
O4 NAG O . 6.44 66.84 37.93
O5 NAG O . 5.67 64.29 35.50
O6 NAG O . 3.14 65.40 35.95
O7 NAG O . 11.14 63.74 34.59
C1 NAG O . 6.81 68.21 38.20
C2 NAG O . 8.31 68.57 38.00
C3 NAG O . 8.59 69.99 37.45
C4 NAG O . 7.38 70.86 37.07
C5 NAG O . 6.09 70.39 37.74
C6 NAG O . 4.82 71.06 37.22
C7 NAG O . 10.18 67.63 39.41
C8 NAG O . 10.74 67.52 40.80
N2 NAG O . 9.05 68.35 39.25
O3 NAG O . 9.45 69.90 36.34
O4 NAG O . 7.65 72.20 37.42
O5 NAG O . 5.92 69.03 37.47
O6 NAG O . 3.76 70.16 37.48
O7 NAG O . 10.79 67.07 38.49
C1 NAG P . -6.64 9.55 3.41
C2 NAG P . -6.09 8.65 2.26
C3 NAG P . -4.63 8.26 2.45
C4 NAG P . -3.82 9.23 3.31
C5 NAG P . -4.57 9.61 4.56
C6 NAG P . -3.71 10.51 5.42
C7 NAG P . -6.55 6.66 0.80
C8 NAG P . -5.44 5.66 0.96
N2 NAG P . -6.86 7.42 1.88
O3 NAG P . -3.98 8.29 1.20
O4 NAG P . -2.61 8.59 3.64
O5 NAG P . -5.71 10.33 4.15
O6 NAG P . -4.69 11.21 6.19
O7 NAG P . -7.02 6.74 -0.36
CO B12 Q . -22.68 -14.81 2.49
N21 B12 Q . -23.26 -13.57 1.18
N22 B12 Q . -21.43 -13.49 3.02
N23 B12 Q . -22.03 -16.14 3.67
N24 B12 Q . -23.57 -16.02 1.41
C1 B12 Q . -24.40 -13.98 0.32
C20 B12 Q . -23.93 -13.93 -1.12
C2 B12 Q . -25.51 -12.94 0.47
C25 B12 Q . -26.17 -12.62 -0.86
C26 B12 Q . -26.59 -13.29 1.46
C27 B12 Q . -27.54 -12.13 1.44
O28 B12 Q . -27.27 -11.07 2.02
N29 B12 Q . -28.66 -12.30 0.71
C3 B12 Q . -24.80 -11.68 0.91
C30 B12 Q . -24.42 -10.89 -0.35
C31 B12 Q . -23.21 -9.98 -0.18
C32 B12 Q . -23.25 -8.79 -1.11
O34 B12 Q . -24.29 -8.42 -1.62
N33 B12 Q . -22.09 -8.16 -1.33
C4 B12 Q . -23.62 -12.27 1.62
C5 B12 Q . -22.90 -11.58 2.68
C35 B12 Q . -23.35 -10.20 3.02
C6 B12 Q . -21.91 -12.19 3.34
C7 B12 Q . -21.05 -11.53 4.41
C36 B12 Q . -20.42 -10.25 3.86
C37 B12 Q . -21.84 -11.17 5.65
C38 B12 Q . -20.88 -10.60 6.67
O39 B12 Q . -19.69 -10.87 6.65
N40 B12 Q . -21.44 -9.78 7.54
C8 B12 Q . -19.93 -12.53 4.68
C41 B12 Q . -18.59 -12.05 4.08
C42 B12 Q . -17.36 -11.99 5.00
C43 B12 Q . -16.01 -11.97 4.30
O44 B12 Q . -15.87 -11.77 3.12
N45 B12 Q . -14.93 -12.18 5.00
C9 B12 Q . -20.45 -13.75 3.97
C10 B12 Q . -19.93 -15.07 4.31
C11 B12 Q . -20.69 -16.14 4.15
C12 B12 Q . -20.04 -17.40 4.67
C46 B12 Q . -20.62 -18.10 5.89
C47 B12 Q . -18.83 -17.93 3.94
C13 B12 Q . -21.06 -18.31 3.91
C48 B12 Q . -20.55 -19.27 2.86
C49 B12 Q . -20.41 -20.72 3.33
C50 B12 Q . -19.37 -21.37 2.44
O51 B12 Q . -19.71 -22.07 1.49
N52 B12 Q . -18.10 -21.11 2.72
C14 B12 Q . -22.12 -17.49 3.27
C15 B12 Q . -23.24 -18.07 2.54
C53 B12 Q . -23.64 -19.49 2.85
C16 B12 Q . -23.99 -17.32 1.74
C17 B12 Q . -25.17 -17.71 0.87
C54 B12 Q . -26.45 -17.80 1.69
C55 B12 Q . -24.82 -19.03 0.22
C56 B12 Q . -23.96 -18.85 -1.03
C57 B12 Q . -23.52 -20.20 -1.50
O58 B12 Q . -23.46 -21.16 -0.74
N59 B12 Q . -23.22 -20.29 -2.79
C18 B12 Q . -25.32 -16.53 -0.11
C60 B12 Q . -26.72 -16.13 -0.59
C61 B12 Q . -26.69 -15.94 -2.09
O63 B12 Q . -25.66 -16.04 -2.71
N62 B12 Q . -27.82 -15.66 -2.72
C19 B12 Q . -24.53 -15.45 0.58
C1P B12 Q . -23.37 -21.58 -3.43
C2P B12 Q . -22.19 -21.83 -4.36
C3P B12 Q . -22.62 -22.84 -5.41
O3 B12 Q . -21.72 -20.69 -5.10
O4 B12 Q . -19.63 -19.44 -5.95
O5 B12 Q . -19.36 -21.42 -4.45
P B12 Q . -20.22 -20.22 -4.81
O2 B12 Q . -20.51 -19.23 -3.58
C3R B12 Q . -19.45 -18.72 -2.81
C2R B12 Q . -19.63 -17.26 -2.50
O7R B12 Q . -21.03 -17.00 -2.45
C1R B12 Q . -19.00 -17.13 -1.13
O6R B12 Q . -18.99 -18.42 -0.55
C4R B12 Q . -19.45 -19.40 -1.46
C5R B12 Q . -18.37 -20.42 -1.40
O8R B12 Q . -17.23 -19.64 -1.69
N1B B12 Q . -19.75 -16.19 -0.28
C8B B12 Q . -19.51 -14.91 -0.34
C2B B12 Q . -20.72 -16.41 0.63
N3B B12 Q . -21.14 -15.26 1.20
C9B B12 Q . -20.43 -14.27 0.62
C4B B12 Q . -20.35 -12.87 0.73
C5B B12 Q . -19.46 -12.12 -0.04
C5M B12 Q . -19.42 -10.65 0.13
C6B B12 Q . -18.55 -12.80 -0.99
C6M B12 Q . -17.58 -12.04 -1.84
C7B B12 Q . -18.61 -14.18 -1.10
C1 NAG R . -57.79 -38.40 51.52
C2 NAG R . -59.17 -38.40 50.82
C3 NAG R . -60.19 -39.29 51.56
C4 NAG R . -59.59 -40.65 51.85
C5 NAG R . -58.33 -40.42 52.68
C6 NAG R . -57.13 -41.19 52.15
C7 NAG R . -61.08 -36.81 50.62
C8 NAG R . -61.78 -36.78 49.28
N2 NAG R . -59.76 -37.08 50.63
O3 NAG R . -61.40 -39.47 50.86
O4 NAG R . -60.51 -41.46 52.55
O5 NAG R . -58.05 -39.04 52.75
O6 NAG R . -56.97 -42.42 52.83
O7 NAG R . -61.74 -36.55 51.63
C1 NAG S . -22.54 -52.07 39.39
C2 NAG S . -23.47 -53.30 39.41
C3 NAG S . -23.21 -54.30 40.54
C4 NAG S . -21.73 -54.51 40.74
C5 NAG S . -21.04 -53.15 40.91
C6 NAG S . -19.56 -53.32 41.24
C7 NAG S . -25.67 -53.09 38.47
C8 NAG S . -26.52 -51.94 38.00
N2 NAG S . -24.86 -52.85 39.49
O3 NAG S . -23.81 -55.54 40.25
O4 NAG S . -21.52 -55.31 41.88
O5 NAG S . -21.20 -52.37 39.73
O6 NAG S . -18.98 -54.25 40.35
O7 NAG S . -25.72 -54.17 37.91
C1 NAG T . -29.82 -35.18 66.00
C2 NAG T . -28.68 -34.58 66.86
C3 NAG T . -29.21 -34.30 68.26
C4 NAG T . -30.56 -33.58 68.17
C5 NAG T . -31.57 -34.46 67.42
C6 NAG T . -32.33 -33.72 66.33
C7 NAG T . -27.49 -36.72 67.19
C8 NAG T . -27.39 -37.15 68.63
N2 NAG T . -27.49 -35.41 66.95
O3 NAG T . -28.29 -33.54 69.02
O4 NAG T . -31.00 -33.26 69.47
O5 NAG T . -30.86 -35.56 66.86
O6 NAG T . -33.58 -33.26 66.78
O7 NAG T . -27.54 -37.58 66.31
C1 NAG U . -4.49 -40.50 51.45
C2 NAG U . -4.14 -39.23 52.24
C3 NAG U . -4.69 -39.39 53.65
C4 NAG U . -6.02 -40.14 53.55
C5 NAG U . -5.73 -41.59 53.18
C6 NAG U . -6.92 -42.24 52.46
C7 NAG U . -2.12 -37.84 51.96
C8 NAG U . -0.65 -37.87 51.66
N2 NAG U . -2.69 -39.00 52.27
O3 NAG U . -4.85 -38.14 54.26
O4 NAG U . -6.72 -40.08 54.76
O5 NAG U . -4.59 -41.61 52.33
O6 NAG U . -6.77 -43.64 52.46
O7 NAG U . -2.73 -36.76 51.93
C1 NAG V . 10.73 -44.63 37.24
C2 NAG V . 11.42 -45.87 37.83
C3 NAG V . 12.97 -45.79 37.80
C4 NAG V . 13.48 -45.47 36.39
C5 NAG V . 12.68 -44.32 35.78
C6 NAG V . 13.02 -44.16 34.29
C7 NAG V . 10.02 -46.98 39.50
C8 NAG V . 8.83 -46.45 40.25
N2 NAG V . 10.93 -46.07 39.17
O3 NAG V . 13.66 -46.97 38.23
O4 NAG V . 14.82 -45.09 36.54
O5 NAG V . 11.28 -44.55 35.94
O6 NAG V . 14.24 -43.45 34.20
O7 NAG V . 10.14 -48.18 39.25
C1 NAG W . 6.15 -19.96 17.11
C2 NAG W . 7.42 -19.15 16.78
C3 NAG W . 7.00 -17.83 16.17
C4 NAG W . 6.16 -18.12 14.93
C5 NAG W . 4.91 -18.83 15.40
C6 NAG W . 4.65 -20.07 14.55
C7 NAG W . 9.50 -19.40 18.02
C8 NAG W . 9.58 -20.86 17.70
N2 NAG W . 8.28 -18.87 17.92
O3 NAG W . 8.14 -17.07 15.85
O4 NAG W . 5.76 -16.93 14.31
O5 NAG W . 5.08 -19.09 16.77
O6 NAG W . 4.35 -19.69 13.24
O7 NAG W . 10.51 -18.77 18.35
CA CA X . -54.50 -22.81 49.61
CA CA Y . -40.43 -43.93 7.02
CA CA Z . -41.42 -41.49 53.97
CA CA AA . -9.50 -27.93 19.31
C1 NAG BA . -12.27 -27.81 -34.27
C2 NAG BA . -12.57 -27.23 -32.86
C3 NAG BA . -12.79 -28.29 -31.79
C4 NAG BA . -13.40 -29.55 -32.35
C5 NAG BA . -12.58 -30.05 -33.52
C6 NAG BA . -13.08 -31.37 -34.06
C7 NAG BA . -11.90 -25.52 -31.16
C8 NAG BA . -11.58 -26.27 -29.90
N2 NAG BA . -11.64 -26.19 -32.31
O3 NAG BA . -13.75 -27.85 -30.88
O4 NAG BA . -13.47 -30.46 -31.28
O5 NAG BA . -12.72 -29.12 -34.57
O6 NAG BA . -12.69 -31.24 -35.43
O7 NAG BA . -12.44 -24.40 -31.02
CO B12 CA . 10.98 -12.43 -25.51
N21 B12 CA . 9.66 -11.29 -26.28
N22 B12 CA . 9.81 -13.85 -25.94
N23 B12 CA . 12.24 -13.49 -24.59
N24 B12 CA . 11.58 -10.85 -24.76
C1 B12 CA . 9.98 -9.85 -26.33
C20 B12 CA . 8.88 -9.11 -25.56
C2 B12 CA . 9.88 -9.38 -27.79
C25 B12 CA . 9.23 -8.03 -27.91
C26 B12 CA . 11.21 -9.33 -28.52
C27 B12 CA . 10.86 -8.88 -29.91
O28 B12 CA . 10.38 -9.66 -30.74
N29 B12 CA . 11.08 -7.57 -30.18
C3 B12 CA . 8.97 -10.39 -28.45
C30 B12 CA . 7.54 -9.85 -28.36
C31 B12 CA . 6.47 -10.94 -28.38
C32 B12 CA . 5.15 -10.44 -28.92
O34 B12 CA . 5.10 -9.43 -29.61
N33 B12 CA . 4.05 -11.13 -28.62
C4 B12 CA . 9.23 -11.59 -27.60
C5 B12 CA . 9.05 -12.95 -28.06
C35 B12 CA . 8.54 -13.14 -29.46
C6 B12 CA . 9.36 -14.00 -27.28
C7 B12 CA . 9.15 -15.46 -27.65
C36 B12 CA . 7.68 -15.67 -28.02
C37 B12 CA . 10.00 -15.89 -28.83
C38 B12 CA . 9.76 -17.37 -29.05
O39 B12 CA . 9.38 -18.10 -28.16
N40 B12 CA . 9.99 -17.78 -30.29
C8 B12 CA . 9.44 -16.23 -26.38
C41 B12 CA . 8.15 -16.76 -25.72
C42 B12 CA . 8.07 -18.26 -25.39
C43 B12 CA . 7.01 -18.64 -24.35
O44 B12 CA . 6.12 -17.92 -23.99
N45 B12 CA . 7.05 -19.84 -23.84
C9 B12 CA . 10.08 -15.17 -25.53
C10 B12 CA . 10.90 -15.53 -24.39
C11 B12 CA . 11.89 -14.73 -23.98
C12 B12 CA . 12.73 -15.34 -22.88
C46 B12 CA . 14.17 -15.72 -23.15
C47 B12 CA . 12.08 -15.52 -21.53
C13 B12 CA . 13.37 -13.96 -22.54
C48 B12 CA . 13.15 -13.37 -21.16
C49 B12 CA . 14.32 -13.56 -20.20
C50 B12 CA . 13.75 -13.49 -18.80
O51 B12 CA . 13.84 -12.46 -18.14
N52 B12 CA . 13.14 -14.59 -18.34
C14 B12 CA . 12.96 -12.92 -23.53
C15 B12 CA . 13.44 -11.54 -23.47
C53 B12 CA . 14.75 -11.27 -22.79
C16 B12 CA . 12.82 -10.59 -24.18
C17 B12 CA . 13.13 -9.11 -24.27
C54 B12 CA . 14.27 -8.84 -25.23
C55 B12 CA . 13.47 -8.64 -22.85
C56 B12 CA . 12.22 -8.34 -22.04
C57 B12 CA . 12.64 -8.06 -20.63
O58 B12 CA . 13.68 -8.50 -20.17
N59 B12 CA . 11.81 -7.31 -19.91
C18 B12 CA . 11.85 -8.49 -24.86
C60 B12 CA . 11.97 -7.27 -25.78
C61 B12 CA . 10.95 -6.23 -25.36
O63 B12 CA . 10.17 -6.45 -24.45
N62 B12 CA . 10.94 -5.07 -25.98
C19 B12 CA . 11.17 -9.70 -25.44
C1P B12 CA . 12.36 -6.52 -18.84
C2P B12 CA . 11.43 -6.58 -17.63
C3P B12 CA . 11.70 -5.38 -16.77
O3 B12 CA . 10.03 -6.56 -17.92
O4 B12 CA . 7.72 -7.52 -17.31
O5 B12 CA . 9.78 -8.47 -16.25
P B12 CA . 9.17 -7.83 -17.49
O2 B12 CA . 9.37 -8.70 -18.83
C3R B12 CA . 8.98 -10.06 -18.87
C2R B12 CA . 8.27 -10.41 -20.15
O7R B12 CA . 8.80 -9.55 -21.16
C1R B12 CA . 8.69 -11.84 -20.37
O6R B12 CA . 9.88 -12.06 -19.64
C4R B12 CA . 10.21 -10.93 -18.87
C5R B12 CA . 10.42 -11.52 -17.51
O8R B12 CA . 9.20 -12.19 -17.31
N1B B12 CA . 8.91 -12.13 -21.81
C8B B12 CA . 7.91 -12.45 -22.57
C2B B12 CA . 10.04 -12.11 -22.53
N3B B12 CA . 9.81 -12.43 -23.82
C9B B12 CA . 8.47 -12.64 -23.92
C4B B12 CA . 7.57 -13.01 -24.93
C5B B12 CA . 6.21 -13.18 -24.68
C5M B12 CA . 5.30 -13.57 -25.79
C6B B12 CA . 5.68 -12.96 -23.32
C6M B12 CA . 4.23 -13.12 -22.99
C7B B12 CA . 6.56 -12.61 -22.30
C1 NAG DA . 71.63 -20.88 -46.54
C2 NAG DA . 71.88 -19.45 -47.09
C3 NAG DA . 73.37 -19.18 -47.30
C4 NAG DA . 74.17 -19.57 -46.06
C5 NAG DA . 73.90 -21.03 -45.80
C6 NAG DA . 73.55 -21.31 -44.34
C7 NAG DA . 71.60 -18.31 -49.28
C8 NAG DA . 71.14 -16.88 -49.23
N2 NAG DA . 71.17 -19.15 -48.32
O3 NAG DA . 73.66 -17.82 -47.63
O4 NAG DA . 75.55 -19.32 -46.26
O5 NAG DA . 72.89 -21.51 -46.66
O6 NAG DA . 74.69 -21.71 -43.62
O7 NAG DA . 72.32 -18.64 -50.23
C1 NAG EA . 57.11 -33.18 -11.70
C2 NAG EA . 58.38 -32.37 -11.35
C3 NAG EA . 59.57 -33.20 -10.88
C4 NAG EA . 59.13 -34.30 -9.93
C5 NAG EA . 58.01 -35.10 -10.58
C6 NAG EA . 57.61 -36.30 -9.72
C7 NAG EA . 58.71 -30.26 -12.44
C8 NAG EA . 58.08 -29.55 -13.59
N2 NAG EA . 58.77 -31.59 -12.50
O3 NAG EA . 60.51 -32.39 -10.21
O4 NAG EA . 60.23 -35.13 -9.64
O5 NAG EA . 56.88 -34.28 -10.82
O6 NAG EA . 57.45 -35.87 -8.39
O7 NAG EA . 59.13 -29.64 -11.48
C1 NAG FA . 64.75 -50.56 -37.88
C2 NAG FA . 64.33 -52.03 -37.97
C3 NAG FA . 65.20 -52.76 -39.00
C4 NAG FA . 65.30 -51.91 -40.26
C5 NAG FA . 65.93 -50.56 -39.93
C6 NAG FA . 65.15 -49.37 -40.52
C7 NAG FA . 65.38 -52.72 -35.83
C8 NAG FA . 66.46 -53.76 -35.99
N2 NAG FA . 64.37 -52.76 -36.70
O3 NAG FA . 64.70 -54.05 -39.29
O4 NAG FA . 66.05 -52.62 -41.23
O5 NAG FA . 66.01 -50.42 -38.53
O6 NAG FA . 65.71 -48.95 -41.74
O7 NAG FA . 65.48 -51.89 -34.93
C1 NAG GA . 47.94 -55.90 -14.00
C2 NAG GA . 47.39 -56.92 -15.01
C3 NAG GA . 48.57 -57.54 -15.72
C4 NAG GA . 49.63 -56.46 -15.91
C5 NAG GA . 50.25 -56.14 -14.56
C6 NAG GA . 50.82 -54.72 -14.52
C7 NAG GA . 45.34 -58.28 -14.75
C8 NAG GA . 44.50 -59.03 -13.76
N2 NAG GA . 46.57 -57.93 -14.35
O3 NAG GA . 48.17 -58.08 -16.96
O4 NAG GA . 50.63 -56.89 -16.81
O5 NAG GA . 49.23 -56.28 -13.58
O6 NAG GA . 51.69 -54.58 -13.41
O7 NAG GA . 44.90 -58.04 -15.87
C1 NAG HA . 35.31 -54.92 3.08
C2 NAG HA . 36.15 -55.62 4.15
C3 NAG HA . 35.35 -56.64 4.96
C4 NAG HA . 34.06 -56.05 5.53
C5 NAG HA . 33.35 -55.20 4.46
C6 NAG HA . 32.21 -54.40 5.09
C7 NAG HA . 38.49 -55.71 3.50
C8 NAG HA . 39.09 -55.52 2.14
N2 NAG HA . 37.27 -56.23 3.48
O3 NAG HA . 36.06 -57.22 6.04
O4 NAG HA . 33.30 -57.18 5.96
O5 NAG HA . 34.23 -54.33 3.75
O6 NAG HA . 31.08 -55.22 5.33
O7 NAG HA . 39.10 -55.44 4.54
C1 NAG IA . 9.35 -41.37 -10.30
C2 NAG IA . 8.01 -42.11 -10.04
C3 NAG IA . 6.96 -41.60 -11.02
C4 NAG IA . 6.84 -40.09 -10.83
C5 NAG IA . 8.17 -39.48 -11.21
C6 NAG IA . 8.63 -38.48 -10.16
C7 NAG IA . 7.91 -44.34 -9.10
C8 NAG IA . 8.65 -43.91 -7.86
N2 NAG IA . 8.10 -43.56 -10.18
O3 NAG IA . 5.74 -42.25 -10.81
O4 NAG IA . 5.87 -39.59 -11.70
O5 NAG IA . 9.07 -40.55 -11.42
O6 NAG IA . 7.77 -37.37 -10.15
O7 NAG IA . 7.18 -45.33 -9.09
CA CA JA . 58.61 -24.28 -55.28
CA CA KA . 41.30 0.93 -16.26
CA CA LA . 67.42 -33.02 -35.67
CA CA MA . 23.28 -31.25 -14.41
C1 NAG NA . 36.39 65.85 -4.40
C2 NAG NA . 37.10 64.49 -4.13
C3 NAG NA . 37.98 64.54 -2.88
C4 NAG NA . 38.48 65.93 -2.50
C5 NAG NA . 37.36 66.93 -2.54
C6 NAG NA . 37.83 68.30 -2.12
C7 NAG NA . 36.82 62.00 -3.99
C8 NAG NA . 37.18 61.56 -2.60
N2 NAG NA . 36.28 63.25 -4.12
O3 NAG NA . 39.16 63.81 -3.10
O4 NAG NA . 38.97 65.85 -1.19
O5 NAG NA . 36.98 67.03 -3.89
O6 NAG NA . 36.95 69.12 -2.85
O7 NAG NA . 37.12 61.20 -4.89
CO B12 OA . 15.91 45.27 -1.32
N21 B12 OA . 16.66 45.24 -3.08
N22 B12 OA . 17.06 46.75 -1.01
N23 B12 OA . 15.27 45.16 0.46
N24 B12 OA . 15.40 43.55 -1.75
C1 B12 OA . 16.10 44.23 -4.00
C20 B12 OA . 17.27 43.36 -4.47
C2 B12 OA . 15.57 44.95 -5.24
C25 B12 OA . 15.91 44.22 -6.52
C26 B12 OA . 14.09 45.22 -5.22
C27 B12 OA . 13.82 45.94 -6.53
O28 B12 OA . 14.08 47.14 -6.65
N29 B12 OA . 13.31 45.19 -7.52
C3 B12 OA . 16.34 46.26 -5.28
C30 B12 OA . 17.59 46.06 -6.12
C31 B12 OA . 18.74 47.00 -5.77
C32 B12 OA . 19.65 47.24 -6.95
O34 B12 OA . 19.29 47.05 -8.09
N33 B12 OA . 20.88 47.70 -6.68
C4 B12 OA . 16.61 46.45 -3.82
C5 B12 OA . 16.82 47.76 -3.20
C35 B12 OA . 16.80 48.94 -4.12
C6 B12 OA . 16.99 47.87 -1.88
C7 B12 OA . 17.29 49.17 -1.16
C36 B12 OA . 18.53 49.82 -1.77
C37 B12 OA . 16.15 50.17 -1.25
C38 B12 OA . 16.53 51.38 -0.43
O39 B12 OA . 17.33 51.32 0.49
N40 B12 OA . 15.92 52.50 -0.81
C8 B12 OA . 17.62 48.75 0.27
C41 B12 OA . 19.14 48.87 0.56
C42 B12 OA . 19.57 49.69 1.78
C43 B12 OA . 20.99 49.40 2.28
O44 B12 OA . 21.83 48.79 1.66
N45 B12 OA . 21.34 49.86 3.46
C9 B12 OA . 17.18 47.32 0.27
C10 B12 OA . 16.91 46.64 1.52
C11 B12 OA . 16.03 45.65 1.58
C12 B12 OA . 15.77 45.15 2.97
C46 B12 OA . 14.42 45.37 3.62
C47 B12 OA . 16.89 44.43 3.68
C13 B12 OA . 15.09 43.85 2.45
C48 B12 OA . 15.71 42.51 2.78
C49 B12 OA . 15.03 41.77 3.95
C50 B12 OA . 16.05 40.83 4.53
O51 B12 OA . 16.05 39.64 4.22
N52 B12 OA . 16.95 41.36 5.35
C14 B12 OA . 14.94 43.89 0.97
C15 B12 OA . 14.28 42.83 0.20
C53 B12 OA . 13.29 41.95 0.91
C16 B12 OA . 14.43 42.77 -1.12
C17 B12 OA . 13.87 41.75 -2.10
C54 B12 OA . 12.43 42.07 -2.45
C55 B12 OA . 14.01 40.38 -1.45
C56 B12 OA . 15.40 39.80 -1.64
C57 B12 OA . 15.51 38.54 -0.82
O58 B12 OA . 14.79 38.36 0.15
N59 B12 OA . 16.40 37.66 -1.22
C18 B12 OA . 14.71 41.95 -3.37
C60 B12 OA . 14.08 41.75 -4.74
C61 B12 OA . 15.00 40.89 -5.59
O63 B12 OA . 16.07 40.53 -5.19
N62 B12 OA . 14.58 40.54 -6.79
C19 B12 OA . 15.33 43.30 -3.12
C1P B12 OA . 16.18 36.26 -0.92
C2P B12 OA . 17.48 35.61 -0.49
C3P B12 OA . 17.36 34.13 -0.72
O3 B12 OA . 18.65 36.03 -1.20
O4 B12 OA . 21.15 36.64 -1.02
O5 B12 OA . 19.80 36.21 1.06
P B12 OA . 19.80 36.75 -0.37
O2 B12 OA . 19.26 38.26 -0.49
C3R B12 OA . 19.83 39.29 0.30
C2R B12 OA . 20.06 40.54 -0.50
O7R B12 OA . 19.07 40.58 -1.52
C1R B12 OA . 19.82 41.63 0.53
O6R B12 OA . 19.05 41.06 1.56
C4R B12 OA . 18.84 39.67 1.37
C5R B12 OA . 19.26 39.10 2.67
O8R B12 OA . 20.55 39.63 2.82
N1B B12 OA . 19.14 42.79 -0.05
C8B B12 OA . 19.81 43.72 -0.66
C2B B12 OA . 17.83 43.10 -0.08
N3B B12 OA . 17.61 44.28 -0.72
C9B B12 OA . 18.84 44.72 -1.12
C4B B12 OA . 19.34 45.82 -1.82
C5B B12 OA . 20.71 45.98 -2.05
C5M B12 OA . 21.19 47.19 -2.79
C6B B12 OA . 21.66 44.96 -1.57
C6M B12 OA . 23.14 45.08 -1.81
C7B B12 OA . 21.18 43.86 -0.89
C1 NAG PA . -45.96 56.05 14.46
C2 NAG PA . -46.62 55.40 13.21
C3 NAG PA . -48.10 55.12 13.44
C4 NAG PA . -48.31 54.38 14.75
C5 NAG PA . -47.73 55.26 15.85
C6 NAG PA . -46.81 54.49 16.80
C7 NAG PA . -47.36 56.20 10.97
C8 NAG PA . -47.15 55.25 9.82
N2 NAG PA . -46.47 56.18 11.98
O3 NAG PA . -48.70 54.37 12.40
O4 NAG PA . -49.68 54.13 14.97
O5 NAG PA . -47.05 56.36 15.28
O6 NAG PA . -47.53 54.07 17.94
O7 NAG PA . -48.32 56.99 10.90
C1 NAG QA . -17.73 42.37 38.79
C2 NAG QA . -18.89 41.37 38.91
C3 NAG QA . -19.68 41.41 40.22
C4 NAG QA . -18.73 41.58 41.40
C5 NAG QA . -17.82 42.78 41.15
C6 NAG QA . -16.95 43.06 42.37
C7 NAG QA . -19.95 40.61 36.89
C8 NAG QA . -19.92 41.04 35.45
N2 NAG QA . -19.81 41.57 37.80
O3 NAG QA . -20.42 40.23 40.40
O4 NAG QA . -19.50 41.76 42.57
O5 NAG QA . -17.01 42.55 40.01
O6 NAG QA . -16.36 41.85 42.82
O7 NAG QA . -20.08 39.44 37.19
C1 NAG RA . -31.61 71.58 38.03
C2 NAG RA . -31.01 72.73 38.86
C3 NAG RA . -32.07 73.82 39.06
C4 NAG RA . -32.77 74.10 37.74
C5 NAG RA . -33.45 72.83 37.22
C6 NAG RA . -33.15 72.55 35.75
C7 NAG RA . -31.07 71.53 41.02
C8 NAG RA . -31.94 72.18 42.05
N2 NAG RA . -30.46 72.33 40.14
O3 NAG RA . -31.52 74.99 39.62
O4 NAG RA . -33.70 75.15 37.93
O5 NAG RA . -33.02 71.73 38.01
O6 NAG RA . -34.17 73.04 34.91
O7 NAG RA . -30.95 70.31 41.02
C1 NAG SA . -6.50 61.20 49.99
C2 NAG SA . -6.20 62.69 49.89
C3 NAG SA . -7.45 63.44 50.34
C4 NAG SA . -8.66 62.65 49.85
C5 NAG SA . -8.77 61.38 50.67
C6 NAG SA . -9.52 60.27 49.93
C7 NAG SA . -4.01 63.79 50.25
C8 NAG SA . -2.75 63.75 51.07
N2 NAG SA . -5.04 63.06 50.70
O3 NAG SA . -7.45 64.75 49.83
O4 NAG SA . -9.85 63.41 49.99
O5 NAG SA . -7.46 60.95 51.01
O6 NAG SA . -9.92 59.26 50.82
O7 NAG SA . -4.07 64.48 49.24
C1 NAG TA . 11.24 50.58 54.95
C2 NAG TA . 10.99 50.18 56.39
C3 NAG TA . 12.21 50.40 57.31
C4 NAG TA . 13.49 49.78 56.77
C5 NAG TA . 13.59 50.06 55.27
C6 NAG TA . 14.74 49.25 54.66
C7 NAG TA . 8.63 50.35 56.96
C8 NAG TA . 7.52 51.09 56.28
N2 NAG TA . 9.82 50.91 56.83
O3 NAG TA . 12.06 49.88 58.62
O4 NAG TA . 14.55 50.35 57.52
O5 NAG TA . 12.36 49.80 54.58
O6 NAG TA . 15.98 49.85 54.97
O7 NAG TA . 8.43 49.32 57.60
C1 NAG UA . 27.78 54.83 27.65
C2 NAG UA . 29.23 55.35 27.84
C3 NAG UA . 29.75 55.85 26.50
C4 NAG UA . 29.65 54.73 25.48
C5 NAG UA . 28.19 54.36 25.32
C6 NAG UA . 27.99 52.86 25.43
C7 NAG UA . 30.04 56.24 29.97
C8 NAG UA . 29.73 54.97 30.70
N2 NAG UA . 29.36 56.42 28.83
O3 NAG UA . 31.07 56.33 26.62
O4 NAG UA . 30.11 55.18 24.23
O5 NAG UA . 27.47 55.11 26.28
O6 NAG UA . 28.62 52.22 24.34
O7 NAG UA . 30.87 57.04 30.44
CA CA VA . -36.75 66.68 6.71
CA CA WA . -10.54 24.59 6.14
CA CA XA . -36.08 57.47 28.01
CA CA YA . 11.88 48.46 23.22
#